data_4Z40
#
_entry.id   4Z40
#
_cell.length_a   125.190
_cell.length_b   116.820
_cell.length_c   143.600
_cell.angle_alpha   90.00
_cell.angle_beta   110.39
_cell.angle_gamma   90.00
#
_symmetry.space_group_name_H-M   'P 1 21 1'
#
loop_
_entity.id
_entity.type
_entity.pdbx_description
1 polymer 'Benzoyl-CoA reductase, putative'
2 polymer 'Iron-sulfur cluster-binding oxidoreductase, putative benzoyl-CoA reductase electron transfer protein'
3 non-polymer 'UNKNOWN LIGAND'
4 non-polymer 'IRON/SULFUR CLUSTER'
5 non-polymer 'PHOSPHONIC ACIDMONO-(2-AMINO-5,6-DIMERCAPTO-4-OXO-3,7,8A,9,10,10A-HEXAHYDRO-4H-8-OXA-1,3,9,10-TETRAAZA-ANTHRACEN-7-YLMETHYL)ESTER'
6 non-polymer 'TUNGSTEN ION'
7 non-polymer 'MAGNESIUM ION'
8 non-polymer 'ZINC ION'
9 water water
#
loop_
_entity_poly.entity_id
_entity_poly.type
_entity_poly.pdbx_seq_one_letter_code
_entity_poly.pdbx_strand_id
1 'polypeptide(L)'
;MRYAETGYVLEVDLTKGSIERVATDPRDTELYLGGLGTNAKILWDRVPPEVEPFSPENLLIFAAGLLCGTPATGCNRTIV
STVSPQTKLMAFSMMGGFWAPELKYAGYDKIIFRGKSPELVYLYINNDKVEIRDASHLKGKGAIETAEIIKKELNEPRAQ
VAAIGKAGENRVFYASIEQGRSSASRGGIGAVMGDKGLKAVVVRGTKDLCVAKPEEYIGLCNEVLDYIKHREENPIPDVM
PILAGLGSPQEMKVHDEKWHTENFNWGNARTRRKDFWTDEVSHAWEKTMDKARTRLISCYNCPMKCGATISMEGLPTYMM
KCFTKLTYTMAAYSDLDFGLRIAQKATEYGLDGFSAPQVMAFAFELLEKGILKDSDFPGLPEGNEERFFYLLDKIVNRDG
IGDILANGTYWAAQEIGNGAEDYAHNNIKKHEQLPLKLSMLNPIYYLMYCTGEKINITQIEGQFPQAPYPKLEQREAFVE
DWIQVPDEKFKKIFLEWEPRGEKSMPNFPTVDMCCDIVDWQEMMHYIDDALGQCAGLSSFPLKPPYHIHNYPKFIAAGAG
IEMDTEKLKKAAKRYRTLVRAFNIRRGMRRVDEQPPANHWKNRFPELEKELLDSYYKLKGWNDDGIPTKETLDDLGLGYV
GDEFIKRGILSAG
;
A,B,C,D
2 'polypeptide(L)'
;MNSETKKRIVKTINIDADKCNGCRACEVICSAFHAMPPYSSNNPARSRVRVVRDPLRDIYVPLYAGEYTESECIGRDKFI
IDGKEYDECGFCRASCPSRDLFREPDSGLPLKCDLCDGEPEPLCVKWCLVGALSVTEREVEEPDESVKRTEMEIGLESLI
SRFGADVVADTVEQLTKKR
;
E,F,G,H
#
loop_
_chem_comp.id
_chem_comp.type
_chem_comp.name
_chem_comp.formula
MG non-polymer 'MAGNESIUM ION' 'Mg 2'
MTE non-polymer 'PHOSPHONIC ACIDMONO-(2-AMINO-5,6-DIMERCAPTO-4-OXO-3,7,8A,9,10,10A-HEXAHYDRO-4H-8-OXA-1,3,9,10-TETRAAZA-ANTHRACEN-7-YLMETHYL)ESTER' 'C10 H14 N5 O6 P S2'
SF4 non-polymer 'IRON/SULFUR CLUSTER' 'Fe4 S4'
UNX non-polymer 'UNKNOWN ATOM OR ION' ?
W non-polymer 'TUNGSTEN ION' 'W 6'
ZN non-polymer 'ZINC ION' 'Zn 2'
#
# COMPACT_ATOMS: atom_id res chain seq x y z
N MET A 1 0.17 -0.98 -2.09
CA MET A 1 1.53 -1.10 -2.57
C MET A 1 2.51 -0.78 -1.45
N ARG A 2 3.58 -1.58 -1.34
CA ARG A 2 4.68 -1.27 -0.44
C ARG A 2 5.75 -0.45 -1.15
N TYR A 3 6.39 0.46 -0.42
CA TYR A 3 7.42 1.31 -0.99
C TYR A 3 8.69 1.27 -0.17
N ALA A 4 9.82 1.49 -0.86
CA ALA A 4 11.17 1.44 -0.28
C ALA A 4 11.52 0.04 0.24
N GLU A 5 10.66 -0.51 1.08
CA GLU A 5 10.77 -1.91 1.45
C GLU A 5 10.13 -2.75 0.34
N THR A 6 10.51 -4.02 0.25
CA THR A 6 9.93 -4.91 -0.74
C THR A 6 8.68 -5.59 -0.19
N GLY A 7 8.62 -5.75 1.13
CA GLY A 7 7.47 -6.34 1.79
C GLY A 7 7.53 -7.86 1.93
N TYR A 8 8.68 -8.44 1.64
CA TYR A 8 8.84 -9.90 1.68
C TYR A 8 10.12 -10.31 2.39
N VAL A 9 10.09 -11.48 3.01
CA VAL A 9 11.29 -12.05 3.58
C VAL A 9 11.41 -13.51 3.16
N LEU A 10 12.63 -14.04 3.24
CA LEU A 10 12.88 -15.45 2.98
C LEU A 10 13.08 -16.21 4.29
N GLU A 11 12.22 -17.20 4.50
CA GLU A 11 12.35 -18.07 5.65
C GLU A 11 13.05 -19.35 5.23
N VAL A 12 14.21 -19.62 5.81
CA VAL A 12 15.00 -20.80 5.44
C VAL A 12 15.28 -21.71 6.62
N ASP A 13 14.80 -22.95 6.53
CA ASP A 13 15.07 -23.96 7.54
C ASP A 13 16.15 -24.91 7.03
N LEU A 14 17.38 -24.70 7.51
CA LEU A 14 18.53 -25.45 7.05
C LEU A 14 18.50 -26.93 7.42
N THR A 15 17.65 -27.30 8.37
CA THR A 15 17.56 -28.69 8.79
C THR A 15 16.75 -29.49 7.78
N LYS A 16 15.70 -28.86 7.24
CA LYS A 16 14.78 -29.53 6.34
C LYS A 16 15.07 -29.22 4.89
N GLY A 17 15.78 -28.12 4.65
CA GLY A 17 16.07 -27.67 3.30
C GLY A 17 14.91 -26.90 2.69
N SER A 18 14.01 -26.42 3.53
CA SER A 18 12.82 -25.72 3.06
C SER A 18 13.07 -24.23 2.88
N ILE A 19 12.49 -23.66 1.83
CA ILE A 19 12.61 -22.23 1.55
C ILE A 19 11.24 -21.63 1.28
N GLU A 20 10.92 -20.55 1.98
CA GLU A 20 9.60 -19.94 1.84
C GLU A 20 9.68 -18.43 1.78
N ARG A 21 8.93 -17.84 0.85
CA ARG A 21 8.77 -16.40 0.83
C ARG A 21 7.51 -16.02 1.61
N VAL A 22 7.66 -15.06 2.51
CA VAL A 22 6.55 -14.63 3.36
C VAL A 22 6.38 -13.13 3.29
N ALA A 23 5.13 -12.69 3.12
CA ALA A 23 4.82 -11.26 3.13
C ALA A 23 4.91 -10.73 4.55
N THR A 24 5.37 -9.49 4.70
CA THR A 24 5.52 -8.90 6.01
C THR A 24 4.32 -8.04 6.41
N ASP A 25 4.27 -7.67 7.68
CA ASP A 25 3.21 -6.87 8.22
C ASP A 25 3.61 -5.39 8.19
N PRO A 26 2.86 -4.58 7.42
CA PRO A 26 3.14 -3.15 7.26
C PRO A 26 3.10 -2.38 8.58
N ARG A 27 2.36 -2.90 9.57
CA ARG A 27 2.31 -2.31 10.90
C ARG A 27 3.68 -2.36 11.58
N ASP A 28 4.42 -3.44 11.36
CA ASP A 28 5.76 -3.57 11.94
C ASP A 28 6.70 -2.51 11.40
N THR A 29 6.47 -2.10 10.16
CA THR A 29 7.28 -1.05 9.56
C THR A 29 6.97 0.30 10.22
N GLU A 30 5.72 0.51 10.59
CA GLU A 30 5.31 1.76 11.24
C GLU A 30 5.84 1.87 12.66
N LEU A 31 6.07 0.72 13.31
CA LEU A 31 6.51 0.71 14.69
C LEU A 31 8.03 0.64 14.84
N TYR A 32 8.67 -0.17 14.00
CA TYR A 32 10.08 -0.45 14.16
C TYR A 32 10.92 -0.12 12.92
N LEU A 33 10.32 0.61 11.98
CA LEU A 33 10.98 1.09 10.76
C LEU A 33 11.52 -0.01 9.85
N GLY A 34 12.56 -0.71 10.28
CA GLY A 34 13.15 -1.76 9.48
C GLY A 34 14.54 -2.08 10.00
N GLY A 35 15.33 -2.78 9.20
CA GLY A 35 16.70 -3.09 9.56
C GLY A 35 16.80 -3.72 10.94
N LEU A 36 17.58 -3.09 11.82
CA LEU A 36 17.75 -3.57 13.19
C LEU A 36 16.43 -3.62 13.96
N GLY A 37 15.58 -2.63 13.73
CA GLY A 37 14.30 -2.52 14.42
C GLY A 37 13.44 -3.75 14.23
N THR A 38 13.20 -4.11 12.97
CA THR A 38 12.34 -5.26 12.68
C THR A 38 13.03 -6.59 13.01
N ASN A 39 14.36 -6.61 12.97
CA ASN A 39 15.13 -7.76 13.45
C ASN A 39 14.84 -8.05 14.92
N ALA A 40 14.86 -7.00 15.73
CA ALA A 40 14.64 -7.11 17.16
C ALA A 40 13.26 -7.71 17.45
N LYS A 41 12.25 -7.27 16.72
CA LYS A 41 10.89 -7.80 16.85
C LYS A 41 10.87 -9.30 16.57
N ILE A 42 11.55 -9.73 15.51
CA ILE A 42 11.60 -11.14 15.14
C ILE A 42 12.27 -11.99 16.20
N LEU A 43 13.40 -11.51 16.72
CA LEU A 43 14.14 -12.25 17.74
C LEU A 43 13.35 -12.34 19.04
N TRP A 44 12.69 -11.24 19.40
CA TRP A 44 11.97 -11.16 20.67
C TRP A 44 10.94 -12.27 20.82
N ASP A 45 10.08 -12.44 19.81
CA ASP A 45 9.00 -13.39 19.96
C ASP A 45 9.26 -14.72 19.24
N ARG A 46 10.51 -14.96 18.84
CA ARG A 46 10.85 -16.27 18.27
C ARG A 46 12.09 -16.91 18.90
N VAL A 47 12.83 -16.15 19.71
CA VAL A 47 14.00 -16.70 20.39
C VAL A 47 13.93 -16.48 21.91
N PRO A 48 13.26 -17.40 22.62
CA PRO A 48 13.12 -17.36 24.08
C PRO A 48 14.46 -17.53 24.78
N PRO A 49 14.57 -17.09 26.04
CA PRO A 49 15.86 -17.09 26.77
C PRO A 49 16.51 -18.46 26.93
N GLU A 50 15.73 -19.54 26.82
CA GLU A 50 16.28 -20.89 26.95
C GLU A 50 17.04 -21.35 25.71
N VAL A 51 16.99 -20.55 24.64
CA VAL A 51 17.70 -20.89 23.42
C VAL A 51 19.18 -20.56 23.52
N GLU A 52 20.02 -21.53 23.22
CA GLU A 52 21.47 -21.36 23.20
C GLU A 52 21.95 -20.84 21.85
N PRO A 53 23.10 -20.14 21.82
CA PRO A 53 23.64 -19.64 20.55
C PRO A 53 23.88 -20.74 19.51
N PHE A 54 24.38 -21.89 19.95
CA PHE A 54 24.68 -22.97 19.01
C PHE A 54 23.61 -24.05 19.01
N SER A 55 22.35 -23.65 19.17
CA SER A 55 21.25 -24.59 19.07
C SER A 55 20.44 -24.26 17.84
N PRO A 56 19.77 -25.27 17.25
CA PRO A 56 19.02 -25.09 16.01
C PRO A 56 17.96 -23.98 16.07
N GLU A 57 17.44 -23.69 17.26
CA GLU A 57 16.38 -22.71 17.44
C GLU A 57 16.88 -21.27 17.38
N ASN A 58 18.19 -21.08 17.50
CA ASN A 58 18.78 -19.77 17.31
C ASN A 58 18.62 -19.33 15.86
N LEU A 59 18.36 -18.05 15.65
CA LEU A 59 18.16 -17.51 14.31
C LEU A 59 19.37 -16.71 13.85
N LEU A 60 19.65 -16.77 12.56
CA LEU A 60 20.63 -15.89 11.93
C LEU A 60 19.92 -15.07 10.88
N ILE A 61 19.75 -13.77 11.14
CA ILE A 61 18.97 -12.91 10.26
C ILE A 61 19.86 -11.98 9.45
N PHE A 62 19.67 -11.94 8.13
CA PHE A 62 20.33 -10.96 7.26
C PHE A 62 19.31 -9.92 6.81
N ALA A 63 19.51 -8.67 7.19
CA ALA A 63 18.51 -7.64 6.87
C ALA A 63 19.09 -6.48 6.07
N ALA A 64 18.32 -6.03 5.08
CA ALA A 64 18.61 -4.78 4.38
C ALA A 64 17.84 -3.65 5.05
N GLY A 65 18.47 -2.50 5.20
CA GLY A 65 17.80 -1.34 5.76
C GLY A 65 16.61 -0.91 4.92
N LEU A 66 15.67 -0.21 5.55
CA LEU A 66 14.45 0.25 4.87
C LEU A 66 14.71 0.99 3.56
N LEU A 67 15.72 1.85 3.54
CA LEU A 67 15.94 2.69 2.37
C LEU A 67 17.10 2.21 1.47
N CYS A 68 17.69 1.05 1.79
CA CYS A 68 18.66 0.44 0.88
C CYS A 68 18.00 0.14 -0.45
N GLY A 69 18.72 0.38 -1.52
CA GLY A 69 18.20 0.15 -2.86
C GLY A 69 17.50 1.37 -3.43
N THR A 70 17.43 2.44 -2.65
CA THR A 70 16.88 3.71 -3.13
C THR A 70 18.05 4.61 -3.53
N PRO A 71 17.77 5.74 -4.22
CA PRO A 71 18.89 6.61 -4.60
C PRO A 71 19.61 7.30 -3.43
N ALA A 72 19.16 7.06 -2.19
CA ALA A 72 19.77 7.71 -1.03
C ALA A 72 21.27 7.40 -0.91
N THR A 73 22.07 8.46 -0.95
CA THR A 73 23.52 8.34 -0.89
C THR A 73 23.99 7.56 0.33
N GLY A 74 24.82 6.54 0.09
CA GLY A 74 25.43 5.78 1.17
C GLY A 74 24.46 4.91 1.97
N CYS A 75 23.28 4.66 1.41
CA CYS A 75 22.31 3.82 2.11
C CYS A 75 22.38 2.38 1.64
N ASN A 76 23.18 1.56 2.32
CA ASN A 76 23.58 0.28 1.76
C ASN A 76 23.92 -0.78 2.77
N ARG A 77 23.62 -0.52 4.04
CA ARG A 77 24.09 -1.40 5.12
C ARG A 77 23.23 -2.64 5.33
N THR A 78 23.88 -3.79 5.46
CA THR A 78 23.23 -5.00 5.91
C THR A 78 23.34 -5.09 7.43
N ILE A 79 22.25 -5.49 8.08
CA ILE A 79 22.22 -5.69 9.52
C ILE A 79 22.04 -7.17 9.82
N VAL A 80 23.04 -7.78 10.44
CA VAL A 80 23.01 -9.19 10.79
C VAL A 80 22.70 -9.35 12.28
N SER A 81 21.66 -10.12 12.60
CA SER A 81 21.27 -10.27 14.00
C SER A 81 21.20 -11.73 14.41
N THR A 82 21.61 -11.98 15.65
CA THR A 82 21.56 -13.32 16.25
C THR A 82 21.83 -13.22 17.74
N VAL A 83 21.92 -14.36 18.41
CA VAL A 83 22.38 -14.39 19.79
C VAL A 83 23.85 -14.76 19.83
N SER A 84 24.66 -13.90 20.44
CA SER A 84 26.11 -14.07 20.48
C SER A 84 26.56 -15.29 21.28
N PRO A 85 27.50 -16.06 20.70
CA PRO A 85 28.11 -17.16 21.46
C PRO A 85 29.10 -16.68 22.52
N GLN A 86 29.53 -15.43 22.44
CA GLN A 86 30.48 -14.91 23.41
C GLN A 86 29.79 -14.23 24.59
N THR A 87 28.87 -13.33 24.27
CA THR A 87 28.25 -12.50 25.30
C THR A 87 26.96 -13.13 25.83
N LYS A 88 26.41 -14.07 25.05
CA LYS A 88 25.13 -14.72 25.33
C LYS A 88 23.97 -13.74 25.24
N LEU A 89 24.26 -12.51 24.82
CA LEU A 89 23.24 -11.50 24.60
C LEU A 89 22.97 -11.36 23.10
N MET A 90 22.05 -10.47 22.74
CA MET A 90 21.80 -10.22 21.32
C MET A 90 23.04 -9.64 20.66
N ALA A 91 23.25 -10.01 19.41
CA ALA A 91 24.36 -9.47 18.64
C ALA A 91 23.86 -8.98 17.30
N PHE A 92 23.92 -7.68 17.09
CA PHE A 92 23.70 -7.15 15.75
C PHE A 92 25.04 -6.66 15.20
N SER A 93 25.23 -6.80 13.90
CA SER A 93 26.49 -6.47 13.26
C SER A 93 26.24 -5.85 11.91
N MET A 94 26.92 -4.75 11.61
CA MET A 94 26.68 -4.01 10.38
C MET A 94 27.75 -4.26 9.31
N MET A 95 27.28 -4.34 8.07
CA MET A 95 28.10 -4.66 6.92
C MET A 95 27.74 -3.73 5.77
N GLY A 96 28.72 -2.98 5.28
CA GLY A 96 28.50 -2.08 4.16
C GLY A 96 28.66 -2.77 2.82
N GLY A 97 29.16 -2.03 1.85
CA GLY A 97 29.42 -2.58 0.52
C GLY A 97 28.22 -2.59 -0.41
N PHE A 98 27.94 -3.77 -0.98
CA PHE A 98 27.00 -3.86 -2.08
C PHE A 98 25.95 -4.97 -1.89
N TRP A 99 25.96 -5.61 -0.74
CA TRP A 99 25.15 -6.80 -0.55
C TRP A 99 23.69 -6.49 -0.26
N ALA A 100 23.44 -5.57 0.66
CA ALA A 100 22.06 -5.22 1.04
C ALA A 100 21.22 -4.68 -0.13
N PRO A 101 21.77 -3.74 -0.93
CA PRO A 101 20.98 -3.28 -2.08
C PRO A 101 20.64 -4.40 -3.07
N GLU A 102 21.59 -5.30 -3.33
CA GLU A 102 21.33 -6.41 -4.24
C GLU A 102 20.13 -7.24 -3.76
N LEU A 103 20.06 -7.46 -2.45
CA LEU A 103 18.97 -8.22 -1.85
C LEU A 103 17.62 -7.53 -2.16
N LYS A 104 17.59 -6.20 -2.01
CA LYS A 104 16.39 -5.42 -2.33
C LYS A 104 16.03 -5.55 -3.81
N TYR A 105 17.03 -5.51 -4.69
CA TYR A 105 16.81 -5.63 -6.12
C TYR A 105 16.37 -7.05 -6.47
N ALA A 106 16.67 -8.00 -5.57
CA ALA A 106 16.23 -9.38 -5.73
C ALA A 106 14.77 -9.52 -5.29
N GLY A 107 14.34 -8.59 -4.43
CA GLY A 107 12.95 -8.54 -4.00
C GLY A 107 12.66 -8.90 -2.55
N TYR A 108 13.67 -8.85 -1.69
CA TYR A 108 13.50 -9.27 -0.32
C TYR A 108 14.06 -8.26 0.69
N ASP A 109 13.46 -8.21 1.87
CA ASP A 109 13.90 -7.32 2.93
C ASP A 109 14.82 -8.02 3.92
N LYS A 110 14.59 -9.32 4.11
CA LYS A 110 15.36 -10.11 5.06
C LYS A 110 15.52 -11.54 4.59
N ILE A 111 16.54 -12.21 5.15
CA ILE A 111 16.62 -13.66 5.13
C ILE A 111 16.78 -14.16 6.55
N ILE A 112 15.85 -15.02 6.99
CA ILE A 112 15.91 -15.60 8.32
C ILE A 112 16.28 -17.08 8.26
N PHE A 113 17.44 -17.43 8.81
CA PHE A 113 17.92 -18.81 8.84
C PHE A 113 17.65 -19.48 10.18
N ARG A 114 17.02 -20.64 10.16
CA ARG A 114 16.86 -21.46 11.36
C ARG A 114 17.38 -22.86 11.10
N GLY A 115 17.58 -23.62 12.18
CA GLY A 115 18.05 -24.99 12.07
C GLY A 115 19.53 -25.08 11.69
N LYS A 116 20.01 -26.29 11.53
CA LYS A 116 21.38 -26.53 11.09
C LYS A 116 21.41 -27.45 9.88
N SER A 117 22.30 -27.15 8.95
CA SER A 117 22.53 -28.06 7.84
C SER A 117 23.59 -29.07 8.25
N PRO A 118 23.33 -30.36 7.98
CA PRO A 118 24.31 -31.40 8.34
C PRO A 118 25.55 -31.30 7.47
N GLU A 119 25.38 -30.80 6.25
CA GLU A 119 26.48 -30.65 5.33
C GLU A 119 26.72 -29.18 5.01
N LEU A 120 27.97 -28.84 4.69
CA LEU A 120 28.32 -27.48 4.32
C LEU A 120 27.57 -27.07 3.06
N VAL A 121 26.81 -25.98 3.14
CA VAL A 121 26.03 -25.52 2.01
C VAL A 121 26.14 -24.01 1.83
N TYR A 122 25.65 -23.51 0.71
CA TYR A 122 25.44 -22.06 0.57
C TYR A 122 24.11 -21.77 -0.11
N LEU A 123 23.59 -20.57 0.14
CA LEU A 123 22.29 -20.18 -0.42
C LEU A 123 22.47 -19.32 -1.66
N TYR A 124 21.75 -19.66 -2.72
CA TYR A 124 21.84 -18.92 -3.96
C TYR A 124 20.51 -18.27 -4.33
N ILE A 125 20.49 -16.94 -4.30
CA ILE A 125 19.30 -16.16 -4.65
C ILE A 125 19.48 -15.43 -5.97
N ASN A 126 18.58 -15.66 -6.91
CA ASN A 126 18.56 -14.92 -8.16
C ASN A 126 17.12 -14.52 -8.49
N ASN A 127 16.75 -13.31 -8.09
CA ASN A 127 15.38 -12.83 -8.17
C ASN A 127 14.42 -13.80 -7.48
N ASP A 128 13.45 -14.35 -8.21
CA ASP A 128 12.48 -15.25 -7.60
C ASP A 128 13.02 -16.66 -7.40
N LYS A 129 14.20 -16.91 -7.96
CA LYS A 129 14.80 -18.25 -7.90
C LYS A 129 15.74 -18.38 -6.71
N VAL A 130 15.42 -19.29 -5.79
CA VAL A 130 16.20 -19.49 -4.58
C VAL A 130 16.52 -20.97 -4.43
N GLU A 131 17.77 -21.30 -4.11
CA GLU A 131 18.10 -22.70 -3.89
C GLU A 131 19.33 -22.88 -3.00
N ILE A 132 19.37 -24.03 -2.32
CA ILE A 132 20.48 -24.40 -1.47
C ILE A 132 21.45 -25.28 -2.26
N ARG A 133 22.71 -24.86 -2.31
CA ARG A 133 23.75 -25.57 -3.04
C ARG A 133 24.75 -26.23 -2.11
N ASP A 134 25.30 -27.36 -2.54
CA ASP A 134 26.39 -28.01 -1.81
C ASP A 134 27.66 -27.17 -1.86
N ALA A 135 28.36 -27.10 -0.74
CA ALA A 135 29.56 -26.28 -0.66
C ALA A 135 30.75 -27.03 -0.04
N SER A 136 30.74 -28.35 -0.16
CA SER A 136 31.80 -29.18 0.41
C SER A 136 33.17 -28.90 -0.23
N HIS A 137 33.15 -28.53 -1.50
CA HIS A 137 34.38 -28.20 -2.22
C HIS A 137 34.96 -26.86 -1.76
N LEU A 138 34.19 -26.13 -0.96
CA LEU A 138 34.62 -24.82 -0.47
C LEU A 138 35.15 -24.88 0.95
N LYS A 139 35.17 -26.07 1.55
CA LYS A 139 35.61 -26.23 2.93
C LYS A 139 37.02 -25.69 3.19
N GLY A 140 37.12 -24.75 4.13
CA GLY A 140 38.41 -24.21 4.52
C GLY A 140 38.87 -23.00 3.73
N LYS A 141 38.21 -22.74 2.61
CA LYS A 141 38.56 -21.59 1.78
C LYS A 141 38.33 -20.27 2.52
N GLY A 142 39.17 -19.28 2.21
CA GLY A 142 39.01 -17.95 2.77
C GLY A 142 37.70 -17.34 2.32
N ALA A 143 37.26 -16.28 3.02
CA ALA A 143 35.96 -15.69 2.71
C ALA A 143 35.97 -14.98 1.34
N ILE A 144 37.09 -14.39 0.96
CA ILE A 144 37.20 -13.72 -0.34
C ILE A 144 37.38 -14.74 -1.46
N GLU A 145 38.33 -15.63 -1.25
CA GLU A 145 38.56 -16.77 -2.13
C GLU A 145 37.26 -17.49 -2.49
N THR A 146 36.42 -17.72 -1.48
CA THR A 146 35.14 -18.40 -1.65
C THR A 146 34.21 -17.67 -2.63
N ALA A 147 34.12 -16.36 -2.47
CA ALA A 147 33.27 -15.54 -3.34
C ALA A 147 33.64 -15.67 -4.81
N GLU A 148 34.94 -15.64 -5.11
CA GLU A 148 35.42 -15.71 -6.49
C GLU A 148 35.14 -17.08 -7.10
N ILE A 149 35.43 -18.13 -6.34
CA ILE A 149 35.15 -19.49 -6.80
C ILE A 149 33.68 -19.65 -7.16
N ILE A 150 32.81 -19.28 -6.23
CA ILE A 150 31.37 -19.38 -6.41
C ILE A 150 30.86 -18.64 -7.66
N LYS A 151 31.29 -17.40 -7.83
CA LYS A 151 30.82 -16.59 -8.96
C LYS A 151 31.24 -17.17 -10.31
N LYS A 152 32.33 -17.92 -10.33
CA LYS A 152 32.75 -18.63 -11.54
C LYS A 152 31.87 -19.84 -11.80
N GLU A 153 31.61 -20.61 -10.75
CA GLU A 153 30.70 -21.76 -10.85
C GLU A 153 29.32 -21.36 -11.38
N LEU A 154 28.77 -20.31 -10.82
CA LEU A 154 27.42 -19.91 -11.17
C LEU A 154 27.38 -19.08 -12.44
N ASN A 155 28.55 -18.64 -12.91
CA ASN A 155 28.65 -17.74 -14.05
C ASN A 155 27.84 -16.45 -13.79
N GLU A 156 27.99 -15.92 -12.59
CA GLU A 156 27.35 -14.67 -12.20
C GLU A 156 28.38 -13.67 -11.69
N PRO A 157 29.06 -12.97 -12.61
CA PRO A 157 30.08 -12.00 -12.22
C PRO A 157 29.52 -10.85 -11.37
N ARG A 158 28.26 -10.52 -11.54
CA ARG A 158 27.68 -9.41 -10.80
C ARG A 158 26.89 -9.85 -9.58
N ALA A 159 27.12 -11.07 -9.12
CA ALA A 159 26.48 -11.53 -7.89
C ALA A 159 27.23 -10.98 -6.69
N GLN A 160 26.51 -10.76 -5.60
CA GLN A 160 27.13 -10.30 -4.36
C GLN A 160 27.19 -11.47 -3.37
N VAL A 161 28.34 -11.64 -2.72
CA VAL A 161 28.56 -12.80 -1.87
C VAL A 161 29.01 -12.42 -0.47
N ALA A 162 28.34 -12.97 0.53
CA ALA A 162 28.79 -12.83 1.92
C ALA A 162 29.18 -14.21 2.44
N ALA A 163 30.43 -14.36 2.90
CA ALA A 163 30.96 -15.66 3.26
C ALA A 163 31.72 -15.67 4.58
N ILE A 164 31.90 -16.85 5.15
CA ILE A 164 32.78 -17.03 6.29
C ILE A 164 34.07 -17.72 5.84
N GLY A 165 35.13 -17.51 6.61
CA GLY A 165 36.38 -18.19 6.36
C GLY A 165 36.42 -19.44 7.20
N LYS A 166 37.62 -19.97 7.41
CA LYS A 166 37.80 -21.16 8.23
C LYS A 166 37.37 -20.90 9.66
N ALA A 167 37.65 -19.70 10.17
CA ALA A 167 37.33 -19.35 11.55
C ALA A 167 35.84 -19.51 11.86
N GLY A 168 34.99 -19.04 10.95
CA GLY A 168 33.56 -19.23 11.07
C GLY A 168 33.19 -20.70 11.09
N GLU A 169 33.74 -21.47 10.16
CA GLU A 169 33.50 -22.89 10.08
C GLU A 169 33.83 -23.61 11.39
N ASN A 170 34.84 -23.11 12.09
CA ASN A 170 35.26 -23.73 13.35
C ASN A 170 34.67 -23.02 14.56
N ARG A 171 33.63 -22.23 14.34
CA ARG A 171 32.87 -21.57 15.40
C ARG A 171 33.72 -20.74 16.36
N VAL A 172 34.72 -20.05 15.83
CA VAL A 172 35.49 -19.09 16.63
C VAL A 172 34.55 -17.98 17.10
N PHE A 173 34.59 -17.66 18.39
CA PHE A 173 33.60 -16.75 18.98
C PHE A 173 33.65 -15.33 18.42
N TYR A 174 34.74 -14.99 17.76
CA TYR A 174 34.85 -13.66 17.14
C TYR A 174 35.09 -13.80 15.64
N ALA A 175 34.46 -14.81 15.05
CA ALA A 175 34.50 -15.02 13.61
C ALA A 175 33.53 -14.05 12.93
N SER A 176 33.94 -13.53 11.77
CA SER A 176 33.17 -12.51 11.08
C SER A 176 32.52 -13.04 9.81
N ILE A 177 31.78 -12.16 9.13
CA ILE A 177 31.24 -12.45 7.80
C ILE A 177 31.76 -11.40 6.82
N GLU A 178 32.36 -11.86 5.71
CA GLU A 178 33.07 -10.95 4.81
C GLU A 178 32.45 -10.86 3.42
N GLN A 179 32.51 -9.66 2.86
CA GLN A 179 31.98 -9.40 1.52
C GLN A 179 32.78 -8.30 0.85
N GLY A 180 33.78 -8.68 0.07
CA GLY A 180 34.57 -7.71 -0.67
C GLY A 180 35.25 -6.70 0.24
N ARG A 181 34.72 -5.48 0.26
CA ARG A 181 35.30 -4.44 1.14
C ARG A 181 34.46 -4.25 2.39
N SER A 182 33.69 -5.26 2.76
CA SER A 182 32.77 -5.12 3.87
C SER A 182 32.82 -6.27 4.85
N SER A 183 32.44 -5.98 6.08
CA SER A 183 32.52 -6.97 7.14
C SER A 183 31.45 -6.79 8.20
N ALA A 184 30.69 -7.86 8.44
CA ALA A 184 29.97 -8.01 9.69
C ALA A 184 30.95 -8.62 10.66
N SER A 185 31.49 -7.80 11.55
CA SER A 185 32.73 -8.19 12.24
C SER A 185 32.58 -8.73 13.67
N ARG A 186 31.80 -8.02 14.49
CA ARG A 186 31.79 -8.25 15.93
C ARG A 186 30.64 -9.12 16.41
N GLY A 187 30.84 -9.78 17.53
CA GLY A 187 29.77 -10.54 18.17
C GLY A 187 29.76 -12.03 17.92
N GLY A 188 30.46 -12.49 16.88
CA GLY A 188 30.54 -13.91 16.59
C GLY A 188 29.45 -14.41 15.67
N ILE A 189 28.83 -13.51 14.92
CA ILE A 189 27.79 -13.88 13.96
C ILE A 189 28.35 -14.85 12.92
N GLY A 190 29.65 -14.80 12.70
CA GLY A 190 30.29 -15.75 11.81
C GLY A 190 30.29 -17.16 12.38
N ALA A 191 30.36 -17.25 13.71
CA ALA A 191 30.36 -18.54 14.37
C ALA A 191 29.00 -19.21 14.28
N VAL A 192 27.93 -18.43 14.40
CA VAL A 192 26.59 -18.98 14.29
C VAL A 192 26.35 -19.47 12.87
N MET A 193 26.79 -18.68 11.89
CA MET A 193 26.66 -19.03 10.48
C MET A 193 27.34 -20.36 10.17
N GLY A 194 28.57 -20.54 10.63
CA GLY A 194 29.30 -21.77 10.46
C GLY A 194 28.66 -22.93 11.22
N ASP A 195 28.14 -22.63 12.41
CA ASP A 195 27.46 -23.64 13.23
C ASP A 195 26.23 -24.19 12.51
N LYS A 196 25.59 -23.35 11.72
CA LYS A 196 24.43 -23.77 10.94
C LYS A 196 24.82 -24.45 9.63
N GLY A 197 26.12 -24.56 9.38
CA GLY A 197 26.62 -25.24 8.20
C GLY A 197 26.47 -24.39 6.95
N LEU A 198 26.42 -23.08 7.14
CA LEU A 198 26.21 -22.14 6.05
C LEU A 198 27.52 -21.47 5.67
N LYS A 199 28.03 -21.77 4.48
CA LYS A 199 29.33 -21.26 4.04
C LYS A 199 29.25 -19.87 3.45
N ALA A 200 28.17 -19.58 2.72
CA ALA A 200 28.00 -18.29 2.07
C ALA A 200 26.54 -18.01 1.73
N VAL A 201 26.22 -16.74 1.50
CA VAL A 201 24.91 -16.34 0.96
C VAL A 201 25.12 -15.52 -0.31
N VAL A 202 24.71 -16.09 -1.45
CA VAL A 202 24.95 -15.47 -2.74
C VAL A 202 23.68 -14.83 -3.30
N VAL A 203 23.74 -13.56 -3.67
CA VAL A 203 22.54 -12.92 -4.20
C VAL A 203 22.75 -12.10 -5.49
N ARG A 204 21.85 -12.30 -6.44
CA ARG A 204 21.76 -11.50 -7.65
C ARG A 204 20.35 -10.92 -7.80
N GLY A 205 20.25 -9.61 -8.00
CA GLY A 205 18.96 -8.97 -8.16
C GLY A 205 18.87 -8.02 -9.35
N THR A 206 17.76 -8.09 -10.09
CA THR A 206 17.53 -7.19 -11.23
C THR A 206 16.08 -6.66 -11.31
N LYS A 207 15.37 -6.62 -10.19
CA LYS A 207 14.03 -6.02 -10.17
C LYS A 207 14.08 -4.53 -9.87
N ASP A 208 12.98 -3.84 -10.12
CA ASP A 208 12.88 -2.41 -9.77
C ASP A 208 12.58 -2.25 -8.29
N LEU A 209 13.11 -1.20 -7.67
CA LEU A 209 12.72 -0.85 -6.30
C LEU A 209 12.10 0.54 -6.27
N CYS A 210 10.85 0.62 -5.84
CA CYS A 210 10.05 1.84 -5.90
C CYS A 210 10.11 2.72 -4.66
N VAL A 211 9.87 4.01 -4.85
CA VAL A 211 9.66 4.95 -3.76
C VAL A 211 8.28 5.58 -3.91
N ALA A 212 7.72 6.07 -2.81
CA ALA A 212 6.36 6.59 -2.81
C ALA A 212 6.23 7.96 -3.49
N LYS A 213 7.08 8.91 -3.10
CA LYS A 213 7.05 10.26 -3.66
C LYS A 213 8.33 10.57 -4.47
N PRO A 214 8.31 10.27 -5.78
CA PRO A 214 9.49 10.32 -6.65
C PRO A 214 10.23 11.67 -6.67
N GLU A 215 9.53 12.71 -7.10
CA GLU A 215 10.11 14.05 -7.22
C GLU A 215 10.64 14.58 -5.88
N GLU A 216 9.95 14.26 -4.79
CA GLU A 216 10.34 14.77 -3.47
C GLU A 216 11.51 13.99 -2.91
N TYR A 217 11.56 12.69 -3.21
CA TYR A 217 12.65 11.86 -2.73
C TYR A 217 13.98 12.22 -3.40
N ILE A 218 13.95 12.43 -4.72
CA ILE A 218 15.18 12.75 -5.43
C ILE A 218 15.65 14.15 -5.03
N GLY A 219 14.71 14.99 -4.64
CA GLY A 219 15.05 16.32 -4.19
C GLY A 219 15.84 16.29 -2.91
N LEU A 220 15.47 15.38 -2.01
CA LEU A 220 16.16 15.25 -0.73
C LEU A 220 17.57 14.71 -0.97
N CYS A 221 17.72 13.83 -1.95
CA CYS A 221 19.01 13.26 -2.29
C CYS A 221 19.96 14.34 -2.83
N ASN A 222 19.44 15.18 -3.71
CA ASN A 222 20.22 16.29 -4.24
C ASN A 222 20.68 17.21 -3.12
N GLU A 223 19.79 17.38 -2.14
CA GLU A 223 20.06 18.23 -1.00
C GLU A 223 21.24 17.65 -0.21
N VAL A 224 21.28 16.33 -0.10
CA VAL A 224 22.34 15.64 0.62
C VAL A 224 23.67 15.74 -0.13
N LEU A 225 23.63 15.54 -1.45
CA LEU A 225 24.84 15.63 -2.25
C LEU A 225 25.43 17.03 -2.20
N ASP A 226 24.57 18.05 -2.23
CA ASP A 226 25.04 19.41 -2.12
C ASP A 226 25.69 19.67 -0.76
N TYR A 227 25.16 19.06 0.29
CA TYR A 227 25.73 19.27 1.61
C TYR A 227 27.06 18.57 1.74
N ILE A 228 27.19 17.43 1.06
CA ILE A 228 28.44 16.67 1.08
C ILE A 228 29.56 17.48 0.39
N LYS A 229 29.23 18.14 -0.70
CA LYS A 229 30.20 19.00 -1.39
C LYS A 229 30.65 20.13 -0.47
N HIS A 230 29.69 20.89 0.04
CA HIS A 230 29.98 22.02 0.93
C HIS A 230 30.85 21.59 2.10
N ARG A 231 30.54 20.42 2.64
CA ARG A 231 31.23 19.90 3.81
C ARG A 231 32.69 19.55 3.50
N GLU A 232 32.96 19.07 2.29
CA GLU A 232 34.31 18.69 1.91
C GLU A 232 35.17 19.91 1.63
N GLU A 233 34.52 21.03 1.28
CA GLU A 233 35.21 22.29 1.09
C GLU A 233 35.37 23.04 2.41
N ASN A 234 34.58 22.64 3.41
CA ASN A 234 34.60 23.28 4.71
C ASN A 234 34.67 22.27 5.84
N PRO A 235 35.86 21.68 6.07
CA PRO A 235 36.01 20.74 7.18
C PRO A 235 35.90 21.44 8.52
N ILE A 236 35.73 20.68 9.59
CA ILE A 236 35.64 21.25 10.94
C ILE A 236 36.96 21.94 11.31
N PRO A 237 36.90 23.27 11.52
CA PRO A 237 38.10 24.08 11.78
C PRO A 237 38.86 23.66 13.04
N ASP A 238 40.18 23.78 13.00
CA ASP A 238 41.06 23.61 14.16
C ASP A 238 40.96 22.26 14.84
N VAL A 239 40.49 21.25 14.10
CA VAL A 239 40.38 19.89 14.64
C VAL A 239 41.24 18.96 13.81
N MET A 240 41.89 17.99 14.47
CA MET A 240 42.72 17.00 13.79
C MET A 240 41.96 16.35 12.64
N PRO A 241 42.63 16.13 11.50
CA PRO A 241 42.06 15.76 10.20
C PRO A 241 41.01 14.64 10.24
N ILE A 242 41.31 13.55 10.95
CA ILE A 242 40.42 12.39 10.97
C ILE A 242 39.07 12.66 11.64
N LEU A 243 38.90 13.85 12.20
CA LEU A 243 37.63 14.22 12.82
C LEU A 243 36.93 15.31 12.03
N ALA A 244 37.62 15.86 11.04
CA ALA A 244 37.17 17.07 10.36
C ALA A 244 36.21 16.83 9.21
N GLY A 245 36.12 15.59 8.72
CA GLY A 245 35.33 15.31 7.54
C GLY A 245 34.30 14.21 7.67
N LEU A 246 33.54 14.00 6.59
CA LEU A 246 32.54 12.95 6.55
C LEU A 246 33.17 11.58 6.31
N GLY A 247 32.37 10.53 6.47
CA GLY A 247 32.82 9.16 6.26
C GLY A 247 33.18 8.43 7.54
N SER A 248 33.52 7.16 7.41
CA SER A 248 34.13 6.39 8.49
C SER A 248 35.50 7.00 8.76
N PRO A 249 36.12 6.69 9.92
CA PRO A 249 37.44 7.24 10.18
C PRO A 249 38.40 7.02 9.00
N GLN A 250 38.80 8.11 8.36
CA GLN A 250 39.56 8.06 7.13
C GLN A 250 41.01 7.62 7.36
N GLU A 251 41.19 6.43 7.91
CA GLU A 251 42.52 5.92 8.23
C GLU A 251 43.33 5.52 6.99
N MET A 252 42.65 5.21 5.90
CA MET A 252 43.34 4.75 4.69
C MET A 252 43.94 5.91 3.91
N LYS A 253 43.42 7.11 4.13
CA LYS A 253 43.94 8.30 3.50
C LYS A 253 45.13 8.84 4.31
N VAL A 254 45.43 10.13 4.19
CA VAL A 254 46.65 10.70 4.75
C VAL A 254 46.70 10.73 6.28
N HIS A 255 46.89 11.92 6.82
CA HIS A 255 46.99 12.20 8.28
C HIS A 255 48.22 11.57 8.94
N ASP A 256 48.79 12.33 9.87
CA ASP A 256 49.89 11.83 10.68
C ASP A 256 49.33 11.04 11.85
N GLU A 257 49.85 9.83 12.03
CA GLU A 257 49.35 8.93 13.06
C GLU A 257 49.84 9.27 14.45
N LYS A 258 50.04 10.55 14.74
CA LYS A 258 50.62 10.94 16.02
C LYS A 258 49.66 10.73 17.18
N TRP A 259 48.43 11.22 17.07
CA TRP A 259 47.46 11.06 18.15
C TRP A 259 47.17 9.59 18.40
N HIS A 260 46.91 8.86 17.32
CA HIS A 260 46.50 7.46 17.41
C HIS A 260 47.54 6.58 18.09
N THR A 261 48.79 6.63 17.62
CA THR A 261 49.82 5.74 18.13
C THR A 261 50.35 6.17 19.50
N GLU A 262 49.96 7.35 19.96
CA GLU A 262 50.42 7.85 21.25
C GLU A 262 49.32 7.93 22.31
N ASN A 263 48.11 7.53 21.92
CA ASN A 263 46.98 7.52 22.85
C ASN A 263 46.35 6.14 23.01
N PHE A 264 46.25 5.41 21.90
CA PHE A 264 45.87 4.00 21.97
C PHE A 264 46.87 3.24 22.82
N ASN A 265 46.45 2.10 23.35
CA ASN A 265 47.33 1.28 24.16
C ASN A 265 47.84 0.06 23.39
N TRP A 266 49.15 -0.07 23.33
CA TRP A 266 49.79 -1.16 22.61
C TRP A 266 49.71 -2.46 23.40
N GLY A 267 49.92 -3.58 22.71
CA GLY A 267 49.82 -4.89 23.32
C GLY A 267 48.40 -5.22 23.70
N ASN A 268 48.24 -5.91 24.83
CA ASN A 268 46.92 -6.25 25.34
C ASN A 268 46.25 -5.03 25.98
N ALA A 269 45.97 -4.02 25.17
CA ALA A 269 45.46 -2.73 25.64
C ALA A 269 46.24 -2.27 26.86
N ARG A 270 47.55 -2.42 26.81
CA ARG A 270 48.40 -2.27 27.99
C ARG A 270 49.25 -1.00 27.96
N THR A 271 50.27 -1.00 27.11
CA THR A 271 51.30 0.03 27.13
C THR A 271 50.90 1.30 26.37
N ARG A 272 51.19 2.45 26.98
CA ARG A 272 51.03 3.73 26.32
C ARG A 272 52.41 4.30 25.98
N ARG A 273 52.64 4.54 24.69
CA ARG A 273 53.93 5.03 24.23
C ARG A 273 53.84 6.51 23.91
N LYS A 274 54.32 7.34 24.84
CA LYS A 274 54.13 8.78 24.79
C LYS A 274 54.82 9.45 23.60
N ASP A 275 56.06 9.04 23.33
CA ASP A 275 56.83 9.67 22.26
C ASP A 275 57.24 8.66 21.18
N PHE A 276 56.27 7.90 20.68
CA PHE A 276 56.54 6.86 19.70
C PHE A 276 56.69 7.41 18.30
N TRP A 277 55.80 8.33 17.94
CA TRP A 277 55.73 8.86 16.58
C TRP A 277 56.91 9.76 16.24
N THR A 278 58.06 9.15 15.99
CA THR A 278 59.26 9.89 15.61
C THR A 278 59.29 10.14 14.10
N ASP A 279 60.28 10.88 13.64
CA ASP A 279 60.43 11.18 12.22
C ASP A 279 60.76 9.93 11.42
N GLU A 280 61.53 9.03 12.02
CA GLU A 280 61.92 7.79 11.37
C GLU A 280 60.72 6.87 11.18
N VAL A 281 59.88 6.78 12.20
CA VAL A 281 58.67 5.96 12.16
C VAL A 281 57.66 6.51 11.15
N SER A 282 57.51 7.84 11.13
CA SER A 282 56.54 8.49 10.26
C SER A 282 56.82 8.23 8.79
N HIS A 283 58.10 8.30 8.40
CA HIS A 283 58.49 8.07 7.01
C HIS A 283 58.41 6.58 6.66
N ALA A 284 58.73 5.72 7.62
CA ALA A 284 58.68 4.28 7.40
C ALA A 284 57.26 3.80 7.11
N TRP A 285 56.31 4.32 7.87
CA TRP A 285 54.90 3.95 7.69
C TRP A 285 54.32 4.56 6.42
N GLU A 286 54.72 5.79 6.14
CA GLU A 286 54.30 6.49 4.93
C GLU A 286 54.75 5.72 3.68
N LYS A 287 55.97 5.20 3.72
CA LYS A 287 56.53 4.46 2.59
C LYS A 287 55.83 3.12 2.40
N THR A 288 55.56 2.42 3.50
CA THR A 288 54.86 1.14 3.47
C THR A 288 53.46 1.30 2.89
N MET A 289 52.79 2.39 3.28
CA MET A 289 51.40 2.65 2.90
C MET A 289 51.26 3.10 1.44
N ASP A 290 52.20 3.92 0.98
CA ASP A 290 52.19 4.38 -0.41
C ASP A 290 52.39 3.20 -1.36
N LYS A 291 53.15 2.21 -0.91
CA LYS A 291 53.45 1.04 -1.71
C LYS A 291 52.30 0.04 -1.72
N ALA A 292 51.57 -0.04 -0.61
CA ALA A 292 50.54 -1.06 -0.44
C ALA A 292 49.14 -0.62 -0.85
N ARG A 293 48.85 0.67 -0.72
CA ARG A 293 47.52 1.17 -1.06
C ARG A 293 47.36 1.28 -2.57
N THR A 294 46.48 0.44 -3.12
CA THR A 294 46.26 0.38 -4.55
C THR A 294 45.21 1.40 -5.02
N ARG A 295 44.08 1.43 -4.33
CA ARG A 295 43.03 2.39 -4.67
C ARG A 295 42.07 2.61 -3.52
N LEU A 296 41.61 3.85 -3.37
CA LEU A 296 40.56 4.19 -2.43
C LEU A 296 39.21 3.93 -3.10
N ILE A 297 38.39 3.08 -2.50
CA ILE A 297 37.14 2.66 -3.12
C ILE A 297 35.93 2.85 -2.21
N SER A 298 34.76 2.98 -2.82
CA SER A 298 33.53 3.29 -2.08
C SER A 298 32.60 2.09 -1.90
N CYS A 299 31.74 2.18 -0.89
CA CYS A 299 30.55 1.33 -0.82
C CYS A 299 29.53 1.79 -1.88
N TYR A 300 28.44 1.05 -2.02
CA TYR A 300 27.42 1.37 -3.03
C TYR A 300 26.87 2.77 -2.89
N ASN A 301 26.85 3.51 -4.00
CA ASN A 301 26.23 4.83 -4.08
C ASN A 301 26.77 5.82 -3.04
N CYS A 302 28.10 5.90 -2.95
CA CYS A 302 28.74 6.84 -2.02
C CYS A 302 30.06 7.37 -2.59
N PRO A 303 30.29 8.69 -2.46
CA PRO A 303 31.52 9.28 -3.03
C PRO A 303 32.69 9.36 -2.03
N MET A 304 32.50 8.90 -0.80
CA MET A 304 33.48 9.12 0.27
C MET A 304 34.71 8.21 0.22
N LYS A 305 34.61 7.10 -0.52
CA LYS A 305 35.68 6.11 -0.69
C LYS A 305 36.60 5.91 0.54
N CYS A 306 35.99 5.42 1.61
CA CYS A 306 36.68 5.21 2.88
C CYS A 306 37.63 4.01 2.83
N GLY A 307 37.26 2.98 2.06
CA GLY A 307 38.04 1.76 2.01
C GLY A 307 39.24 1.86 1.09
N ALA A 308 40.15 0.89 1.19
CA ALA A 308 41.29 0.82 0.29
C ALA A 308 41.68 -0.62 0.03
N THR A 309 41.91 -0.94 -1.25
CA THR A 309 42.50 -2.22 -1.62
C THR A 309 43.97 -2.24 -1.21
N ILE A 310 44.40 -3.33 -0.59
CA ILE A 310 45.75 -3.44 -0.08
C ILE A 310 46.47 -4.58 -0.77
N SER A 311 47.65 -4.28 -1.31
CA SER A 311 48.44 -5.30 -1.99
C SER A 311 49.86 -5.38 -1.45
N MET A 312 50.10 -6.36 -0.58
CA MET A 312 51.43 -6.66 -0.07
C MET A 312 52.12 -7.64 -1.01
N GLU A 313 53.45 -7.53 -1.11
CA GLU A 313 54.21 -8.37 -2.01
C GLU A 313 54.08 -9.86 -1.68
N GLY A 314 53.63 -10.64 -2.66
CA GLY A 314 53.48 -12.07 -2.51
C GLY A 314 52.20 -12.51 -1.82
N LEU A 315 51.27 -11.57 -1.65
CA LEU A 315 50.00 -11.87 -0.99
C LEU A 315 48.81 -11.48 -1.86
N PRO A 316 47.70 -12.21 -1.73
CA PRO A 316 46.45 -11.83 -2.41
C PRO A 316 45.96 -10.47 -1.95
N THR A 317 45.31 -9.74 -2.84
CA THR A 317 44.77 -8.43 -2.49
C THR A 317 43.58 -8.57 -1.56
N TYR A 318 43.45 -7.65 -0.61
CA TYR A 318 42.26 -7.59 0.24
C TYR A 318 41.86 -6.12 0.43
N MET A 319 40.76 -5.89 1.15
CA MET A 319 40.28 -4.53 1.40
C MET A 319 40.27 -4.20 2.88
N MET A 320 40.75 -3.00 3.21
CA MET A 320 40.85 -2.56 4.59
C MET A 320 40.22 -1.18 4.76
N LYS A 321 39.62 -0.95 5.93
CA LYS A 321 39.17 0.38 6.29
C LYS A 321 39.31 0.58 7.79
N CYS A 322 39.37 1.84 8.21
CA CYS A 322 39.29 2.20 9.62
C CYS A 322 40.41 1.59 10.48
N PHE A 323 40.09 1.27 11.73
CA PHE A 323 41.11 0.98 12.75
C PHE A 323 41.77 -0.39 12.68
N THR A 324 41.28 -1.25 11.80
CA THR A 324 41.93 -2.54 11.52
C THR A 324 43.40 -2.33 11.14
N LYS A 325 43.68 -1.19 10.53
CA LYS A 325 45.02 -0.79 10.15
C LYS A 325 45.99 -0.72 11.33
N LEU A 326 45.48 -0.42 12.52
CA LEU A 326 46.35 -0.19 13.68
C LEU A 326 46.37 -1.35 14.68
N THR A 327 45.26 -2.07 14.80
CA THR A 327 45.08 -3.02 15.90
C THR A 327 46.11 -4.15 15.90
N TYR A 328 46.34 -4.78 14.75
CA TYR A 328 47.31 -5.88 14.71
C TYR A 328 48.72 -5.39 14.99
N THR A 329 49.07 -4.25 14.39
CA THR A 329 50.36 -3.61 14.62
C THR A 329 50.59 -3.31 16.09
N MET A 330 49.62 -2.67 16.72
CA MET A 330 49.77 -2.22 18.09
C MET A 330 49.78 -3.38 19.09
N ALA A 331 48.98 -4.40 18.83
CA ALA A 331 48.90 -5.55 19.73
C ALA A 331 50.21 -6.31 19.78
N ALA A 332 51.00 -6.20 18.72
CA ALA A 332 52.23 -6.97 18.60
C ALA A 332 53.48 -6.11 18.75
N TYR A 333 53.29 -4.84 19.10
CA TYR A 333 54.39 -3.88 19.24
C TYR A 333 55.28 -3.87 18.00
N SER A 334 54.67 -3.89 16.82
CA SER A 334 55.43 -4.00 15.57
C SER A 334 55.21 -2.78 14.68
N ASP A 335 55.49 -2.93 13.39
CA ASP A 335 55.34 -1.84 12.43
C ASP A 335 54.15 -2.05 11.51
N LEU A 336 53.90 -1.07 10.64
CA LEU A 336 52.73 -1.10 9.77
C LEU A 336 52.81 -2.23 8.74
N ASP A 337 54.02 -2.55 8.30
CA ASP A 337 54.22 -3.63 7.33
C ASP A 337 53.67 -4.96 7.85
N PHE A 338 54.07 -5.33 9.07
CA PHE A 338 53.58 -6.55 9.70
C PHE A 338 52.05 -6.55 9.82
N GLY A 339 51.50 -5.44 10.27
CA GLY A 339 50.06 -5.32 10.47
C GLY A 339 49.28 -5.60 9.20
N LEU A 340 49.71 -5.00 8.09
CA LEU A 340 49.05 -5.18 6.81
C LEU A 340 49.14 -6.61 6.30
N ARG A 341 50.24 -7.30 6.66
CA ARG A 341 50.44 -8.66 6.20
C ARG A 341 49.58 -9.66 6.97
N ILE A 342 49.48 -9.48 8.28
CA ILE A 342 48.73 -10.41 9.10
C ILE A 342 47.23 -10.16 8.99
N ALA A 343 46.84 -8.91 8.75
CA ALA A 343 45.41 -8.59 8.58
C ALA A 343 44.88 -9.22 7.30
N GLN A 344 45.75 -9.49 6.34
CA GLN A 344 45.36 -10.20 5.13
C GLN A 344 44.93 -11.61 5.48
N LYS A 345 45.75 -12.31 6.26
CA LYS A 345 45.42 -13.66 6.73
C LYS A 345 44.13 -13.64 7.54
N ALA A 346 43.99 -12.65 8.40
CA ALA A 346 42.85 -12.58 9.32
C ALA A 346 41.54 -12.29 8.59
N THR A 347 41.60 -11.48 7.54
CA THR A 347 40.42 -11.21 6.73
C THR A 347 39.94 -12.47 6.00
N GLU A 348 40.86 -13.24 5.45
CA GLU A 348 40.48 -14.46 4.73
C GLU A 348 39.93 -15.50 5.68
N TYR A 349 40.53 -15.62 6.86
CA TYR A 349 40.02 -16.50 7.91
C TYR A 349 38.64 -16.04 8.41
N GLY A 350 38.42 -14.73 8.39
CA GLY A 350 37.18 -14.17 8.87
C GLY A 350 37.20 -13.98 10.37
N LEU A 351 38.10 -13.12 10.84
CA LEU A 351 38.23 -12.82 12.26
C LEU A 351 38.04 -11.36 12.57
N ASP A 352 37.31 -11.08 13.65
CA ASP A 352 37.16 -9.71 14.13
C ASP A 352 38.50 -9.07 14.47
N GLY A 353 38.81 -7.96 13.80
CA GLY A 353 40.07 -7.27 13.98
C GLY A 353 40.20 -6.46 15.26
N PHE A 354 39.15 -6.45 16.08
CA PHE A 354 39.27 -5.84 17.40
C PHE A 354 39.65 -6.89 18.44
N SER A 355 38.91 -8.00 18.45
CA SER A 355 39.11 -9.03 19.46
C SER A 355 40.36 -9.86 19.21
N ALA A 356 40.55 -10.31 17.98
CA ALA A 356 41.62 -11.25 17.65
C ALA A 356 43.02 -10.77 18.09
N PRO A 357 43.40 -9.53 17.74
CA PRO A 357 44.74 -9.14 18.20
C PRO A 357 44.85 -9.00 19.71
N GLN A 358 43.77 -8.62 20.40
CA GLN A 358 43.81 -8.52 21.85
C GLN A 358 43.91 -9.90 22.50
N VAL A 359 43.23 -10.88 21.90
CA VAL A 359 43.30 -12.25 22.40
C VAL A 359 44.72 -12.78 22.34
N MET A 360 45.40 -12.52 21.23
CA MET A 360 46.76 -13.01 21.04
C MET A 360 47.74 -12.31 21.97
N ALA A 361 47.59 -10.99 22.11
CA ALA A 361 48.41 -10.22 23.03
C ALA A 361 48.13 -10.63 24.47
N PHE A 362 46.89 -11.02 24.74
CA PHE A 362 46.48 -11.55 26.03
C PHE A 362 47.21 -12.85 26.34
N ALA A 363 47.26 -13.73 25.34
CA ALA A 363 47.89 -15.03 25.50
C ALA A 363 49.39 -14.91 25.82
N PHE A 364 50.06 -13.97 25.17
CA PHE A 364 51.49 -13.80 25.35
C PHE A 364 51.83 -13.14 26.67
N GLU A 365 50.87 -12.41 27.24
CA GLU A 365 51.07 -11.87 28.57
C GLU A 365 51.05 -13.00 29.60
N LEU A 366 50.15 -13.96 29.39
CA LEU A 366 50.06 -15.12 30.27
C LEU A 366 51.32 -15.97 30.20
N LEU A 367 51.88 -16.09 28.99
CA LEU A 367 53.11 -16.84 28.77
C LEU A 367 54.29 -16.12 29.42
N GLU A 368 54.22 -14.79 29.41
CA GLU A 368 55.25 -13.96 30.02
C GLU A 368 55.23 -14.10 31.54
N LYS A 369 54.04 -13.96 32.12
CA LYS A 369 53.86 -14.03 33.56
C LYS A 369 54.18 -15.43 34.11
N GLY A 370 53.85 -16.45 33.34
CA GLY A 370 54.09 -17.82 33.75
C GLY A 370 52.82 -18.62 33.92
N ILE A 371 51.69 -17.94 33.82
CA ILE A 371 50.39 -18.58 33.92
C ILE A 371 50.22 -19.62 32.81
N LEU A 372 50.73 -19.29 31.62
CA LEU A 372 50.86 -20.27 30.55
C LEU A 372 52.32 -20.68 30.42
N LYS A 373 52.55 -21.93 30.04
CA LYS A 373 53.90 -22.44 29.88
C LYS A 373 54.21 -22.64 28.40
N ASP A 374 55.48 -22.89 28.08
CA ASP A 374 55.88 -23.15 26.70
C ASP A 374 55.32 -24.48 26.23
N SER A 375 54.96 -25.33 27.17
CA SER A 375 54.32 -26.61 26.89
C SER A 375 53.01 -26.40 26.14
N ASP A 376 52.36 -25.28 26.43
CA ASP A 376 51.07 -24.94 25.82
C ASP A 376 51.23 -24.48 24.37
N PHE A 377 52.45 -24.08 24.01
CA PHE A 377 52.74 -23.61 22.65
C PHE A 377 53.79 -24.47 21.96
N PRO A 378 53.43 -25.71 21.57
CA PRO A 378 54.41 -26.55 20.89
C PRO A 378 54.75 -26.02 19.51
N GLY A 379 56.04 -25.85 19.23
CA GLY A 379 56.47 -25.37 17.93
C GLY A 379 56.43 -23.86 17.84
N LEU A 380 56.52 -23.21 18.99
CA LEU A 380 56.49 -21.75 19.05
C LEU A 380 57.78 -21.15 18.52
N PRO A 381 57.69 -20.40 17.41
CA PRO A 381 58.86 -19.73 16.83
C PRO A 381 59.45 -18.70 17.79
N GLU A 382 60.66 -18.25 17.52
CA GLU A 382 61.36 -17.37 18.45
C GLU A 382 61.10 -15.89 18.17
N GLY A 383 60.87 -15.55 16.90
CA GLY A 383 60.61 -14.18 16.52
C GLY A 383 59.22 -13.71 16.92
N ASN A 384 59.12 -12.44 17.30
CA ASN A 384 57.84 -11.88 17.75
C ASN A 384 56.75 -11.91 16.68
N GLU A 385 57.07 -11.42 15.49
CA GLU A 385 56.12 -11.41 14.38
C GLU A 385 55.67 -12.82 14.03
N GLU A 386 56.62 -13.75 13.99
CA GLU A 386 56.34 -15.14 13.64
C GLU A 386 55.41 -15.78 14.64
N ARG A 387 55.52 -15.40 15.90
CA ARG A 387 54.69 -15.96 16.96
C ARG A 387 53.21 -15.63 16.77
N PHE A 388 52.93 -14.41 16.33
CA PHE A 388 51.56 -14.00 16.05
C PHE A 388 50.96 -14.77 14.89
N PHE A 389 51.76 -15.01 13.84
CA PHE A 389 51.30 -15.83 12.73
C PHE A 389 51.02 -17.25 13.20
N TYR A 390 51.88 -17.73 14.09
CA TYR A 390 51.76 -19.08 14.65
C TYR A 390 50.47 -19.23 15.44
N LEU A 391 50.24 -18.30 16.36
CA LEU A 391 49.08 -18.35 17.23
C LEU A 391 47.78 -18.17 16.46
N LEU A 392 47.81 -17.32 15.45
CA LEU A 392 46.64 -17.06 14.62
C LEU A 392 46.12 -18.35 13.99
N ASP A 393 47.05 -19.18 13.50
CA ASP A 393 46.67 -20.44 12.88
C ASP A 393 46.15 -21.44 13.90
N LYS A 394 46.71 -21.41 15.10
CA LYS A 394 46.25 -22.31 16.16
C LYS A 394 44.80 -21.96 16.55
N ILE A 395 44.50 -20.67 16.60
CA ILE A 395 43.17 -20.21 16.99
C ILE A 395 42.08 -20.59 15.98
N VAL A 396 42.31 -20.32 14.69
CA VAL A 396 41.28 -20.58 13.68
C VAL A 396 41.08 -22.08 13.46
N ASN A 397 42.02 -22.88 13.92
CA ASN A 397 41.90 -24.33 13.80
C ASN A 397 41.39 -24.96 15.09
N ARG A 398 41.24 -24.13 16.13
CA ARG A 398 40.92 -24.58 17.48
C ARG A 398 41.85 -25.72 17.88
N ASP A 399 43.15 -25.51 17.62
CA ASP A 399 44.16 -26.54 17.86
C ASP A 399 44.88 -26.30 19.18
N GLY A 400 44.72 -27.23 20.12
CA GLY A 400 45.36 -27.12 21.42
C GLY A 400 44.94 -25.88 22.19
N ILE A 401 45.91 -25.03 22.51
CA ILE A 401 45.64 -23.78 23.22
C ILE A 401 44.73 -22.87 22.39
N GLY A 402 44.74 -23.06 21.08
CA GLY A 402 43.87 -22.32 20.18
C GLY A 402 42.39 -22.56 20.47
N ASP A 403 42.05 -23.78 20.89
CA ASP A 403 40.66 -24.11 21.19
C ASP A 403 40.13 -23.29 22.37
N ILE A 404 41.00 -23.01 23.34
CA ILE A 404 40.63 -22.18 24.48
C ILE A 404 40.59 -20.71 24.08
N LEU A 405 41.65 -20.26 23.39
CA LEU A 405 41.74 -18.86 22.98
C LEU A 405 40.67 -18.46 21.97
N ALA A 406 40.12 -19.46 21.26
CA ALA A 406 39.08 -19.20 20.28
C ALA A 406 37.78 -18.75 20.95
N ASN A 407 37.73 -18.82 22.27
CA ASN A 407 36.53 -18.46 23.01
C ASN A 407 36.54 -16.99 23.47
N GLY A 408 37.65 -16.31 23.25
CA GLY A 408 37.78 -14.92 23.65
C GLY A 408 38.40 -14.79 25.02
N THR A 409 38.90 -13.61 25.36
CA THR A 409 39.66 -13.39 26.59
C THR A 409 38.88 -13.78 27.85
N TYR A 410 37.60 -13.39 27.91
CA TYR A 410 36.79 -13.67 29.09
C TYR A 410 36.69 -15.17 29.38
N TRP A 411 36.19 -15.93 28.42
CA TRP A 411 35.99 -17.36 28.63
C TRP A 411 37.32 -18.11 28.70
N ALA A 412 38.33 -17.62 27.99
CA ALA A 412 39.64 -18.25 28.03
C ALA A 412 40.25 -18.13 29.42
N ALA A 413 40.18 -16.94 30.00
CA ALA A 413 40.73 -16.70 31.34
C ALA A 413 40.02 -17.56 32.38
N GLN A 414 38.69 -17.64 32.25
CA GLN A 414 37.86 -18.41 33.17
C GLN A 414 38.20 -19.89 33.12
N GLU A 415 38.64 -20.35 31.96
CA GLU A 415 39.01 -21.75 31.79
C GLU A 415 40.45 -22.02 32.21
N ILE A 416 41.32 -21.04 31.98
CA ILE A 416 42.73 -21.17 32.31
C ILE A 416 42.97 -21.09 33.82
N GLY A 417 42.30 -20.15 34.47
CA GLY A 417 42.46 -19.96 35.90
C GLY A 417 43.83 -19.41 36.25
N ASN A 418 44.31 -19.74 37.45
CA ASN A 418 45.60 -19.27 37.95
C ASN A 418 45.73 -17.75 37.91
N GLY A 419 44.61 -17.05 38.03
CA GLY A 419 44.61 -15.60 38.02
C GLY A 419 44.74 -15.01 36.63
N ALA A 420 44.32 -15.77 35.62
CA ALA A 420 44.31 -15.28 34.25
C ALA A 420 43.19 -14.26 34.06
N GLU A 421 42.21 -14.28 34.97
CA GLU A 421 41.07 -13.38 34.90
C GLU A 421 41.52 -11.92 35.05
N ASP A 422 42.63 -11.71 35.76
CA ASP A 422 43.16 -10.37 35.95
C ASP A 422 43.65 -9.74 34.64
N TYR A 423 44.00 -10.59 33.69
CA TYR A 423 44.57 -10.11 32.43
C TYR A 423 43.51 -9.86 31.36
N ALA A 424 42.30 -10.40 31.58
CA ALA A 424 41.15 -10.03 30.76
C ALA A 424 40.55 -8.73 31.30
N HIS A 425 41.36 -7.67 31.25
CA HIS A 425 41.02 -6.41 31.89
C HIS A 425 40.35 -5.40 30.98
N ASN A 426 39.96 -5.82 29.77
CA ASN A 426 39.39 -4.86 28.82
C ASN A 426 38.04 -5.30 28.28
N ASN A 427 37.28 -6.05 29.06
CA ASN A 427 35.98 -6.51 28.62
C ASN A 427 34.82 -5.73 29.22
N ILE A 428 33.76 -5.57 28.43
CA ILE A 428 32.46 -5.17 28.95
C ILE A 428 31.46 -6.20 28.46
N LYS A 429 30.76 -6.83 29.39
CA LYS A 429 29.80 -7.88 29.07
C LYS A 429 30.47 -8.99 28.26
N LYS A 430 31.68 -9.36 28.70
CA LYS A 430 32.50 -10.41 28.08
C LYS A 430 32.96 -10.08 26.65
N HIS A 431 32.90 -8.82 26.27
CA HIS A 431 33.22 -8.39 24.91
C HIS A 431 34.40 -7.43 24.90
N GLU A 432 35.47 -7.78 24.18
CA GLU A 432 36.68 -6.95 24.16
C GLU A 432 36.38 -5.54 23.67
N GLN A 433 36.99 -4.55 24.31
CA GLN A 433 36.76 -3.17 23.95
C GLN A 433 37.90 -2.60 23.11
N LEU A 434 37.64 -1.45 22.49
CA LEU A 434 38.66 -0.68 21.80
C LEU A 434 39.82 -0.40 22.77
N PRO A 435 41.07 -0.65 22.34
CA PRO A 435 42.24 -0.50 23.21
C PRO A 435 42.57 0.97 23.52
N LEU A 436 41.80 1.56 24.43
CA LEU A 436 41.99 2.94 24.83
C LEU A 436 41.82 3.08 26.35
N LYS A 437 42.89 3.47 27.03
CA LYS A 437 42.84 3.69 28.48
C LYS A 437 43.20 5.13 28.81
N LEU A 438 42.19 5.96 29.06
CA LEU A 438 42.44 7.38 29.28
C LEU A 438 42.69 7.70 30.75
N SER A 439 42.93 8.97 31.05
CA SER A 439 43.34 9.39 32.38
C SER A 439 42.19 9.89 33.24
N MET A 440 41.52 10.95 32.77
CA MET A 440 40.42 11.55 33.53
C MET A 440 39.08 10.96 33.08
N LEU A 441 38.17 10.79 34.03
CA LEU A 441 36.85 10.25 33.73
C LEU A 441 36.07 11.12 32.77
N ASN A 442 35.59 10.51 31.69
CA ASN A 442 34.70 11.17 30.75
C ASN A 442 33.26 10.73 31.03
N PRO A 443 32.45 11.63 31.61
CA PRO A 443 31.07 11.30 31.97
C PRO A 443 30.21 10.88 30.78
N ILE A 444 30.43 11.51 29.62
CA ILE A 444 29.67 11.18 28.42
C ILE A 444 30.02 9.77 27.94
N TYR A 445 31.30 9.43 27.94
CA TYR A 445 31.73 8.13 27.47
C TYR A 445 31.52 7.04 28.50
N TYR A 446 31.47 7.42 29.78
CA TYR A 446 31.15 6.47 30.83
C TYR A 446 29.80 5.84 30.57
N LEU A 447 28.80 6.69 30.33
CA LEU A 447 27.45 6.23 30.03
C LEU A 447 27.39 5.33 28.80
N MET A 448 28.10 5.72 27.75
CA MET A 448 28.06 4.98 26.48
C MET A 448 28.67 3.59 26.59
N TYR A 449 29.84 3.50 27.22
CA TYR A 449 30.46 2.20 27.51
C TYR A 449 29.50 1.28 28.29
N CYS A 450 28.84 1.83 29.30
CA CYS A 450 27.96 1.06 30.18
C CYS A 450 26.71 0.49 29.51
N THR A 451 26.04 1.29 28.69
CA THR A 451 24.69 0.96 28.27
C THR A 451 24.52 0.56 26.80
N GLY A 452 25.50 0.89 25.96
CA GLY A 452 25.40 0.61 24.54
C GLY A 452 25.20 -0.86 24.23
N GLU A 453 24.11 -1.20 23.54
CA GLU A 453 23.80 -2.60 23.28
C GLU A 453 24.72 -3.21 22.22
N LYS A 454 25.42 -2.39 21.45
CA LYS A 454 26.42 -2.90 20.51
C LYS A 454 27.69 -3.32 21.27
N ILE A 455 27.84 -2.78 22.48
CA ILE A 455 29.01 -3.01 23.34
C ILE A 455 30.30 -2.64 22.60
N ASN A 456 30.21 -1.61 21.77
CA ASN A 456 31.36 -1.07 21.07
C ASN A 456 31.28 0.45 21.03
N ILE A 457 32.29 1.12 21.57
CA ILE A 457 32.22 2.56 21.79
C ILE A 457 32.20 3.40 20.50
N THR A 458 32.80 2.88 19.43
CA THR A 458 32.89 3.67 18.20
C THR A 458 31.58 3.63 17.42
N GLN A 459 30.66 2.78 17.88
CA GLN A 459 29.38 2.64 17.22
C GLN A 459 28.24 3.13 18.11
N ILE A 460 28.53 4.16 18.91
CA ILE A 460 27.49 4.86 19.67
C ILE A 460 27.82 6.35 19.80
N GLU A 461 29.08 6.71 19.60
CA GLU A 461 29.52 8.11 19.61
C GLU A 461 29.27 8.81 18.27
N GLY A 462 29.41 10.14 18.25
CA GLY A 462 29.43 10.84 16.99
C GLY A 462 28.99 12.29 16.94
N GLN A 463 27.71 12.53 17.25
CA GLN A 463 27.08 13.81 16.95
C GLN A 463 27.56 14.99 17.80
N PHE A 464 28.00 14.70 19.01
CA PHE A 464 28.53 15.74 19.89
C PHE A 464 30.05 15.65 19.88
N PRO A 465 30.72 16.82 19.82
CA PRO A 465 32.18 16.90 19.83
C PRO A 465 32.81 16.15 21.00
N GLN A 466 33.91 15.45 20.75
CA GLN A 466 34.60 14.68 21.78
C GLN A 466 35.32 15.58 22.77
N ALA A 467 35.83 16.69 22.26
CA ALA A 467 36.59 17.62 23.07
C ALA A 467 36.09 19.04 22.85
N PRO A 468 36.27 19.92 23.84
CA PRO A 468 35.87 21.32 23.69
C PRO A 468 36.95 22.16 23.03
N TYR A 469 36.54 23.30 22.46
CA TYR A 469 37.50 24.27 21.93
C TYR A 469 38.08 25.11 23.06
N PRO A 470 39.38 25.44 22.97
CA PRO A 470 40.00 26.37 23.91
C PRO A 470 39.33 27.74 23.86
N LYS A 471 39.43 28.42 22.73
CA LYS A 471 38.86 29.77 22.59
C LYS A 471 37.35 29.73 22.41
N LEU A 472 36.67 30.72 22.97
CA LEU A 472 35.22 30.83 22.85
C LEU A 472 34.79 31.11 21.42
N GLU A 473 35.62 31.87 20.71
CA GLU A 473 35.35 32.25 19.33
C GLU A 473 35.16 31.02 18.44
N GLN A 474 35.93 29.98 18.72
CA GLN A 474 35.84 28.73 17.97
C GLN A 474 34.50 28.04 18.19
N ARG A 475 33.98 28.14 19.42
CA ARG A 475 32.71 27.51 19.76
C ARG A 475 31.54 28.26 19.16
N GLU A 476 31.61 29.60 19.21
CA GLU A 476 30.59 30.45 18.64
C GLU A 476 30.46 30.22 17.14
N ALA A 477 31.60 30.00 16.48
CA ALA A 477 31.64 29.79 15.05
C ALA A 477 31.05 28.43 14.70
N PHE A 478 31.32 27.44 15.55
CA PHE A 478 30.87 26.08 15.29
C PHE A 478 29.35 25.95 15.39
N VAL A 479 28.79 26.46 16.48
CA VAL A 479 27.36 26.30 16.74
C VAL A 479 26.49 27.14 15.80
N GLU A 480 27.11 28.11 15.14
CA GLU A 480 26.41 29.04 14.25
C GLU A 480 25.51 28.33 13.23
N ASP A 481 26.07 27.35 12.53
CA ASP A 481 25.34 26.61 11.51
C ASP A 481 25.18 25.14 11.88
N TRP A 482 25.01 24.87 13.17
CA TRP A 482 24.85 23.50 13.65
C TRP A 482 23.38 23.09 13.60
N ILE A 483 22.86 22.96 12.38
CA ILE A 483 21.45 22.69 12.16
C ILE A 483 21.01 21.28 12.56
N GLN A 484 21.96 20.39 12.78
CA GLN A 484 21.65 18.98 13.06
C GLN A 484 21.13 18.75 14.48
N VAL A 485 21.28 19.75 15.35
CA VAL A 485 20.87 19.58 16.75
C VAL A 485 19.34 19.53 16.90
N PRO A 486 18.84 18.59 17.73
CA PRO A 486 17.40 18.50 18.00
C PRO A 486 16.87 19.71 18.78
N ASP A 487 17.70 20.25 19.67
CA ASP A 487 17.32 21.38 20.50
C ASP A 487 18.44 22.43 20.51
N GLU A 488 18.08 23.69 20.72
CA GLU A 488 19.07 24.77 20.75
C GLU A 488 19.94 24.71 22.01
N LYS A 489 19.57 23.85 22.95
CA LYS A 489 20.30 23.72 24.21
C LYS A 489 21.64 23.03 24.01
N PHE A 490 21.76 22.22 22.97
CA PHE A 490 23.00 21.51 22.69
C PHE A 490 24.10 22.49 22.27
N LYS A 491 23.70 23.58 21.64
CA LYS A 491 24.64 24.65 21.28
C LYS A 491 25.18 25.32 22.52
N LYS A 492 24.26 25.63 23.44
CA LYS A 492 24.60 26.36 24.66
C LYS A 492 25.51 25.54 25.57
N ILE A 493 25.34 24.23 25.54
CA ILE A 493 26.22 23.34 26.30
C ILE A 493 27.65 23.43 25.77
N PHE A 494 27.79 23.32 24.46
CA PHE A 494 29.12 23.31 23.83
C PHE A 494 29.82 24.66 23.96
N LEU A 495 29.04 25.73 24.07
CA LEU A 495 29.61 27.06 24.29
C LEU A 495 30.24 27.16 25.68
N GLU A 496 29.55 26.61 26.69
CA GLU A 496 30.04 26.65 28.06
C GLU A 496 31.22 25.70 28.30
N TRP A 497 31.23 24.59 27.57
CA TRP A 497 32.22 23.54 27.78
C TRP A 497 33.65 24.03 27.52
N GLU A 498 34.54 23.75 28.47
CA GLU A 498 35.93 24.21 28.39
C GLU A 498 36.89 23.07 28.70
N PRO A 499 38.11 23.14 28.16
CA PRO A 499 39.09 22.07 28.40
C PRO A 499 39.63 22.06 29.82
N ARG A 500 39.81 23.24 30.40
CA ARG A 500 40.30 23.36 31.76
C ARG A 500 39.40 24.28 32.58
N GLY A 501 39.42 24.10 33.90
CA GLY A 501 38.70 25.00 34.79
C GLY A 501 37.38 24.45 35.29
N GLU A 502 36.59 25.33 35.89
CA GLU A 502 35.33 24.97 36.54
C GLU A 502 34.32 24.35 35.57
N LYS A 503 34.41 24.72 34.31
CA LYS A 503 33.48 24.20 33.31
C LYS A 503 34.11 23.10 32.47
N SER A 504 34.81 22.19 33.12
CA SER A 504 35.43 21.06 32.43
C SER A 504 35.00 19.73 33.03
N MET A 505 35.37 18.65 32.36
CA MET A 505 35.06 17.30 32.82
C MET A 505 35.86 16.96 34.07
N PRO A 506 35.34 16.06 34.92
CA PRO A 506 34.07 15.33 34.79
C PRO A 506 32.83 16.06 35.33
N ASN A 507 33.04 17.21 35.97
CA ASN A 507 31.94 17.93 36.59
C ASN A 507 31.08 18.69 35.59
N PHE A 508 31.64 19.00 34.42
CA PHE A 508 30.88 19.64 33.35
C PHE A 508 31.18 18.96 32.01
N PRO A 509 30.15 18.74 31.17
CA PRO A 509 28.73 19.07 31.33
C PRO A 509 28.07 18.34 32.50
N THR A 510 27.00 18.92 33.04
CA THR A 510 26.31 18.33 34.19
C THR A 510 25.72 16.97 33.88
N VAL A 511 25.27 16.27 34.92
CA VAL A 511 24.71 14.95 34.76
C VAL A 511 23.56 14.95 33.77
N ASP A 512 22.68 15.95 33.89
CA ASP A 512 21.53 16.04 33.00
C ASP A 512 21.93 16.35 31.57
N MET A 513 22.97 17.16 31.40
CA MET A 513 23.48 17.47 30.07
C MET A 513 24.07 16.23 29.41
N CYS A 514 24.81 15.44 30.19
CA CYS A 514 25.43 14.22 29.68
C CYS A 514 24.39 13.20 29.24
N CYS A 515 23.29 13.14 29.97
CA CYS A 515 22.23 12.20 29.65
C CYS A 515 21.54 12.57 28.33
N ASP A 516 21.35 13.86 28.09
CA ASP A 516 20.72 14.34 26.86
C ASP A 516 21.64 14.15 25.65
N ILE A 517 22.94 14.28 25.87
CA ILE A 517 23.91 14.16 24.80
C ILE A 517 24.06 12.71 24.35
N VAL A 518 24.20 11.80 25.32
CA VAL A 518 24.32 10.38 25.01
C VAL A 518 23.05 9.85 24.36
N ASP A 519 21.90 10.35 24.81
CA ASP A 519 20.63 9.95 24.24
C ASP A 519 20.52 10.35 22.77
N TRP A 520 20.96 11.56 22.45
CA TRP A 520 20.93 12.03 21.07
C TRP A 520 21.85 11.21 20.19
N GLN A 521 23.08 11.01 20.64
CA GLN A 521 24.06 10.26 19.87
C GLN A 521 23.59 8.84 19.61
N GLU A 522 23.11 8.17 20.66
CA GLU A 522 22.63 6.80 20.51
C GLU A 522 21.44 6.70 19.57
N MET A 523 20.53 7.67 19.65
CA MET A 523 19.34 7.69 18.80
C MET A 523 19.72 7.70 17.31
N MET A 524 20.66 8.55 16.92
CA MET A 524 21.03 8.65 15.51
C MET A 524 21.59 7.33 14.99
N HIS A 525 22.31 6.60 15.83
CA HIS A 525 22.83 5.30 15.43
C HIS A 525 21.71 4.30 15.18
N TYR A 526 20.72 4.26 16.07
CA TYR A 526 19.63 3.31 15.92
C TYR A 526 18.77 3.62 14.70
N ILE A 527 18.68 4.89 14.34
CA ILE A 527 17.94 5.27 13.15
C ILE A 527 18.69 4.79 11.91
N ASP A 528 20.01 4.94 11.92
CA ASP A 528 20.85 4.50 10.81
C ASP A 528 20.76 3.00 10.59
N ASP A 529 20.74 2.26 11.70
CA ASP A 529 20.77 0.80 11.62
C ASP A 529 19.39 0.24 11.30
N ALA A 530 18.39 1.11 11.20
CA ALA A 530 17.07 0.67 10.79
C ALA A 530 16.87 0.98 9.32
N LEU A 531 17.41 2.14 8.93
CA LEU A 531 17.24 2.66 7.58
C LEU A 531 18.26 2.08 6.62
N GLY A 532 19.36 1.57 7.18
CA GLY A 532 20.45 1.02 6.38
C GLY A 532 21.45 2.07 5.96
N GLN A 533 21.27 3.28 6.47
CA GLN A 533 22.16 4.40 6.15
C GLN A 533 23.50 4.22 6.81
N CYS A 534 24.57 4.42 6.05
CA CYS A 534 25.91 4.36 6.61
C CYS A 534 26.09 5.45 7.66
N ALA A 535 26.66 5.09 8.80
CA ALA A 535 26.90 6.08 9.85
C ALA A 535 27.94 7.11 9.42
N GLY A 536 28.70 6.80 8.37
CA GLY A 536 29.72 7.71 7.86
C GLY A 536 29.15 9.01 7.32
N LEU A 537 27.86 9.01 7.02
CA LEU A 537 27.18 10.19 6.49
C LEU A 537 26.07 10.64 7.44
N SER A 538 26.02 10.01 8.61
CA SER A 538 24.97 10.31 9.57
C SER A 538 25.49 10.35 10.99
N SER A 539 25.25 9.30 11.77
CA SER A 539 25.48 9.34 13.20
C SER A 539 26.93 9.53 13.62
N PHE A 540 27.89 9.17 12.77
CA PHE A 540 29.28 9.16 13.20
C PHE A 540 30.02 10.51 13.12
N PRO A 541 29.96 11.22 11.98
CA PRO A 541 30.77 12.45 11.90
C PRO A 541 30.06 13.70 12.41
N LEU A 542 30.83 14.73 12.74
CA LEU A 542 30.26 16.02 13.11
C LEU A 542 29.56 16.66 11.92
N LYS A 543 28.41 17.28 12.17
CA LYS A 543 27.61 17.95 11.14
C LYS A 543 27.41 17.13 9.87
N PRO A 544 26.69 16.00 9.97
CA PRO A 544 26.42 15.11 8.83
C PRO A 544 25.32 15.66 7.92
N PRO A 545 25.22 15.15 6.68
CA PRO A 545 24.14 15.53 5.78
C PRO A 545 22.78 14.90 6.15
N TYR A 546 22.80 13.78 6.85
CA TYR A 546 21.57 13.19 7.40
C TYR A 546 21.43 13.54 8.88
N HIS A 547 20.26 13.98 9.28
CA HIS A 547 20.03 14.36 10.67
C HIS A 547 18.55 14.25 11.07
N ILE A 548 18.24 14.57 12.32
CA ILE A 548 16.91 14.34 12.87
C ILE A 548 15.81 15.16 12.18
N HIS A 549 16.21 16.19 11.44
CA HIS A 549 15.25 17.10 10.82
C HIS A 549 14.85 16.69 9.40
N ASN A 550 15.78 16.09 8.66
CA ASN A 550 15.44 15.71 7.28
C ASN A 550 15.16 14.21 7.15
N TYR A 551 15.61 13.42 8.12
CA TYR A 551 15.34 12.00 8.13
C TYR A 551 13.85 11.65 7.99
N PRO A 552 12.95 12.30 8.76
CA PRO A 552 11.53 11.97 8.57
C PRO A 552 11.04 12.25 7.15
N LYS A 553 11.62 13.25 6.49
CA LYS A 553 11.24 13.56 5.12
C LYS A 553 11.57 12.39 4.19
N PHE A 554 12.75 11.79 4.39
CA PHE A 554 13.19 10.65 3.60
C PHE A 554 12.26 9.45 3.78
N ILE A 555 11.95 9.16 5.03
CA ILE A 555 11.07 8.04 5.37
C ILE A 555 9.69 8.20 4.76
N ALA A 556 9.12 9.40 4.88
CA ALA A 556 7.78 9.67 4.35
C ALA A 556 7.77 9.61 2.82
N ALA A 557 8.75 10.23 2.16
CA ALA A 557 8.79 10.24 0.71
C ALA A 557 9.27 8.90 0.13
N GLY A 558 10.11 8.20 0.88
CA GLY A 558 10.60 6.90 0.46
C GLY A 558 9.63 5.75 0.69
N ALA A 559 9.21 5.58 1.93
CA ALA A 559 8.37 4.44 2.32
C ALA A 559 6.88 4.72 2.23
N GLY A 560 6.50 6.00 2.15
CA GLY A 560 5.10 6.36 2.02
C GLY A 560 4.30 6.15 3.28
N ILE A 561 4.90 6.46 4.42
CA ILE A 561 4.22 6.37 5.69
C ILE A 561 4.36 7.70 6.41
N GLU A 562 3.42 8.00 7.30
CA GLU A 562 3.47 9.27 8.02
C GLU A 562 4.67 9.26 8.96
N MET A 563 5.42 10.35 8.97
CA MET A 563 6.60 10.44 9.81
C MET A 563 7.02 11.88 10.03
N ASP A 564 7.28 12.23 11.28
CA ASP A 564 7.81 13.55 11.62
C ASP A 564 8.93 13.38 12.65
N THR A 565 9.50 14.50 13.10
CA THR A 565 10.60 14.46 14.03
C THR A 565 10.24 13.72 15.32
N GLU A 566 9.08 14.05 15.89
CA GLU A 566 8.66 13.44 17.15
C GLU A 566 8.34 11.96 17.00
N LYS A 567 7.62 11.60 15.93
CA LYS A 567 7.26 10.20 15.72
C LYS A 567 8.50 9.36 15.45
N LEU A 568 9.51 9.99 14.85
CA LEU A 568 10.77 9.30 14.56
C LEU A 568 11.58 9.07 15.83
N LYS A 569 11.67 10.10 16.67
CA LYS A 569 12.31 9.96 17.98
C LYS A 569 11.69 8.83 18.78
N LYS A 570 10.36 8.73 18.74
CA LYS A 570 9.64 7.71 19.50
C LYS A 570 9.87 6.32 18.91
N ALA A 571 9.84 6.23 17.58
CA ALA A 571 10.13 4.97 16.89
C ALA A 571 11.50 4.45 17.29
N ALA A 572 12.49 5.34 17.29
CA ALA A 572 13.85 4.97 17.63
C ALA A 572 13.90 4.44 19.05
N LYS A 573 13.16 5.10 19.94
CA LYS A 573 13.11 4.69 21.34
C LYS A 573 12.41 3.35 21.49
N ARG A 574 11.38 3.13 20.67
CA ARG A 574 10.59 1.91 20.75
C ARG A 574 11.44 0.66 20.57
N TYR A 575 12.21 0.56 19.48
CA TYR A 575 12.97 -0.68 19.30
C TYR A 575 14.31 -0.66 20.02
N ARG A 576 14.78 0.52 20.43
CA ARG A 576 15.96 0.57 21.28
C ARG A 576 15.66 -0.02 22.66
N THR A 577 14.44 0.18 23.17
CA THR A 577 14.11 -0.40 24.46
C THR A 577 13.68 -1.85 24.27
N LEU A 578 13.25 -2.19 23.06
CA LEU A 578 12.92 -3.57 22.73
C LEU A 578 14.18 -4.43 22.74
N VAL A 579 15.26 -3.89 22.19
CA VAL A 579 16.55 -4.56 22.22
C VAL A 579 17.01 -4.69 23.67
N ARG A 580 16.84 -3.61 24.43
CA ARG A 580 17.11 -3.63 25.87
C ARG A 580 16.33 -4.74 26.55
N ALA A 581 15.05 -4.85 26.21
CA ALA A 581 14.16 -5.86 26.80
C ALA A 581 14.63 -7.28 26.49
N PHE A 582 15.17 -7.48 25.29
CA PHE A 582 15.65 -8.78 24.89
C PHE A 582 16.83 -9.22 25.75
N ASN A 583 17.75 -8.30 25.98
CA ASN A 583 18.92 -8.58 26.80
C ASN A 583 18.57 -8.77 28.27
N ILE A 584 17.54 -8.07 28.73
CA ILE A 584 17.03 -8.26 30.08
C ILE A 584 16.53 -9.68 30.25
N ARG A 585 15.76 -10.15 29.27
CA ARG A 585 15.17 -11.48 29.33
C ARG A 585 16.25 -12.56 29.26
N ARG A 586 17.43 -12.20 28.78
CA ARG A 586 18.56 -13.13 28.75
C ARG A 586 19.49 -12.96 29.95
N GLY A 587 19.07 -12.17 30.93
CA GLY A 587 19.78 -12.12 32.20
C GLY A 587 20.63 -10.89 32.50
N MET A 588 20.64 -9.92 31.60
CA MET A 588 21.41 -8.69 31.82
C MET A 588 20.80 -7.83 32.92
N ARG A 589 21.63 -7.33 33.83
CA ARG A 589 21.18 -6.43 34.87
C ARG A 589 22.13 -5.24 35.03
N ARG A 590 21.83 -4.35 35.97
CA ARG A 590 22.64 -3.15 36.19
C ARG A 590 24.09 -3.49 36.51
N VAL A 591 24.31 -4.66 37.10
CA VAL A 591 25.64 -5.10 37.51
C VAL A 591 26.60 -5.29 36.33
N ASP A 592 26.05 -5.69 35.18
CA ASP A 592 26.86 -5.96 34.00
C ASP A 592 27.24 -4.66 33.28
N GLU A 593 26.55 -3.59 33.63
CA GLU A 593 26.74 -2.30 32.97
C GLU A 593 27.84 -1.49 33.65
N GLN A 594 29.04 -2.06 33.69
CA GLN A 594 30.20 -1.36 34.23
C GLN A 594 31.35 -1.42 33.25
N PRO A 595 32.14 -0.34 33.17
CA PRO A 595 33.34 -0.33 32.34
C PRO A 595 34.46 -1.12 33.02
N PRO A 596 35.54 -1.43 32.29
CA PRO A 596 36.70 -2.10 32.92
C PRO A 596 37.24 -1.28 34.08
N ALA A 597 37.79 -1.96 35.09
CA ALA A 597 38.25 -1.28 36.31
C ALA A 597 39.32 -0.24 36.03
N ASN A 598 40.26 -0.56 35.14
CA ASN A 598 41.36 0.34 34.84
C ASN A 598 41.11 1.24 33.65
N HIS A 599 39.85 1.42 33.26
CA HIS A 599 39.54 2.17 32.05
C HIS A 599 39.91 3.65 32.17
N TRP A 600 39.78 4.18 33.39
CA TRP A 600 40.28 5.51 33.69
C TRP A 600 41.15 5.44 34.94
N LYS A 601 42.07 6.39 35.07
CA LYS A 601 42.93 6.45 36.24
C LYS A 601 42.30 7.31 37.33
N ASN A 602 41.35 8.15 36.93
CA ASN A 602 40.63 9.02 37.86
C ASN A 602 39.14 8.67 37.92
N ARG A 603 38.73 7.91 38.93
CA ARG A 603 37.34 7.48 39.04
C ARG A 603 36.59 8.25 40.12
N PHE A 604 35.28 8.34 39.96
CA PHE A 604 34.43 9.07 40.89
C PHE A 604 33.12 8.33 41.10
N PRO A 605 33.11 7.40 42.07
CA PRO A 605 32.00 6.48 42.35
C PRO A 605 30.66 7.17 42.54
N GLU A 606 30.62 8.28 43.28
CA GLU A 606 29.36 8.97 43.54
C GLU A 606 28.85 9.68 42.29
N LEU A 607 29.77 10.25 41.51
CA LEU A 607 29.40 10.88 40.25
C LEU A 607 28.93 9.84 39.23
N GLU A 608 29.62 8.71 39.18
CA GLU A 608 29.27 7.65 38.23
C GLU A 608 27.90 7.05 38.54
N LYS A 609 27.58 6.95 39.82
CA LYS A 609 26.30 6.41 40.26
C LYS A 609 25.16 7.32 39.85
N GLU A 610 25.33 8.62 40.07
CA GLU A 610 24.32 9.61 39.71
C GLU A 610 24.11 9.68 38.19
N LEU A 611 25.21 9.51 37.44
CA LEU A 611 25.13 9.49 35.99
C LEU A 611 24.20 8.37 35.52
N LEU A 612 24.50 7.14 35.94
CA LEU A 612 23.74 5.98 35.50
C LEU A 612 22.30 6.03 36.02
N ASP A 613 22.13 6.52 37.25
CA ASP A 613 20.81 6.71 37.84
C ASP A 613 19.95 7.64 37.00
N SER A 614 20.51 8.80 36.64
CA SER A 614 19.78 9.79 35.85
C SER A 614 19.49 9.30 34.44
N TYR A 615 20.42 8.54 33.87
CA TYR A 615 20.25 8.05 32.51
C TYR A 615 19.11 7.04 32.43
N TYR A 616 19.07 6.12 33.39
CA TYR A 616 18.00 5.14 33.47
C TYR A 616 16.63 5.81 33.56
N LYS A 617 16.54 6.88 34.34
CA LYS A 617 15.29 7.61 34.50
C LYS A 617 14.87 8.27 33.21
N LEU A 618 15.83 8.87 32.51
CA LEU A 618 15.57 9.50 31.21
C LEU A 618 15.12 8.46 30.18
N LYS A 619 15.73 7.28 30.22
CA LYS A 619 15.36 6.19 29.33
C LYS A 619 13.99 5.60 29.68
N GLY A 620 13.57 5.76 30.93
CA GLY A 620 12.31 5.22 31.39
C GLY A 620 12.46 3.83 31.97
N TRP A 621 13.66 3.53 32.47
CA TRP A 621 13.95 2.22 33.07
C TRP A 621 14.03 2.39 34.59
N ASN A 622 13.92 1.29 35.35
CA ASN A 622 14.10 1.40 36.79
C ASN A 622 15.58 1.39 37.18
N ASP A 623 15.85 1.28 38.47
CA ASP A 623 17.22 1.40 38.98
C ASP A 623 18.06 0.15 38.72
N ASP A 624 17.43 -0.91 38.24
CA ASP A 624 18.18 -2.12 37.88
C ASP A 624 18.36 -2.23 36.37
N GLY A 625 17.98 -1.18 35.64
CA GLY A 625 18.18 -1.12 34.20
C GLY A 625 17.09 -1.77 33.38
N ILE A 626 15.94 -1.99 34.00
CA ILE A 626 14.82 -2.65 33.34
C ILE A 626 13.74 -1.66 32.97
N PRO A 627 13.30 -1.66 31.70
CA PRO A 627 12.21 -0.81 31.26
C PRO A 627 10.96 -1.03 32.11
N THR A 628 10.40 0.05 32.67
CA THR A 628 9.24 -0.07 33.54
C THR A 628 7.98 -0.35 32.73
N LYS A 629 6.96 -0.87 33.41
CA LYS A 629 5.68 -1.18 32.79
C LYS A 629 5.10 0.05 32.11
N GLU A 630 5.16 1.18 32.80
CA GLU A 630 4.59 2.43 32.32
C GLU A 630 5.18 2.87 30.99
N THR A 631 6.50 2.89 30.91
CA THR A 631 7.17 3.34 29.70
C THR A 631 7.02 2.32 28.56
N LEU A 632 6.87 1.05 28.92
CA LEU A 632 6.62 0.01 27.91
C LEU A 632 5.25 0.19 27.27
N ASP A 633 4.22 0.39 28.10
CA ASP A 633 2.87 0.62 27.61
C ASP A 633 2.82 1.85 26.71
N ASP A 634 3.54 2.90 27.09
CA ASP A 634 3.56 4.14 26.34
C ASP A 634 4.18 3.98 24.95
N LEU A 635 5.14 3.08 24.85
CA LEU A 635 5.84 2.84 23.58
C LEU A 635 5.09 1.85 22.70
N GLY A 636 4.02 1.27 23.22
CA GLY A 636 3.29 0.26 22.49
C GLY A 636 3.89 -1.11 22.67
N LEU A 637 4.72 -1.24 23.70
CA LEU A 637 5.37 -2.50 24.02
C LEU A 637 4.69 -3.16 25.22
N GLY A 638 3.36 -3.15 25.20
CA GLY A 638 2.56 -3.74 26.25
C GLY A 638 2.79 -5.23 26.40
N TYR A 639 2.99 -5.92 25.28
CA TYR A 639 3.23 -7.36 25.31
C TYR A 639 4.57 -7.67 25.97
N VAL A 640 5.49 -6.71 25.93
CA VAL A 640 6.77 -6.86 26.61
C VAL A 640 6.56 -6.82 28.11
N GLY A 641 5.81 -5.83 28.57
CA GLY A 641 5.53 -5.66 29.98
C GLY A 641 4.85 -6.85 30.61
N ASP A 642 3.87 -7.41 29.92
CA ASP A 642 3.14 -8.57 30.41
C ASP A 642 4.07 -9.76 30.63
N GLU A 643 4.99 -9.99 29.71
CA GLU A 643 5.90 -11.12 29.83
C GLU A 643 6.87 -10.92 30.98
N PHE A 644 7.26 -9.68 31.23
CA PHE A 644 8.16 -9.37 32.35
C PHE A 644 7.49 -9.68 33.68
N ILE A 645 6.21 -9.33 33.80
CA ILE A 645 5.44 -9.59 35.01
C ILE A 645 5.25 -11.10 35.20
N LYS A 646 4.92 -11.78 34.10
CA LYS A 646 4.72 -13.23 34.11
C LYS A 646 6.01 -13.97 34.41
N ARG A 647 7.14 -13.43 33.97
CA ARG A 647 8.44 -14.03 34.24
C ARG A 647 9.04 -13.54 35.56
N GLY A 648 8.32 -12.66 36.24
CA GLY A 648 8.78 -12.12 37.51
C GLY A 648 9.93 -11.13 37.38
N ILE A 649 10.13 -10.61 36.18
CA ILE A 649 11.16 -9.61 35.93
C ILE A 649 10.69 -8.24 36.43
N LEU A 650 9.37 -8.02 36.39
CA LEU A 650 8.76 -6.84 36.98
C LEU A 650 7.65 -7.22 37.95
N SER A 651 7.47 -6.40 39.00
CA SER A 651 6.40 -6.62 39.96
C SER A 651 5.07 -6.09 39.43
N ALA A 652 4.00 -6.83 39.68
CA ALA A 652 2.68 -6.44 39.22
C ALA A 652 2.15 -5.23 40.00
N MET B 1 -0.44 0.50 0.94
CA MET B 1 -1.75 0.45 1.57
C MET B 1 -2.63 -0.58 0.88
N ARG B 2 -3.34 -1.39 1.67
CA ARG B 2 -4.33 -2.31 1.12
C ARG B 2 -5.70 -1.64 1.06
N TYR B 3 -6.49 -1.98 0.05
CA TYR B 3 -7.81 -1.40 -0.12
C TYR B 3 -8.88 -2.46 -0.26
N ALA B 4 -10.10 -2.13 0.20
CA ALA B 4 -11.26 -3.02 0.17
C ALA B 4 -11.06 -4.25 1.06
N GLU B 5 -9.95 -4.95 0.89
CA GLU B 5 -9.54 -5.97 1.83
C GLU B 5 -8.82 -5.29 2.99
N THR B 6 -8.79 -5.95 4.15
CA THR B 6 -8.09 -5.40 5.29
C THR B 6 -6.62 -5.84 5.27
N GLY B 7 -6.33 -6.97 4.65
CA GLY B 7 -4.97 -7.46 4.54
C GLY B 7 -4.50 -8.34 5.70
N TYR B 8 -5.43 -8.72 6.57
CA TYR B 8 -5.09 -9.53 7.74
C TYR B 8 -6.03 -10.70 7.94
N VAL B 9 -5.54 -11.78 8.50
CA VAL B 9 -6.40 -12.88 8.90
C VAL B 9 -6.09 -13.28 10.33
N LEU B 10 -7.04 -13.97 10.96
CA LEU B 10 -6.86 -14.52 12.30
C LEU B 10 -6.62 -16.03 12.24
N GLU B 11 -5.45 -16.45 12.71
CA GLU B 11 -5.13 -17.86 12.81
C GLU B 11 -5.43 -18.33 14.22
N VAL B 12 -6.34 -19.30 14.34
CA VAL B 12 -6.73 -19.79 15.65
C VAL B 12 -6.52 -21.30 15.78
N ASP B 13 -5.69 -21.70 16.73
CA ASP B 13 -5.46 -23.10 17.03
C ASP B 13 -6.22 -23.49 18.30
N LEU B 14 -7.38 -24.11 18.12
CA LEU B 14 -8.27 -24.45 19.22
C LEU B 14 -7.70 -25.47 20.19
N THR B 15 -6.66 -26.20 19.78
CA THR B 15 -6.07 -27.20 20.65
C THR B 15 -5.19 -26.53 21.69
N LYS B 16 -4.49 -25.48 21.27
CA LYS B 16 -3.54 -24.80 22.13
C LYS B 16 -4.12 -23.52 22.74
N GLY B 17 -5.17 -23.00 22.15
CA GLY B 17 -5.76 -21.76 22.60
C GLY B 17 -5.03 -20.53 22.07
N SER B 18 -4.22 -20.72 21.03
CA SER B 18 -3.40 -19.64 20.48
C SER B 18 -4.14 -18.82 19.43
N ILE B 19 -3.94 -17.52 19.47
CA ILE B 19 -4.57 -16.61 18.51
C ILE B 19 -3.51 -15.70 17.88
N GLU B 20 -3.49 -15.65 16.56
CA GLU B 20 -2.46 -14.85 15.89
C GLU B 20 -3.05 -14.07 14.72
N ARG B 21 -2.67 -12.81 14.62
CA ARG B 21 -3.01 -12.03 13.43
C ARG B 21 -1.85 -12.11 12.45
N VAL B 22 -2.18 -12.43 11.20
CA VAL B 22 -1.17 -12.58 10.16
C VAL B 22 -1.51 -11.73 8.96
N ALA B 23 -0.52 -10.98 8.44
CA ALA B 23 -0.69 -10.21 7.23
C ALA B 23 -0.73 -11.13 6.01
N THR B 24 -1.54 -10.78 5.02
CA THR B 24 -1.69 -11.61 3.84
C THR B 24 -0.79 -11.15 2.69
N ASP B 25 -0.69 -12.01 1.67
CA ASP B 25 0.11 -11.73 0.50
C ASP B 25 -0.74 -11.10 -0.59
N PRO B 26 -0.43 -9.84 -0.96
CA PRO B 26 -1.20 -9.10 -1.96
C PRO B 26 -1.21 -9.77 -3.34
N ARG B 27 -0.22 -10.62 -3.62
CA ARG B 27 -0.20 -11.41 -4.84
C ARG B 27 -1.37 -12.41 -4.90
N ASP B 28 -1.71 -12.99 -3.76
CA ASP B 28 -2.86 -13.91 -3.69
C ASP B 28 -4.17 -13.23 -4.04
N THR B 29 -4.26 -11.94 -3.74
CA THR B 29 -5.43 -11.15 -4.10
C THR B 29 -5.50 -10.94 -5.61
N GLU B 30 -4.34 -10.77 -6.24
CA GLU B 30 -4.27 -10.57 -7.68
C GLU B 30 -4.60 -11.83 -8.46
N LEU B 31 -4.34 -12.99 -7.87
CA LEU B 31 -4.58 -14.26 -8.54
C LEU B 31 -5.97 -14.85 -8.27
N TYR B 32 -6.43 -14.74 -7.01
CA TYR B 32 -7.62 -15.44 -6.58
C TYR B 32 -8.68 -14.50 -6.00
N LEU B 33 -8.49 -13.20 -6.19
CA LEU B 33 -9.44 -12.15 -5.75
C LEU B 33 -9.72 -12.12 -4.24
N GLY B 34 -10.38 -13.14 -3.72
CA GLY B 34 -10.72 -13.15 -2.31
C GLY B 34 -11.83 -14.16 -2.06
N GLY B 35 -12.46 -14.07 -0.89
CA GLY B 35 -13.58 -14.94 -0.57
C GLY B 35 -13.28 -16.41 -0.79
N LEU B 36 -14.08 -17.04 -1.64
CA LEU B 36 -13.90 -18.45 -1.99
C LEU B 36 -12.52 -18.71 -2.64
N GLY B 37 -12.08 -17.77 -3.48
CA GLY B 37 -10.83 -17.94 -4.21
C GLY B 37 -9.64 -18.12 -3.30
N THR B 38 -9.46 -17.19 -2.38
CA THR B 38 -8.34 -17.27 -1.44
C THR B 38 -8.52 -18.41 -0.41
N ASN B 39 -9.78 -18.77 -0.10
CA ASN B 39 -10.02 -19.97 0.71
C ASN B 39 -9.44 -21.21 0.05
N ALA B 40 -9.71 -21.37 -1.25
CA ALA B 40 -9.26 -22.54 -1.99
C ALA B 40 -7.75 -22.68 -1.92
N LYS B 41 -7.04 -21.55 -2.08
CA LYS B 41 -5.59 -21.51 -1.99
C LYS B 41 -5.11 -22.01 -0.64
N ILE B 42 -5.77 -21.56 0.42
CA ILE B 42 -5.41 -21.97 1.79
C ILE B 42 -5.62 -23.46 2.02
N LEU B 43 -6.74 -23.98 1.55
CA LEU B 43 -7.04 -25.40 1.73
C LEU B 43 -6.11 -26.27 0.89
N TRP B 44 -5.80 -25.82 -0.32
CA TRP B 44 -4.97 -26.60 -1.22
C TRP B 44 -3.61 -26.97 -0.62
N ASP B 45 -2.89 -25.98 -0.10
CA ASP B 45 -1.55 -26.25 0.39
C ASP B 45 -1.46 -26.40 1.91
N ARG B 46 -2.60 -26.57 2.57
CA ARG B 46 -2.57 -26.85 4.01
C ARG B 46 -3.42 -28.05 4.42
N VAL B 47 -4.24 -28.56 3.51
CA VAL B 47 -5.07 -29.72 3.81
C VAL B 47 -4.89 -30.84 2.79
N PRO B 48 -3.86 -31.67 2.99
CA PRO B 48 -3.53 -32.80 2.09
C PRO B 48 -4.63 -33.86 2.12
N PRO B 49 -4.69 -34.72 1.09
CA PRO B 49 -5.78 -35.69 0.93
C PRO B 49 -5.92 -36.71 2.08
N GLU B 50 -4.86 -36.90 2.87
CA GLU B 50 -4.91 -37.84 3.98
C GLU B 50 -5.65 -37.27 5.20
N VAL B 51 -6.00 -35.99 5.14
CA VAL B 51 -6.73 -35.36 6.24
C VAL B 51 -8.21 -35.71 6.20
N GLU B 52 -8.72 -36.20 7.34
CA GLU B 52 -10.14 -36.52 7.49
C GLU B 52 -10.93 -35.29 7.93
N PRO B 53 -12.24 -35.26 7.60
CA PRO B 53 -13.07 -34.13 8.01
C PRO B 53 -13.09 -33.90 9.51
N PHE B 54 -13.10 -34.97 10.31
CA PHE B 54 -13.18 -34.84 11.76
C PHE B 54 -11.82 -35.06 12.41
N SER B 55 -10.77 -34.62 11.76
CA SER B 55 -9.44 -34.68 12.35
C SER B 55 -8.94 -33.25 12.61
N PRO B 56 -8.07 -33.09 13.62
CA PRO B 56 -7.61 -31.74 14.02
C PRO B 56 -6.98 -30.94 12.88
N GLU B 57 -6.41 -31.64 11.88
CA GLU B 57 -5.72 -30.97 10.78
C GLU B 57 -6.69 -30.35 9.76
N ASN B 58 -7.96 -30.76 9.80
CA ASN B 58 -8.96 -30.12 8.95
C ASN B 58 -9.14 -28.67 9.38
N LEU B 59 -9.37 -27.79 8.41
CA LEU B 59 -9.54 -26.37 8.69
C LEU B 59 -10.99 -25.95 8.54
N LEU B 60 -11.42 -25.02 9.38
CA LEU B 60 -12.71 -24.36 9.21
C LEU B 60 -12.44 -22.88 8.98
N ILE B 61 -12.67 -22.41 7.76
CA ILE B 61 -12.36 -21.03 7.40
C ILE B 61 -13.62 -20.15 7.30
N PHE B 62 -13.61 -19.00 7.96
CA PHE B 62 -14.69 -18.01 7.78
C PHE B 62 -14.15 -16.84 6.98
N ALA B 63 -14.69 -16.59 5.80
CA ALA B 63 -14.13 -15.53 4.97
C ALA B 63 -15.16 -14.46 4.60
N ALA B 64 -14.72 -13.21 4.62
CA ALA B 64 -15.50 -12.11 4.07
C ALA B 64 -15.06 -11.86 2.64
N GLY B 65 -16.01 -11.63 1.74
CA GLY B 65 -15.66 -11.32 0.37
C GLY B 65 -14.85 -10.04 0.25
N LEU B 66 -14.11 -9.92 -0.86
CA LEU B 66 -13.23 -8.79 -1.09
C LEU B 66 -13.90 -7.41 -0.92
N LEU B 67 -15.12 -7.28 -1.42
CA LEU B 67 -15.78 -5.98 -1.39
C LEU B 67 -16.81 -5.82 -0.26
N CYS B 68 -16.96 -6.83 0.61
CA CYS B 68 -17.76 -6.67 1.82
C CYS B 68 -17.23 -5.53 2.65
N GLY B 69 -18.14 -4.75 3.23
CA GLY B 69 -17.77 -3.61 4.06
C GLY B 69 -17.58 -2.34 3.25
N THR B 70 -17.77 -2.42 1.94
CA THR B 70 -17.74 -1.24 1.08
C THR B 70 -19.19 -0.81 0.80
N PRO B 71 -19.40 0.40 0.26
CA PRO B 71 -20.78 0.80 -0.05
C PRO B 71 -21.50 -0.04 -1.11
N ALA B 72 -20.84 -1.04 -1.70
CA ALA B 72 -21.46 -1.86 -2.75
C ALA B 72 -22.72 -2.56 -2.27
N THR B 73 -23.84 -2.23 -2.91
CA THR B 73 -25.15 -2.76 -2.57
C THR B 73 -25.18 -4.28 -2.52
N GLY B 74 -25.67 -4.84 -1.42
CA GLY B 74 -25.82 -6.28 -1.30
C GLY B 74 -24.52 -7.06 -1.19
N CYS B 75 -23.42 -6.37 -0.95
CA CYS B 75 -22.13 -7.06 -0.84
C CYS B 75 -21.80 -7.41 0.60
N ASN B 76 -22.15 -8.62 1.02
CA ASN B 76 -22.19 -8.91 2.45
C ASN B 76 -21.99 -10.39 2.81
N ARG B 77 -21.63 -11.20 1.83
CA ARG B 77 -21.63 -12.64 2.03
C ARG B 77 -20.40 -13.17 2.74
N THR B 78 -20.62 -14.03 3.73
CA THR B 78 -19.56 -14.83 4.32
C THR B 78 -19.43 -16.15 3.57
N ILE B 79 -18.18 -16.54 3.30
CA ILE B 79 -17.88 -17.82 2.65
C ILE B 79 -17.17 -18.74 3.64
N VAL B 80 -17.82 -19.85 3.99
CA VAL B 80 -17.29 -20.81 4.94
C VAL B 80 -16.73 -22.01 4.18
N SER B 81 -15.48 -22.36 4.41
CA SER B 81 -14.86 -23.47 3.66
C SER B 81 -14.25 -24.50 4.58
N THR B 82 -14.40 -25.77 4.18
CA THR B 82 -13.82 -26.89 4.91
C THR B 82 -13.87 -28.15 4.04
N VAL B 83 -13.48 -29.29 4.61
CA VAL B 83 -13.73 -30.57 3.95
C VAL B 83 -14.99 -31.20 4.53
N SER B 84 -15.94 -31.51 3.66
CA SER B 84 -17.23 -32.05 4.08
C SER B 84 -17.15 -33.45 4.70
N PRO B 85 -17.86 -33.64 5.83
CA PRO B 85 -17.96 -34.99 6.42
C PRO B 85 -18.88 -35.91 5.63
N GLN B 86 -19.72 -35.35 4.77
CA GLN B 86 -20.64 -36.18 3.99
C GLN B 86 -20.05 -36.59 2.64
N THR B 87 -19.52 -35.62 1.90
CA THR B 87 -19.08 -35.88 0.54
C THR B 87 -17.60 -36.23 0.50
N LYS B 88 -16.90 -35.89 1.57
CA LYS B 88 -15.45 -36.07 1.69
C LYS B 88 -14.69 -35.17 0.70
N LEU B 89 -15.42 -34.32 0.01
CA LEU B 89 -14.82 -33.32 -0.89
C LEU B 89 -14.81 -31.96 -0.21
N MET B 90 -14.33 -30.95 -0.91
CA MET B 90 -14.36 -29.59 -0.37
C MET B 90 -15.81 -29.14 -0.20
N ALA B 91 -16.04 -28.35 0.83
CA ALA B 91 -17.35 -27.78 1.03
C ALA B 91 -17.21 -26.30 1.26
N PHE B 92 -17.74 -25.49 0.36
CA PHE B 92 -17.91 -24.08 0.67
C PHE B 92 -19.40 -23.79 0.85
N SER B 93 -19.72 -22.84 1.72
CA SER B 93 -21.10 -22.53 2.06
C SER B 93 -21.26 -21.04 2.27
N MET B 94 -22.31 -20.46 1.70
CA MET B 94 -22.48 -19.02 1.74
C MET B 94 -23.55 -18.58 2.74
N MET B 95 -23.26 -17.46 3.40
CA MET B 95 -24.08 -16.92 4.45
C MET B 95 -24.21 -15.41 4.28
N GLY B 96 -25.46 -14.93 4.16
CA GLY B 96 -25.72 -13.51 4.01
C GLY B 96 -25.80 -12.79 5.33
N GLY B 97 -26.65 -11.76 5.38
CA GLY B 97 -26.87 -11.05 6.62
C GLY B 97 -25.86 -9.94 6.91
N PHE B 98 -25.31 -9.98 8.12
CA PHE B 98 -24.56 -8.83 8.62
C PHE B 98 -23.20 -9.22 9.19
N TRP B 99 -22.84 -10.50 9.10
CA TRP B 99 -21.67 -11.00 9.78
C TRP B 99 -20.36 -10.63 9.04
N ALA B 100 -20.32 -10.85 7.73
CA ALA B 100 -19.07 -10.60 6.98
C ALA B 100 -18.60 -9.13 7.02
N PRO B 101 -19.53 -8.17 6.79
CA PRO B 101 -19.13 -6.76 6.93
C PRO B 101 -18.57 -6.40 8.32
N GLU B 102 -19.19 -6.92 9.38
CA GLU B 102 -18.72 -6.66 10.74
C GLU B 102 -17.26 -7.12 10.92
N LEU B 103 -16.95 -8.29 10.36
CA LEU B 103 -15.59 -8.81 10.39
C LEU B 103 -14.60 -7.83 9.73
N LYS B 104 -14.98 -7.28 8.58
CA LYS B 104 -14.16 -6.27 7.90
C LYS B 104 -14.02 -5.02 8.76
N TYR B 105 -15.10 -4.59 9.41
CA TYR B 105 -15.04 -3.40 10.27
C TYR B 105 -14.22 -3.68 11.53
N ALA B 106 -14.10 -4.96 11.87
CA ALA B 106 -13.22 -5.39 12.97
C ALA B 106 -11.74 -5.40 12.53
N GLY B 107 -11.51 -5.52 11.21
CA GLY B 107 -10.17 -5.43 10.66
C GLY B 107 -9.58 -6.70 10.07
N TYR B 108 -10.43 -7.66 9.74
CA TYR B 108 -9.94 -8.96 9.29
C TYR B 108 -10.63 -9.45 8.03
N ASP B 109 -9.92 -10.21 7.20
CA ASP B 109 -10.50 -10.76 5.99
C ASP B 109 -11.01 -12.19 6.22
N LYS B 110 -10.33 -12.93 7.08
CA LYS B 110 -10.67 -14.32 7.33
C LYS B 110 -10.40 -14.70 8.78
N ILE B 111 -11.05 -15.76 9.22
CA ILE B 111 -10.64 -16.50 10.41
C ILE B 111 -10.43 -17.95 10.04
N ILE B 112 -9.23 -18.46 10.30
CA ILE B 112 -8.90 -19.86 10.04
C ILE B 112 -8.77 -20.64 11.36
N PHE B 113 -9.65 -21.61 11.56
CA PHE B 113 -9.63 -22.46 12.74
C PHE B 113 -8.97 -23.79 12.48
N ARG B 114 -8.03 -24.19 13.33
CA ARG B 114 -7.44 -25.52 13.27
C ARG B 114 -7.50 -26.17 14.64
N GLY B 115 -7.27 -27.47 14.70
CA GLY B 115 -7.28 -28.20 15.95
C GLY B 115 -8.68 -28.37 16.54
N LYS B 116 -8.75 -29.01 17.70
CA LYS B 116 -10.02 -29.16 18.40
C LYS B 116 -9.92 -28.63 19.82
N SER B 117 -10.98 -27.97 20.28
CA SER B 117 -11.04 -27.58 21.67
C SER B 117 -11.64 -28.73 22.47
N PRO B 118 -11.03 -29.06 23.61
CA PRO B 118 -11.54 -30.16 24.45
C PRO B 118 -12.87 -29.77 25.10
N GLU B 119 -13.03 -28.48 25.36
CA GLU B 119 -14.24 -27.97 25.96
C GLU B 119 -14.99 -27.05 24.99
N LEU B 120 -16.30 -26.98 25.16
CA LEU B 120 -17.13 -26.11 24.33
C LEU B 120 -16.76 -24.66 24.55
N VAL B 121 -16.39 -23.97 23.48
CA VAL B 121 -15.96 -22.58 23.59
C VAL B 121 -16.59 -21.72 22.49
N TYR B 122 -16.46 -20.40 22.63
CA TYR B 122 -16.76 -19.52 21.49
C TYR B 122 -15.70 -18.43 21.37
N LEU B 123 -15.56 -17.89 20.17
CA LEU B 123 -14.55 -16.87 19.90
C LEU B 123 -15.17 -15.47 19.91
N TYR B 124 -14.54 -14.56 20.65
CA TYR B 124 -15.05 -13.20 20.76
C TYR B 124 -14.06 -12.20 20.16
N ILE B 125 -14.47 -11.56 19.06
CA ILE B 125 -13.67 -10.53 18.41
C ILE B 125 -14.28 -9.15 18.61
N ASN B 126 -13.49 -8.23 19.14
CA ASN B 126 -13.90 -6.83 19.23
C ASN B 126 -12.74 -5.94 18.82
N ASN B 127 -12.73 -5.55 17.55
CA ASN B 127 -11.61 -4.86 16.93
C ASN B 127 -10.28 -5.62 17.13
N ASP B 128 -9.31 -5.01 17.78
CA ASP B 128 -8.02 -5.65 17.97
C ASP B 128 -8.03 -6.68 19.09
N LYS B 129 -9.12 -6.71 19.85
CA LYS B 129 -9.24 -7.58 21.01
C LYS B 129 -9.90 -8.90 20.64
N VAL B 130 -9.17 -10.00 20.80
CA VAL B 130 -9.68 -11.32 20.45
C VAL B 130 -9.45 -12.26 21.60
N GLU B 131 -10.47 -13.06 21.95
CA GLU B 131 -10.29 -14.03 23.02
C GLU B 131 -11.25 -15.20 22.92
N ILE B 132 -10.83 -16.34 23.46
CA ILE B 132 -11.63 -17.54 23.51
C ILE B 132 -12.35 -17.62 24.84
N ARG B 133 -13.68 -17.75 24.79
CA ARG B 133 -14.51 -17.80 25.99
C ARG B 133 -15.10 -19.20 26.20
N ASP B 134 -15.27 -19.57 27.47
CA ASP B 134 -15.99 -20.80 27.80
C ASP B 134 -17.47 -20.71 27.39
N ALA B 135 -18.00 -21.81 26.86
CA ALA B 135 -19.38 -21.82 26.38
C ALA B 135 -20.14 -23.04 26.88
N SER B 136 -19.74 -23.58 28.03
CA SER B 136 -20.37 -24.78 28.57
C SER B 136 -21.82 -24.53 28.98
N HIS B 137 -22.11 -23.30 29.41
CA HIS B 137 -23.46 -22.92 29.79
C HIS B 137 -24.37 -22.80 28.57
N LEU B 138 -23.78 -22.88 27.37
CA LEU B 138 -24.54 -22.74 26.14
C LEU B 138 -24.86 -24.09 25.51
N LYS B 139 -24.37 -25.16 26.12
CA LYS B 139 -24.55 -26.51 25.58
C LYS B 139 -26.00 -26.87 25.29
N GLY B 140 -26.29 -27.18 24.03
CA GLY B 140 -27.61 -27.64 23.63
C GLY B 140 -28.54 -26.55 23.17
N LYS B 141 -28.18 -25.30 23.46
CA LYS B 141 -29.00 -24.15 23.05
C LYS B 141 -29.11 -24.03 21.54
N GLY B 142 -30.26 -23.54 21.08
CA GLY B 142 -30.47 -23.29 19.67
C GLY B 142 -29.50 -22.25 19.15
N ALA B 143 -29.34 -22.16 17.84
CA ALA B 143 -28.37 -21.24 17.28
C ALA B 143 -28.79 -19.77 17.47
N ILE B 144 -30.09 -19.49 17.44
CA ILE B 144 -30.60 -18.13 17.64
C ILE B 144 -30.59 -17.76 19.12
N GLU B 145 -31.16 -18.66 19.92
CA GLU B 145 -31.12 -18.59 21.37
C GLU B 145 -29.72 -18.26 21.90
N THR B 146 -28.72 -18.96 21.36
CA THR B 146 -27.32 -18.77 21.75
C THR B 146 -26.86 -17.33 21.50
N ALA B 147 -27.14 -16.79 20.32
CA ALA B 147 -26.76 -15.42 19.99
C ALA B 147 -27.27 -14.41 21.01
N GLU B 148 -28.54 -14.51 21.39
CA GLU B 148 -29.13 -13.57 22.31
C GLU B 148 -28.52 -13.66 23.71
N ILE B 149 -28.33 -14.89 24.19
CA ILE B 149 -27.69 -15.08 25.48
C ILE B 149 -26.31 -14.45 25.52
N ILE B 150 -25.49 -14.77 24.51
CA ILE B 150 -24.13 -14.24 24.41
C ILE B 150 -24.07 -12.71 24.42
N LYS B 151 -24.90 -12.08 23.59
CA LYS B 151 -24.88 -10.63 23.48
C LYS B 151 -25.27 -9.93 24.78
N LYS B 152 -26.05 -10.61 25.62
CA LYS B 152 -26.38 -10.07 26.95
C LYS B 152 -25.20 -10.21 27.89
N GLU B 153 -24.55 -11.37 27.89
CA GLU B 153 -23.34 -11.58 28.67
C GLU B 153 -22.25 -10.57 28.37
N LEU B 154 -22.00 -10.33 27.09
CA LEU B 154 -20.92 -9.43 26.68
C LEU B 154 -21.33 -7.97 26.73
N ASN B 155 -22.64 -7.73 26.88
CA ASN B 155 -23.20 -6.38 26.80
C ASN B 155 -22.85 -5.71 25.47
N GLU B 156 -22.98 -6.48 24.39
CA GLU B 156 -22.73 -6.00 23.05
C GLU B 156 -23.95 -6.23 22.17
N PRO B 157 -24.95 -5.33 22.26
CA PRO B 157 -26.17 -5.48 21.46
C PRO B 157 -25.91 -5.42 19.95
N ARG B 158 -24.87 -4.73 19.52
CA ARG B 158 -24.60 -4.64 18.09
C ARG B 158 -23.53 -5.63 17.62
N ALA B 159 -23.31 -6.69 18.38
CA ALA B 159 -22.38 -7.72 17.95
C ALA B 159 -23.08 -8.64 16.97
N GLN B 160 -22.32 -9.21 16.03
CA GLN B 160 -22.88 -10.20 15.10
C GLN B 160 -22.41 -11.59 15.50
N VAL B 161 -23.33 -12.55 15.49
CA VAL B 161 -23.04 -13.89 16.01
C VAL B 161 -23.39 -14.97 15.01
N ALA B 162 -22.44 -15.87 14.77
CA ALA B 162 -22.72 -17.07 13.96
C ALA B 162 -22.57 -18.28 14.86
N ALA B 163 -23.61 -19.10 14.96
CA ALA B 163 -23.64 -20.20 15.92
C ALA B 163 -24.17 -21.50 15.35
N ILE B 164 -23.86 -22.60 16.01
CA ILE B 164 -24.47 -23.89 15.72
C ILE B 164 -25.50 -24.24 16.78
N GLY B 165 -26.46 -25.08 16.40
CA GLY B 165 -27.43 -25.59 17.34
C GLY B 165 -26.95 -26.91 17.89
N LYS B 166 -27.88 -27.69 18.43
CA LYS B 166 -27.54 -29.00 18.96
C LYS B 166 -27.02 -29.93 17.86
N ALA B 167 -27.59 -29.83 16.66
CA ALA B 167 -27.21 -30.69 15.54
C ALA B 167 -25.72 -30.57 15.22
N GLY B 168 -25.22 -29.34 15.18
CA GLY B 168 -23.81 -29.11 14.98
C GLY B 168 -22.97 -29.76 16.07
N GLU B 169 -23.38 -29.53 17.32
CA GLU B 169 -22.68 -30.10 18.47
C GLU B 169 -22.58 -31.61 18.37
N ASN B 170 -23.60 -32.25 17.79
CA ASN B 170 -23.60 -33.71 17.68
C ASN B 170 -23.11 -34.18 16.31
N ARG B 171 -22.44 -33.29 15.58
CA ARG B 171 -21.80 -33.62 14.31
C ARG B 171 -22.73 -34.25 13.28
N VAL B 172 -23.96 -33.75 13.20
CA VAL B 172 -24.87 -34.17 12.14
C VAL B 172 -24.29 -33.73 10.79
N PHE B 173 -24.27 -34.62 9.82
CA PHE B 173 -23.56 -34.39 8.58
C PHE B 173 -24.14 -33.24 7.76
N TYR B 174 -25.37 -32.82 8.06
CA TYR B 174 -25.97 -31.72 7.36
C TYR B 174 -26.37 -30.62 8.35
N ALA B 175 -25.52 -30.45 9.37
CA ALA B 175 -25.72 -29.39 10.36
C ALA B 175 -25.24 -28.08 9.77
N SER B 176 -25.95 -27.00 10.10
CA SER B 176 -25.67 -25.71 9.49
C SER B 176 -25.06 -24.72 10.50
N ILE B 177 -24.76 -23.51 10.01
CA ILE B 177 -24.33 -22.42 10.87
C ILE B 177 -25.31 -21.26 10.70
N GLU B 178 -25.85 -20.74 11.80
CA GLU B 178 -26.95 -19.76 11.71
C GLU B 178 -26.58 -18.40 12.28
N GLN B 179 -27.11 -17.36 11.65
CA GLN B 179 -26.88 -15.99 12.08
C GLN B 179 -28.07 -15.13 11.73
N GLY B 180 -29.00 -14.98 12.68
CA GLY B 180 -30.15 -14.12 12.46
C GLY B 180 -30.99 -14.56 11.27
N ARG B 181 -30.94 -13.79 10.18
CA ARG B 181 -31.68 -14.19 8.99
C ARG B 181 -30.80 -14.89 7.97
N SER B 182 -29.68 -15.45 8.41
CA SER B 182 -28.72 -16.03 7.48
C SER B 182 -28.23 -17.41 7.87
N SER B 183 -27.81 -18.16 6.86
CA SER B 183 -27.42 -19.53 7.09
C SER B 183 -26.32 -20.00 6.12
N ALA B 184 -25.23 -20.51 6.71
CA ALA B 184 -24.34 -21.40 6.00
C ALA B 184 -24.93 -22.79 6.17
N SER B 185 -25.57 -23.27 5.12
CA SER B 185 -26.51 -24.38 5.27
C SER B 185 -26.00 -25.76 4.88
N ARG B 186 -25.38 -25.86 3.70
CA ARG B 186 -25.11 -27.15 3.09
C ARG B 186 -23.67 -27.63 3.28
N GLY B 187 -23.48 -28.95 3.22
CA GLY B 187 -22.15 -29.53 3.25
C GLY B 187 -21.65 -30.05 4.59
N GLY B 188 -22.28 -29.64 5.67
CA GLY B 188 -21.91 -30.14 6.98
C GLY B 188 -20.87 -29.30 7.69
N ILE B 189 -20.73 -28.05 7.26
CA ILE B 189 -19.77 -27.14 7.89
C ILE B 189 -20.11 -26.93 9.37
N GLY B 190 -21.38 -27.10 9.71
CA GLY B 190 -21.77 -27.03 11.11
C GLY B 190 -21.24 -28.20 11.93
N ALA B 191 -21.09 -29.35 11.28
CA ALA B 191 -20.58 -30.54 11.94
C ALA B 191 -19.11 -30.39 12.26
N VAL B 192 -18.35 -29.79 11.34
CA VAL B 192 -16.92 -29.56 11.57
C VAL B 192 -16.74 -28.56 12.72
N MET B 193 -17.54 -27.50 12.70
CA MET B 193 -17.51 -26.49 13.77
C MET B 193 -17.75 -27.08 15.15
N GLY B 194 -18.76 -27.93 15.27
CA GLY B 194 -19.06 -28.61 16.53
C GLY B 194 -17.99 -29.63 16.89
N ASP B 195 -17.44 -30.29 15.89
CA ASP B 195 -16.36 -31.26 16.09
C ASP B 195 -15.13 -30.57 16.68
N LYS B 196 -14.91 -29.32 16.31
CA LYS B 196 -13.80 -28.57 16.87
C LYS B 196 -14.13 -27.94 18.23
N GLY B 197 -15.35 -28.17 18.72
CA GLY B 197 -15.75 -27.68 20.03
C GLY B 197 -16.06 -26.19 20.02
N LEU B 198 -16.42 -25.68 18.84
CA LEU B 198 -16.67 -24.26 18.65
C LEU B 198 -18.18 -24.00 18.57
N LYS B 199 -18.72 -23.33 19.59
CA LYS B 199 -20.16 -23.11 19.68
C LYS B 199 -20.64 -21.91 18.88
N ALA B 200 -19.82 -20.86 18.85
CA ALA B 200 -20.19 -19.64 18.12
C ALA B 200 -18.96 -18.79 17.79
N VAL B 201 -19.12 -17.88 16.84
CA VAL B 201 -18.10 -16.87 16.57
C VAL B 201 -18.74 -15.50 16.65
N VAL B 202 -18.34 -14.73 17.65
CA VAL B 202 -18.92 -13.41 17.93
C VAL B 202 -18.03 -12.28 17.47
N VAL B 203 -18.56 -11.34 16.69
CA VAL B 203 -17.70 -10.26 16.20
C VAL B 203 -18.33 -8.87 16.31
N ARG B 204 -17.56 -7.92 16.83
CA ARG B 204 -17.93 -6.51 16.83
C ARG B 204 -16.82 -5.69 16.16
N GLY B 205 -17.19 -4.84 15.19
CA GLY B 205 -16.21 -4.00 14.52
C GLY B 205 -16.63 -2.54 14.41
N THR B 206 -15.67 -1.63 14.64
CA THR B 206 -15.90 -0.20 14.51
C THR B 206 -14.73 0.56 13.85
N LYS B 207 -13.94 -0.12 13.03
CA LYS B 207 -12.87 0.54 12.28
C LYS B 207 -13.36 0.99 10.90
N ASP B 208 -12.59 1.88 10.27
CA ASP B 208 -12.92 2.32 8.91
C ASP B 208 -12.48 1.28 7.90
N LEU B 209 -13.24 1.12 6.82
CA LEU B 209 -12.80 0.30 5.70
C LEU B 209 -12.67 1.15 4.43
N CYS B 210 -11.47 1.20 3.87
CA CYS B 210 -11.13 2.10 2.77
C CYS B 210 -11.27 1.52 1.37
N VAL B 211 -11.49 2.38 0.39
CA VAL B 211 -11.47 2.01 -1.01
C VAL B 211 -10.42 2.86 -1.72
N ALA B 212 -9.90 2.37 -2.84
CA ALA B 212 -8.81 3.03 -3.55
C ALA B 212 -9.24 4.30 -4.26
N LYS B 213 -10.29 4.19 -5.07
CA LYS B 213 -10.78 5.31 -5.87
C LYS B 213 -12.17 5.76 -5.43
N PRO B 214 -12.23 6.68 -4.46
CA PRO B 214 -13.47 7.06 -3.77
C PRO B 214 -14.60 7.51 -4.71
N GLU B 215 -14.35 8.58 -5.45
CA GLU B 215 -15.33 9.19 -6.34
C GLU B 215 -15.83 8.24 -7.42
N GLU B 216 -14.94 7.38 -7.91
CA GLU B 216 -15.30 6.43 -8.96
C GLU B 216 -16.09 5.25 -8.39
N TYR B 217 -15.74 4.83 -7.18
CA TYR B 217 -16.42 3.70 -6.57
C TYR B 217 -17.87 4.04 -6.23
N ILE B 218 -18.08 5.24 -5.69
CA ILE B 218 -19.44 5.61 -5.29
C ILE B 218 -20.28 5.88 -6.53
N GLY B 219 -19.60 6.23 -7.63
CA GLY B 219 -20.26 6.42 -8.91
C GLY B 219 -20.83 5.11 -9.44
N LEU B 220 -20.08 4.02 -9.26
CA LEU B 220 -20.52 2.73 -9.71
C LEU B 220 -21.71 2.23 -8.86
N CYS B 221 -21.67 2.54 -7.57
CA CYS B 221 -22.74 2.16 -6.67
C CYS B 221 -24.04 2.85 -7.05
N ASN B 222 -23.95 4.13 -7.38
CA ASN B 222 -25.12 4.89 -7.79
C ASN B 222 -25.71 4.30 -9.06
N GLU B 223 -24.81 3.85 -9.92
CA GLU B 223 -25.20 3.23 -11.18
C GLU B 223 -26.02 1.96 -10.91
N VAL B 224 -25.57 1.20 -9.91
CA VAL B 224 -26.25 -0.04 -9.53
C VAL B 224 -27.64 0.24 -8.91
N LEU B 225 -27.71 1.23 -8.03
CA LEU B 225 -28.97 1.57 -7.40
C LEU B 225 -29.99 2.05 -8.45
N ASP B 226 -29.52 2.82 -9.42
CA ASP B 226 -30.39 3.26 -10.50
C ASP B 226 -30.90 2.07 -11.32
N TYR B 227 -30.05 1.07 -11.52
CA TYR B 227 -30.46 -0.07 -12.33
C TYR B 227 -31.46 -0.91 -11.56
N ILE B 228 -31.29 -0.97 -10.24
CA ILE B 228 -32.22 -1.70 -9.39
C ILE B 228 -33.61 -1.07 -9.43
N LYS B 229 -33.67 0.26 -9.42
CA LYS B 229 -34.95 0.94 -9.53
C LYS B 229 -35.63 0.63 -10.86
N HIS B 230 -34.90 0.83 -11.95
CA HIS B 230 -35.42 0.58 -13.29
C HIS B 230 -35.93 -0.84 -13.44
N ARG B 231 -35.20 -1.77 -12.86
CA ARG B 231 -35.51 -3.18 -12.94
C ARG B 231 -36.81 -3.54 -12.20
N GLU B 232 -37.07 -2.87 -11.09
CA GLU B 232 -38.26 -3.14 -10.30
C GLU B 232 -39.50 -2.54 -10.96
N GLU B 233 -39.30 -1.53 -11.80
CA GLU B 233 -40.38 -0.93 -12.56
C GLU B 233 -40.59 -1.70 -13.86
N ASN B 234 -39.58 -2.47 -14.25
CA ASN B 234 -39.63 -3.24 -15.49
C ASN B 234 -39.21 -4.69 -15.29
N PRO B 235 -40.11 -5.51 -14.72
CA PRO B 235 -39.78 -6.92 -14.54
C PRO B 235 -39.73 -7.65 -15.89
N ILE B 236 -39.15 -8.85 -15.91
CA ILE B 236 -39.07 -9.63 -17.14
C ILE B 236 -40.48 -9.98 -17.62
N PRO B 237 -40.85 -9.49 -18.82
CA PRO B 237 -42.18 -9.66 -19.39
C PRO B 237 -42.59 -11.12 -19.59
N ASP B 238 -43.86 -11.42 -19.39
CA ASP B 238 -44.47 -12.71 -19.74
C ASP B 238 -43.84 -13.91 -19.05
N VAL B 239 -43.17 -13.67 -17.92
CA VAL B 239 -42.55 -14.74 -17.15
C VAL B 239 -43.17 -14.78 -15.77
N MET B 240 -43.37 -15.98 -15.22
CA MET B 240 -43.91 -16.16 -13.88
C MET B 240 -43.14 -15.30 -12.86
N PRO B 241 -43.86 -14.68 -11.92
CA PRO B 241 -43.38 -13.64 -11.01
C PRO B 241 -42.03 -13.91 -10.34
N ILE B 242 -41.85 -15.11 -9.80
CA ILE B 242 -40.64 -15.44 -9.05
C ILE B 242 -39.37 -15.46 -9.91
N LEU B 243 -39.52 -15.28 -11.22
CA LEU B 243 -38.37 -15.24 -12.12
C LEU B 243 -38.17 -13.84 -12.69
N ALA B 244 -39.13 -12.96 -12.44
CA ALA B 244 -39.21 -11.69 -13.14
C ALA B 244 -38.39 -10.58 -12.49
N GLY B 245 -37.97 -10.77 -11.24
CA GLY B 245 -37.32 -9.70 -10.53
C GLY B 245 -35.98 -10.05 -9.90
N LEU B 246 -35.34 -9.04 -9.30
CA LEU B 246 -34.07 -9.23 -8.62
C LEU B 246 -34.23 -9.90 -7.25
N GLY B 247 -33.13 -10.33 -6.66
CA GLY B 247 -33.12 -10.94 -5.35
C GLY B 247 -33.02 -12.46 -5.41
N SER B 248 -32.90 -13.08 -4.24
CA SER B 248 -33.09 -14.53 -4.11
C SER B 248 -34.55 -14.85 -4.46
N PRO B 249 -34.86 -16.14 -4.74
CA PRO B 249 -36.26 -16.46 -5.08
C PRO B 249 -37.25 -15.90 -4.05
N GLN B 250 -38.07 -14.96 -4.49
CA GLN B 250 -38.94 -14.19 -3.61
C GLN B 250 -40.11 -15.01 -3.07
N GLU B 251 -39.81 -16.10 -2.38
CA GLU B 251 -40.84 -17.02 -1.89
C GLU B 251 -41.64 -16.45 -0.71
N MET B 252 -41.06 -15.52 0.03
CA MET B 252 -41.71 -14.96 1.19
C MET B 252 -42.77 -13.92 0.80
N LYS B 253 -42.64 -13.35 -0.39
CA LYS B 253 -43.62 -12.39 -0.89
C LYS B 253 -44.77 -13.14 -1.54
N VAL B 254 -45.49 -12.49 -2.45
CA VAL B 254 -46.75 -13.04 -2.97
C VAL B 254 -46.59 -14.29 -3.84
N HIS B 255 -47.10 -14.21 -5.07
CA HIS B 255 -47.08 -15.28 -6.07
C HIS B 255 -47.92 -16.50 -5.70
N ASP B 256 -48.58 -17.05 -6.71
CA ASP B 256 -49.33 -18.29 -6.55
C ASP B 256 -48.38 -19.47 -6.67
N GLU B 257 -48.45 -20.36 -5.70
CA GLU B 257 -47.54 -21.51 -5.63
C GLU B 257 -47.92 -22.62 -6.60
N LYS B 258 -48.49 -22.28 -7.75
CA LYS B 258 -48.99 -23.30 -8.66
C LYS B 258 -47.85 -24.07 -9.33
N TRP B 259 -46.88 -23.37 -9.90
CA TRP B 259 -45.78 -24.05 -10.57
C TRP B 259 -45.00 -24.89 -9.59
N HIS B 260 -44.65 -24.30 -8.45
CA HIS B 260 -43.81 -24.94 -7.46
C HIS B 260 -44.38 -26.25 -6.92
N THR B 261 -45.63 -26.19 -6.45
CA THR B 261 -46.24 -27.36 -5.82
C THR B 261 -46.67 -28.43 -6.81
N GLU B 262 -46.64 -28.11 -8.11
CA GLU B 262 -47.06 -29.06 -9.13
C GLU B 262 -45.90 -29.55 -10.00
N ASN B 263 -44.69 -29.08 -9.72
CA ASN B 263 -43.50 -29.51 -10.45
C ASN B 263 -42.45 -30.12 -9.55
N PHE B 264 -42.27 -29.56 -8.35
CA PHE B 264 -41.43 -30.20 -7.33
C PHE B 264 -42.00 -31.56 -7.00
N ASN B 265 -41.17 -32.43 -6.46
CA ASN B 265 -41.60 -33.77 -6.07
C ASN B 265 -41.78 -33.89 -4.56
N TRP B 266 -42.98 -34.29 -4.17
CA TRP B 266 -43.32 -34.43 -2.75
C TRP B 266 -42.71 -35.70 -2.16
N GLY B 267 -42.64 -35.74 -0.83
CA GLY B 267 -42.03 -36.85 -0.15
C GLY B 267 -40.54 -36.92 -0.39
N ASN B 268 -40.00 -38.13 -0.51
CA ASN B 268 -38.58 -38.33 -0.77
C ASN B 268 -38.27 -38.05 -2.24
N ALA B 269 -38.45 -36.80 -2.65
CA ALA B 269 -38.34 -36.40 -4.05
C ALA B 269 -39.05 -37.40 -4.96
N ARG B 270 -40.23 -37.83 -4.54
CA ARG B 270 -40.91 -38.96 -5.14
C ARG B 270 -42.12 -38.56 -5.98
N THR B 271 -43.19 -38.18 -5.30
CA THR B 271 -44.49 -37.98 -5.94
C THR B 271 -44.64 -36.62 -6.63
N ARG B 272 -45.21 -36.64 -7.82
CA ARG B 272 -45.58 -35.42 -8.51
C ARG B 272 -47.09 -35.26 -8.52
N ARG B 273 -47.57 -34.16 -7.95
CA ARG B 273 -49.00 -33.92 -7.81
C ARG B 273 -49.45 -32.89 -8.85
N LYS B 274 -50.03 -33.40 -9.93
CA LYS B 274 -50.34 -32.58 -11.10
C LYS B 274 -51.36 -31.49 -10.85
N ASP B 275 -52.42 -31.82 -10.12
CA ASP B 275 -53.49 -30.87 -9.87
C ASP B 275 -53.70 -30.61 -8.38
N PHE B 276 -52.61 -30.30 -7.68
CA PHE B 276 -52.65 -30.09 -6.23
C PHE B 276 -53.17 -28.70 -5.87
N TRP B 277 -52.69 -27.69 -6.59
CA TRP B 277 -52.99 -26.30 -6.27
C TRP B 277 -54.44 -25.92 -6.58
N THR B 278 -55.35 -26.36 -5.70
CA THR B 278 -56.76 -26.03 -5.84
C THR B 278 -57.08 -24.68 -5.20
N ASP B 279 -58.32 -24.23 -5.34
CA ASP B 279 -58.75 -22.96 -4.76
C ASP B 279 -58.76 -23.02 -3.24
N GLU B 280 -59.09 -24.19 -2.71
CA GLU B 280 -59.14 -24.40 -1.26
C GLU B 280 -57.74 -24.33 -0.66
N VAL B 281 -56.79 -24.97 -1.33
CA VAL B 281 -55.40 -24.98 -0.87
C VAL B 281 -54.78 -23.59 -0.96
N SER B 282 -55.08 -22.88 -2.04
CA SER B 282 -54.51 -21.55 -2.27
C SER B 282 -54.90 -20.56 -1.18
N HIS B 283 -56.16 -20.58 -0.78
CA HIS B 283 -56.63 -19.68 0.26
C HIS B 283 -56.11 -20.09 1.64
N ALA B 284 -56.00 -21.40 1.86
CA ALA B 284 -55.52 -21.92 3.13
C ALA B 284 -54.07 -21.50 3.39
N TRP B 285 -53.24 -21.58 2.36
CA TRP B 285 -51.84 -21.19 2.47
C TRP B 285 -51.67 -19.69 2.57
N GLU B 286 -52.49 -18.97 1.81
CA GLU B 286 -52.49 -17.52 1.85
C GLU B 286 -52.82 -17.02 3.26
N LYS B 287 -53.79 -17.66 3.90
CA LYS B 287 -54.23 -17.27 5.23
C LYS B 287 -53.17 -17.57 6.29
N THR B 288 -52.53 -18.73 6.18
CA THR B 288 -51.44 -19.12 7.08
C THR B 288 -50.27 -18.16 7.00
N MET B 289 -49.94 -17.75 5.77
CA MET B 289 -48.80 -16.89 5.49
C MET B 289 -49.02 -15.43 5.91
N ASP B 290 -50.24 -14.92 5.70
CA ASP B 290 -50.57 -13.56 6.12
C ASP B 290 -50.48 -13.41 7.64
N LYS B 291 -50.82 -14.49 8.33
CA LYS B 291 -50.83 -14.51 9.79
C LYS B 291 -49.41 -14.65 10.36
N ALA B 292 -48.57 -15.41 9.66
CA ALA B 292 -47.24 -15.75 10.19
C ALA B 292 -46.15 -14.76 9.78
N ARG B 293 -46.28 -14.15 8.60
CA ARG B 293 -45.25 -13.25 8.13
C ARG B 293 -45.34 -11.91 8.86
N THR B 294 -44.32 -11.62 9.65
CA THR B 294 -44.28 -10.41 10.47
C THR B 294 -43.70 -9.22 9.70
N ARG B 295 -42.56 -9.42 9.05
CA ARG B 295 -41.95 -8.37 8.25
C ARG B 295 -40.98 -8.93 7.23
N LEU B 296 -40.91 -8.29 6.07
CA LEU B 296 -39.91 -8.59 5.06
C LEU B 296 -38.67 -7.77 5.37
N ILE B 297 -37.52 -8.43 5.51
CA ILE B 297 -36.31 -7.76 5.98
C ILE B 297 -35.10 -8.06 5.08
N SER B 298 -34.13 -7.14 5.08
CA SER B 298 -33.00 -7.22 4.18
C SER B 298 -31.71 -7.68 4.85
N CYS B 299 -30.81 -8.23 4.04
CA CYS B 299 -29.40 -8.35 4.44
C CYS B 299 -28.74 -6.95 4.48
N TYR B 300 -27.50 -6.87 4.92
CA TYR B 300 -26.79 -5.60 5.03
C TYR B 300 -26.73 -4.85 3.70
N ASN B 301 -27.09 -3.57 3.73
CA ASN B 301 -26.96 -2.69 2.57
C ASN B 301 -27.67 -3.20 1.32
N CYS B 302 -28.91 -3.64 1.47
CA CYS B 302 -29.69 -4.12 0.32
C CYS B 302 -31.16 -3.78 0.48
N PRO B 303 -31.81 -3.28 -0.60
CA PRO B 303 -33.22 -2.91 -0.54
C PRO B 303 -34.20 -4.03 -0.93
N MET B 304 -33.69 -5.21 -1.27
CA MET B 304 -34.55 -6.27 -1.84
C MET B 304 -35.40 -7.03 -0.82
N LYS B 305 -35.06 -6.92 0.46
CA LYS B 305 -35.76 -7.60 1.57
C LYS B 305 -36.36 -8.99 1.22
N CYS B 306 -35.48 -9.92 0.87
CA CYS B 306 -35.89 -11.27 0.48
C CYS B 306 -36.41 -12.10 1.66
N GLY B 307 -35.85 -11.86 2.85
CA GLY B 307 -36.19 -12.67 4.01
C GLY B 307 -37.46 -12.21 4.72
N ALA B 308 -37.96 -13.06 5.61
CA ALA B 308 -39.13 -12.70 6.41
C ALA B 308 -39.05 -13.30 7.80
N THR B 309 -39.33 -12.48 8.80
CA THR B 309 -39.51 -12.97 10.17
C THR B 309 -40.83 -13.74 10.25
N ILE B 310 -40.77 -14.93 10.85
CA ILE B 310 -41.93 -15.81 10.93
C ILE B 310 -42.34 -16.02 12.37
N SER B 311 -43.61 -15.76 12.67
CA SER B 311 -44.11 -15.93 14.02
C SER B 311 -45.35 -16.84 14.08
N MET B 312 -45.12 -18.09 14.43
CA MET B 312 -46.20 -19.05 14.65
C MET B 312 -46.64 -18.99 16.10
N GLU B 313 -47.93 -19.25 16.34
CA GLU B 313 -48.48 -19.15 17.69
C GLU B 313 -47.81 -20.11 18.67
N GLY B 314 -47.26 -19.55 19.74
CA GLY B 314 -46.65 -20.34 20.78
C GLY B 314 -45.21 -20.74 20.50
N LEU B 315 -44.62 -20.14 19.46
CA LEU B 315 -43.24 -20.45 19.08
C LEU B 315 -42.38 -19.20 19.02
N PRO B 316 -41.09 -19.34 19.33
CA PRO B 316 -40.14 -18.24 19.14
C PRO B 316 -40.07 -17.80 17.67
N THR B 317 -39.79 -16.53 17.45
CA THR B 317 -39.70 -16.00 16.10
C THR B 317 -38.41 -16.49 15.45
N TYR B 318 -38.47 -16.78 14.16
CA TYR B 318 -37.26 -17.07 13.39
C TYR B 318 -37.35 -16.39 12.02
N MET B 319 -36.30 -16.52 11.22
CA MET B 319 -36.28 -15.92 9.89
C MET B 319 -36.17 -16.97 8.79
N MET B 320 -36.97 -16.79 7.75
CA MET B 320 -37.01 -17.74 6.65
C MET B 320 -36.85 -17.02 5.30
N LYS B 321 -36.22 -17.69 4.34
CA LYS B 321 -36.16 -17.19 2.98
C LYS B 321 -36.15 -18.36 2.00
N CYS B 322 -36.55 -18.09 0.77
CA CYS B 322 -36.40 -19.04 -0.33
C CYS B 322 -37.13 -20.38 -0.09
N PHE B 323 -36.54 -21.47 -0.59
CA PHE B 323 -37.26 -22.74 -0.72
C PHE B 323 -37.45 -23.56 0.55
N THR B 324 -36.83 -23.12 1.64
CA THR B 324 -37.06 -23.72 2.96
C THR B 324 -38.55 -23.74 3.30
N LYS B 325 -39.27 -22.74 2.78
CA LYS B 325 -40.70 -22.63 2.94
C LYS B 325 -41.48 -23.85 2.42
N LEU B 326 -40.93 -24.54 1.43
CA LEU B 326 -41.64 -25.62 0.76
C LEU B 326 -41.14 -27.01 1.12
N THR B 327 -39.85 -27.14 1.43
CA THR B 327 -39.23 -28.46 1.54
C THR B 327 -39.82 -29.33 2.66
N TYR B 328 -39.98 -28.78 3.85
CA TYR B 328 -40.54 -29.57 4.95
C TYR B 328 -41.99 -29.97 4.67
N THR B 329 -42.77 -29.01 4.18
CA THR B 329 -44.15 -29.27 3.80
C THR B 329 -44.26 -30.40 2.78
N MET B 330 -43.47 -30.32 1.72
CA MET B 330 -43.57 -31.26 0.62
C MET B 330 -43.07 -32.64 0.99
N ALA B 331 -42.02 -32.69 1.80
CA ALA B 331 -41.44 -33.97 2.20
C ALA B 331 -42.42 -34.78 3.03
N ALA B 332 -43.33 -34.08 3.71
CA ALA B 332 -44.24 -34.73 4.64
C ALA B 332 -45.66 -34.81 4.11
N TYR B 333 -45.84 -34.42 2.85
CA TYR B 333 -47.17 -34.37 2.23
C TYR B 333 -48.18 -33.60 3.09
N SER B 334 -47.77 -32.47 3.65
CA SER B 334 -48.62 -31.74 4.59
C SER B 334 -48.95 -30.34 4.07
N ASP B 335 -49.34 -29.44 4.97
CA ASP B 335 -49.69 -28.08 4.58
C ASP B 335 -48.63 -27.07 5.01
N LEU B 336 -48.84 -25.80 4.66
CA LEU B 336 -47.85 -24.76 4.95
C LEU B 336 -47.71 -24.49 6.45
N ASP B 337 -48.80 -24.64 7.19
CA ASP B 337 -48.75 -24.45 8.64
C ASP B 337 -47.73 -25.37 9.31
N PHE B 338 -47.81 -26.66 8.99
CA PHE B 338 -46.88 -27.63 9.53
C PHE B 338 -45.44 -27.27 9.17
N GLY B 339 -45.22 -26.94 7.91
CA GLY B 339 -43.90 -26.62 7.41
C GLY B 339 -43.23 -25.50 8.18
N LEU B 340 -43.98 -24.42 8.40
CA LEU B 340 -43.47 -23.27 9.13
C LEU B 340 -43.16 -23.59 10.59
N ARG B 341 -43.89 -24.55 11.16
CA ARG B 341 -43.71 -24.89 12.56
C ARG B 341 -42.48 -25.77 12.77
N ILE B 342 -42.27 -26.72 11.86
CA ILE B 342 -41.15 -27.63 12.00
C ILE B 342 -39.85 -26.97 11.56
N ALA B 343 -39.93 -26.04 10.61
CA ALA B 343 -38.74 -25.32 10.16
C ALA B 343 -38.21 -24.42 11.27
N GLN B 344 -39.08 -24.04 12.20
CA GLN B 344 -38.64 -23.28 13.36
C GLN B 344 -37.71 -24.13 14.22
N LYS B 345 -38.13 -25.38 14.47
CA LYS B 345 -37.33 -26.30 15.26
C LYS B 345 -36.00 -26.57 14.55
N ALA B 346 -36.07 -26.77 13.25
CA ALA B 346 -34.91 -27.13 12.44
C ALA B 346 -33.88 -26.01 12.37
N THR B 347 -34.33 -24.77 12.31
CA THR B 347 -33.43 -23.63 12.31
C THR B 347 -32.68 -23.49 13.63
N GLU B 348 -33.37 -23.70 14.75
CA GLU B 348 -32.72 -23.61 16.05
C GLU B 348 -31.73 -24.74 16.28
N TYR B 349 -32.09 -25.94 15.82
CA TYR B 349 -31.18 -27.07 15.84
C TYR B 349 -29.98 -26.85 14.93
N GLY B 350 -30.20 -26.10 13.84
CA GLY B 350 -29.15 -25.86 12.86
C GLY B 350 -29.03 -27.02 11.87
N LEU B 351 -30.07 -27.23 11.09
CA LEU B 351 -30.10 -28.30 10.09
C LEU B 351 -30.34 -27.75 8.70
N ASP B 352 -29.65 -28.31 7.73
CA ASP B 352 -29.87 -27.97 6.34
C ASP B 352 -31.30 -28.34 5.90
N GLY B 353 -32.04 -27.32 5.45
CA GLY B 353 -33.42 -27.51 5.02
C GLY B 353 -33.63 -28.18 3.69
N PHE B 354 -32.54 -28.54 3.01
CA PHE B 354 -32.67 -29.37 1.81
C PHE B 354 -32.55 -30.86 2.17
N SER B 355 -31.51 -31.19 2.92
CA SER B 355 -31.20 -32.59 3.21
C SER B 355 -32.13 -33.16 4.27
N ALA B 356 -32.32 -32.42 5.35
CA ALA B 356 -33.06 -32.95 6.49
C ALA B 356 -34.46 -33.47 6.14
N PRO B 357 -35.27 -32.68 5.42
CA PRO B 357 -36.58 -33.27 5.11
C PRO B 357 -36.51 -34.46 4.17
N GLN B 358 -35.54 -34.51 3.27
CA GLN B 358 -35.42 -35.67 2.39
C GLN B 358 -34.95 -36.90 3.16
N VAL B 359 -34.08 -36.70 4.14
CA VAL B 359 -33.62 -37.80 4.98
C VAL B 359 -34.80 -38.44 5.71
N MET B 360 -35.68 -37.59 6.24
CA MET B 360 -36.80 -38.08 7.03
C MET B 360 -37.81 -38.79 6.14
N ALA B 361 -38.06 -38.23 4.96
CA ALA B 361 -38.98 -38.83 4.01
C ALA B 361 -38.40 -40.13 3.50
N PHE B 362 -37.08 -40.18 3.41
CA PHE B 362 -36.34 -41.38 3.02
C PHE B 362 -36.58 -42.49 4.04
N ALA B 363 -36.45 -42.13 5.32
CA ALA B 363 -36.58 -43.08 6.40
C ALA B 363 -37.98 -43.70 6.42
N PHE B 364 -39.00 -42.89 6.16
CA PHE B 364 -40.37 -43.38 6.22
C PHE B 364 -40.73 -44.23 5.01
N GLU B 365 -40.00 -44.05 3.91
CA GLU B 365 -40.17 -44.95 2.78
C GLU B 365 -39.63 -46.34 3.12
N LEU B 366 -38.51 -46.39 3.85
CA LEU B 366 -37.92 -47.66 4.25
C LEU B 366 -38.83 -48.39 5.23
N LEU B 367 -39.49 -47.62 6.10
CA LEU B 367 -40.41 -48.18 7.08
C LEU B 367 -41.65 -48.71 6.38
N GLU B 368 -42.02 -48.03 5.31
CA GLU B 368 -43.18 -48.42 4.50
C GLU B 368 -42.92 -49.73 3.76
N LYS B 369 -41.77 -49.78 3.08
CA LYS B 369 -41.38 -50.94 2.30
C LYS B 369 -41.13 -52.16 3.18
N GLY B 370 -40.59 -51.94 4.38
CA GLY B 370 -40.32 -53.03 5.30
C GLY B 370 -38.84 -53.18 5.59
N ILE B 371 -38.01 -52.45 4.86
CA ILE B 371 -36.58 -52.45 5.07
C ILE B 371 -36.23 -51.98 6.49
N LEU B 372 -36.99 -51.00 6.99
CA LEU B 372 -36.93 -50.66 8.40
C LEU B 372 -38.18 -51.17 9.10
N LYS B 373 -38.05 -51.55 10.36
CA LYS B 373 -39.17 -52.07 11.13
C LYS B 373 -39.59 -51.06 12.19
N ASP B 374 -40.74 -51.28 12.82
CA ASP B 374 -41.21 -50.42 13.89
C ASP B 374 -40.32 -50.52 15.11
N SER B 375 -39.57 -51.62 15.19
CA SER B 375 -38.60 -51.82 16.24
C SER B 375 -37.53 -50.73 16.22
N ASP B 376 -37.25 -50.21 15.02
CA ASP B 376 -36.26 -49.16 14.84
C ASP B 376 -36.75 -47.81 15.33
N PHE B 377 -38.07 -47.66 15.46
CA PHE B 377 -38.67 -46.40 15.89
C PHE B 377 -39.48 -46.57 17.18
N PRO B 378 -38.78 -46.79 18.30
CA PRO B 378 -39.52 -46.93 19.56
C PRO B 378 -40.21 -45.62 19.95
N GLY B 379 -41.50 -45.68 20.22
CA GLY B 379 -42.23 -44.50 20.67
C GLY B 379 -42.71 -43.67 19.50
N LEU B 380 -42.85 -44.33 18.36
CA LEU B 380 -43.30 -43.64 17.14
C LEU B 380 -44.77 -43.29 17.22
N PRO B 381 -45.09 -41.99 17.21
CA PRO B 381 -46.48 -41.53 17.24
C PRO B 381 -47.24 -41.98 16.00
N GLU B 382 -48.57 -41.90 16.03
CA GLU B 382 -49.37 -42.43 14.94
C GLU B 382 -49.64 -41.39 13.86
N GLY B 383 -49.71 -40.13 14.25
CA GLY B 383 -49.96 -39.05 13.30
C GLY B 383 -48.77 -38.75 12.42
N ASN B 384 -49.04 -38.40 11.16
CA ASN B 384 -47.99 -38.11 10.19
C ASN B 384 -47.10 -36.93 10.60
N GLU B 385 -47.73 -35.82 10.95
CA GLU B 385 -47.01 -34.62 11.36
C GLU B 385 -46.17 -34.89 12.61
N GLU B 386 -46.76 -35.61 13.55
CA GLU B 386 -46.09 -35.91 14.81
C GLU B 386 -44.85 -36.79 14.59
N ARG B 387 -44.91 -37.67 13.60
CA ARG B 387 -43.80 -38.56 13.28
C ARG B 387 -42.57 -37.78 12.84
N PHE B 388 -42.78 -36.73 12.06
CA PHE B 388 -41.68 -35.90 11.60
C PHE B 388 -41.02 -35.16 12.75
N PHE B 389 -41.83 -34.68 13.67
CA PHE B 389 -41.27 -34.02 14.85
C PHE B 389 -40.48 -35.02 15.67
N TYR B 390 -40.99 -36.25 15.75
CA TYR B 390 -40.36 -37.32 16.50
C TYR B 390 -38.98 -37.67 15.91
N LEU B 391 -38.96 -37.90 14.61
CA LEU B 391 -37.74 -38.30 13.93
C LEU B 391 -36.69 -37.19 13.96
N LEU B 392 -37.14 -35.95 13.84
CA LEU B 392 -36.25 -34.80 13.87
C LEU B 392 -35.44 -34.76 15.16
N ASP B 393 -36.10 -35.04 16.27
CA ASP B 393 -35.42 -35.04 17.56
C ASP B 393 -34.45 -36.23 17.68
N LYS B 394 -34.82 -37.37 17.09
CA LYS B 394 -33.95 -38.54 17.14
C LYS B 394 -32.66 -38.25 16.37
N ILE B 395 -32.79 -37.58 15.24
CA ILE B 395 -31.64 -37.27 14.39
C ILE B 395 -30.64 -36.30 15.03
N VAL B 396 -31.12 -35.19 15.59
CA VAL B 396 -30.22 -34.19 16.14
C VAL B 396 -29.56 -34.68 17.42
N ASN B 397 -30.11 -35.74 18.01
CA ASN B 397 -29.53 -36.31 19.23
C ASN B 397 -28.68 -37.53 18.90
N ARG B 398 -28.68 -37.93 17.63
CA ARG B 398 -28.05 -39.17 17.18
C ARG B 398 -28.49 -40.33 18.07
N ASP B 399 -29.79 -40.39 18.31
CA ASP B 399 -30.37 -41.39 19.20
C ASP B 399 -30.93 -42.56 18.39
N GLY B 400 -30.35 -43.75 18.59
CA GLY B 400 -30.80 -44.95 17.90
C GLY B 400 -30.72 -44.83 16.40
N ILE B 401 -31.86 -44.96 15.72
CA ILE B 401 -31.91 -44.86 14.27
C ILE B 401 -31.47 -43.46 13.81
N GLY B 402 -31.60 -42.50 14.71
CA GLY B 402 -31.15 -41.14 14.44
C GLY B 402 -29.66 -41.06 14.16
N ASP B 403 -28.88 -41.91 14.84
CA ASP B 403 -27.43 -41.92 14.66
C ASP B 403 -27.04 -42.31 13.24
N ILE B 404 -27.79 -43.24 12.66
CA ILE B 404 -27.58 -43.62 11.27
C ILE B 404 -28.10 -42.55 10.32
N LEU B 405 -29.32 -42.09 10.54
CA LEU B 405 -29.93 -41.09 9.68
C LEU B 405 -29.20 -39.76 9.71
N ALA B 406 -28.47 -39.51 10.79
CA ALA B 406 -27.72 -38.26 10.92
C ALA B 406 -26.55 -38.19 9.92
N ASN B 407 -26.27 -39.29 9.23
CA ASN B 407 -25.17 -39.37 8.29
C ASN B 407 -25.60 -39.03 6.85
N GLY B 408 -26.90 -38.83 6.65
CA GLY B 408 -27.42 -38.52 5.33
C GLY B 408 -27.86 -39.76 4.59
N THR B 409 -28.66 -39.59 3.54
CA THR B 409 -29.26 -40.72 2.82
C THR B 409 -28.23 -41.70 2.28
N TYR B 410 -27.16 -41.19 1.69
CA TYR B 410 -26.15 -42.05 1.08
C TYR B 410 -25.53 -43.01 2.10
N TRP B 411 -24.95 -42.45 3.15
CA TRP B 411 -24.27 -43.27 4.15
C TRP B 411 -25.25 -44.09 4.97
N ALA B 412 -26.45 -43.56 5.19
CA ALA B 412 -27.47 -44.29 5.93
C ALA B 412 -27.89 -45.56 5.19
N ALA B 413 -28.13 -45.42 3.88
CA ALA B 413 -28.53 -46.56 3.06
C ALA B 413 -27.42 -47.62 3.02
N GLN B 414 -26.19 -47.16 2.90
CA GLN B 414 -25.04 -48.05 2.83
C GLN B 414 -24.88 -48.86 4.13
N GLU B 415 -25.30 -48.27 5.24
CA GLU B 415 -25.21 -48.92 6.54
C GLU B 415 -26.41 -49.82 6.80
N ILE B 416 -27.57 -49.41 6.31
CA ILE B 416 -28.80 -50.16 6.52
C ILE B 416 -28.84 -51.41 5.66
N GLY B 417 -28.44 -51.28 4.40
CA GLY B 417 -28.45 -52.40 3.48
C GLY B 417 -29.86 -52.82 3.13
N ASN B 418 -30.04 -54.11 2.82
CA ASN B 418 -31.32 -54.68 2.42
C ASN B 418 -31.95 -53.93 1.25
N GLY B 419 -31.13 -53.35 0.39
CA GLY B 419 -31.61 -52.64 -0.77
C GLY B 419 -32.12 -51.25 -0.45
N ALA B 420 -31.62 -50.67 0.65
CA ALA B 420 -31.95 -49.30 1.00
C ALA B 420 -31.25 -48.31 0.07
N GLU B 421 -30.21 -48.79 -0.62
CA GLU B 421 -29.46 -47.95 -1.54
C GLU B 421 -30.33 -47.48 -2.70
N ASP B 422 -31.33 -48.28 -3.05
CA ASP B 422 -32.25 -47.94 -4.13
C ASP B 422 -33.08 -46.71 -3.80
N TYR B 423 -33.28 -46.44 -2.51
CA TYR B 423 -34.13 -45.35 -2.08
C TYR B 423 -33.36 -44.03 -1.91
N ALA B 424 -32.04 -44.13 -1.85
CA ALA B 424 -31.19 -42.94 -1.90
C ALA B 424 -31.00 -42.54 -3.37
N HIS B 425 -32.10 -42.22 -4.03
CA HIS B 425 -32.11 -42.03 -5.47
C HIS B 425 -31.94 -40.58 -5.91
N ASN B 426 -31.60 -39.68 -4.99
CA ASN B 426 -31.52 -38.28 -5.34
C ASN B 426 -30.19 -37.63 -4.95
N ASN B 427 -29.13 -38.42 -4.93
CA ASN B 427 -27.82 -37.91 -4.57
C ASN B 427 -26.92 -37.66 -5.77
N ILE B 428 -26.09 -36.63 -5.67
CA ILE B 428 -24.93 -36.48 -6.55
C ILE B 428 -23.74 -36.30 -5.63
N LYS B 429 -22.74 -37.16 -5.79
CA LYS B 429 -21.54 -37.13 -4.96
C LYS B 429 -21.91 -37.24 -3.48
N LYS B 430 -22.85 -38.13 -3.19
CA LYS B 430 -23.35 -38.38 -1.83
C LYS B 430 -24.10 -37.19 -1.20
N HIS B 431 -24.54 -36.23 -2.02
CA HIS B 431 -25.16 -35.00 -1.51
C HIS B 431 -26.55 -34.86 -2.07
N GLU B 432 -27.55 -34.78 -1.18
CA GLU B 432 -28.96 -34.69 -1.60
C GLU B 432 -29.21 -33.50 -2.52
N GLN B 433 -30.02 -33.71 -3.54
CA GLN B 433 -30.30 -32.67 -4.51
C GLN B 433 -31.67 -32.03 -4.26
N LEU B 434 -31.90 -30.88 -4.88
CA LEU B 434 -33.20 -30.24 -4.91
C LEU B 434 -34.23 -31.25 -5.45
N PRO B 435 -35.38 -31.38 -4.76
CA PRO B 435 -36.40 -32.36 -5.14
C PRO B 435 -37.14 -32.00 -6.43
N LEU B 436 -36.50 -32.23 -7.56
CA LEU B 436 -37.07 -31.93 -8.87
C LEU B 436 -36.74 -33.05 -9.86
N LYS B 437 -37.78 -33.73 -10.34
CA LYS B 437 -37.59 -34.79 -11.34
C LYS B 437 -38.36 -34.47 -12.61
N LEU B 438 -37.66 -33.96 -13.62
CA LEU B 438 -38.33 -33.51 -14.83
C LEU B 438 -38.46 -34.63 -15.85
N SER B 439 -39.07 -34.30 -17.00
CA SER B 439 -39.41 -35.32 -17.99
C SER B 439 -38.38 -35.43 -19.12
N MET B 440 -38.17 -34.34 -19.84
CA MET B 440 -37.23 -34.33 -20.95
C MET B 440 -35.85 -33.86 -20.51
N LEU B 441 -34.80 -34.45 -21.08
CA LEU B 441 -33.44 -34.08 -20.75
C LEU B 441 -33.13 -32.63 -21.06
N ASN B 442 -32.63 -31.91 -20.07
CA ASN B 442 -32.14 -30.56 -20.26
C ASN B 442 -30.63 -30.57 -20.33
N PRO B 443 -30.08 -30.36 -21.55
CA PRO B 443 -28.62 -30.41 -21.76
C PRO B 443 -27.87 -29.39 -20.92
N ILE B 444 -28.44 -28.21 -20.74
CA ILE B 444 -27.79 -27.16 -19.96
C ILE B 444 -27.71 -27.56 -18.50
N TYR B 445 -28.79 -28.11 -17.97
CA TYR B 445 -28.84 -28.50 -16.57
C TYR B 445 -28.14 -29.82 -16.31
N TYR B 446 -28.04 -30.65 -17.34
CA TYR B 446 -27.28 -31.89 -17.23
C TYR B 446 -25.83 -31.58 -16.85
N LEU B 447 -25.22 -30.66 -17.60
CA LEU B 447 -23.84 -30.26 -17.33
C LEU B 447 -23.66 -29.67 -15.94
N MET B 448 -24.60 -28.85 -15.51
CA MET B 448 -24.49 -28.17 -14.23
C MET B 448 -24.59 -29.13 -13.05
N TYR B 449 -25.56 -30.04 -13.09
CA TYR B 449 -25.67 -31.08 -12.08
C TYR B 449 -24.38 -31.89 -11.96
N CYS B 450 -23.79 -32.23 -13.10
CA CYS B 450 -22.61 -33.09 -13.14
C CYS B 450 -21.34 -32.46 -12.56
N THR B 451 -21.11 -31.19 -12.86
CA THR B 451 -19.77 -30.61 -12.64
C THR B 451 -19.70 -29.55 -11.54
N GLY B 452 -20.83 -28.98 -11.14
CA GLY B 452 -20.86 -27.93 -10.15
C GLY B 452 -20.22 -28.35 -8.84
N GLU B 453 -19.20 -27.62 -8.40
CA GLU B 453 -18.48 -28.02 -7.18
C GLU B 453 -19.28 -27.73 -5.91
N LYS B 454 -20.31 -26.88 -6.00
CA LYS B 454 -21.21 -26.68 -4.88
C LYS B 454 -22.13 -27.87 -4.72
N ILE B 455 -22.28 -28.65 -5.80
CA ILE B 455 -23.19 -29.81 -5.86
C ILE B 455 -24.62 -29.41 -5.48
N ASN B 456 -24.99 -28.18 -5.85
CA ASN B 456 -26.34 -27.69 -5.67
C ASN B 456 -26.77 -26.88 -6.89
N ILE B 457 -27.86 -27.30 -7.54
CA ILE B 457 -28.23 -26.74 -8.83
C ILE B 457 -28.64 -25.27 -8.78
N THR B 458 -29.20 -24.81 -7.65
CA THR B 458 -29.72 -23.46 -7.58
C THR B 458 -28.60 -22.44 -7.36
N GLN B 459 -27.40 -22.96 -7.11
CA GLN B 459 -26.24 -22.11 -6.89
C GLN B 459 -25.22 -22.23 -8.02
N ILE B 460 -25.70 -22.47 -9.24
CA ILE B 460 -24.86 -22.45 -10.43
C ILE B 460 -25.64 -21.91 -11.64
N GLU B 461 -26.96 -21.96 -11.56
CA GLU B 461 -27.84 -21.42 -12.61
C GLU B 461 -28.03 -19.91 -12.48
N GLY B 462 -28.60 -19.28 -13.50
CA GLY B 462 -29.03 -17.90 -13.37
C GLY B 462 -29.08 -17.02 -14.61
N GLN B 463 -27.93 -16.77 -15.21
CA GLN B 463 -27.81 -15.70 -16.20
C GLN B 463 -28.53 -15.96 -17.52
N PHE B 464 -28.67 -17.23 -17.88
CA PHE B 464 -29.38 -17.60 -19.10
C PHE B 464 -30.77 -18.07 -18.73
N PRO B 465 -31.79 -17.64 -19.49
CA PRO B 465 -33.19 -18.05 -19.27
C PRO B 465 -33.36 -19.57 -19.20
N GLN B 466 -34.20 -20.03 -18.27
CA GLN B 466 -34.44 -21.46 -18.09
C GLN B 466 -35.28 -22.03 -19.22
N ALA B 467 -36.19 -21.21 -19.74
CA ALA B 467 -37.11 -21.64 -20.78
C ALA B 467 -37.15 -20.61 -21.90
N PRO B 468 -37.47 -21.05 -23.12
CA PRO B 468 -37.56 -20.11 -24.24
C PRO B 468 -38.94 -19.47 -24.34
N TYR B 469 -39.01 -18.32 -25.02
CA TYR B 469 -40.29 -17.69 -25.31
C TYR B 469 -40.96 -18.38 -26.50
N PRO B 470 -42.29 -18.52 -26.45
CA PRO B 470 -43.04 -19.01 -27.61
C PRO B 470 -42.87 -18.10 -28.83
N LYS B 471 -43.35 -16.85 -28.72
CA LYS B 471 -43.28 -15.92 -29.84
C LYS B 471 -41.87 -15.34 -30.01
N LEU B 472 -41.49 -15.12 -31.25
CA LEU B 472 -40.19 -14.55 -31.57
C LEU B 472 -40.08 -13.11 -31.08
N GLU B 473 -41.21 -12.40 -31.12
CA GLU B 473 -41.27 -11.00 -30.71
C GLU B 473 -40.81 -10.82 -29.27
N GLN B 474 -41.14 -11.80 -28.43
CA GLN B 474 -40.76 -11.77 -27.03
C GLN B 474 -39.25 -11.90 -26.86
N ARG B 475 -38.63 -12.69 -27.74
CA ARG B 475 -37.19 -12.91 -27.67
C ARG B 475 -36.43 -11.69 -28.18
N GLU B 476 -36.93 -11.11 -29.27
CA GLU B 476 -36.32 -9.92 -29.85
C GLU B 476 -36.35 -8.77 -28.84
N ALA B 477 -37.43 -8.69 -28.08
CA ALA B 477 -37.59 -7.62 -27.10
C ALA B 477 -36.65 -7.83 -25.92
N PHE B 478 -36.46 -9.09 -25.54
CA PHE B 478 -35.62 -9.42 -24.39
C PHE B 478 -34.15 -9.11 -24.65
N VAL B 479 -33.63 -9.57 -25.78
CA VAL B 479 -32.21 -9.45 -26.09
C VAL B 479 -31.81 -8.01 -26.42
N GLU B 480 -32.79 -7.18 -26.72
CA GLU B 480 -32.56 -5.79 -27.11
C GLU B 480 -31.65 -5.04 -26.14
N ASP B 481 -31.94 -5.13 -24.85
CA ASP B 481 -31.15 -4.44 -23.83
C ASP B 481 -30.47 -5.41 -22.88
N TRP B 482 -30.06 -6.56 -23.41
CA TRP B 482 -29.38 -7.58 -22.62
C TRP B 482 -27.87 -7.31 -22.55
N ILE B 483 -27.51 -6.23 -21.85
CA ILE B 483 -26.14 -5.74 -21.81
C ILE B 483 -25.20 -6.65 -21.01
N GLN B 484 -25.78 -7.55 -20.21
CA GLN B 484 -24.98 -8.37 -19.31
C GLN B 484 -24.23 -9.50 -20.02
N VAL B 485 -24.56 -9.76 -21.28
CA VAL B 485 -23.93 -10.88 -21.99
C VAL B 485 -22.47 -10.57 -22.34
N PRO B 486 -21.58 -11.56 -22.17
CA PRO B 486 -20.16 -11.41 -22.52
C PRO B 486 -19.95 -11.29 -24.02
N ASP B 487 -20.78 -12.00 -24.79
CA ASP B 487 -20.70 -12.01 -26.25
C ASP B 487 -22.08 -11.82 -26.87
N GLU B 488 -22.13 -11.27 -28.08
CA GLU B 488 -23.40 -11.05 -28.77
C GLU B 488 -24.02 -12.37 -29.24
N LYS B 489 -23.26 -13.45 -29.15
CA LYS B 489 -23.73 -14.75 -29.60
C LYS B 489 -24.79 -15.34 -28.67
N PHE B 490 -24.77 -14.93 -27.40
CA PHE B 490 -25.75 -15.41 -26.44
C PHE B 490 -27.14 -14.91 -26.77
N LYS B 491 -27.21 -13.72 -27.38
CA LYS B 491 -28.49 -13.18 -27.84
C LYS B 491 -29.03 -14.03 -28.96
N LYS B 492 -28.16 -14.35 -29.92
CA LYS B 492 -28.55 -15.09 -31.11
C LYS B 492 -29.01 -16.51 -30.77
N ILE B 493 -28.43 -17.08 -29.72
CA ILE B 493 -28.85 -18.40 -29.26
C ILE B 493 -30.29 -18.36 -28.76
N PHE B 494 -30.57 -17.38 -27.90
CA PHE B 494 -31.88 -17.26 -27.29
C PHE B 494 -32.97 -16.91 -28.31
N LEU B 495 -32.58 -16.23 -29.39
CA LEU B 495 -33.51 -15.93 -30.47
C LEU B 495 -33.94 -17.20 -31.19
N GLU B 496 -32.99 -18.09 -31.44
CA GLU B 496 -33.26 -19.34 -32.15
C GLU B 496 -34.01 -20.35 -31.29
N TRP B 497 -33.77 -20.31 -29.99
CA TRP B 497 -34.32 -21.29 -29.05
C TRP B 497 -35.83 -21.26 -29.02
N GLU B 498 -36.45 -22.44 -29.15
CA GLU B 498 -37.90 -22.55 -29.19
C GLU B 498 -38.39 -23.65 -28.25
N PRO B 499 -39.64 -23.53 -27.78
CA PRO B 499 -40.15 -24.54 -26.84
C PRO B 499 -40.46 -25.87 -27.52
N ARG B 500 -40.94 -25.82 -28.76
CA ARG B 500 -41.25 -27.02 -29.52
C ARG B 500 -40.60 -26.97 -30.89
N GLY B 501 -40.38 -28.14 -31.48
CA GLY B 501 -39.87 -28.21 -32.85
C GLY B 501 -38.39 -28.51 -32.95
N GLU B 502 -37.87 -28.33 -34.15
CA GLU B 502 -36.47 -28.66 -34.46
C GLU B 502 -35.47 -27.88 -33.63
N LYS B 503 -35.84 -26.68 -33.20
CA LYS B 503 -34.94 -25.85 -32.42
C LYS B 503 -35.29 -25.89 -30.93
N SER B 504 -35.55 -27.08 -30.42
CA SER B 504 -35.85 -27.26 -29.01
C SER B 504 -34.93 -28.28 -28.36
N MET B 505 -35.03 -28.38 -27.04
CA MET B 505 -34.22 -29.33 -26.27
C MET B 505 -34.68 -30.75 -26.53
N PRO B 506 -33.77 -31.73 -26.39
CA PRO B 506 -32.36 -31.62 -25.98
C PRO B 506 -31.39 -31.33 -27.12
N ASN B 507 -31.86 -31.35 -28.36
CA ASN B 507 -30.98 -31.17 -29.51
C ASN B 507 -30.56 -29.73 -29.74
N PHE B 508 -31.35 -28.79 -29.21
CA PHE B 508 -31.00 -27.37 -29.28
C PHE B 508 -31.25 -26.69 -27.93
N PRO B 509 -30.32 -25.82 -27.50
CA PRO B 509 -29.08 -25.37 -28.13
C PRO B 509 -28.07 -26.49 -28.33
N THR B 510 -27.19 -26.34 -29.31
CA THR B 510 -26.19 -27.36 -29.63
C THR B 510 -25.24 -27.61 -28.47
N VAL B 511 -24.44 -28.66 -28.59
CA VAL B 511 -23.49 -29.03 -27.55
C VAL B 511 -22.55 -27.88 -27.22
N ASP B 512 -22.04 -27.22 -28.26
CA ASP B 512 -21.13 -26.11 -28.07
C ASP B 512 -21.82 -24.91 -27.44
N MET B 513 -23.07 -24.67 -27.80
CA MET B 513 -23.83 -23.58 -27.21
C MET B 513 -24.07 -23.84 -25.71
N CYS B 514 -24.39 -25.07 -25.36
CA CYS B 514 -24.65 -25.42 -23.96
C CYS B 514 -23.41 -25.28 -23.11
N CYS B 515 -22.25 -25.57 -23.70
CA CYS B 515 -21.00 -25.45 -22.98
C CYS B 515 -20.66 -23.99 -22.68
N ASP B 516 -20.93 -23.11 -23.63
CA ASP B 516 -20.67 -21.68 -23.45
C ASP B 516 -21.61 -21.06 -22.43
N ILE B 517 -22.84 -21.56 -22.40
CA ILE B 517 -23.88 -21.03 -21.51
C ILE B 517 -23.61 -21.43 -20.05
N VAL B 518 -23.29 -22.70 -19.84
CA VAL B 518 -22.99 -23.19 -18.50
C VAL B 518 -21.72 -22.53 -17.97
N ASP B 519 -20.75 -22.32 -18.86
CA ASP B 519 -19.51 -21.68 -18.47
C ASP B 519 -19.73 -20.24 -17.99
N TRP B 520 -20.58 -19.50 -18.70
CA TRP B 520 -20.89 -18.15 -18.31
C TRP B 520 -21.60 -18.12 -16.95
N GLN B 521 -22.63 -18.93 -16.82
CA GLN B 521 -23.42 -18.97 -15.58
C GLN B 521 -22.55 -19.31 -14.39
N GLU B 522 -21.73 -20.35 -14.53
CA GLU B 522 -20.85 -20.77 -13.45
C GLU B 522 -19.84 -19.68 -13.09
N MET B 523 -19.30 -19.02 -14.10
CA MET B 523 -18.32 -17.95 -13.88
C MET B 523 -18.87 -16.84 -12.97
N MET B 524 -20.07 -16.38 -13.26
CA MET B 524 -20.66 -15.30 -12.47
C MET B 524 -20.81 -15.69 -10.99
N HIS B 525 -21.14 -16.94 -10.74
CA HIS B 525 -21.24 -17.41 -9.37
C HIS B 525 -19.89 -17.37 -8.65
N TYR B 526 -18.84 -17.82 -9.32
CA TYR B 526 -17.52 -17.85 -8.70
C TYR B 526 -16.98 -16.45 -8.43
N ILE B 527 -17.36 -15.49 -9.27
CA ILE B 527 -16.97 -14.11 -9.04
C ILE B 527 -17.70 -13.54 -7.82
N ASP B 528 -18.98 -13.87 -7.69
CA ASP B 528 -19.78 -13.43 -6.55
C ASP B 528 -19.23 -13.98 -5.23
N ASP B 529 -18.82 -15.24 -5.25
CA ASP B 529 -18.38 -15.90 -4.02
C ASP B 529 -16.95 -15.51 -3.66
N ALA B 530 -16.31 -14.71 -4.51
CA ALA B 530 -14.98 -14.21 -4.21
C ALA B 530 -15.09 -12.78 -3.70
N LEU B 531 -16.02 -12.05 -4.30
CA LEU B 531 -16.24 -10.64 -3.99
C LEU B 531 -17.16 -10.44 -2.79
N GLY B 532 -17.92 -11.47 -2.46
CA GLY B 532 -18.87 -11.41 -1.36
C GLY B 532 -20.22 -10.85 -1.76
N GLN B 533 -20.37 -10.59 -3.05
CA GLN B 533 -21.60 -10.06 -3.60
C GLN B 533 -22.71 -11.08 -3.54
N CYS B 534 -23.89 -10.66 -3.08
CA CYS B 534 -25.04 -11.55 -3.08
C CYS B 534 -25.45 -11.92 -4.48
N ALA B 535 -25.71 -13.19 -4.73
CA ALA B 535 -26.09 -13.65 -6.06
C ALA B 535 -27.46 -13.10 -6.45
N GLY B 536 -28.21 -12.62 -5.47
CA GLY B 536 -29.54 -12.07 -5.70
C GLY B 536 -29.52 -10.80 -6.56
N LEU B 537 -28.34 -10.18 -6.66
CA LEU B 537 -28.15 -8.96 -7.44
C LEU B 537 -27.13 -9.19 -8.54
N SER B 538 -26.72 -10.44 -8.70
CA SER B 538 -25.69 -10.77 -9.68
C SER B 538 -26.02 -12.08 -10.39
N SER B 539 -25.35 -13.16 -10.02
CA SER B 539 -25.37 -14.37 -10.84
C SER B 539 -26.73 -15.07 -10.92
N PHE B 540 -27.61 -14.82 -9.96
CA PHE B 540 -28.85 -15.58 -9.92
C PHE B 540 -30.02 -15.07 -10.80
N PRO B 541 -30.34 -13.76 -10.77
CA PRO B 541 -31.51 -13.34 -11.55
C PRO B 541 -31.18 -12.94 -12.99
N LEU B 542 -32.19 -12.92 -13.85
CA LEU B 542 -32.03 -12.42 -15.21
C LEU B 542 -31.77 -10.91 -15.21
N LYS B 543 -30.84 -10.48 -16.06
CA LYS B 543 -30.48 -9.07 -16.20
C LYS B 543 -30.21 -8.38 -14.86
N PRO B 544 -29.16 -8.82 -14.15
CA PRO B 544 -28.76 -8.23 -12.86
C PRO B 544 -28.01 -6.90 -13.02
N PRO B 545 -27.92 -6.10 -11.94
CA PRO B 545 -27.17 -4.84 -11.96
C PRO B 545 -25.64 -5.07 -11.95
N TYR B 546 -25.19 -6.20 -11.42
CA TYR B 546 -23.77 -6.56 -11.50
C TYR B 546 -23.56 -7.57 -12.61
N HIS B 547 -22.55 -7.34 -13.45
CA HIS B 547 -22.27 -8.23 -14.56
C HIS B 547 -20.80 -8.18 -15.01
N ILE B 548 -20.45 -8.93 -16.04
CA ILE B 548 -19.04 -9.11 -16.42
C ILE B 548 -18.39 -7.81 -16.93
N HIS B 549 -19.19 -6.83 -17.28
CA HIS B 549 -18.68 -5.59 -17.81
C HIS B 549 -18.38 -4.52 -16.76
N ASN B 550 -19.16 -4.47 -15.69
CA ASN B 550 -18.92 -3.43 -14.68
C ASN B 550 -18.18 -3.97 -13.45
N TYR B 551 -18.21 -5.29 -13.26
CA TYR B 551 -17.47 -5.93 -12.18
C TYR B 551 -15.97 -5.53 -12.12
N PRO B 552 -15.25 -5.58 -13.25
CA PRO B 552 -13.84 -5.16 -13.18
C PRO B 552 -13.66 -3.72 -12.71
N LYS B 553 -14.60 -2.84 -13.05
CA LYS B 553 -14.56 -1.47 -12.58
C LYS B 553 -14.64 -1.38 -11.05
N PHE B 554 -15.51 -2.21 -10.46
CA PHE B 554 -15.64 -2.25 -9.00
C PHE B 554 -14.35 -2.70 -8.34
N ILE B 555 -13.78 -3.79 -8.87
CA ILE B 555 -12.56 -4.36 -8.32
C ILE B 555 -11.41 -3.36 -8.38
N ALA B 556 -11.25 -2.71 -9.53
CA ALA B 556 -10.17 -1.75 -9.71
C ALA B 556 -10.33 -0.52 -8.83
N ALA B 557 -11.55 0.04 -8.77
CA ALA B 557 -11.79 1.22 -7.96
C ALA B 557 -11.87 0.89 -6.46
N GLY B 558 -12.31 -0.32 -6.14
CA GLY B 558 -12.43 -0.76 -4.76
C GLY B 558 -11.12 -1.22 -4.15
N ALA B 559 -10.49 -2.22 -4.78
CA ALA B 559 -9.27 -2.83 -4.25
C ALA B 559 -7.98 -2.17 -4.74
N GLY B 560 -8.07 -1.35 -5.79
CA GLY B 560 -6.89 -0.67 -6.30
C GLY B 560 -5.89 -1.57 -7.00
N ILE B 561 -6.40 -2.54 -7.74
CA ILE B 561 -5.55 -3.43 -8.52
C ILE B 561 -6.03 -3.40 -9.97
N GLU B 562 -5.12 -3.67 -10.91
CA GLU B 562 -5.49 -3.67 -12.32
C GLU B 562 -6.46 -4.81 -12.60
N MET B 563 -7.53 -4.50 -13.34
CA MET B 563 -8.55 -5.49 -13.64
C MET B 563 -9.39 -5.08 -14.84
N ASP B 564 -9.61 -6.01 -15.75
CA ASP B 564 -10.47 -5.79 -16.91
C ASP B 564 -11.29 -7.04 -17.13
N THR B 565 -12.15 -7.02 -18.13
CA THR B 565 -13.03 -8.15 -18.41
C THR B 565 -12.27 -9.46 -18.62
N GLU B 566 -11.21 -9.41 -19.43
CA GLU B 566 -10.43 -10.62 -19.72
C GLU B 566 -9.65 -11.14 -18.53
N LYS B 567 -8.99 -10.25 -17.80
CA LYS B 567 -8.24 -10.65 -16.63
C LYS B 567 -9.19 -11.21 -15.54
N LEU B 568 -10.41 -10.70 -15.49
CA LEU B 568 -11.41 -11.17 -14.52
C LEU B 568 -11.93 -12.56 -14.87
N LYS B 569 -12.23 -12.77 -16.16
CA LYS B 569 -12.59 -14.09 -16.66
C LYS B 569 -11.52 -15.13 -16.33
N LYS B 570 -10.26 -14.73 -16.45
CA LYS B 570 -9.15 -15.65 -16.22
C LYS B 570 -8.99 -15.91 -14.73
N ALA B 571 -9.10 -14.88 -13.92
CA ALA B 571 -9.06 -15.03 -12.46
C ALA B 571 -10.12 -16.00 -11.99
N ALA B 572 -11.33 -15.85 -12.51
CA ALA B 572 -12.44 -16.72 -12.12
C ALA B 572 -12.12 -18.17 -12.48
N LYS B 573 -11.51 -18.36 -13.64
CA LYS B 573 -11.14 -19.68 -14.12
C LYS B 573 -10.02 -20.26 -13.26
N ARG B 574 -9.11 -19.40 -12.83
CA ARG B 574 -7.95 -19.82 -12.06
C ARG B 574 -8.36 -20.54 -10.78
N TYR B 575 -9.20 -19.93 -9.94
CA TYR B 575 -9.53 -20.62 -8.70
C TYR B 575 -10.69 -21.61 -8.85
N ARG B 576 -11.47 -21.48 -9.91
CA ARG B 576 -12.47 -22.51 -10.19
C ARG B 576 -11.81 -23.83 -10.54
N THR B 577 -10.67 -23.79 -11.24
CA THR B 577 -9.98 -25.03 -11.56
C THR B 577 -9.15 -25.47 -10.36
N LEU B 578 -8.75 -24.51 -9.53
CA LEU B 578 -8.03 -24.84 -8.29
C LEU B 578 -8.95 -25.65 -7.36
N VAL B 579 -10.21 -25.25 -7.25
CA VAL B 579 -11.19 -26.00 -6.47
C VAL B 579 -11.38 -27.38 -7.09
N ARG B 580 -11.49 -27.41 -8.41
CA ARG B 580 -11.53 -28.67 -9.15
C ARG B 580 -10.34 -29.54 -8.78
N ALA B 581 -9.15 -28.94 -8.73
CA ALA B 581 -7.92 -29.65 -8.45
C ALA B 581 -7.93 -30.24 -7.06
N PHE B 582 -8.52 -29.52 -6.11
CA PHE B 582 -8.60 -29.98 -4.73
C PHE B 582 -9.45 -31.25 -4.62
N ASN B 583 -10.58 -31.26 -5.32
CA ASN B 583 -11.46 -32.41 -5.32
C ASN B 583 -10.85 -33.60 -6.05
N ILE B 584 -10.06 -33.34 -7.09
CA ILE B 584 -9.35 -34.40 -7.78
C ILE B 584 -8.37 -35.08 -6.83
N ARG B 585 -7.66 -34.29 -6.06
CA ARG B 585 -6.65 -34.82 -5.14
C ARG B 585 -7.32 -35.61 -4.02
N ARG B 586 -8.60 -35.37 -3.79
CA ARG B 586 -9.34 -36.15 -2.81
C ARG B 586 -10.11 -37.32 -3.44
N GLY B 587 -9.84 -37.61 -4.71
CA GLY B 587 -10.35 -38.83 -5.31
C GLY B 587 -11.49 -38.71 -6.30
N MET B 588 -11.95 -37.49 -6.57
CA MET B 588 -13.04 -37.31 -7.53
C MET B 588 -12.60 -37.60 -8.96
N ARG B 589 -13.42 -38.35 -9.70
CA ARG B 589 -13.15 -38.62 -11.11
C ARG B 589 -14.41 -38.44 -11.95
N ARG B 590 -14.30 -38.69 -13.26
CA ARG B 590 -15.41 -38.51 -14.18
C ARG B 590 -16.62 -39.36 -13.78
N VAL B 591 -16.35 -40.49 -13.14
CA VAL B 591 -17.39 -41.43 -12.75
C VAL B 591 -18.40 -40.84 -11.74
N ASP B 592 -17.91 -39.95 -10.88
CA ASP B 592 -18.75 -39.34 -9.86
C ASP B 592 -19.61 -38.24 -10.42
N GLU B 593 -19.28 -37.79 -11.63
CA GLU B 593 -19.98 -36.67 -12.25
C GLU B 593 -21.17 -37.16 -13.07
N GLN B 594 -22.09 -37.83 -12.40
CA GLN B 594 -23.34 -38.26 -13.02
C GLN B 594 -24.54 -37.81 -12.19
N PRO B 595 -25.63 -37.46 -12.86
CA PRO B 595 -26.88 -37.13 -12.16
C PRO B 595 -27.57 -38.41 -11.68
N PRO B 596 -28.58 -38.28 -10.79
CA PRO B 596 -29.36 -39.46 -10.38
C PRO B 596 -29.97 -40.17 -11.58
N ALA B 597 -30.12 -41.49 -11.49
CA ALA B 597 -30.59 -42.28 -12.62
C ALA B 597 -31.97 -41.86 -13.10
N ASN B 598 -32.86 -41.56 -12.15
CA ASN B 598 -34.24 -41.21 -12.49
C ASN B 598 -34.47 -39.70 -12.60
N HIS B 599 -33.42 -38.93 -12.78
CA HIS B 599 -33.52 -37.48 -12.76
C HIS B 599 -34.34 -36.96 -13.95
N TRP B 600 -34.23 -37.65 -15.09
CA TRP B 600 -35.09 -37.39 -16.22
C TRP B 600 -35.70 -38.71 -16.70
N LYS B 601 -36.86 -38.62 -17.33
CA LYS B 601 -37.53 -39.80 -17.86
C LYS B 601 -37.06 -40.08 -19.29
N ASN B 602 -36.51 -39.07 -19.94
CA ASN B 602 -35.99 -39.18 -21.31
C ASN B 602 -34.49 -38.96 -21.34
N ARG B 603 -33.72 -40.04 -21.39
CA ARG B 603 -32.26 -39.94 -21.38
C ARG B 603 -31.66 -40.22 -22.76
N PHE B 604 -30.48 -39.66 -23.01
CA PHE B 604 -29.80 -39.81 -24.29
C PHE B 604 -28.29 -39.96 -24.08
N PRO B 605 -27.85 -41.22 -23.85
CA PRO B 605 -26.47 -41.57 -23.50
C PRO B 605 -25.42 -40.98 -24.44
N GLU B 606 -25.66 -41.04 -25.74
CA GLU B 606 -24.67 -40.54 -26.70
C GLU B 606 -24.60 -39.01 -26.67
N LEU B 607 -25.75 -38.36 -26.50
CA LEU B 607 -25.78 -36.91 -26.38
C LEU B 607 -25.15 -36.45 -25.07
N GLU B 608 -25.41 -37.19 -23.99
CA GLU B 608 -24.88 -36.81 -22.69
C GLU B 608 -23.37 -36.95 -22.65
N LYS B 609 -22.85 -37.96 -23.34
CA LYS B 609 -21.42 -38.21 -23.42
C LYS B 609 -20.71 -37.07 -24.16
N GLU B 610 -21.26 -36.68 -25.29
CA GLU B 610 -20.70 -35.59 -26.08
C GLU B 610 -20.75 -34.26 -25.33
N LEU B 611 -21.81 -34.06 -24.54
CA LEU B 611 -21.93 -32.85 -23.74
C LEU B 611 -20.76 -32.74 -22.76
N LEU B 612 -20.58 -33.77 -21.95
CA LEU B 612 -19.54 -33.77 -20.93
C LEU B 612 -18.15 -33.75 -21.56
N ASP B 613 -17.98 -34.47 -22.66
CA ASP B 613 -16.73 -34.46 -23.42
C ASP B 613 -16.35 -33.05 -23.87
N SER B 614 -17.30 -32.35 -24.47
CA SER B 614 -17.05 -31.00 -24.98
C SER B 614 -16.82 -30.01 -23.86
N TYR B 615 -17.51 -30.20 -22.74
CA TYR B 615 -17.38 -29.28 -21.62
C TYR B 615 -15.99 -29.37 -20.99
N TYR B 616 -15.53 -30.60 -20.79
CA TYR B 616 -14.18 -30.84 -20.26
C TYR B 616 -13.12 -30.16 -21.13
N LYS B 617 -13.28 -30.25 -22.45
CA LYS B 617 -12.32 -29.66 -23.38
C LYS B 617 -12.33 -28.14 -23.27
N LEU B 618 -13.52 -27.56 -23.18
CA LEU B 618 -13.67 -26.12 -23.00
C LEU B 618 -13.04 -25.65 -21.69
N LYS B 619 -13.24 -26.43 -20.63
CA LYS B 619 -12.64 -26.14 -19.33
C LYS B 619 -11.12 -26.30 -19.33
N GLY B 620 -10.61 -27.11 -20.25
CA GLY B 620 -9.18 -27.40 -20.30
C GLY B 620 -8.79 -28.61 -19.48
N TRP B 621 -9.72 -29.53 -19.29
CA TRP B 621 -9.49 -30.75 -18.52
C TRP B 621 -9.41 -31.93 -19.48
N ASN B 622 -8.86 -33.07 -19.05
CA ASN B 622 -8.85 -34.25 -19.90
C ASN B 622 -10.17 -34.99 -19.82
N ASP B 623 -10.21 -36.19 -20.40
CA ASP B 623 -11.46 -36.94 -20.50
C ASP B 623 -11.88 -37.60 -19.17
N ASP B 624 -11.00 -37.55 -18.17
CA ASP B 624 -11.35 -38.07 -16.85
C ASP B 624 -11.71 -36.94 -15.89
N GLY B 625 -11.79 -35.72 -16.40
CA GLY B 625 -12.19 -34.57 -15.60
C GLY B 625 -11.07 -33.89 -14.85
N ILE B 626 -9.83 -34.17 -15.24
CA ILE B 626 -8.67 -33.62 -14.56
C ILE B 626 -8.04 -32.50 -15.39
N PRO B 627 -7.81 -31.35 -14.75
CA PRO B 627 -7.12 -30.23 -15.41
C PRO B 627 -5.77 -30.67 -15.96
N THR B 628 -5.53 -30.43 -17.23
CA THR B 628 -4.28 -30.86 -17.87
C THR B 628 -3.12 -29.96 -17.45
N LYS B 629 -1.91 -30.48 -17.60
CA LYS B 629 -0.69 -29.76 -17.28
C LYS B 629 -0.64 -28.41 -18.00
N GLU B 630 -0.99 -28.44 -19.28
CA GLU B 630 -0.94 -27.27 -20.15
C GLU B 630 -1.81 -26.12 -19.63
N THR B 631 -3.07 -26.44 -19.35
CA THR B 631 -4.01 -25.43 -18.89
C THR B 631 -3.70 -24.97 -17.47
N LEU B 632 -3.08 -25.83 -16.67
CA LEU B 632 -2.62 -25.46 -15.34
C LEU B 632 -1.50 -24.43 -15.40
N ASP B 633 -0.49 -24.71 -16.23
CA ASP B 633 0.63 -23.79 -16.40
C ASP B 633 0.15 -22.44 -16.90
N ASP B 634 -0.81 -22.46 -17.82
CA ASP B 634 -1.35 -21.22 -18.40
C ASP B 634 -2.07 -20.35 -17.35
N LEU B 635 -2.70 -21.00 -16.37
CA LEU B 635 -3.44 -20.27 -15.35
C LEU B 635 -2.55 -19.82 -14.20
N GLY B 636 -1.28 -20.23 -14.23
CA GLY B 636 -0.36 -19.91 -13.17
C GLY B 636 -0.43 -20.93 -12.05
N LEU B 637 -1.03 -22.07 -12.35
CA LEU B 637 -1.18 -23.14 -11.38
C LEU B 637 -0.15 -24.26 -11.66
N GLY B 638 1.08 -23.84 -11.93
CA GLY B 638 2.17 -24.76 -12.20
C GLY B 638 2.48 -25.68 -11.03
N TYR B 639 2.36 -25.15 -9.82
CA TYR B 639 2.60 -25.96 -8.62
C TYR B 639 1.53 -27.04 -8.47
N VAL B 640 0.36 -26.82 -9.04
CA VAL B 640 -0.68 -27.83 -9.04
C VAL B 640 -0.30 -28.97 -9.96
N GLY B 641 0.12 -28.62 -11.17
CA GLY B 641 0.53 -29.61 -12.15
C GLY B 641 1.64 -30.53 -11.67
N ASP B 642 2.65 -29.94 -11.02
CA ASP B 642 3.78 -30.70 -10.51
C ASP B 642 3.33 -31.74 -9.50
N GLU B 643 2.42 -31.37 -8.60
CA GLU B 643 1.96 -32.29 -7.57
C GLU B 643 1.17 -33.44 -8.19
N PHE B 644 0.42 -33.13 -9.25
CA PHE B 644 -0.37 -34.16 -9.93
C PHE B 644 0.53 -35.21 -10.56
N ILE B 645 1.63 -34.75 -11.18
CA ILE B 645 2.60 -35.65 -11.79
C ILE B 645 3.31 -36.49 -10.73
N LYS B 646 3.70 -35.83 -9.64
CA LYS B 646 4.36 -36.50 -8.52
C LYS B 646 3.44 -37.50 -7.83
N ARG B 647 2.14 -37.19 -7.79
CA ARG B 647 1.17 -38.10 -7.19
C ARG B 647 0.64 -39.12 -8.19
N GLY B 648 1.10 -39.03 -9.44
CA GLY B 648 0.66 -39.94 -10.48
C GLY B 648 -0.76 -39.69 -10.96
N ILE B 649 -1.27 -38.49 -10.69
CA ILE B 649 -2.60 -38.10 -11.15
C ILE B 649 -2.56 -37.69 -12.63
N LEU B 650 -1.41 -37.17 -13.04
CA LEU B 650 -1.14 -36.88 -14.45
C LEU B 650 0.16 -37.54 -14.90
N SER B 651 0.21 -37.93 -16.17
CA SER B 651 1.42 -38.52 -16.76
C SER B 651 2.40 -37.43 -17.15
N ALA B 652 3.68 -37.69 -16.91
CA ALA B 652 4.73 -36.72 -17.23
C ALA B 652 4.93 -36.60 -18.74
N MET C 1 -56.15 38.00 49.15
CA MET C 1 -55.88 36.99 48.13
C MET C 1 -57.01 35.97 48.08
N ARG C 2 -57.42 35.60 46.87
CA ARG C 2 -58.40 34.53 46.68
C ARG C 2 -57.68 33.20 46.52
N TYR C 3 -58.28 32.13 47.03
CA TYR C 3 -57.68 30.81 46.94
C TYR C 3 -58.64 29.79 46.33
N ALA C 4 -58.08 28.79 45.66
CA ALA C 4 -58.81 27.72 44.97
C ALA C 4 -59.66 28.26 43.82
N GLU C 5 -60.47 29.29 44.10
CA GLU C 5 -61.15 30.04 43.05
C GLU C 5 -60.18 31.09 42.51
N THR C 6 -60.40 31.55 41.29
CA THR C 6 -59.54 32.56 40.70
C THR C 6 -60.04 33.95 41.05
N GLY C 7 -61.34 34.06 41.28
CA GLY C 7 -61.95 35.32 41.68
C GLY C 7 -62.42 36.20 40.51
N TYR C 8 -62.41 35.64 39.31
CA TYR C 8 -62.78 36.39 38.11
C TYR C 8 -63.71 35.61 37.20
N VAL C 9 -64.57 36.33 36.49
CA VAL C 9 -65.40 35.70 35.46
C VAL C 9 -65.30 36.49 34.16
N LEU C 10 -65.67 35.83 33.06
CA LEU C 10 -65.73 36.49 31.76
C LEU C 10 -67.16 36.75 31.36
N GLU C 11 -67.48 38.02 31.18
CA GLU C 11 -68.80 38.42 30.70
C GLU C 11 -68.74 38.65 29.20
N VAL C 12 -69.52 37.88 28.44
CA VAL C 12 -69.50 37.98 27.00
C VAL C 12 -70.87 38.28 26.43
N ASP C 13 -70.97 39.41 25.72
CA ASP C 13 -72.21 39.77 25.03
C ASP C 13 -72.04 39.49 23.54
N LEU C 14 -72.63 38.39 23.09
CA LEU C 14 -72.48 37.92 21.72
C LEU C 14 -73.14 38.83 20.68
N THR C 15 -74.04 39.71 21.13
CA THR C 15 -74.72 40.62 20.22
C THR C 15 -73.80 41.78 19.85
N LYS C 16 -73.02 42.24 20.82
CA LYS C 16 -72.16 43.40 20.63
C LYS C 16 -70.71 43.00 20.34
N GLY C 17 -70.34 41.78 20.71
CA GLY C 17 -68.97 41.32 20.55
C GLY C 17 -68.08 41.79 21.67
N SER C 18 -68.68 42.20 22.79
CA SER C 18 -67.93 42.73 23.92
C SER C 18 -67.49 41.65 24.89
N ILE C 19 -66.27 41.77 25.40
CA ILE C 19 -65.71 40.82 26.35
C ILE C 19 -65.16 41.57 27.56
N GLU C 20 -65.58 41.15 28.75
CA GLU C 20 -65.13 41.84 29.95
C GLU C 20 -64.77 40.88 31.06
N ARG C 21 -63.65 41.12 31.72
CA ARG C 21 -63.31 40.37 32.92
C ARG C 21 -63.83 41.14 34.14
N VAL C 22 -64.52 40.42 35.02
CA VAL C 22 -65.10 41.03 36.20
C VAL C 22 -64.68 40.27 37.45
N ALA C 23 -64.26 41.00 38.48
CA ALA C 23 -63.95 40.39 39.77
C ALA C 23 -65.24 39.96 40.49
N THR C 24 -65.17 38.84 41.20
CA THR C 24 -66.35 38.33 41.88
C THR C 24 -66.40 38.77 43.35
N ASP C 25 -67.56 38.56 43.96
CA ASP C 25 -67.76 38.91 45.36
C ASP C 25 -67.46 37.70 46.24
N PRO C 26 -66.46 37.82 47.12
CA PRO C 26 -66.06 36.73 48.02
C PRO C 26 -67.17 36.27 48.97
N ARG C 27 -68.14 37.15 49.23
CA ARG C 27 -69.30 36.79 50.04
C ARG C 27 -70.14 35.72 49.36
N ASP C 28 -70.27 35.79 48.05
CA ASP C 28 -71.02 34.80 47.29
C ASP C 28 -70.38 33.42 47.41
N THR C 29 -69.07 33.37 47.57
CA THR C 29 -68.36 32.11 47.76
C THR C 29 -68.67 31.52 49.14
N GLU C 30 -68.83 32.39 50.13
CA GLU C 30 -69.16 31.95 51.49
C GLU C 30 -70.59 31.42 51.60
N LEU C 31 -71.48 31.91 50.75
CA LEU C 31 -72.89 31.54 50.81
C LEU C 31 -73.22 30.35 49.90
N TYR C 32 -72.66 30.37 48.69
CA TYR C 32 -73.05 29.40 47.66
C TYR C 32 -71.89 28.57 47.13
N LEU C 33 -70.75 28.63 47.84
CA LEU C 33 -69.55 27.84 47.52
C LEU C 33 -68.97 28.10 46.12
N GLY C 34 -69.68 27.67 45.09
CA GLY C 34 -69.19 27.84 43.73
C GLY C 34 -69.96 26.93 42.79
N GLY C 35 -69.42 26.74 41.59
CA GLY C 35 -70.02 25.83 40.63
C GLY C 35 -71.49 26.09 40.40
N LEU C 36 -72.31 25.06 40.63
CA LEU C 36 -73.77 25.19 40.51
C LEU C 36 -74.34 26.26 41.44
N GLY C 37 -73.81 26.33 42.65
CA GLY C 37 -74.28 27.27 43.64
C GLY C 37 -74.26 28.71 43.18
N THR C 38 -73.08 29.17 42.74
CA THR C 38 -72.93 30.53 42.28
C THR C 38 -73.60 30.77 40.92
N ASN C 39 -73.76 29.71 40.12
CA ASN C 39 -74.55 29.80 38.90
C ASN C 39 -76.01 30.17 39.22
N ALA C 40 -76.57 29.48 40.20
CA ALA C 40 -77.96 29.71 40.60
C ALA C 40 -78.19 31.17 41.00
N LYS C 41 -77.25 31.73 41.77
CA LYS C 41 -77.32 33.12 42.19
C LYS C 41 -77.36 34.06 40.99
N ILE C 42 -76.50 33.80 40.00
CA ILE C 42 -76.45 34.63 38.80
C ILE C 42 -77.74 34.57 38.00
N LEU C 43 -78.28 33.35 37.83
CA LEU C 43 -79.52 33.19 37.07
C LEU C 43 -80.69 33.84 37.79
N TRP C 44 -80.73 33.70 39.12
CA TRP C 44 -81.84 34.20 39.91
C TRP C 44 -82.09 35.69 39.69
N ASP C 45 -81.05 36.50 39.84
CA ASP C 45 -81.25 37.94 39.77
C ASP C 45 -80.86 38.55 38.43
N ARG C 46 -80.71 37.72 37.39
CA ARG C 46 -80.46 38.25 36.06
C ARG C 46 -81.36 37.64 34.98
N VAL C 47 -82.08 36.56 35.33
CA VAL C 47 -83.00 35.95 34.37
C VAL C 47 -84.41 35.82 34.95
N PRO C 48 -85.21 36.90 34.81
CA PRO C 48 -86.60 36.95 35.29
C PRO C 48 -87.50 35.98 34.53
N PRO C 49 -88.64 35.60 35.11
CA PRO C 49 -89.52 34.56 34.54
C PRO C 49 -90.05 34.87 33.14
N GLU C 50 -90.07 36.14 32.74
CA GLU C 50 -90.53 36.51 31.40
C GLU C 50 -89.50 36.20 30.30
N VAL C 51 -88.32 35.79 30.69
CA VAL C 51 -87.29 35.44 29.71
C VAL C 51 -87.52 34.06 29.13
N GLU C 52 -87.53 33.98 27.79
CA GLU C 52 -87.66 32.72 27.07
C GLU C 52 -86.30 32.06 26.86
N PRO C 53 -86.26 30.73 26.70
CA PRO C 53 -85.00 30.03 26.47
C PRO C 53 -84.26 30.53 25.22
N PHE C 54 -85.00 30.81 24.15
CA PHE C 54 -84.35 31.24 22.91
C PHE C 54 -84.44 32.74 22.72
N SER C 55 -84.32 33.49 23.81
CA SER C 55 -84.30 34.95 23.71
C SER C 55 -82.92 35.43 24.14
N PRO C 56 -82.50 36.60 23.64
CA PRO C 56 -81.15 37.12 23.91
C PRO C 56 -80.84 37.28 25.40
N GLU C 57 -81.88 37.48 26.20
CA GLU C 57 -81.70 37.74 27.63
C GLU C 57 -81.40 36.47 28.43
N ASN C 58 -81.66 35.30 27.83
CA ASN C 58 -81.28 34.05 28.45
C ASN C 58 -79.75 33.96 28.52
N LEU C 59 -79.25 33.38 29.61
CA LEU C 59 -77.82 33.25 29.81
C LEU C 59 -77.36 31.81 29.61
N LEU C 60 -76.15 31.66 29.09
CA LEU C 60 -75.48 30.37 29.03
C LEU C 60 -74.21 30.48 29.85
N ILE C 61 -74.17 29.81 30.99
CA ILE C 61 -73.03 29.92 31.90
C ILE C 61 -72.14 28.68 31.88
N PHE C 62 -70.85 28.86 31.73
CA PHE C 62 -69.88 27.76 31.87
C PHE C 62 -69.11 27.95 33.16
N ALA C 63 -69.24 27.02 34.09
CA ALA C 63 -68.59 27.21 35.39
C ALA C 63 -67.64 26.06 35.75
N ALA C 64 -66.48 26.43 36.30
CA ALA C 64 -65.60 25.47 36.92
C ALA C 64 -65.90 25.37 38.42
N GLY C 65 -65.91 24.16 38.96
CA GLY C 65 -66.11 24.00 40.39
C GLY C 65 -65.06 24.69 41.22
N LEU C 66 -65.38 24.99 42.48
CA LEU C 66 -64.48 25.71 43.38
C LEU C 66 -63.09 25.09 43.48
N LEU C 67 -63.02 23.76 43.54
CA LEU C 67 -61.75 23.10 43.76
C LEU C 67 -61.13 22.50 42.49
N CYS C 68 -61.76 22.71 41.34
CA CYS C 68 -61.14 22.36 40.06
C CYS C 68 -59.81 23.07 39.91
N GLY C 69 -58.80 22.36 39.41
CA GLY C 69 -57.50 22.95 39.20
C GLY C 69 -56.59 22.80 40.42
N THR C 70 -57.11 22.20 41.48
CA THR C 70 -56.31 21.89 42.66
C THR C 70 -55.89 20.41 42.55
N PRO C 71 -54.96 19.97 43.41
CA PRO C 71 -54.55 18.55 43.35
C PRO C 71 -55.64 17.54 43.75
N ALA C 72 -56.82 18.00 44.13
CA ALA C 72 -57.91 17.10 44.56
C ALA C 72 -58.29 16.10 43.47
N THR C 73 -58.10 14.82 43.77
CA THR C 73 -58.37 13.72 42.85
C THR C 73 -59.78 13.78 42.27
N GLY C 74 -59.88 13.71 40.95
CA GLY C 74 -61.18 13.69 40.28
C GLY C 74 -61.98 14.99 40.35
N CYS C 75 -61.34 16.08 40.71
CA CYS C 75 -62.06 17.35 40.81
C CYS C 75 -61.92 18.18 39.54
N ASN C 76 -62.84 17.99 38.61
CA ASN C 76 -62.63 18.48 37.24
C ASN C 76 -63.89 18.83 36.46
N ARG C 77 -65.03 18.88 37.16
CA ARG C 77 -66.31 19.01 36.48
C ARG C 77 -66.66 20.44 36.08
N THR C 78 -67.10 20.60 34.84
CA THR C 78 -67.71 21.85 34.39
C THR C 78 -69.22 21.78 34.64
N ILE C 79 -69.80 22.87 35.12
CA ILE C 79 -71.24 22.98 35.33
C ILE C 79 -71.82 24.01 34.38
N VAL C 80 -72.69 23.56 33.48
CA VAL C 80 -73.30 24.44 32.49
C VAL C 80 -74.74 24.76 32.91
N SER C 81 -75.07 26.04 33.02
CA SER C 81 -76.41 26.43 33.48
C SER C 81 -77.11 27.37 32.51
N THR C 82 -78.41 27.16 32.36
CA THR C 82 -79.25 27.98 31.50
C THR C 82 -80.71 27.67 31.78
N VAL C 83 -81.62 28.28 31.01
CA VAL C 83 -83.02 27.89 31.07
C VAL C 83 -83.31 26.92 29.92
N SER C 84 -83.83 25.74 30.26
CA SER C 84 -84.08 24.69 29.27
C SER C 84 -85.16 25.04 28.27
N PRO C 85 -84.92 24.77 26.98
CA PRO C 85 -85.96 24.94 25.96
C PRO C 85 -87.01 23.85 26.00
N GLN C 86 -86.72 22.75 26.69
CA GLN C 86 -87.68 21.65 26.75
C GLN C 86 -88.58 21.75 27.98
N THR C 87 -87.97 21.95 29.14
CA THR C 87 -88.72 21.94 30.40
C THR C 87 -89.20 23.33 30.80
N LYS C 88 -88.55 24.35 30.23
CA LYS C 88 -88.81 25.76 30.54
C LYS C 88 -88.37 26.10 31.96
N LEU C 89 -87.75 25.13 32.64
CA LEU C 89 -87.19 25.35 33.96
C LEU C 89 -85.67 25.50 33.86
N MET C 90 -85.00 25.70 34.99
CA MET C 90 -83.56 25.80 34.98
C MET C 90 -82.96 24.46 34.53
N ALA C 91 -81.85 24.55 33.81
CA ALA C 91 -81.13 23.36 33.40
C ALA C 91 -79.67 23.49 33.75
N PHE C 92 -79.19 22.64 34.64
CA PHE C 92 -77.77 22.56 34.86
C PHE C 92 -77.32 21.22 34.33
N SER C 93 -76.11 21.17 33.80
CA SER C 93 -75.58 19.98 33.15
C SER C 93 -74.09 19.84 33.43
N MET C 94 -73.67 18.63 33.78
CA MET C 94 -72.30 18.39 34.20
C MET C 94 -71.45 17.72 33.12
N MET C 95 -70.21 18.16 33.06
CA MET C 95 -69.26 17.73 32.04
C MET C 95 -67.89 17.48 32.67
N GLY C 96 -67.40 16.25 32.57
CA GLY C 96 -66.09 15.93 33.12
C GLY C 96 -64.95 16.25 32.16
N GLY C 97 -63.92 15.40 32.19
CA GLY C 97 -62.77 15.57 31.31
C GLY C 97 -61.78 16.60 31.80
N PHE C 98 -61.42 17.54 30.92
CA PHE C 98 -60.23 18.36 31.14
C PHE C 98 -60.51 19.85 30.94
N TRP C 99 -61.76 20.20 30.69
CA TRP C 99 -62.08 21.57 30.30
C TRP C 99 -62.12 22.54 31.49
N ALA C 100 -62.76 22.15 32.58
CA ALA C 100 -62.89 23.05 33.74
C ALA C 100 -61.54 23.42 34.37
N PRO C 101 -60.64 22.44 34.58
CA PRO C 101 -59.32 22.81 35.11
C PRO C 101 -58.55 23.78 34.21
N GLU C 102 -58.63 23.59 32.90
CA GLU C 102 -57.94 24.48 31.96
C GLU C 102 -58.43 25.91 32.14
N LEU C 103 -59.73 26.07 32.32
CA LEU C 103 -60.31 27.39 32.55
C LEU C 103 -59.70 28.06 33.79
N LYS C 104 -59.57 27.29 34.87
CA LYS C 104 -58.94 27.77 36.10
C LYS C 104 -57.49 28.17 35.85
N TYR C 105 -56.77 27.36 35.08
CA TYR C 105 -55.36 27.64 34.76
C TYR C 105 -55.25 28.84 33.83
N ALA C 106 -56.35 29.14 33.13
CA ALA C 106 -56.42 30.35 32.30
C ALA C 106 -56.70 31.57 33.17
N GLY C 107 -57.31 31.34 34.34
CA GLY C 107 -57.52 32.41 35.31
C GLY C 107 -58.96 32.81 35.58
N TYR C 108 -59.91 31.96 35.22
CA TYR C 108 -61.32 32.32 35.33
C TYR C 108 -62.16 31.25 36.02
N ASP C 109 -63.19 31.68 36.73
CA ASP C 109 -64.11 30.76 37.41
C ASP C 109 -65.32 30.44 36.54
N LYS C 110 -65.77 31.41 35.76
CA LYS C 110 -66.94 31.24 34.91
C LYS C 110 -66.81 32.00 33.59
N ILE C 111 -67.59 31.55 32.61
CA ILE C 111 -67.90 32.37 31.45
C ILE C 111 -69.42 32.52 31.34
N ILE C 112 -69.90 33.77 31.32
CA ILE C 112 -71.32 34.04 31.16
C ILE C 112 -71.61 34.64 29.78
N PHE C 113 -72.36 33.90 28.96
CA PHE C 113 -72.74 34.36 27.63
C PHE C 113 -74.15 34.96 27.60
N ARG C 114 -74.28 36.17 27.07
CA ARG C 114 -75.59 36.75 26.83
C ARG C 114 -75.72 37.19 25.38
N GLY C 115 -76.94 37.47 24.95
CA GLY C 115 -77.18 37.91 23.58
C GLY C 115 -77.03 36.81 22.56
N LYS C 116 -77.21 37.16 21.29
CA LYS C 116 -76.99 36.21 20.21
C LYS C 116 -76.01 36.76 19.17
N SER C 117 -75.16 35.89 18.63
CA SER C 117 -74.31 36.28 17.53
C SER C 117 -75.05 36.04 16.24
N PRO C 118 -75.03 37.03 15.33
CA PRO C 118 -75.71 36.88 14.04
C PRO C 118 -75.01 35.84 13.17
N GLU C 119 -73.70 35.71 13.36
CA GLU C 119 -72.92 34.75 12.61
C GLU C 119 -72.33 33.70 13.52
N LEU C 120 -72.11 32.51 12.96
CA LEU C 120 -71.51 31.41 13.71
C LEU C 120 -70.10 31.79 14.16
N VAL C 121 -69.86 31.71 15.47
CA VAL C 121 -68.56 32.10 16.00
C VAL C 121 -68.10 31.11 17.05
N TYR C 122 -66.84 31.22 17.46
CA TYR C 122 -66.39 30.52 18.67
C TYR C 122 -65.51 31.42 19.52
N LEU C 123 -65.43 31.12 20.81
CA LEU C 123 -64.64 31.93 21.73
C LEU C 123 -63.28 31.30 22.00
N TYR C 124 -62.23 32.10 21.90
CA TYR C 124 -60.87 31.60 22.11
C TYR C 124 -60.22 32.28 23.32
N ILE C 125 -59.97 31.49 24.37
CA ILE C 125 -59.31 31.97 25.57
C ILE C 125 -57.89 31.41 25.69
N ASN C 126 -56.92 32.30 25.83
CA ASN C 126 -55.53 31.89 26.09
C ASN C 126 -54.95 32.80 27.16
N ASN C 127 -55.03 32.35 28.42
CA ASN C 127 -54.69 33.17 29.58
C ASN C 127 -55.44 34.51 29.57
N ASP C 128 -54.72 35.62 29.54
CA ASP C 128 -55.37 36.93 29.57
C ASP C 128 -55.92 37.35 28.21
N LYS C 129 -55.59 36.58 27.17
CA LYS C 129 -56.00 36.89 25.81
C LYS C 129 -57.31 36.20 25.45
N VAL C 130 -58.33 36.99 25.18
CA VAL C 130 -59.65 36.45 24.83
C VAL C 130 -60.14 37.11 23.54
N GLU C 131 -60.71 36.30 22.64
CA GLU C 131 -61.26 36.87 21.42
C GLU C 131 -62.33 35.98 20.78
N ILE C 132 -63.22 36.62 20.04
CA ILE C 132 -64.25 35.93 19.30
C ILE C 132 -63.79 35.71 17.85
N ARG C 133 -63.81 34.45 17.42
CA ARG C 133 -63.38 34.07 16.09
C ARG C 133 -64.56 33.64 15.21
N ASP C 134 -64.45 33.90 13.91
CA ASP C 134 -65.44 33.42 12.94
C ASP C 134 -65.39 31.90 12.85
N ALA C 135 -66.55 31.27 12.74
CA ALA C 135 -66.62 29.81 12.70
C ALA C 135 -67.51 29.30 11.57
N SER C 136 -67.67 30.11 10.53
CA SER C 136 -68.53 29.75 9.40
C SER C 136 -68.03 28.53 8.65
N HIS C 137 -66.72 28.33 8.64
CA HIS C 137 -66.12 27.16 7.99
C HIS C 137 -66.36 25.88 8.79
N LEU C 138 -66.89 26.03 10.00
CA LEU C 138 -67.13 24.89 10.87
C LEU C 138 -68.59 24.47 10.85
N LYS C 139 -69.42 25.16 10.08
CA LYS C 139 -70.85 24.88 10.02
C LYS C 139 -71.16 23.43 9.67
N GLY C 140 -71.89 22.76 10.56
CA GLY C 140 -72.34 21.40 10.32
C GLY C 140 -71.37 20.32 10.79
N LYS C 141 -70.15 20.71 11.13
CA LYS C 141 -69.14 19.75 11.59
C LYS C 141 -69.55 19.12 12.91
N GLY C 142 -69.17 17.86 13.10
CA GLY C 142 -69.39 17.16 14.35
C GLY C 142 -68.67 17.85 15.50
N ALA C 143 -69.07 17.55 16.73
CA ALA C 143 -68.50 18.24 17.87
C ALA C 143 -67.03 17.84 18.09
N ILE C 144 -66.67 16.60 17.78
CA ILE C 144 -65.29 16.15 17.92
C ILE C 144 -64.43 16.65 16.76
N GLU C 145 -64.95 16.42 15.56
CA GLU C 145 -64.35 16.94 14.33
C GLU C 145 -63.99 18.41 14.45
N THR C 146 -64.91 19.20 15.00
CA THR C 146 -64.72 20.63 15.20
C THR C 146 -63.52 20.94 16.08
N ALA C 147 -63.38 20.20 17.17
CA ALA C 147 -62.27 20.42 18.10
C ALA C 147 -60.91 20.26 17.41
N GLU C 148 -60.79 19.20 16.60
CA GLU C 148 -59.52 18.91 15.95
C GLU C 148 -59.17 19.95 14.89
N ILE C 149 -60.15 20.35 14.10
CA ILE C 149 -59.95 21.41 13.11
C ILE C 149 -59.47 22.69 13.78
N ILE C 150 -60.16 23.11 14.82
CA ILE C 150 -59.83 24.33 15.54
C ILE C 150 -58.41 24.33 16.10
N LYS C 151 -58.03 23.24 16.77
CA LYS C 151 -56.71 23.15 17.37
C LYS C 151 -55.57 23.20 16.35
N LYS C 152 -55.85 22.79 15.12
CA LYS C 152 -54.87 22.91 14.05
C LYS C 152 -54.75 24.36 13.56
N GLU C 153 -55.90 25.01 13.37
CA GLU C 153 -55.92 26.42 13.01
C GLU C 153 -55.15 27.28 14.00
N LEU C 154 -55.40 27.06 15.28
CA LEU C 154 -54.81 27.91 16.31
C LEU C 154 -53.39 27.48 16.65
N ASN C 155 -53.01 26.30 16.18
CA ASN C 155 -51.73 25.69 16.54
C ASN C 155 -51.60 25.54 18.05
N GLU C 156 -52.67 25.07 18.68
CA GLU C 156 -52.69 24.83 20.11
C GLU C 156 -53.12 23.39 20.40
N PRO C 157 -52.17 22.46 20.30
CA PRO C 157 -52.48 21.04 20.54
C PRO C 157 -53.00 20.77 21.95
N ARG C 158 -52.60 21.58 22.93
CA ARG C 158 -53.02 21.35 24.30
C ARG C 158 -54.19 22.23 24.73
N ALA C 159 -54.93 22.74 23.76
CA ALA C 159 -56.12 23.51 24.09
C ALA C 159 -57.29 22.56 24.37
N GLN C 160 -58.19 22.97 25.25
CA GLN C 160 -59.38 22.18 25.52
C GLN C 160 -60.57 22.82 24.82
N VAL C 161 -61.38 21.99 24.17
CA VAL C 161 -62.49 22.49 23.36
C VAL C 161 -63.83 21.87 23.74
N ALA C 162 -64.83 22.73 23.97
CA ALA C 162 -66.20 22.26 24.12
C ALA C 162 -67.04 22.75 22.95
N ALA C 163 -67.64 21.83 22.21
CA ALA C 163 -68.36 22.20 21.00
C ALA C 163 -69.75 21.56 20.87
N ILE C 164 -70.56 22.12 19.98
CA ILE C 164 -71.82 21.50 19.60
C ILE C 164 -71.70 20.91 18.21
N GLY C 165 -72.51 19.90 17.92
CA GLY C 165 -72.59 19.34 16.59
C GLY C 165 -73.67 20.03 15.81
N LYS C 166 -74.13 19.40 14.74
CA LYS C 166 -75.20 19.95 13.92
C LYS C 166 -76.50 20.09 14.73
N ALA C 167 -76.77 19.14 15.63
CA ALA C 167 -78.01 19.15 16.42
C ALA C 167 -78.14 20.44 17.24
N GLY C 168 -77.06 20.85 17.88
CA GLY C 168 -77.02 22.10 18.62
C GLY C 168 -77.30 23.28 17.72
N GLU C 169 -76.63 23.30 16.56
CA GLU C 169 -76.80 24.36 15.58
C GLU C 169 -78.26 24.51 15.15
N ASN C 170 -78.98 23.39 15.10
CA ASN C 170 -80.38 23.41 14.70
C ASN C 170 -81.34 23.43 15.88
N ARG C 171 -80.81 23.78 17.06
CA ARG C 171 -81.61 23.95 18.27
C ARG C 171 -82.47 22.75 18.64
N VAL C 172 -81.95 21.55 18.46
CA VAL C 172 -82.64 20.35 18.94
C VAL C 172 -82.73 20.41 20.47
N PHE C 173 -83.92 20.17 21.00
CA PHE C 173 -84.19 20.39 22.42
C PHE C 173 -83.35 19.51 23.34
N TYR C 174 -82.77 18.44 22.81
CA TYR C 174 -81.92 17.58 23.61
C TYR C 174 -80.51 17.50 23.01
N ALA C 175 -80.06 18.61 22.46
CA ALA C 175 -78.71 18.73 21.92
C ALA C 175 -77.74 18.94 23.06
N SER C 176 -76.56 18.33 22.95
CA SER C 176 -75.58 18.34 24.01
C SER C 176 -74.38 19.22 23.67
N ILE C 177 -73.42 19.27 24.60
CA ILE C 177 -72.13 19.93 24.38
C ILE C 177 -71.03 18.91 24.63
N GLU C 178 -70.13 18.75 23.67
CA GLU C 178 -69.16 17.64 23.73
C GLU C 178 -67.71 18.11 23.85
N GLN C 179 -66.92 17.37 24.60
CA GLN C 179 -65.51 17.66 24.78
C GLN C 179 -64.72 16.38 25.00
N GLY C 180 -64.18 15.80 23.92
CA GLY C 180 -63.36 14.62 24.03
C GLY C 180 -64.11 13.44 24.63
N ARG C 181 -63.82 13.11 25.88
CA ARG C 181 -64.53 12.02 26.53
C ARG C 181 -65.63 12.52 27.47
N SER C 182 -66.08 13.75 27.25
CA SER C 182 -67.01 14.36 28.18
C SER C 182 -68.20 15.01 27.52
N SER C 183 -69.28 15.13 28.27
CA SER C 183 -70.52 15.61 27.70
C SER C 183 -71.36 16.34 28.72
N ALA C 184 -71.70 17.59 28.42
CA ALA C 184 -72.88 18.24 29.02
C ALA C 184 -74.09 17.80 28.20
N SER C 185 -74.83 16.83 28.72
CA SER C 185 -75.75 16.06 27.86
C SER C 185 -77.22 16.48 27.91
N ARG C 186 -77.77 16.63 29.11
CA ARG C 186 -79.22 16.74 29.28
C ARG C 186 -79.71 18.18 29.41
N GLY C 187 -80.98 18.41 29.06
CA GLY C 187 -81.62 19.69 29.27
C GLY C 187 -81.67 20.62 28.07
N GLY C 188 -80.85 20.38 27.05
CA GLY C 188 -80.87 21.18 25.85
C GLY C 188 -79.94 22.38 25.87
N ILE C 189 -78.97 22.35 26.78
CA ILE C 189 -77.96 23.41 26.85
C ILE C 189 -77.19 23.56 25.52
N GLY C 190 -77.15 22.48 24.73
CA GLY C 190 -76.59 22.57 23.39
C GLY C 190 -77.43 23.42 22.46
N ALA C 191 -78.75 23.39 22.65
CA ALA C 191 -79.66 24.15 21.82
C ALA C 191 -79.54 25.65 22.10
N VAL C 192 -79.34 26.01 23.36
CA VAL C 192 -79.18 27.42 23.72
C VAL C 192 -77.88 27.94 23.13
N MET C 193 -76.82 27.13 23.24
CA MET C 193 -75.50 27.48 22.69
C MET C 193 -75.59 27.76 21.19
N GLY C 194 -76.23 26.86 20.45
CA GLY C 194 -76.41 27.03 19.02
C GLY C 194 -77.30 28.22 18.70
N ASP C 195 -78.33 28.43 19.51
CA ASP C 195 -79.25 29.55 19.33
C ASP C 195 -78.52 30.89 19.47
N LYS C 196 -77.50 30.93 20.31
CA LYS C 196 -76.68 32.13 20.48
C LYS C 196 -75.61 32.26 19.40
N GLY C 197 -75.54 31.28 18.50
CA GLY C 197 -74.60 31.31 17.39
C GLY C 197 -73.18 30.96 17.82
N LEU C 198 -73.08 30.21 18.90
CA LEU C 198 -71.80 29.85 19.48
C LEU C 198 -71.46 28.39 19.13
N LYS C 199 -70.43 28.19 18.33
CA LYS C 199 -70.07 26.86 17.84
C LYS C 199 -69.19 26.09 18.81
N ALA C 200 -68.31 26.80 19.50
CA ALA C 200 -67.39 26.16 20.43
C ALA C 200 -66.79 27.16 21.42
N VAL C 201 -66.26 26.66 22.53
CA VAL C 201 -65.51 27.48 23.47
C VAL C 201 -64.15 26.84 23.69
N VAL C 202 -63.10 27.52 23.21
CA VAL C 202 -61.74 27.00 23.23
C VAL C 202 -60.91 27.65 24.33
N VAL C 203 -60.27 26.84 25.18
CA VAL C 203 -59.48 27.42 26.26
C VAL C 203 -58.09 26.79 26.44
N ARG C 204 -57.09 27.66 26.61
CA ARG C 204 -55.74 27.26 26.97
C ARG C 204 -55.30 28.03 28.22
N GLY C 205 -54.82 27.33 29.23
CA GLY C 205 -54.36 27.96 30.45
C GLY C 205 -53.00 27.48 30.93
N THR C 206 -52.15 28.43 31.36
CA THR C 206 -50.82 28.10 31.89
C THR C 206 -50.45 28.92 33.14
N LYS C 207 -51.45 29.45 33.85
CA LYS C 207 -51.17 30.16 35.11
C LYS C 207 -51.17 29.22 36.32
N ASP C 208 -50.63 29.69 37.43
CA ASP C 208 -50.65 28.90 38.67
C ASP C 208 -52.02 29.02 39.35
N LEU C 209 -52.48 27.95 39.99
CA LEU C 209 -53.67 28.02 40.82
C LEU C 209 -53.34 27.67 42.26
N CYS C 210 -53.57 28.62 43.16
CA CYS C 210 -53.14 28.51 44.56
C CYS C 210 -54.17 27.90 45.52
N VAL C 211 -53.65 27.33 46.60
CA VAL C 211 -54.49 26.90 47.72
C VAL C 211 -54.03 27.61 48.99
N ALA C 212 -54.93 27.73 49.96
CA ALA C 212 -54.65 28.49 51.17
C ALA C 212 -53.68 27.78 52.11
N LYS C 213 -53.97 26.52 52.43
CA LYS C 213 -53.15 25.76 53.37
C LYS C 213 -52.48 24.58 52.67
N PRO C 214 -51.28 24.80 52.12
CA PRO C 214 -50.58 23.85 51.24
C PRO C 214 -50.40 22.47 51.86
N GLU C 215 -49.67 22.41 52.97
CA GLU C 215 -49.33 21.15 53.62
C GLU C 215 -50.58 20.35 54.06
N GLU C 216 -51.61 21.07 54.47
CA GLU C 216 -52.84 20.42 54.95
C GLU C 216 -53.68 19.93 53.79
N TYR C 217 -53.69 20.68 52.69
CA TYR C 217 -54.47 20.29 51.53
C TYR C 217 -53.90 19.03 50.87
N ILE C 218 -52.58 18.97 50.74
CA ILE C 218 -51.97 17.82 50.07
C ILE C 218 -52.11 16.59 50.98
N GLY C 219 -52.22 16.82 52.28
CA GLY C 219 -52.42 15.75 53.22
C GLY C 219 -53.78 15.10 53.04
N LEU C 220 -54.78 15.92 52.77
CA LEU C 220 -56.13 15.43 52.56
C LEU C 220 -56.20 14.62 51.26
N CYS C 221 -55.47 15.08 50.25
CA CYS C 221 -55.43 14.38 48.96
C CYS C 221 -54.81 13.00 49.11
N ASN C 222 -53.71 12.93 49.86
CA ASN C 222 -53.06 11.64 50.11
C ASN C 222 -53.99 10.69 50.81
N GLU C 223 -54.78 11.25 51.73
CA GLU C 223 -55.78 10.50 52.47
C GLU C 223 -56.80 9.90 51.51
N VAL C 224 -57.22 10.69 50.52
CA VAL C 224 -58.17 10.24 49.53
C VAL C 224 -57.60 9.13 48.64
N LEU C 225 -56.36 9.31 48.17
CA LEU C 225 -55.72 8.31 47.33
C LEU C 225 -55.55 6.98 48.09
N ASP C 226 -55.22 7.06 49.37
CA ASP C 226 -55.09 5.86 50.17
C ASP C 226 -56.44 5.15 50.32
N TYR C 227 -57.51 5.92 50.44
CA TYR C 227 -58.83 5.30 50.57
C TYR C 227 -59.26 4.67 49.26
N ILE C 228 -58.87 5.27 48.14
CA ILE C 228 -59.18 4.74 46.83
C ILE C 228 -58.51 3.38 46.62
N LYS C 229 -57.26 3.26 47.08
CA LYS C 229 -56.55 1.99 46.98
C LYS C 229 -57.26 0.93 47.81
N HIS C 230 -57.50 1.24 49.08
CA HIS C 230 -58.15 0.31 50.00
C HIS C 230 -59.49 -0.17 49.45
N ARG C 231 -60.22 0.77 48.87
CA ARG C 231 -61.52 0.50 48.32
C ARG C 231 -61.49 -0.45 47.12
N GLU C 232 -60.46 -0.33 46.29
CA GLU C 232 -60.34 -1.19 45.11
C GLU C 232 -59.91 -2.60 45.49
N GLU C 233 -59.28 -2.74 46.64
CA GLU C 233 -58.91 -4.04 47.17
C GLU C 233 -60.06 -4.64 47.96
N ASN C 234 -61.00 -3.81 48.37
CA ASN C 234 -62.14 -4.24 49.17
C ASN C 234 -63.46 -3.72 48.61
N PRO C 235 -63.95 -4.33 47.53
CA PRO C 235 -65.24 -3.89 46.98
C PRO C 235 -66.38 -4.27 47.91
N ILE C 236 -67.56 -3.68 47.70
CA ILE C 236 -68.72 -4.00 48.52
C ILE C 236 -69.10 -5.46 48.35
N PRO C 237 -69.03 -6.24 49.45
CA PRO C 237 -69.28 -7.68 49.44
C PRO C 237 -70.68 -8.06 48.97
N ASP C 238 -70.78 -9.18 48.27
CA ASP C 238 -72.06 -9.80 47.92
C ASP C 238 -72.99 -8.93 47.08
N VAL C 239 -72.43 -7.93 46.41
CA VAL C 239 -73.21 -7.04 45.57
C VAL C 239 -72.72 -7.13 44.14
N MET C 240 -73.64 -7.11 43.18
CA MET C 240 -73.29 -7.15 41.76
C MET C 240 -72.21 -6.11 41.42
N PRO C 241 -71.23 -6.50 40.58
CA PRO C 241 -69.98 -5.78 40.32
C PRO C 241 -70.13 -4.28 40.09
N ILE C 242 -71.07 -3.87 39.24
CA ILE C 242 -71.22 -2.45 38.88
C ILE C 242 -71.65 -1.56 40.04
N LEU C 243 -71.92 -2.16 41.20
CA LEU C 243 -72.28 -1.40 42.38
C LEU C 243 -71.19 -1.45 43.44
N ALA C 244 -70.20 -2.32 43.20
CA ALA C 244 -69.24 -2.68 44.25
C ALA C 244 -68.06 -1.73 44.35
N GLY C 245 -67.84 -0.91 43.33
CA GLY C 245 -66.63 -0.09 43.29
C GLY C 245 -66.86 1.40 43.08
N LEU C 246 -65.77 2.15 43.13
CA LEU C 246 -65.80 3.59 42.87
C LEU C 246 -65.93 3.93 41.38
N GLY C 247 -66.18 5.20 41.08
CA GLY C 247 -66.35 5.65 39.72
C GLY C 247 -67.80 5.81 39.28
N SER C 248 -67.97 6.31 38.06
CA SER C 248 -69.26 6.26 37.38
C SER C 248 -69.57 4.79 37.10
N PRO C 249 -70.85 4.46 36.77
CA PRO C 249 -71.14 3.05 36.49
C PRO C 249 -70.18 2.45 35.47
N GLN C 250 -69.39 1.49 35.92
CA GLN C 250 -68.31 0.93 35.12
C GLN C 250 -68.80 0.04 33.99
N GLU C 251 -69.63 0.60 33.11
CA GLU C 251 -70.19 -0.15 31.99
C GLU C 251 -69.17 -0.52 30.90
N MET C 252 -68.07 0.24 30.79
CA MET C 252 -67.10 -0.02 29.74
C MET C 252 -66.19 -1.19 30.09
N LYS C 253 -66.07 -1.49 31.38
CA LYS C 253 -65.29 -2.62 31.84
C LYS C 253 -66.12 -3.89 31.76
N VAL C 254 -65.76 -4.92 32.53
CA VAL C 254 -66.35 -6.25 32.38
C VAL C 254 -67.84 -6.34 32.74
N HIS C 255 -68.15 -7.23 33.68
CA HIS C 255 -69.50 -7.51 34.19
C HIS C 255 -70.43 -8.12 33.15
N ASP C 256 -71.25 -9.06 33.62
CA ASP C 256 -72.29 -9.65 32.78
C ASP C 256 -73.51 -8.75 32.79
N GLU C 257 -74.01 -8.44 31.60
CA GLU C 257 -75.13 -7.52 31.45
C GLU C 257 -76.47 -8.17 31.76
N LYS C 258 -76.50 -9.11 32.70
CA LYS C 258 -77.73 -9.84 32.96
C LYS C 258 -78.78 -8.95 33.64
N TRP C 259 -78.41 -8.28 34.72
CA TRP C 259 -79.37 -7.44 35.44
C TRP C 259 -79.88 -6.33 34.54
N HIS C 260 -78.95 -5.64 33.87
CA HIS C 260 -79.28 -4.47 33.06
C HIS C 260 -80.25 -4.80 31.93
N THR C 261 -79.95 -5.81 31.13
CA THR C 261 -80.76 -6.11 29.95
C THR C 261 -82.07 -6.82 30.31
N GLU C 262 -82.22 -7.23 31.57
CA GLU C 262 -83.43 -7.94 31.99
C GLU C 262 -84.29 -7.13 32.96
N ASN C 263 -83.85 -5.91 33.27
CA ASN C 263 -84.61 -5.02 34.15
C ASN C 263 -84.96 -3.70 33.49
N PHE C 264 -84.02 -3.14 32.72
CA PHE C 264 -84.34 -1.99 31.88
C PHE C 264 -85.46 -2.35 30.93
N ASN C 265 -86.15 -1.34 30.42
CA ASN C 265 -87.21 -1.58 29.46
C ASN C 265 -86.78 -1.21 28.04
N TRP C 266 -86.90 -2.19 27.14
CA TRP C 266 -86.53 -2.02 25.74
C TRP C 266 -87.56 -1.18 24.98
N GLY C 267 -87.15 -0.67 23.81
CA GLY C 267 -88.00 0.19 23.02
C GLY C 267 -88.26 1.51 23.70
N ASN C 268 -89.48 2.04 23.54
CA ASN C 268 -89.86 3.28 24.18
C ASN C 268 -90.15 3.06 25.66
N ALA C 269 -89.10 2.70 26.42
CA ALA C 269 -89.23 2.31 27.83
C ALA C 269 -90.43 1.39 28.03
N ARG C 270 -90.57 0.42 27.14
CA ARG C 270 -91.80 -0.36 27.03
C ARG C 270 -91.63 -1.80 27.49
N THR C 271 -90.93 -2.60 26.70
CA THR C 271 -90.86 -4.04 26.88
C THR C 271 -89.81 -4.49 27.91
N ARG C 272 -90.19 -5.42 28.77
CA ARG C 272 -89.26 -6.05 29.69
C ARG C 272 -89.00 -7.47 29.24
N ARG C 273 -87.74 -7.78 28.97
CA ARG C 273 -87.35 -9.10 28.46
C ARG C 273 -86.72 -9.91 29.58
N LYS C 274 -87.51 -10.80 30.16
CA LYS C 274 -87.13 -11.52 31.38
C LYS C 274 -85.94 -12.45 31.19
N ASP C 275 -85.92 -13.19 30.09
CA ASP C 275 -84.85 -14.15 29.85
C ASP C 275 -84.07 -13.85 28.58
N PHE C 276 -83.63 -12.59 28.44
CA PHE C 276 -82.93 -12.16 27.23
C PHE C 276 -81.47 -12.59 27.22
N TRP C 277 -80.81 -12.42 28.37
CA TRP C 277 -79.38 -12.65 28.50
C TRP C 277 -79.01 -14.13 28.40
N THR C 278 -79.03 -14.68 27.19
CA THR C 278 -78.67 -16.08 26.96
C THR C 278 -77.17 -16.20 26.77
N ASP C 279 -76.69 -17.44 26.65
CA ASP C 279 -75.26 -17.70 26.44
C ASP C 279 -74.79 -17.19 25.08
N GLU C 280 -75.66 -17.28 24.09
CA GLU C 280 -75.35 -16.82 22.74
C GLU C 280 -75.19 -15.30 22.69
N VAL C 281 -76.10 -14.60 23.37
CA VAL C 281 -76.07 -13.15 23.43
C VAL C 281 -74.85 -12.66 24.21
N SER C 282 -74.53 -13.34 25.31
CA SER C 282 -73.43 -12.95 26.18
C SER C 282 -72.09 -12.97 25.45
N HIS C 283 -71.87 -14.01 24.66
CA HIS C 283 -70.62 -14.15 23.92
C HIS C 283 -70.58 -13.19 22.75
N ALA C 284 -71.73 -12.95 22.11
CA ALA C 284 -71.80 -12.04 20.98
C ALA C 284 -71.44 -10.61 21.38
N TRP C 285 -71.95 -10.17 22.53
CA TRP C 285 -71.67 -8.83 23.03
C TRP C 285 -70.24 -8.71 23.53
N GLU C 286 -69.75 -9.76 24.17
CA GLU C 286 -68.38 -9.82 24.66
C GLU C 286 -67.40 -9.67 23.51
N LYS C 287 -67.70 -10.34 22.40
CA LYS C 287 -66.84 -10.31 21.22
C LYS C 287 -66.83 -8.94 20.55
N THR C 288 -68.00 -8.32 20.45
CA THR C 288 -68.15 -6.99 19.86
C THR C 288 -67.37 -5.96 20.67
N MET C 289 -67.45 -6.09 21.99
CA MET C 289 -66.85 -5.12 22.91
C MET C 289 -65.32 -5.27 22.99
N ASP C 290 -64.82 -6.50 22.96
CA ASP C 290 -63.38 -6.74 22.98
C ASP C 290 -62.72 -6.16 21.74
N LYS C 291 -63.45 -6.18 20.63
CA LYS C 291 -62.98 -5.69 19.35
C LYS C 291 -63.03 -4.17 19.27
N ALA C 292 -64.04 -3.56 19.91
CA ALA C 292 -64.29 -2.12 19.77
C ALA C 292 -63.62 -1.28 20.84
N ARG C 293 -63.44 -1.82 22.04
CA ARG C 293 -62.83 -1.05 23.12
C ARG C 293 -61.32 -0.95 22.91
N THR C 294 -60.86 0.27 22.68
CA THR C 294 -59.45 0.50 22.39
C THR C 294 -58.65 0.72 23.68
N ARG C 295 -59.14 1.59 24.54
CA ARG C 295 -58.48 1.85 25.81
C ARG C 295 -59.46 2.45 26.83
N LEU C 296 -59.30 2.08 28.10
CA LEU C 296 -59.98 2.71 29.21
C LEU C 296 -59.20 3.94 29.63
N ILE C 297 -59.84 5.10 29.62
CA ILE C 297 -59.15 6.36 29.88
C ILE C 297 -59.86 7.19 30.97
N SER C 298 -59.10 8.08 31.62
CA SER C 298 -59.58 8.83 32.77
C SER C 298 -59.86 10.30 32.45
N CYS C 299 -60.75 10.91 33.25
CA CYS C 299 -60.84 12.37 33.32
C CYS C 299 -59.56 12.93 33.97
N TYR C 300 -59.45 14.25 34.05
CA TYR C 300 -58.27 14.89 34.64
C TYR C 300 -58.03 14.47 36.09
N ASN C 301 -56.79 14.07 36.38
CA ASN C 301 -56.37 13.77 37.75
C ASN C 301 -57.24 12.71 38.45
N CYS C 302 -57.49 11.59 37.76
CA CYS C 302 -58.27 10.50 38.34
C CYS C 302 -57.79 9.15 37.82
N PRO C 303 -57.66 8.16 38.73
CA PRO C 303 -57.16 6.85 38.32
C PRO C 303 -58.26 5.86 37.93
N MET C 304 -59.53 6.26 38.00
CA MET C 304 -60.64 5.32 37.85
C MET C 304 -60.95 4.88 36.40
N LYS C 305 -60.43 5.65 35.43
CA LYS C 305 -60.61 5.38 33.99
C LYS C 305 -61.96 4.76 33.60
N CYS C 306 -63.03 5.52 33.83
CA CYS C 306 -64.40 5.05 33.57
C CYS C 306 -64.73 5.02 32.08
N GLY C 307 -64.18 5.96 31.33
CA GLY C 307 -64.48 6.06 29.90
C GLY C 307 -63.70 5.08 29.06
N ALA C 308 -64.13 4.94 27.80
CA ALA C 308 -63.41 4.10 26.86
C ALA C 308 -63.49 4.66 25.44
N THR C 309 -62.36 4.70 24.75
CA THR C 309 -62.34 5.01 23.33
C THR C 309 -62.93 3.84 22.56
N ILE C 310 -63.81 4.15 21.60
CA ILE C 310 -64.50 3.12 20.84
C ILE C 310 -64.17 3.22 19.37
N SER C 311 -63.73 2.12 18.77
CA SER C 311 -63.38 2.12 17.37
C SER C 311 -64.10 1.03 16.60
N MET C 312 -65.18 1.40 15.91
CA MET C 312 -65.90 0.50 15.03
C MET C 312 -65.30 0.58 13.62
N GLU C 313 -65.36 -0.54 12.91
CA GLU C 313 -64.75 -0.60 11.59
C GLU C 313 -65.36 0.39 10.60
N GLY C 314 -64.51 1.25 10.04
CA GLY C 314 -64.94 2.21 9.05
C GLY C 314 -65.52 3.49 9.63
N LEU C 315 -65.37 3.67 10.94
CA LEU C 315 -65.92 4.84 11.61
C LEU C 315 -64.84 5.57 12.42
N PRO C 316 -64.96 6.89 12.52
CA PRO C 316 -64.07 7.67 13.39
C PRO C 316 -64.18 7.21 14.84
N THR C 317 -63.09 7.31 15.59
CA THR C 317 -63.08 6.95 17.00
C THR C 317 -63.87 7.96 17.80
N TYR C 318 -64.57 7.49 18.83
CA TYR C 318 -65.21 8.37 19.79
C TYR C 318 -65.06 7.81 21.20
N MET C 319 -65.56 8.52 22.20
CA MET C 319 -65.46 8.10 23.59
C MET C 319 -66.83 7.87 24.25
N MET C 320 -66.95 6.75 24.95
CA MET C 320 -68.20 6.38 25.55
C MET C 320 -68.00 6.04 27.02
N LYS C 321 -69.02 6.35 27.83
CA LYS C 321 -69.05 5.91 29.22
C LYS C 321 -70.49 5.65 29.66
N CYS C 322 -70.63 4.84 30.69
CA CYS C 322 -71.90 4.64 31.37
C CYS C 322 -73.00 4.10 30.45
N PHE C 323 -74.24 4.51 30.70
CA PHE C 323 -75.42 3.84 30.13
C PHE C 323 -75.72 4.14 28.65
N THR C 324 -75.01 5.11 28.08
CA THR C 324 -75.06 5.35 26.63
C THR C 324 -74.83 4.06 25.82
N LYS C 325 -74.00 3.18 26.36
CA LYS C 325 -73.76 1.86 25.80
C LYS C 325 -75.04 1.01 25.59
N LEU C 326 -76.06 1.23 26.41
CA LEU C 326 -77.23 0.36 26.36
C LEU C 326 -78.43 1.01 25.69
N THR C 327 -78.56 2.34 25.82
CA THR C 327 -79.80 3.01 25.45
C THR C 327 -80.17 2.88 23.98
N TYR C 328 -79.21 3.10 23.08
CA TYR C 328 -79.52 2.99 21.66
C TYR C 328 -79.89 1.55 21.28
N THR C 329 -79.11 0.61 21.77
CA THR C 329 -79.37 -0.81 21.56
C THR C 329 -80.77 -1.21 22.03
N MET C 330 -81.11 -0.84 23.26
CA MET C 330 -82.37 -1.25 23.85
C MET C 330 -83.57 -0.59 23.17
N ALA C 331 -83.43 0.69 22.82
CA ALA C 331 -84.54 1.41 22.20
C ALA C 331 -84.92 0.83 20.85
N ALA C 332 -83.98 0.14 20.22
CA ALA C 332 -84.17 -0.36 18.87
C ALA C 332 -84.31 -1.88 18.83
N TYR C 333 -84.37 -2.50 20.00
CA TYR C 333 -84.44 -3.95 20.12
C TYR C 333 -83.36 -4.63 19.31
N SER C 334 -82.13 -4.12 19.37
CA SER C 334 -81.06 -4.64 18.52
C SER C 334 -79.89 -5.18 19.36
N ASP C 335 -78.71 -5.28 18.76
CA ASP C 335 -77.53 -5.79 19.47
C ASP C 335 -76.53 -4.68 19.80
N LEU C 336 -75.46 -5.06 20.50
CA LEU C 336 -74.47 -4.08 20.93
C LEU C 336 -73.72 -3.45 19.76
N ASP C 337 -73.50 -4.21 18.70
CA ASP C 337 -72.81 -3.70 17.52
C ASP C 337 -73.52 -2.48 16.95
N PHE C 338 -74.82 -2.60 16.73
CA PHE C 338 -75.63 -1.48 16.23
C PHE C 338 -75.56 -0.27 17.16
N GLY C 339 -75.68 -0.52 18.46
CA GLY C 339 -75.67 0.55 19.44
C GLY C 339 -74.40 1.38 19.37
N LEU C 340 -73.27 0.70 19.30
CA LEU C 340 -71.97 1.36 19.25
C LEU C 340 -71.79 2.17 17.96
N ARG C 341 -72.41 1.71 16.88
CA ARG C 341 -72.29 2.37 15.60
C ARG C 341 -73.13 3.63 15.53
N ILE C 342 -74.36 3.57 16.06
CA ILE C 342 -75.24 4.72 15.97
C ILE C 342 -74.89 5.77 17.02
N ALA C 343 -74.35 5.34 18.15
CA ALA C 343 -73.93 6.27 19.19
C ALA C 343 -72.73 7.12 18.72
N GLN C 344 -71.98 6.61 17.76
CA GLN C 344 -70.90 7.38 17.15
C GLN C 344 -71.49 8.57 16.39
N LYS C 345 -72.46 8.31 15.55
CA LYS C 345 -73.18 9.37 14.85
C LYS C 345 -73.80 10.38 15.83
N ALA C 346 -74.41 9.87 16.88
CA ALA C 346 -75.14 10.71 17.82
C ALA C 346 -74.22 11.60 18.63
N THR C 347 -73.03 11.09 18.97
CA THR C 347 -72.03 11.89 19.68
C THR C 347 -71.52 13.05 18.81
N GLU C 348 -71.26 12.78 17.54
CA GLU C 348 -70.78 13.84 16.66
C GLU C 348 -71.85 14.90 16.41
N TYR C 349 -73.09 14.45 16.25
CA TYR C 349 -74.22 15.37 16.13
C TYR C 349 -74.44 16.17 17.41
N GLY C 350 -74.11 15.56 18.54
CA GLY C 350 -74.30 16.21 19.83
C GLY C 350 -75.72 16.04 20.33
N LEU C 351 -76.11 14.79 20.58
CA LEU C 351 -77.44 14.48 21.08
C LEU C 351 -77.39 13.75 22.41
N ASP C 352 -78.30 14.12 23.30
CA ASP C 352 -78.47 13.42 24.57
C ASP C 352 -78.83 11.95 24.35
N GLY C 353 -77.99 11.04 24.86
CA GLY C 353 -78.19 9.62 24.67
C GLY C 353 -79.29 9.00 25.54
N PHE C 354 -79.93 9.81 26.39
CA PHE C 354 -81.12 9.32 27.10
C PHE C 354 -82.37 9.63 26.30
N SER C 355 -82.52 10.88 25.91
CA SER C 355 -83.74 11.33 25.22
C SER C 355 -83.83 10.84 23.79
N ALA C 356 -82.75 10.97 23.03
CA ALA C 356 -82.78 10.70 21.59
C ALA C 356 -83.28 9.29 21.25
N PRO C 357 -82.73 8.24 21.91
CA PRO C 357 -83.27 6.94 21.51
C PRO C 357 -84.74 6.72 21.94
N GLN C 358 -85.17 7.32 23.04
CA GLN C 358 -86.57 7.20 23.43
C GLN C 358 -87.49 7.95 22.45
N VAL C 359 -87.03 9.09 21.96
CA VAL C 359 -87.80 9.86 21.00
C VAL C 359 -88.04 9.05 19.73
N MET C 360 -87.01 8.37 19.28
CA MET C 360 -87.10 7.58 18.05
C MET C 360 -87.98 6.36 18.24
N ALA C 361 -87.82 5.69 19.37
CA ALA C 361 -88.66 4.53 19.70
C ALA C 361 -90.12 4.97 19.90
N PHE C 362 -90.28 6.19 20.41
CA PHE C 362 -91.59 6.81 20.55
C PHE C 362 -92.24 6.99 19.20
N ALA C 363 -91.46 7.51 18.25
CA ALA C 363 -91.98 7.79 16.91
C ALA C 363 -92.46 6.52 16.21
N PHE C 364 -91.71 5.44 16.37
CA PHE C 364 -92.04 4.19 15.70
C PHE C 364 -93.24 3.49 16.33
N GLU C 365 -93.50 3.79 17.59
CA GLU C 365 -94.71 3.28 18.22
C GLU C 365 -95.92 3.96 17.60
N LEU C 366 -95.81 5.26 17.34
CA LEU C 366 -96.90 6.01 16.72
C LEU C 366 -97.17 5.52 15.30
N LEU C 367 -96.10 5.18 14.58
CA LEU C 367 -96.21 4.67 13.23
C LEU C 367 -96.84 3.27 13.24
N GLU C 368 -96.54 2.53 14.30
CA GLU C 368 -97.10 1.20 14.49
C GLU C 368 -98.61 1.25 14.76
N LYS C 369 -98.98 2.09 15.71
CA LYS C 369 -100.37 2.25 16.12
C LYS C 369 -101.22 2.83 14.99
N GLY C 370 -100.65 3.74 14.21
CA GLY C 370 -101.37 4.34 13.11
C GLY C 370 -101.54 5.84 13.29
N ILE C 371 -101.15 6.34 14.46
CA ILE C 371 -101.21 7.76 14.76
C ILE C 371 -100.32 8.54 13.78
N LEU C 372 -99.17 7.97 13.45
CA LEU C 372 -98.36 8.48 12.36
C LEU C 372 -98.51 7.57 11.14
N LYS C 373 -98.43 8.15 9.96
CA LYS C 373 -98.56 7.38 8.72
C LYS C 373 -97.20 7.29 8.01
N ASP C 374 -97.11 6.45 7.00
CA ASP C 374 -95.88 6.31 6.23
C ASP C 374 -95.61 7.57 5.43
N SER C 375 -96.67 8.35 5.21
CA SER C 375 -96.56 9.63 4.53
C SER C 375 -95.63 10.58 5.29
N ASP C 376 -95.59 10.41 6.61
CA ASP C 376 -94.77 11.24 7.48
C ASP C 376 -93.29 10.88 7.38
N PHE C 377 -93.01 9.67 6.89
CA PHE C 377 -91.63 9.19 6.75
C PHE C 377 -91.28 8.88 5.29
N PRO C 378 -91.12 9.92 4.46
CA PRO C 378 -90.76 9.68 3.07
C PRO C 378 -89.35 9.11 2.94
N GLY C 379 -89.22 7.99 2.23
CA GLY C 379 -87.92 7.38 2.03
C GLY C 379 -87.50 6.50 3.20
N LEU C 380 -88.50 6.00 3.92
CA LEU C 380 -88.26 5.16 5.08
C LEU C 380 -87.78 3.78 4.65
N PRO C 381 -86.54 3.42 5.02
CA PRO C 381 -85.98 2.11 4.69
C PRO C 381 -86.77 0.98 5.37
N GLU C 382 -86.57 -0.25 4.93
CA GLU C 382 -87.38 -1.35 5.43
C GLU C 382 -86.76 -2.03 6.66
N GLY C 383 -85.44 -2.02 6.74
CA GLY C 383 -84.76 -2.63 7.86
C GLY C 383 -84.87 -1.82 9.14
N ASN C 384 -84.95 -2.51 10.28
CA ASN C 384 -85.11 -1.84 11.57
C ASN C 384 -83.93 -0.93 11.93
N GLU C 385 -82.72 -1.46 11.82
CA GLU C 385 -81.52 -0.68 12.12
C GLU C 385 -81.41 0.54 11.21
N GLU C 386 -81.69 0.33 9.93
CA GLU C 386 -81.61 1.41 8.94
C GLU C 386 -82.60 2.53 9.24
N ARG C 387 -83.76 2.16 9.78
CA ARG C 387 -84.79 3.15 10.11
C ARG C 387 -84.34 4.13 11.18
N PHE C 388 -83.64 3.61 12.19
CA PHE C 388 -83.10 4.47 13.23
C PHE C 388 -82.04 5.44 12.70
N PHE C 389 -81.21 4.97 11.77
CA PHE C 389 -80.23 5.86 11.17
C PHE C 389 -80.95 6.92 10.35
N TYR C 390 -82.00 6.50 9.67
CA TYR C 390 -82.81 7.40 8.86
C TYR C 390 -83.44 8.51 9.70
N LEU C 391 -84.10 8.11 10.78
CA LEU C 391 -84.81 9.04 11.64
C LEU C 391 -83.85 10.00 12.35
N LEU C 392 -82.69 9.48 12.74
CA LEU C 392 -81.68 10.28 13.42
C LEU C 392 -81.28 11.49 12.59
N ASP C 393 -81.12 11.26 11.29
CA ASP C 393 -80.71 12.33 10.39
C ASP C 393 -81.85 13.34 10.18
N LYS C 394 -83.09 12.85 10.16
CA LYS C 394 -84.23 13.73 10.00
C LYS C 394 -84.35 14.67 11.20
N ILE C 395 -84.10 14.12 12.39
CA ILE C 395 -84.20 14.89 13.62
C ILE C 395 -83.15 16.00 13.73
N VAL C 396 -81.89 15.69 13.50
CA VAL C 396 -80.84 16.70 13.66
C VAL C 396 -80.89 17.77 12.57
N ASN C 397 -81.62 17.49 11.50
CA ASN C 397 -81.80 18.47 10.43
C ASN C 397 -83.11 19.21 10.56
N ARG C 398 -83.93 18.81 11.55
CA ARG C 398 -85.30 19.30 11.70
C ARG C 398 -86.04 19.25 10.37
N ASP C 399 -85.91 18.10 9.71
CA ASP C 399 -86.48 17.89 8.39
C ASP C 399 -87.82 17.15 8.48
N GLY C 400 -88.90 17.82 8.08
CA GLY C 400 -90.21 17.21 8.11
C GLY C 400 -90.64 16.78 9.50
N ILE C 401 -90.92 15.49 9.66
CA ILE C 401 -91.31 14.94 10.95
C ILE C 401 -90.20 15.13 11.99
N GLY C 402 -88.96 15.26 11.51
CA GLY C 402 -87.83 15.53 12.39
C GLY C 402 -87.96 16.84 13.14
N ASP C 403 -88.57 17.85 12.50
CA ASP C 403 -88.78 19.14 13.13
C ASP C 403 -89.67 19.03 14.37
N ILE C 404 -90.67 18.15 14.30
CA ILE C 404 -91.54 17.93 15.43
C ILE C 404 -90.83 17.07 16.49
N LEU C 405 -90.22 15.98 16.05
CA LEU C 405 -89.54 15.07 16.96
C LEU C 405 -88.35 15.72 17.65
N ALA C 406 -87.80 16.77 17.05
CA ALA C 406 -86.65 17.46 17.63
C ALA C 406 -87.02 18.21 18.91
N ASN C 407 -88.32 18.27 19.20
CA ASN C 407 -88.81 18.98 20.38
C ASN C 407 -88.96 18.09 21.61
N GLY C 408 -88.76 16.79 21.42
CA GLY C 408 -88.87 15.84 22.51
C GLY C 408 -90.27 15.23 22.57
N THR C 409 -90.39 14.10 23.28
CA THR C 409 -91.65 13.34 23.31
C THR C 409 -92.84 14.16 23.78
N TYR C 410 -92.66 14.95 24.82
CA TYR C 410 -93.75 15.74 25.37
C TYR C 410 -94.33 16.72 24.35
N TRP C 411 -93.49 17.60 23.83
CA TRP C 411 -93.96 18.63 22.90
C TRP C 411 -94.35 18.02 21.56
N ALA C 412 -93.70 16.92 21.17
CA ALA C 412 -94.05 16.25 19.92
C ALA C 412 -95.45 15.66 19.99
N ALA C 413 -95.76 14.98 21.08
CA ALA C 413 -97.09 14.39 21.27
C ALA C 413 -98.16 15.46 21.27
N GLN C 414 -97.88 16.55 21.98
CA GLN C 414 -98.82 17.65 22.10
C GLN C 414 -99.13 18.28 20.75
N GLU C 415 -98.16 18.23 19.84
CA GLU C 415 -98.33 18.80 18.50
C GLU C 415 -98.99 17.79 17.55
N ILE C 416 -98.68 16.51 17.75
CA ILE C 416 -99.20 15.47 16.88
C ILE C 416 -100.67 15.19 17.17
N GLY C 417 -101.02 15.14 18.45
CA GLY C 417 -102.39 14.86 18.86
C GLY C 417 -102.80 13.43 18.56
N ASN C 418 -104.10 13.22 18.33
CA ASN C 418 -104.65 11.89 18.04
C ASN C 418 -104.32 10.86 19.12
N GLY C 419 -104.13 11.34 20.34
CA GLY C 419 -103.82 10.46 21.45
C GLY C 419 -102.37 10.03 21.51
N ALA C 420 -101.50 10.84 20.92
CA ALA C 420 -100.06 10.59 20.97
C ALA C 420 -99.54 10.88 22.37
N GLU C 421 -100.28 11.65 23.14
CA GLU C 421 -99.88 12.01 24.49
C GLU C 421 -99.76 10.77 25.38
N ASP C 422 -100.57 9.76 25.08
CA ASP C 422 -100.54 8.50 25.84
C ASP C 422 -99.20 7.79 25.71
N TYR C 423 -98.49 8.04 24.62
CA TYR C 423 -97.25 7.32 24.34
C TYR C 423 -96.02 8.04 24.89
N ALA C 424 -96.19 9.32 25.23
CA ALA C 424 -95.19 10.03 26.01
C ALA C 424 -95.35 9.70 27.50
N HIS C 425 -95.19 8.42 27.83
CA HIS C 425 -95.50 7.91 29.15
C HIS C 425 -94.30 7.87 30.09
N ASN C 426 -93.17 8.44 29.70
CA ASN C 426 -91.99 8.36 30.55
C ASN C 426 -91.36 9.71 30.90
N ASN C 427 -92.18 10.76 30.94
CA ASN C 427 -91.69 12.08 31.25
C ASN C 427 -91.95 12.51 32.69
N ILE C 428 -91.01 13.27 33.25
CA ILE C 428 -91.28 14.06 34.45
C ILE C 428 -90.89 15.49 34.12
N LYS C 429 -91.84 16.41 34.29
CA LYS C 429 -91.61 17.81 33.97
C LYS C 429 -91.15 17.97 32.51
N LYS C 430 -91.79 17.22 31.61
CA LYS C 430 -91.52 17.22 30.17
C LYS C 430 -90.13 16.68 29.79
N HIS C 431 -89.48 15.99 30.72
CA HIS C 431 -88.13 15.50 30.51
C HIS C 431 -88.09 13.98 30.56
N GLU C 432 -87.62 13.34 29.49
CA GLU C 432 -87.57 11.88 29.41
C GLU C 432 -86.74 11.28 30.55
N GLN C 433 -87.23 10.19 31.11
CA GLN C 433 -86.56 9.53 32.23
C GLN C 433 -85.76 8.31 31.79
N LEU C 434 -84.89 7.85 32.66
CA LEU C 434 -84.20 6.58 32.48
C LEU C 434 -85.25 5.48 32.25
N PRO C 435 -85.03 4.64 31.21
CA PRO C 435 -86.00 3.59 30.85
C PRO C 435 -86.05 2.43 31.86
N LEU C 436 -86.69 2.67 33.00
CA LEU C 436 -86.82 1.67 34.05
C LEU C 436 -88.24 1.69 34.62
N LYS C 437 -88.96 0.58 34.48
CA LYS C 437 -90.33 0.47 35.02
C LYS C 437 -90.39 -0.70 36.00
N LEU C 438 -90.33 -0.40 37.29
CA LEU C 438 -90.29 -1.47 38.28
C LEU C 438 -91.67 -1.90 38.75
N SER C 439 -91.72 -2.86 39.66
CA SER C 439 -92.97 -3.48 40.05
C SER C 439 -93.56 -2.89 41.34
N MET C 440 -92.80 -2.97 42.43
CA MET C 440 -93.25 -2.47 43.73
C MET C 440 -92.78 -1.04 43.95
N LEU C 441 -93.61 -0.24 44.60
CA LEU C 441 -93.27 1.15 44.88
C LEU C 441 -92.05 1.27 45.77
N ASN C 442 -91.07 2.04 45.33
CA ASN C 442 -89.92 2.38 46.14
C ASN C 442 -90.08 3.78 46.71
N PRO C 443 -90.35 3.88 48.02
CA PRO C 443 -90.58 5.17 48.67
C PRO C 443 -89.40 6.12 48.55
N ILE C 444 -88.18 5.60 48.63
CA ILE C 444 -86.99 6.42 48.54
C ILE C 444 -86.86 7.02 47.13
N TYR C 445 -87.11 6.19 46.12
CA TYR C 445 -86.98 6.66 44.75
C TYR C 445 -88.18 7.46 44.31
N TYR C 446 -89.33 7.22 44.92
CA TYR C 446 -90.52 8.03 44.64
C TYR C 446 -90.22 9.50 44.88
N LEU C 447 -89.70 9.79 46.08
CA LEU C 447 -89.31 11.15 46.45
C LEU C 447 -88.31 11.75 45.48
N MET C 448 -87.30 10.97 45.11
CA MET C 448 -86.21 11.50 44.27
C MET C 448 -86.68 11.85 42.85
N TYR C 449 -87.42 10.95 42.21
CA TYR C 449 -88.08 11.25 40.94
C TYR C 449 -88.90 12.54 40.99
N CYS C 450 -89.72 12.70 42.05
CA CYS C 450 -90.60 13.84 42.17
C CYS C 450 -89.90 15.20 42.31
N THR C 451 -88.86 15.28 43.15
CA THR C 451 -88.35 16.58 43.58
C THR C 451 -86.97 16.99 43.00
N GLY C 452 -86.23 16.03 42.47
CA GLY C 452 -84.89 16.30 41.97
C GLY C 452 -84.86 17.37 40.89
N GLU C 453 -84.15 18.46 41.14
CA GLU C 453 -84.13 19.55 40.17
C GLU C 453 -83.35 19.20 38.88
N LYS C 454 -82.51 18.17 38.92
CA LYS C 454 -81.84 17.71 37.69
C LYS C 454 -82.83 16.94 36.81
N ILE C 455 -83.91 16.45 37.44
CA ILE C 455 -84.95 15.64 36.77
C ILE C 455 -84.33 14.42 36.11
N ASN C 456 -83.29 13.88 36.76
CA ASN C 456 -82.65 12.65 36.31
C ASN C 456 -82.28 11.80 37.53
N ILE C 457 -82.83 10.59 37.59
CA ILE C 457 -82.70 9.76 38.79
C ILE C 457 -81.27 9.32 39.12
N THR C 458 -80.41 9.19 38.12
CA THR C 458 -79.08 8.65 38.36
C THR C 458 -78.14 9.72 38.91
N GLN C 459 -78.62 10.96 38.90
CA GLN C 459 -77.85 12.09 39.41
C GLN C 459 -78.48 12.68 40.70
N ILE C 460 -79.06 11.81 41.52
CA ILE C 460 -79.53 12.20 42.84
C ILE C 460 -79.39 11.03 43.83
N GLU C 461 -79.28 9.81 43.30
CA GLU C 461 -79.07 8.62 44.12
C GLU C 461 -77.60 8.43 44.49
N GLY C 462 -77.32 7.52 45.43
CA GLY C 462 -75.95 7.10 45.63
C GLY C 462 -75.54 6.57 47.00
N GLN C 463 -75.62 7.44 48.01
CA GLN C 463 -74.99 7.19 49.30
C GLN C 463 -75.63 6.07 50.13
N PHE C 464 -76.93 5.86 49.93
CA PHE C 464 -77.63 4.79 50.64
C PHE C 464 -77.83 3.62 49.69
N PRO C 465 -77.64 2.39 50.18
CA PRO C 465 -77.80 1.18 49.37
C PRO C 465 -79.18 1.10 48.70
N GLN C 466 -79.23 0.63 47.47
CA GLN C 466 -80.48 0.55 46.71
C GLN C 466 -81.34 -0.59 47.22
N ALA C 467 -80.68 -1.66 47.65
CA ALA C 467 -81.38 -2.85 48.10
C ALA C 467 -80.79 -3.31 49.44
N PRO C 468 -81.60 -4.00 50.25
CA PRO C 468 -81.11 -4.52 51.53
C PRO C 468 -80.41 -5.87 51.39
N TYR C 469 -79.59 -6.22 52.37
CA TYR C 469 -79.00 -7.55 52.42
C TYR C 469 -79.99 -8.55 52.99
N PRO C 470 -80.00 -9.77 52.46
CA PRO C 470 -80.79 -10.87 53.04
C PRO C 470 -80.37 -11.15 54.48
N LYS C 471 -79.14 -11.62 54.66
CA LYS C 471 -78.66 -11.98 56.00
C LYS C 471 -78.29 -10.74 56.81
N LEU C 472 -78.56 -10.80 58.12
CA LEU C 472 -78.23 -9.71 59.03
C LEU C 472 -76.72 -9.51 59.15
N GLU C 473 -75.98 -10.61 59.05
CA GLU C 473 -74.53 -10.60 59.17
C GLU C 473 -73.90 -9.70 58.12
N GLN C 474 -74.49 -9.68 56.93
CA GLN C 474 -74.02 -8.84 55.86
C GLN C 474 -74.20 -7.36 56.17
N ARG C 475 -75.30 -7.03 56.86
CA ARG C 475 -75.61 -5.65 57.21
C ARG C 475 -74.71 -5.15 58.33
N GLU C 476 -74.51 -6.01 59.32
CA GLU C 476 -73.63 -5.70 60.45
C GLU C 476 -72.21 -5.44 59.97
N ALA C 477 -71.79 -6.19 58.97
CA ALA C 477 -70.43 -6.06 58.44
C ALA C 477 -70.29 -4.76 57.65
N PHE C 478 -71.34 -4.41 56.92
CA PHE C 478 -71.32 -3.21 56.09
C PHE C 478 -71.25 -1.93 56.91
N VAL C 479 -72.11 -1.81 57.92
CA VAL C 479 -72.23 -0.58 58.69
C VAL C 479 -71.02 -0.37 59.61
N GLU C 480 -70.27 -1.45 59.85
CA GLU C 480 -69.13 -1.43 60.75
C GLU C 480 -68.17 -0.26 60.48
N ASP C 481 -67.77 -0.10 59.23
CA ASP C 481 -66.84 0.96 58.85
C ASP C 481 -67.48 1.97 57.91
N TRP C 482 -68.76 2.23 58.10
CA TRP C 482 -69.50 3.18 57.27
C TRP C 482 -69.34 4.60 57.81
N ILE C 483 -68.12 5.12 57.72
CA ILE C 483 -67.77 6.42 58.29
C ILE C 483 -68.41 7.61 57.57
N GLN C 484 -68.92 7.38 56.36
CA GLN C 484 -69.45 8.47 55.54
C GLN C 484 -70.81 8.99 56.02
N VAL C 485 -71.47 8.26 56.92
CA VAL C 485 -72.81 8.65 57.35
C VAL C 485 -72.76 9.89 58.25
N PRO C 486 -73.67 10.84 58.02
CA PRO C 486 -73.80 12.04 58.87
C PRO C 486 -74.23 11.70 60.30
N ASP C 487 -75.08 10.69 60.45
CA ASP C 487 -75.60 10.29 61.75
C ASP C 487 -75.53 8.77 61.89
N GLU C 488 -75.43 8.29 63.13
CA GLU C 488 -75.38 6.86 63.39
C GLU C 488 -76.72 6.16 63.14
N LYS C 489 -77.75 6.96 62.91
CA LYS C 489 -79.10 6.43 62.69
C LYS C 489 -79.23 5.77 61.32
N PHE C 490 -78.41 6.20 60.36
CA PHE C 490 -78.46 5.63 59.03
C PHE C 490 -77.96 4.19 59.04
N LYS C 491 -77.06 3.87 59.95
CA LYS C 491 -76.61 2.49 60.13
C LYS C 491 -77.76 1.63 60.64
N LYS C 492 -78.46 2.13 61.66
CA LYS C 492 -79.54 1.40 62.30
C LYS C 492 -80.70 1.14 61.35
N ILE C 493 -80.93 2.08 60.43
CA ILE C 493 -81.96 1.90 59.42
C ILE C 493 -81.62 0.71 58.53
N PHE C 494 -80.38 0.69 58.02
CA PHE C 494 -79.96 -0.34 57.09
C PHE C 494 -79.89 -1.73 57.74
N LEU C 495 -79.68 -1.76 59.05
CA LEU C 495 -79.69 -3.01 59.79
C LEU C 495 -81.10 -3.60 59.84
N GLU C 496 -82.10 -2.75 60.06
CA GLU C 496 -83.49 -3.20 60.14
C GLU C 496 -84.06 -3.58 58.78
N TRP C 497 -83.58 -2.90 57.73
CA TRP C 497 -84.14 -3.05 56.40
C TRP C 497 -83.99 -4.47 55.87
N GLU C 498 -85.09 -5.04 55.37
CA GLU C 498 -85.09 -6.41 54.88
C GLU C 498 -85.74 -6.50 53.51
N PRO C 499 -85.36 -7.53 52.72
CA PRO C 499 -85.93 -7.65 51.37
C PRO C 499 -87.38 -8.11 51.38
N ARG C 500 -87.72 -8.98 52.32
CA ARG C 500 -89.09 -9.46 52.46
C ARG C 500 -89.58 -9.32 53.90
N GLY C 501 -90.89 -9.27 54.08
CA GLY C 501 -91.46 -9.25 55.41
C GLY C 501 -91.90 -7.87 55.88
N GLU C 502 -92.19 -7.79 57.17
CA GLU C 502 -92.74 -6.58 57.79
C GLU C 502 -91.79 -5.39 57.68
N LYS C 503 -90.50 -5.66 57.60
CA LYS C 503 -89.53 -4.58 57.51
C LYS C 503 -89.02 -4.39 56.09
N SER C 504 -89.94 -4.42 55.12
CA SER C 504 -89.58 -4.22 53.74
C SER C 504 -90.38 -3.09 53.10
N MET C 505 -90.02 -2.73 51.88
CA MET C 505 -90.69 -1.66 51.14
C MET C 505 -92.07 -2.13 50.72
N PRO C 506 -93.01 -1.18 50.54
CA PRO C 506 -92.89 0.28 50.70
C PRO C 506 -93.11 0.81 52.12
N ASN C 507 -93.52 -0.06 53.03
CA ASN C 507 -93.82 0.38 54.40
C ASN C 507 -92.57 0.61 55.25
N PHE C 508 -91.45 0.01 54.88
CA PHE C 508 -90.18 0.25 55.55
C PHE C 508 -89.06 0.46 54.51
N PRO C 509 -88.15 1.42 54.74
CA PRO C 509 -88.05 2.35 55.89
C PRO C 509 -89.25 3.30 55.99
N THR C 510 -89.53 3.78 57.19
CA THR C 510 -90.68 4.65 57.44
C THR C 510 -90.57 5.95 56.65
N VAL C 511 -91.66 6.70 56.63
CA VAL C 511 -91.73 7.97 55.91
C VAL C 511 -90.62 8.90 56.36
N ASP C 512 -90.41 9.00 57.68
CA ASP C 512 -89.38 9.87 58.20
C ASP C 512 -87.97 9.39 57.85
N MET C 513 -87.78 8.09 57.82
CA MET C 513 -86.48 7.53 57.43
C MET C 513 -86.18 7.82 55.97
N CYS C 514 -87.19 7.68 55.11
CA CYS C 514 -87.03 7.93 53.69
C CYS C 514 -86.70 9.39 53.41
N CYS C 515 -87.27 10.29 54.21
CA CYS C 515 -87.03 11.71 54.03
C CYS C 515 -85.59 12.08 54.40
N ASP C 516 -85.05 11.45 55.44
CA ASP C 516 -83.68 11.70 55.87
C ASP C 516 -82.66 11.12 54.89
N ILE C 517 -83.01 10.00 54.28
CA ILE C 517 -82.12 9.31 53.35
C ILE C 517 -82.01 10.08 52.04
N VAL C 518 -83.16 10.51 51.50
CA VAL C 518 -83.17 11.26 50.26
C VAL C 518 -82.49 12.61 50.45
N ASP C 519 -82.68 13.21 51.61
CA ASP C 519 -82.04 14.48 51.91
C ASP C 519 -80.51 14.35 51.90
N TRP C 520 -80.00 13.26 52.50
CA TRP C 520 -78.57 13.06 52.56
C TRP C 520 -78.00 12.84 51.16
N GLN C 521 -78.64 11.95 50.41
CA GLN C 521 -78.19 11.64 49.07
C GLN C 521 -78.17 12.89 48.18
N GLU C 522 -79.24 13.66 48.19
CA GLU C 522 -79.34 14.88 47.40
C GLU C 522 -78.28 15.90 47.79
N MET C 523 -78.05 16.05 49.10
CA MET C 523 -77.05 17.00 49.59
C MET C 523 -75.66 16.73 49.01
N MET C 524 -75.24 15.47 49.02
CA MET C 524 -73.90 15.15 48.55
C MET C 524 -73.73 15.53 47.07
N HIS C 525 -74.80 15.38 46.29
CA HIS C 525 -74.75 15.75 44.88
C HIS C 525 -74.58 17.26 44.73
N TYR C 526 -75.32 18.04 45.51
CA TYR C 526 -75.23 19.49 45.39
C TYR C 526 -73.88 20.02 45.84
N ILE C 527 -73.24 19.32 46.77
CA ILE C 527 -71.90 19.71 47.20
C ILE C 527 -70.89 19.43 46.10
N ASP C 528 -71.03 18.27 45.45
CA ASP C 528 -70.17 17.91 44.33
C ASP C 528 -70.27 18.89 43.18
N ASP C 529 -71.49 19.33 42.88
CA ASP C 529 -71.73 20.18 41.72
C ASP C 529 -71.37 21.63 42.01
N ALA C 530 -70.97 21.92 43.25
CA ALA C 530 -70.47 23.24 43.59
C ALA C 530 -68.95 23.24 43.61
N LEU C 531 -68.39 22.12 44.08
CA LEU C 531 -66.96 21.97 44.25
C LEU C 531 -66.28 21.51 42.96
N GLY C 532 -67.06 20.92 42.07
CA GLY C 532 -66.56 20.43 40.80
C GLY C 532 -66.07 19.01 40.92
N GLN C 533 -66.27 18.42 42.09
CA GLN C 533 -65.86 17.04 42.34
C GLN C 533 -66.70 16.05 41.57
N CYS C 534 -66.05 15.09 40.94
CA CYS C 534 -66.78 14.05 40.23
C CYS C 534 -67.59 13.22 41.20
N ALA C 535 -68.85 12.95 40.86
CA ALA C 535 -69.70 12.15 41.73
C ALA C 535 -69.20 10.72 41.80
N GLY C 536 -68.35 10.33 40.85
CA GLY C 536 -67.80 8.97 40.82
C GLY C 536 -66.93 8.65 42.03
N LEU C 537 -66.50 9.68 42.74
CA LEU C 537 -65.63 9.53 43.91
C LEU C 537 -66.31 10.12 45.14
N SER C 538 -67.56 10.52 44.96
CA SER C 538 -68.29 11.16 46.04
C SER C 538 -69.74 10.68 46.10
N SER C 539 -70.68 11.50 45.64
CA SER C 539 -72.10 11.25 45.90
C SER C 539 -72.65 9.96 45.28
N PHE C 540 -72.02 9.44 44.23
CA PHE C 540 -72.63 8.33 43.50
C PHE C 540 -72.36 6.91 44.08
N PRO C 541 -71.10 6.56 44.41
CA PRO C 541 -70.88 5.18 44.84
C PRO C 541 -71.04 4.97 46.35
N LEU C 542 -71.22 3.72 46.77
CA LEU C 542 -71.23 3.39 48.19
C LEU C 542 -69.85 3.59 48.80
N LYS C 543 -69.82 4.14 50.01
CA LYS C 543 -68.59 4.39 50.76
C LYS C 543 -67.49 5.07 49.93
N PRO C 544 -67.74 6.33 49.52
CA PRO C 544 -66.78 7.11 48.72
C PRO C 544 -65.65 7.69 49.57
N PRO C 545 -64.53 8.09 48.93
CA PRO C 545 -63.43 8.75 49.64
C PRO C 545 -63.77 10.19 50.07
N TYR C 546 -64.66 10.85 49.33
CA TYR C 546 -65.15 12.17 49.74
C TYR C 546 -66.50 12.05 50.45
N HIS C 547 -66.64 12.70 51.59
CA HIS C 547 -67.88 12.63 52.36
C HIS C 547 -68.09 13.85 53.25
N ILE C 548 -69.20 13.87 54.00
CA ILE C 548 -69.62 15.06 54.72
C ILE C 548 -68.64 15.45 55.83
N HIS C 549 -67.77 14.52 56.21
CA HIS C 549 -66.85 14.76 57.31
C HIS C 549 -65.51 15.36 56.88
N ASN C 550 -65.01 14.99 55.71
CA ASN C 550 -63.72 15.52 55.27
C ASN C 550 -63.86 16.65 54.25
N TYR C 551 -65.02 16.74 53.61
CA TYR C 551 -65.30 17.83 52.67
C TYR C 551 -65.05 19.24 53.26
N PRO C 552 -65.53 19.52 54.48
CA PRO C 552 -65.24 20.86 55.01
C PRO C 552 -63.75 21.14 55.17
N LYS C 553 -62.97 20.09 55.43
CA LYS C 553 -61.53 20.24 55.56
C LYS C 553 -60.91 20.69 54.24
N PHE C 554 -61.38 20.10 53.15
CA PHE C 554 -60.92 20.47 51.81
C PHE C 554 -61.23 21.93 51.50
N ILE C 555 -62.46 22.32 51.76
CA ILE C 555 -62.91 23.69 51.49
C ILE C 555 -62.09 24.71 52.28
N ALA C 556 -61.90 24.42 53.56
CA ALA C 556 -61.16 25.33 54.43
C ALA C 556 -59.68 25.44 54.03
N ALA C 557 -59.05 24.30 53.75
CA ALA C 557 -57.63 24.30 53.38
C ALA C 557 -57.41 24.75 51.94
N GLY C 558 -58.39 24.47 51.08
CA GLY C 558 -58.31 24.88 49.69
C GLY C 558 -58.65 26.34 49.44
N ALA C 559 -59.83 26.76 49.87
CA ALA C 559 -60.33 28.10 49.57
C ALA C 559 -59.99 29.13 50.64
N GLY C 560 -59.59 28.65 51.82
CA GLY C 560 -59.22 29.54 52.89
C GLY C 560 -60.39 30.28 53.53
N ILE C 561 -61.51 29.58 53.66
CA ILE C 561 -62.68 30.15 54.32
C ILE C 561 -63.11 29.21 55.43
N GLU C 562 -63.76 29.76 56.46
CA GLU C 562 -64.23 28.94 57.57
C GLU C 562 -65.29 27.97 57.08
N MET C 563 -65.17 26.71 57.47
CA MET C 563 -66.13 25.69 57.06
C MET C 563 -66.09 24.49 57.98
N ASP C 564 -67.27 24.04 58.40
CA ASP C 564 -67.39 22.82 59.18
C ASP C 564 -68.56 22.00 58.65
N THR C 565 -68.84 20.87 59.28
CA THR C 565 -69.90 19.98 58.82
C THR C 565 -71.26 20.68 58.79
N GLU C 566 -71.58 21.42 59.85
CA GLU C 566 -72.89 22.08 59.93
C GLU C 566 -73.01 23.23 58.94
N LYS C 567 -71.97 24.06 58.84
CA LYS C 567 -72.01 25.19 57.92
C LYS C 567 -72.09 24.70 56.47
N LEU C 568 -71.49 23.54 56.22
CA LEU C 568 -71.52 22.96 54.88
C LEU C 568 -72.91 22.43 54.53
N LYS C 569 -73.53 21.72 55.48
CA LYS C 569 -74.91 21.26 55.32
C LYS C 569 -75.85 22.42 55.01
N LYS C 570 -75.64 23.53 55.70
CA LYS C 570 -76.49 24.71 55.51
C LYS C 570 -76.22 25.37 54.16
N ALA C 571 -74.95 25.48 53.79
CA ALA C 571 -74.59 26.01 52.48
C ALA C 571 -75.26 25.23 51.37
N ALA C 572 -75.19 23.91 51.45
CA ALA C 572 -75.79 23.03 50.46
C ALA C 572 -77.28 23.29 50.36
N LYS C 573 -77.91 23.47 51.53
CA LYS C 573 -79.34 23.73 51.60
C LYS C 573 -79.68 25.08 51.00
N ARG C 574 -78.81 26.05 51.27
CA ARG C 574 -79.03 27.42 50.81
C ARG C 574 -79.23 27.50 49.30
N TYR C 575 -78.31 26.97 48.49
CA TYR C 575 -78.49 27.12 47.06
C TYR C 575 -79.37 26.03 46.46
N ARG C 576 -79.54 24.92 47.17
CA ARG C 576 -80.52 23.93 46.72
C ARG C 576 -81.95 24.49 46.80
N THR C 577 -82.22 25.33 47.79
CA THR C 577 -83.55 25.92 47.86
C THR C 577 -83.61 27.13 46.92
N LEU C 578 -82.46 27.74 46.66
CA LEU C 578 -82.40 28.84 45.69
C LEU C 578 -82.75 28.33 44.29
N VAL C 579 -82.24 27.16 43.94
CA VAL C 579 -82.58 26.53 42.66
C VAL C 579 -84.06 26.21 42.65
N ARG C 580 -84.55 25.67 43.76
CA ARG C 580 -85.98 25.44 43.94
C ARG C 580 -86.76 26.72 43.70
N ALA C 581 -86.28 27.82 44.29
CA ALA C 581 -86.94 29.11 44.18
C ALA C 581 -87.02 29.59 42.74
N PHE C 582 -85.97 29.32 41.98
CA PHE C 582 -85.92 29.73 40.59
C PHE C 582 -87.01 29.04 39.77
N ASN C 583 -87.15 27.75 40.00
CA ASN C 583 -88.15 26.96 39.29
C ASN C 583 -89.57 27.33 39.70
N ILE C 584 -89.74 27.72 40.97
CA ILE C 584 -91.04 28.20 41.45
C ILE C 584 -91.43 29.46 40.68
N ARG C 585 -90.48 30.37 40.54
CA ARG C 585 -90.74 31.64 39.89
C ARG C 585 -91.04 31.44 38.40
N ARG C 586 -90.63 30.29 37.86
CA ARG C 586 -90.94 29.97 36.47
C ARG C 586 -92.19 29.08 36.35
N GLY C 587 -92.94 28.95 37.45
CA GLY C 587 -94.24 28.30 37.39
C GLY C 587 -94.37 26.88 37.91
N MET C 588 -93.29 26.30 38.43
CA MET C 588 -93.36 24.95 38.97
C MET C 588 -94.17 24.89 40.26
N ARG C 589 -95.05 23.89 40.37
CA ARG C 589 -95.83 23.68 41.59
C ARG C 589 -95.85 22.20 41.98
N ARG C 590 -96.55 21.88 43.08
CA ARG C 590 -96.62 20.51 43.57
C ARG C 590 -97.19 19.54 42.52
N VAL C 591 -98.04 20.07 41.65
CA VAL C 591 -98.69 19.27 40.62
C VAL C 591 -97.70 18.65 39.62
N ASP C 592 -96.60 19.34 39.35
CA ASP C 592 -95.61 18.87 38.38
C ASP C 592 -94.69 17.81 38.97
N GLU C 593 -94.71 17.71 40.29
CA GLU C 593 -93.83 16.79 41.00
C GLU C 593 -94.45 15.41 41.15
N GLN C 594 -94.78 14.80 40.02
CA GLN C 594 -95.31 13.44 39.98
C GLN C 594 -94.51 12.58 39.03
N PRO C 595 -94.33 11.30 39.37
CA PRO C 595 -93.67 10.36 38.47
C PRO C 595 -94.64 9.93 37.37
N PRO C 596 -94.14 9.29 36.30
CA PRO C 596 -95.03 8.75 35.28
C PRO C 596 -96.07 7.80 35.87
N ALA C 597 -97.25 7.73 35.26
CA ALA C 597 -98.35 6.93 35.80
C ALA C 597 -98.00 5.46 35.92
N ASN C 598 -97.34 4.93 34.90
CA ASN C 598 -97.00 3.50 34.87
C ASN C 598 -95.62 3.17 35.43
N HIS C 599 -95.05 4.09 36.20
CA HIS C 599 -93.67 3.92 36.67
C HIS C 599 -93.52 2.73 37.62
N TRP C 600 -94.56 2.47 38.40
CA TRP C 600 -94.63 1.26 39.19
C TRP C 600 -95.98 0.59 38.94
N LYS C 601 -96.03 -0.73 39.15
CA LYS C 601 -97.27 -1.48 38.99
C LYS C 601 -98.06 -1.53 40.29
N ASN C 602 -97.39 -1.25 41.39
CA ASN C 602 -98.00 -1.22 42.71
C ASN C 602 -97.95 0.18 43.33
N ARG C 603 -99.04 0.92 43.25
CA ARG C 603 -99.06 2.29 43.77
C ARG C 603 -99.85 2.40 45.06
N PHE C 604 -99.50 3.40 45.87
CA PHE C 604 -100.14 3.61 47.15
C PHE C 604 -100.34 5.12 47.41
N PRO C 605 -101.47 5.65 46.92
CA PRO C 605 -101.81 7.08 46.96
C PRO C 605 -101.67 7.73 48.34
N GLU C 606 -102.13 7.06 49.38
CA GLU C 606 -102.08 7.65 50.71
C GLU C 606 -100.65 7.66 51.24
N LEU C 607 -99.90 6.61 50.96
CA LEU C 607 -98.50 6.55 51.35
C LEU C 607 -97.67 7.56 50.57
N GLU C 608 -97.95 7.72 49.28
CA GLU C 608 -97.20 8.65 48.45
C GLU C 608 -97.43 10.09 48.88
N LYS C 609 -98.67 10.37 49.30
CA LYS C 609 -99.04 11.71 49.74
C LYS C 609 -98.30 12.07 51.01
N GLU C 610 -98.29 11.15 51.97
CA GLU C 610 -97.58 11.37 53.23
C GLU C 610 -96.06 11.53 53.01
N LEU C 611 -95.51 10.78 52.07
CA LEU C 611 -94.10 10.89 51.75
C LEU C 611 -93.76 12.31 51.33
N LEU C 612 -94.44 12.80 50.30
CA LEU C 612 -94.18 14.12 49.76
C LEU C 612 -94.48 15.21 50.78
N ASP C 613 -95.56 15.04 51.55
CA ASP C 613 -95.91 15.97 52.62
C ASP C 613 -94.78 16.10 53.63
N SER C 614 -94.28 14.96 54.11
CA SER C 614 -93.22 14.98 55.12
C SER C 614 -91.91 15.53 54.57
N TYR C 615 -91.64 15.25 53.30
CA TYR C 615 -90.41 15.72 52.68
C TYR C 615 -90.39 17.25 52.56
N TYR C 616 -91.50 17.82 52.09
CA TYR C 616 -91.65 19.26 52.02
C TYR C 616 -91.40 19.95 53.36
N LYS C 617 -91.94 19.36 54.41
CA LYS C 617 -91.79 19.91 55.75
C LYS C 617 -90.33 19.87 56.20
N LEU C 618 -89.66 18.76 55.92
CA LEU C 618 -88.24 18.62 56.25
C LEU C 618 -87.39 19.62 55.46
N LYS C 619 -87.75 19.84 54.20
CA LYS C 619 -87.08 20.83 53.36
C LYS C 619 -87.37 22.27 53.81
N GLY C 620 -88.49 22.47 54.50
CA GLY C 620 -88.89 23.79 54.94
C GLY C 620 -89.75 24.50 53.92
N TRP C 621 -90.46 23.72 53.09
CA TRP C 621 -91.34 24.26 52.07
C TRP C 621 -92.79 24.07 52.51
N ASN C 622 -93.73 24.78 51.91
CA ASN C 622 -95.14 24.54 52.24
C ASN C 622 -95.70 23.36 51.45
N ASP C 623 -97.02 23.18 51.52
CA ASP C 623 -97.66 22.01 50.94
C ASP C 623 -97.79 22.10 49.42
N ASP C 624 -97.48 23.26 48.85
CA ASP C 624 -97.46 23.41 47.40
C ASP C 624 -96.03 23.35 46.83
N GLY C 625 -95.07 23.04 47.69
CA GLY C 625 -93.69 22.87 47.26
C GLY C 625 -92.87 24.17 47.21
N ILE C 626 -93.37 25.20 47.87
CA ILE C 626 -92.73 26.50 47.85
C ILE C 626 -92.02 26.77 49.17
N PRO C 627 -90.74 27.15 49.11
CA PRO C 627 -89.98 27.52 50.31
C PRO C 627 -90.69 28.62 51.09
N THR C 628 -90.91 28.42 52.38
CA THR C 628 -91.64 29.38 53.19
C THR C 628 -90.76 30.58 53.52
N LYS C 629 -91.40 31.68 53.87
CA LYS C 629 -90.70 32.91 54.26
C LYS C 629 -89.71 32.66 55.38
N GLU C 630 -90.16 31.90 56.38
CA GLU C 630 -89.36 31.61 57.57
C GLU C 630 -88.05 30.90 57.23
N THR C 631 -88.14 29.84 56.45
CA THR C 631 -86.96 29.06 56.11
C THR C 631 -86.06 29.82 55.12
N LEU C 632 -86.65 30.70 54.33
CA LEU C 632 -85.86 31.56 53.44
C LEU C 632 -85.02 32.56 54.23
N ASP C 633 -85.65 33.22 55.19
CA ASP C 633 -84.95 34.18 56.04
C ASP C 633 -83.81 33.50 56.79
N ASP C 634 -84.07 32.28 57.26
CA ASP C 634 -83.08 31.54 58.03
C ASP C 634 -81.85 31.18 57.20
N LEU C 635 -82.05 30.95 55.91
CA LEU C 635 -80.95 30.57 55.03
C LEU C 635 -80.20 31.78 54.48
N GLY C 636 -80.69 32.97 54.79
CA GLY C 636 -80.10 34.19 54.27
C GLY C 636 -80.67 34.54 52.90
N LEU C 637 -81.79 33.92 52.56
CA LEU C 637 -82.45 34.17 51.28
C LEU C 637 -83.65 35.08 51.48
N GLY C 638 -83.46 36.13 52.27
CA GLY C 638 -84.51 37.10 52.53
C GLY C 638 -85.00 37.82 51.28
N TYR C 639 -84.08 38.11 50.37
CA TYR C 639 -84.43 38.77 49.12
C TYR C 639 -85.32 37.88 48.25
N VAL C 640 -85.18 36.57 48.41
CA VAL C 640 -86.04 35.63 47.73
C VAL C 640 -87.47 35.73 48.25
N GLY C 641 -87.61 35.72 49.58
CA GLY C 641 -88.90 35.80 50.23
C GLY C 641 -89.67 37.04 49.85
N ASP C 642 -88.99 38.18 49.85
CA ASP C 642 -89.62 39.45 49.49
C ASP C 642 -90.20 39.42 48.08
N GLU C 643 -89.46 38.85 47.13
CA GLU C 643 -89.93 38.80 45.76
C GLU C 643 -91.15 37.89 45.62
N PHE C 644 -91.18 36.81 46.39
CA PHE C 644 -92.31 35.89 46.37
C PHE C 644 -93.59 36.58 46.86
N ILE C 645 -93.46 37.38 47.91
CA ILE C 645 -94.59 38.13 48.45
C ILE C 645 -95.05 39.19 47.46
N LYS C 646 -94.09 39.88 46.87
CA LYS C 646 -94.39 40.92 45.88
C LYS C 646 -95.00 40.32 44.61
N ARG C 647 -94.59 39.12 44.25
CA ARG C 647 -95.15 38.44 43.08
C ARG C 647 -96.41 37.65 43.43
N GLY C 648 -96.79 37.66 44.71
CA GLY C 648 -97.97 36.94 45.16
C GLY C 648 -97.79 35.43 45.22
N ILE C 649 -96.54 34.98 45.19
CA ILE C 649 -96.22 33.55 45.30
C ILE C 649 -96.37 33.09 46.76
N LEU C 650 -96.09 34.00 47.68
CA LEU C 650 -96.34 33.76 49.10
C LEU C 650 -97.23 34.86 49.71
N SER C 651 -98.05 34.49 50.69
CA SER C 651 -98.88 35.45 51.39
C SER C 651 -98.09 36.20 52.45
N ALA C 652 -98.33 37.50 52.57
CA ALA C 652 -97.64 38.32 53.55
C ALA C 652 -98.09 38.00 54.97
N MET D 1 49.92 -3.54 -67.77
CA MET D 1 49.79 -3.30 -66.34
C MET D 1 51.14 -3.38 -65.64
N ARG D 2 51.40 -2.44 -64.73
CA ARG D 2 52.60 -2.50 -63.92
C ARG D 2 52.31 -3.25 -62.62
N TYR D 3 53.30 -3.99 -62.13
CA TYR D 3 53.13 -4.76 -60.90
C TYR D 3 54.23 -4.45 -59.89
N ALA D 4 53.88 -4.59 -58.61
CA ALA D 4 54.77 -4.30 -57.49
C ALA D 4 55.18 -2.84 -57.42
N GLU D 5 55.69 -2.30 -58.53
CA GLU D 5 55.86 -0.85 -58.66
C GLU D 5 54.53 -0.22 -59.07
N THR D 6 54.35 1.06 -58.78
CA THR D 6 53.11 1.74 -59.15
C THR D 6 53.23 2.31 -60.57
N GLY D 7 54.46 2.61 -60.98
CA GLY D 7 54.72 3.11 -62.32
C GLY D 7 54.65 4.63 -62.46
N TYR D 8 54.58 5.33 -61.32
CA TYR D 8 54.45 6.78 -61.33
C TYR D 8 55.41 7.44 -60.34
N VAL D 9 55.81 8.66 -60.64
CA VAL D 9 56.57 9.44 -59.68
C VAL D 9 55.97 10.84 -59.57
N LEU D 10 56.30 11.53 -58.48
CA LEU D 10 55.92 12.92 -58.32
C LEU D 10 57.10 13.86 -58.56
N GLU D 11 56.96 14.73 -59.55
CA GLU D 11 57.99 15.73 -59.80
C GLU D 11 57.59 17.04 -59.13
N VAL D 12 58.41 17.52 -58.21
CA VAL D 12 58.07 18.73 -57.48
C VAL D 12 59.13 19.82 -57.61
N ASP D 13 58.73 20.96 -58.15
CA ASP D 13 59.63 22.10 -58.26
C ASP D 13 59.30 23.13 -57.19
N LEU D 14 60.09 23.14 -56.12
CA LEU D 14 59.83 23.98 -54.95
C LEU D 14 59.98 25.46 -55.22
N THR D 15 60.62 25.83 -56.32
CA THR D 15 60.79 27.23 -56.65
C THR D 15 59.50 27.80 -57.25
N LYS D 16 58.83 26.98 -58.05
CA LYS D 16 57.63 27.41 -58.76
C LYS D 16 56.35 26.98 -58.04
N GLY D 17 56.46 25.96 -57.20
CA GLY D 17 55.29 25.41 -56.53
C GLY D 17 54.53 24.43 -57.40
N SER D 18 55.18 23.94 -58.45
CA SER D 18 54.54 23.04 -59.40
C SER D 18 54.65 21.58 -58.98
N ILE D 19 53.58 20.82 -59.18
CA ILE D 19 53.52 19.41 -58.85
C ILE D 19 53.01 18.60 -60.03
N GLU D 20 53.75 17.58 -60.42
CA GLU D 20 53.37 16.80 -61.60
C GLU D 20 53.55 15.31 -61.38
N ARG D 21 52.58 14.53 -61.80
CA ARG D 21 52.72 13.08 -61.80
C ARG D 21 53.19 12.65 -63.16
N VAL D 22 54.22 11.81 -63.18
CA VAL D 22 54.80 11.36 -64.43
C VAL D 22 54.91 9.84 -64.44
N ALA D 23 54.50 9.23 -65.55
CA ALA D 23 54.63 7.78 -65.71
C ALA D 23 56.09 7.42 -65.94
N THR D 24 56.52 6.27 -65.42
CA THR D 24 57.92 5.85 -65.57
C THR D 24 58.11 4.90 -66.74
N ASP D 25 59.36 4.68 -67.11
CA ASP D 25 59.72 3.80 -68.20
C ASP D 25 60.00 2.40 -67.66
N PRO D 26 59.21 1.41 -68.11
CA PRO D 26 59.32 0.02 -67.65
C PRO D 26 60.69 -0.59 -67.97
N ARG D 27 61.36 -0.06 -68.98
CA ARG D 27 62.71 -0.51 -69.32
C ARG D 27 63.70 -0.20 -68.19
N ASP D 28 63.52 0.93 -67.54
CA ASP D 28 64.40 1.31 -66.43
C ASP D 28 64.26 0.32 -65.27
N THR D 29 63.07 -0.26 -65.12
CA THR D 29 62.83 -1.26 -64.09
C THR D 29 63.57 -2.56 -64.42
N GLU D 30 63.65 -2.88 -65.71
CA GLU D 30 64.35 -4.08 -66.15
C GLU D 30 65.88 -3.96 -66.00
N LEU D 31 66.38 -2.73 -66.05
CA LEU D 31 67.82 -2.51 -66.02
C LEU D 31 68.32 -2.23 -64.61
N TYR D 32 67.58 -1.45 -63.85
CA TYR D 32 68.04 -0.97 -62.56
C TYR D 32 67.12 -1.33 -61.41
N LEU D 33 66.18 -2.24 -61.66
CA LEU D 33 65.24 -2.76 -60.65
C LEU D 33 64.33 -1.70 -59.99
N GLY D 34 64.91 -0.83 -59.18
CA GLY D 34 64.13 0.16 -58.46
C GLY D 34 64.95 0.73 -57.32
N GLY D 35 64.30 1.44 -56.43
CA GLY D 35 64.94 1.97 -55.24
C GLY D 35 66.19 2.78 -55.56
N LEU D 36 67.31 2.37 -54.99
CA LEU D 36 68.61 3.01 -55.24
C LEU D 36 68.99 2.97 -56.72
N GLY D 37 68.67 1.85 -57.37
CA GLY D 37 69.05 1.65 -58.77
C GLY D 37 68.50 2.74 -59.68
N THR D 38 67.18 2.91 -59.63
CA THR D 38 66.51 3.90 -60.47
C THR D 38 66.81 5.34 -60.00
N ASN D 39 67.12 5.53 -58.71
CA ASN D 39 67.61 6.82 -58.23
C ASN D 39 68.90 7.22 -58.93
N ALA D 40 69.82 6.26 -59.03
CA ALA D 40 71.12 6.50 -59.64
C ALA D 40 70.96 6.95 -61.09
N LYS D 41 70.05 6.31 -61.81
CA LYS D 41 69.76 6.67 -63.19
C LYS D 41 69.29 8.11 -63.29
N ILE D 42 68.39 8.51 -62.39
CA ILE D 42 67.85 9.87 -62.39
C ILE D 42 68.93 10.91 -62.09
N LEU D 43 69.77 10.64 -61.10
CA LEU D 43 70.81 11.58 -60.73
C LEU D 43 71.87 11.70 -61.84
N TRP D 44 72.21 10.57 -62.47
CA TRP D 44 73.24 10.55 -63.51
C TRP D 44 72.95 11.53 -64.64
N ASP D 45 71.75 11.46 -65.19
CA ASP D 45 71.47 12.28 -66.37
C ASP D 45 70.67 13.54 -66.05
N ARG D 46 70.60 13.92 -64.79
CA ARG D 46 69.95 15.18 -64.44
C ARG D 46 70.78 16.05 -63.49
N VAL D 47 71.83 15.48 -62.92
CA VAL D 47 72.69 16.25 -62.02
C VAL D 47 74.15 16.19 -62.47
N PRO D 48 74.54 17.09 -63.40
CA PRO D 48 75.92 17.19 -63.90
C PRO D 48 76.91 17.62 -62.82
N PRO D 49 78.21 17.34 -63.02
CA PRO D 49 79.22 17.59 -61.99
C PRO D 49 79.34 19.05 -61.53
N GLU D 50 78.91 20.00 -62.37
CA GLU D 50 78.97 21.42 -61.98
C GLU D 50 77.89 21.82 -60.96
N VAL D 51 76.97 20.91 -60.66
CA VAL D 51 75.92 21.20 -59.68
C VAL D 51 76.44 21.07 -58.24
N GLU D 52 76.23 22.10 -57.45
CA GLU D 52 76.61 22.11 -56.03
C GLU D 52 75.50 21.52 -55.17
N PRO D 53 75.85 20.99 -53.98
CA PRO D 53 74.84 20.42 -53.09
C PRO D 53 73.76 21.42 -52.68
N PHE D 54 74.13 22.66 -52.41
CA PHE D 54 73.15 23.66 -52.00
C PHE D 54 72.75 24.58 -53.14
N SER D 55 72.65 24.04 -54.34
CA SER D 55 72.14 24.81 -55.47
C SER D 55 70.78 24.24 -55.88
N PRO D 56 69.91 25.09 -56.47
CA PRO D 56 68.56 24.67 -56.84
C PRO D 56 68.53 23.44 -57.76
N GLU D 57 69.59 23.22 -58.53
CA GLU D 57 69.64 22.15 -59.52
C GLU D 57 69.92 20.79 -58.90
N ASN D 58 70.40 20.78 -57.66
CA ASN D 58 70.52 19.53 -56.90
C ASN D 58 69.15 18.92 -56.63
N LEU D 59 69.08 17.60 -56.71
CA LEU D 59 67.81 16.90 -56.49
C LEU D 59 67.79 16.21 -55.13
N LEU D 60 66.60 16.16 -54.53
CA LEU D 60 66.38 15.36 -53.34
C LEU D 60 65.31 14.33 -53.67
N ILE D 61 65.70 13.07 -53.77
CA ILE D 61 64.79 12.01 -54.20
C ILE D 61 64.35 11.13 -53.04
N PHE D 62 63.05 10.93 -52.87
CA PHE D 62 62.53 9.95 -51.91
C PHE D 62 62.00 8.74 -52.67
N ALA D 63 62.61 7.57 -52.47
CA ALA D 63 62.19 6.40 -53.23
C ALA D 63 61.72 5.25 -52.36
N ALA D 64 60.66 4.59 -52.81
CA ALA D 64 60.24 3.32 -52.20
C ALA D 64 60.84 2.19 -53.01
N GLY D 65 61.32 1.15 -52.32
CA GLY D 65 61.83 -0.03 -53.00
C GLY D 65 60.78 -0.72 -53.87
N LEU D 66 61.25 -1.47 -54.86
CA LEU D 66 60.38 -2.14 -55.82
C LEU D 66 59.30 -2.99 -55.16
N LEU D 67 59.66 -3.70 -54.09
CA LEU D 67 58.71 -4.62 -53.48
C LEU D 67 58.08 -4.10 -52.18
N CYS D 68 58.35 -2.85 -51.82
CA CYS D 68 57.64 -2.21 -50.71
C CYS D 68 56.15 -2.15 -51.01
N GLY D 69 55.33 -2.44 -50.00
CA GLY D 69 53.89 -2.42 -50.18
C GLY D 69 53.34 -3.76 -50.59
N THR D 70 54.21 -4.75 -50.77
CA THR D 70 53.79 -6.12 -51.04
C THR D 70 53.83 -6.90 -49.72
N PRO D 71 53.27 -8.12 -49.69
CA PRO D 71 53.32 -8.89 -48.44
C PRO D 71 54.73 -9.34 -48.00
N ALA D 72 55.76 -9.02 -48.77
CA ALA D 72 57.12 -9.46 -48.44
C ALA D 72 57.58 -8.95 -47.08
N THR D 73 57.82 -9.89 -46.17
CA THR D 73 58.26 -9.57 -44.81
C THR D 73 59.44 -8.61 -44.76
N GLY D 74 59.30 -7.54 -44.00
CA GLY D 74 60.37 -6.59 -43.78
C GLY D 74 60.74 -5.75 -44.98
N CYS D 75 59.88 -5.72 -45.99
CA CYS D 75 60.18 -4.95 -47.20
C CYS D 75 59.55 -3.56 -47.14
N ASN D 76 60.29 -2.59 -46.63
CA ASN D 76 59.69 -1.32 -46.23
C ASN D 76 60.63 -0.12 -46.28
N ARG D 77 61.79 -0.29 -46.88
CA ARG D 77 62.80 0.77 -46.81
C ARG D 77 62.56 1.91 -47.81
N THR D 78 62.70 3.14 -47.32
CA THR D 78 62.80 4.30 -48.18
C THR D 78 64.28 4.54 -48.48
N ILE D 79 64.57 4.89 -49.74
CA ILE D 79 65.93 5.25 -50.16
C ILE D 79 65.96 6.71 -50.57
N VAL D 80 66.70 7.51 -49.82
CA VAL D 80 66.82 8.94 -50.09
C VAL D 80 68.15 9.23 -50.80
N SER D 81 68.10 9.88 -51.97
CA SER D 81 69.32 10.14 -52.72
C SER D 81 69.49 11.61 -53.04
N THR D 82 70.74 12.05 -52.99
CA THR D 82 71.11 13.43 -53.34
C THR D 82 72.63 13.53 -53.45
N VAL D 83 73.13 14.75 -53.67
CA VAL D 83 74.57 14.98 -53.60
C VAL D 83 74.93 15.54 -52.23
N SER D 84 75.82 14.86 -51.53
CA SER D 84 76.18 15.23 -50.17
C SER D 84 76.89 16.57 -50.06
N PRO D 85 76.49 17.39 -49.09
CA PRO D 85 77.20 18.65 -48.82
C PRO D 85 78.54 18.42 -48.10
N GLN D 86 78.75 17.23 -47.55
CA GLN D 86 79.99 16.96 -46.84
C GLN D 86 81.04 16.33 -47.76
N THR D 87 80.64 15.28 -48.46
CA THR D 87 81.59 14.51 -49.27
C THR D 87 81.66 15.02 -50.71
N LYS D 88 80.64 15.76 -51.11
CA LYS D 88 80.50 16.29 -52.47
C LYS D 88 80.28 15.15 -53.47
N LEU D 89 80.11 13.95 -52.97
CA LEU D 89 79.78 12.78 -53.79
C LEU D 89 78.31 12.45 -53.63
N MET D 90 77.85 11.42 -54.34
CA MET D 90 76.48 10.97 -54.16
C MET D 90 76.24 10.50 -52.73
N ALA D 91 75.03 10.73 -52.24
CA ALA D 91 74.65 10.26 -50.92
C ALA D 91 73.31 9.56 -51.00
N PHE D 92 73.29 8.27 -50.74
CA PHE D 92 72.04 7.57 -50.57
C PHE D 92 71.94 7.19 -49.11
N SER D 93 70.72 7.22 -48.58
CA SER D 93 70.49 6.99 -47.15
C SER D 93 69.21 6.20 -46.97
N MET D 94 69.27 5.17 -46.13
CA MET D 94 68.12 4.29 -45.96
C MET D 94 67.33 4.56 -44.68
N MET D 95 66.02 4.41 -44.81
CA MET D 95 65.08 4.70 -43.74
C MET D 95 64.02 3.62 -43.68
N GLY D 96 63.92 2.93 -42.55
CA GLY D 96 62.90 1.91 -42.38
C GLY D 96 61.55 2.46 -41.95
N GLY D 97 60.86 1.68 -41.12
CA GLY D 97 59.56 2.10 -40.59
C GLY D 97 58.39 1.87 -41.51
N PHE D 98 57.60 2.92 -41.72
CA PHE D 98 56.29 2.76 -42.34
C PHE D 98 56.06 3.73 -43.49
N TRP D 99 57.08 4.50 -43.84
CA TRP D 99 56.87 5.61 -44.79
C TRP D 99 56.84 5.15 -46.24
N ALA D 100 57.78 4.30 -46.65
CA ALA D 100 57.83 3.82 -48.03
C ALA D 100 56.58 3.06 -48.48
N PRO D 101 56.09 2.10 -47.67
CA PRO D 101 54.85 1.42 -48.07
C PRO D 101 53.66 2.37 -48.24
N GLU D 102 53.56 3.38 -47.36
CA GLU D 102 52.44 4.31 -47.44
C GLU D 102 52.46 5.05 -48.78
N LEU D 103 53.67 5.40 -49.23
CA LEU D 103 53.86 6.04 -50.52
C LEU D 103 53.35 5.16 -51.67
N LYS D 104 53.67 3.88 -51.60
CA LYS D 104 53.17 2.92 -52.59
C LYS D 104 51.64 2.82 -52.55
N TYR D 105 51.07 2.82 -51.33
CA TYR D 105 49.61 2.75 -51.19
C TYR D 105 48.98 4.05 -51.65
N ALA D 106 49.78 5.12 -51.69
CA ALA D 106 49.31 6.41 -52.21
C ALA D 106 49.36 6.41 -53.72
N GLY D 107 50.18 5.54 -54.29
CA GLY D 107 50.23 5.35 -55.72
C GLY D 107 51.51 5.80 -56.42
N TYR D 108 52.59 5.98 -55.67
CA TYR D 108 53.82 6.54 -56.24
C TYR D 108 55.06 5.75 -55.88
N ASP D 109 56.03 5.74 -56.79
CA ASP D 109 57.29 5.03 -56.57
C ASP D 109 58.35 5.95 -55.99
N LYS D 110 58.32 7.22 -56.40
CA LYS D 110 59.30 8.20 -55.97
C LYS D 110 58.69 9.59 -55.84
N ILE D 111 59.36 10.43 -55.06
CA ILE D 111 59.17 11.88 -55.13
C ILE D 111 60.51 12.56 -55.42
N ILE D 112 60.58 13.33 -56.51
CA ILE D 112 61.78 14.06 -56.86
C ILE D 112 61.61 15.56 -56.63
N PHE D 113 62.35 16.11 -55.67
CA PHE D 113 62.31 17.53 -55.38
C PHE D 113 63.43 18.31 -56.06
N ARG D 114 63.09 19.37 -56.78
CA ARG D 114 64.09 20.29 -57.33
C ARG D 114 63.78 21.71 -56.89
N GLY D 115 64.75 22.61 -57.06
CA GLY D 115 64.56 24.01 -56.71
C GLY D 115 64.56 24.25 -55.21
N LYS D 116 64.34 25.50 -54.82
CA LYS D 116 64.25 25.85 -53.41
C LYS D 116 62.97 26.63 -53.13
N SER D 117 62.36 26.35 -52.00
CA SER D 117 61.22 27.15 -51.56
C SER D 117 61.74 28.33 -50.77
N PRO D 118 61.23 29.53 -51.06
CA PRO D 118 61.66 30.72 -50.33
C PRO D 118 61.16 30.70 -48.89
N GLU D 119 60.03 30.04 -48.69
CA GLU D 119 59.44 29.92 -47.36
C GLU D 119 59.41 28.46 -46.92
N LEU D 120 59.48 28.25 -45.60
CA LEU D 120 59.41 26.92 -45.03
C LEU D 120 58.06 26.28 -45.35
N VAL D 121 58.08 25.12 -45.99
CA VAL D 121 56.86 24.45 -46.42
C VAL D 121 56.94 22.96 -46.12
N TYR D 122 55.81 22.26 -46.25
CA TYR D 122 55.84 20.81 -46.27
C TYR D 122 54.90 20.27 -47.34
N LEU D 123 55.15 19.04 -47.78
CA LEU D 123 54.36 18.45 -48.85
C LEU D 123 53.36 17.47 -48.27
N TYR D 124 52.11 17.59 -48.71
CA TYR D 124 51.04 16.73 -48.22
C TYR D 124 50.50 15.87 -49.36
N ILE D 125 50.69 14.56 -49.25
CA ILE D 125 50.16 13.61 -50.22
C ILE D 125 49.04 12.76 -49.61
N ASN D 126 47.88 12.76 -50.26
CA ASN D 126 46.78 11.90 -49.85
C ASN D 126 46.17 11.29 -51.10
N ASN D 127 46.60 10.08 -51.44
CA ASN D 127 46.26 9.43 -52.71
C ASN D 127 46.54 10.34 -53.90
N ASP D 128 45.53 10.66 -54.70
CA ASP D 128 45.73 11.48 -55.88
C ASP D 128 45.85 12.97 -55.54
N LYS D 129 45.58 13.32 -54.29
CA LYS D 129 45.61 14.71 -53.85
C LYS D 129 46.97 15.10 -53.28
N VAL D 130 47.64 16.05 -53.93
CA VAL D 130 48.96 16.49 -53.50
C VAL D 130 48.96 18.00 -53.38
N GLU D 131 49.57 18.53 -52.32
CA GLU D 131 49.64 19.98 -52.19
C GLU D 131 50.77 20.42 -51.27
N ILE D 132 51.28 21.63 -51.52
CA ILE D 132 52.31 22.23 -50.70
C ILE D 132 51.70 23.15 -49.64
N ARG D 133 52.00 22.89 -48.39
CA ARG D 133 51.45 23.64 -47.26
C ARG D 133 52.50 24.52 -46.60
N ASP D 134 52.07 25.66 -46.07
CA ASP D 134 52.95 26.52 -45.29
C ASP D 134 53.34 25.84 -43.99
N ALA D 135 54.60 25.99 -43.58
CA ALA D 135 55.09 25.34 -42.37
C ALA D 135 55.86 26.30 -41.47
N SER D 136 55.57 27.59 -41.59
CA SER D 136 56.28 28.61 -40.82
C SER D 136 56.04 28.44 -39.32
N HIS D 137 54.89 27.91 -38.94
CA HIS D 137 54.56 27.69 -37.54
C HIS D 137 55.32 26.49 -36.97
N LEU D 138 56.01 25.77 -37.85
CA LEU D 138 56.76 24.59 -37.45
C LEU D 138 58.25 24.88 -37.31
N LYS D 139 58.65 26.12 -37.57
CA LYS D 139 60.06 26.50 -37.54
C LYS D 139 60.74 26.17 -36.21
N GLY D 140 61.80 25.36 -36.26
CA GLY D 140 62.58 25.05 -35.09
C GLY D 140 62.12 23.83 -34.32
N LYS D 141 60.92 23.33 -34.63
CA LYS D 141 60.38 22.16 -33.96
C LYS D 141 61.21 20.92 -34.25
N GLY D 142 61.28 20.02 -33.27
CA GLY D 142 61.94 18.74 -33.43
C GLY D 142 61.27 17.93 -34.51
N ALA D 143 61.98 16.94 -35.04
CA ALA D 143 61.43 16.13 -36.13
C ALA D 143 60.23 15.29 -35.69
N ILE D 144 60.24 14.83 -34.45
CA ILE D 144 59.12 14.02 -33.94
C ILE D 144 57.93 14.89 -33.56
N GLU D 145 58.24 15.92 -32.77
CA GLU D 145 57.31 16.99 -32.45
C GLU D 145 56.55 17.50 -33.67
N THR D 146 57.29 17.74 -34.77
CA THR D 146 56.69 18.22 -36.02
C THR D 146 55.61 17.26 -36.55
N ALA D 147 55.93 15.96 -36.57
CA ALA D 147 55.00 14.96 -37.08
C ALA D 147 53.66 15.00 -36.33
N GLU D 148 53.72 15.05 -35.01
CA GLU D 148 52.51 15.04 -34.20
C GLU D 148 51.66 16.28 -34.43
N ILE D 149 52.29 17.46 -34.44
CA ILE D 149 51.59 18.70 -34.73
C ILE D 149 50.87 18.63 -36.08
N ILE D 150 51.59 18.25 -37.12
CA ILE D 150 51.04 18.14 -38.46
C ILE D 150 49.83 17.22 -38.55
N LYS D 151 49.94 16.02 -37.96
CA LYS D 151 48.86 15.03 -38.03
C LYS D 151 47.59 15.49 -37.32
N LYS D 152 47.73 16.36 -36.32
CA LYS D 152 46.58 16.99 -35.69
C LYS D 152 45.93 18.04 -36.59
N GLU D 153 46.75 18.91 -37.20
CA GLU D 153 46.28 19.91 -38.15
C GLU D 153 45.49 19.29 -39.29
N LEU D 154 46.04 18.23 -39.89
CA LEU D 154 45.41 17.61 -41.05
C LEU D 154 44.30 16.64 -40.67
N ASN D 155 44.21 16.31 -39.38
CA ASN D 155 43.28 15.30 -38.88
C ASN D 155 43.51 13.95 -39.58
N GLU D 156 44.77 13.61 -39.72
CA GLU D 156 45.15 12.33 -40.32
C GLU D 156 46.04 11.54 -39.37
N PRO D 157 45.42 10.84 -38.42
CA PRO D 157 46.21 10.06 -37.45
C PRO D 157 47.04 8.96 -38.08
N ARG D 158 46.61 8.43 -39.22
CA ARG D 158 47.34 7.35 -39.86
C ARG D 158 48.24 7.84 -41.00
N ALA D 159 48.56 9.12 -41.00
CA ALA D 159 49.51 9.63 -41.98
C ALA D 159 50.94 9.33 -41.54
N GLN D 160 51.82 9.11 -42.51
CA GLN D 160 53.24 8.88 -42.20
C GLN D 160 54.01 10.15 -42.52
N VAL D 161 54.88 10.54 -41.60
CA VAL D 161 55.60 11.80 -41.73
C VAL D 161 57.11 11.63 -41.65
N ALA D 162 57.84 12.21 -42.60
CA ALA D 162 59.29 12.28 -42.53
C ALA D 162 59.69 13.76 -42.43
N ALA D 163 60.43 14.11 -41.37
CA ALA D 163 60.71 15.52 -41.10
C ALA D 163 62.17 15.76 -40.72
N ILE D 164 62.60 17.01 -40.82
CA ILE D 164 63.88 17.42 -40.27
C ILE D 164 63.67 18.20 -38.97
N GLY D 165 64.71 18.23 -38.15
CA GLY D 165 64.69 19.04 -36.94
C GLY D 165 65.33 20.38 -37.23
N LYS D 166 65.77 21.07 -36.19
CA LYS D 166 66.41 22.36 -36.35
C LYS D 166 67.72 22.23 -37.12
N ALA D 167 68.44 21.12 -36.90
CA ALA D 167 69.74 20.89 -37.55
C ALA D 167 69.63 20.89 -39.07
N GLY D 168 68.61 20.21 -39.58
CA GLY D 168 68.32 20.23 -41.02
C GLY D 168 68.06 21.63 -41.52
N GLU D 169 67.21 22.36 -40.80
CA GLU D 169 66.86 23.73 -41.15
C GLU D 169 68.10 24.63 -41.23
N ASN D 170 69.10 24.34 -40.41
CA ASN D 170 70.30 25.14 -40.41
C ASN D 170 71.42 24.53 -41.26
N ARG D 171 71.05 23.59 -42.12
CA ARG D 171 71.98 22.95 -43.05
C ARG D 171 73.22 22.34 -42.41
N VAL D 172 73.06 21.70 -41.26
CA VAL D 172 74.15 20.98 -40.65
C VAL D 172 74.52 19.81 -41.57
N PHE D 173 75.81 19.66 -41.86
CA PHE D 173 76.27 18.69 -42.86
C PHE D 173 75.94 17.23 -42.51
N TYR D 174 75.67 16.95 -41.25
CA TYR D 174 75.28 15.60 -40.87
C TYR D 174 73.86 15.60 -40.26
N ALA D 175 72.99 16.45 -40.79
CA ALA D 175 71.59 16.47 -40.37
C ALA D 175 70.83 15.33 -41.04
N SER D 176 69.93 14.73 -40.29
CA SER D 176 69.21 13.55 -40.74
C SER D 176 67.76 13.86 -41.08
N ILE D 177 67.03 12.83 -41.52
CA ILE D 177 65.59 12.91 -41.72
C ILE D 177 64.91 11.84 -40.86
N GLU D 178 63.95 12.23 -40.03
CA GLU D 178 63.40 11.32 -39.02
C GLU D 178 61.93 10.98 -39.26
N GLN D 179 61.57 9.74 -38.92
CA GLN D 179 60.20 9.28 -39.06
C GLN D 179 59.91 8.24 -38.00
N GLY D 180 59.36 8.65 -36.86
CA GLY D 180 58.99 7.71 -35.82
C GLY D 180 60.14 6.88 -35.30
N ARG D 181 60.23 5.62 -35.71
CA ARG D 181 61.35 4.78 -35.28
C ARG D 181 62.40 4.62 -36.38
N SER D 182 62.42 5.56 -37.32
CA SER D 182 63.26 5.41 -38.49
C SER D 182 64.03 6.67 -38.81
N SER D 183 65.16 6.47 -39.48
CA SER D 183 66.05 7.59 -39.77
C SER D 183 66.82 7.38 -41.06
N ALA D 184 66.70 8.35 -41.96
CA ALA D 184 67.69 8.56 -43.01
C ALA D 184 68.80 9.41 -42.38
N SER D 185 69.90 8.77 -42.02
CA SER D 185 70.81 9.37 -41.06
C SER D 185 72.06 10.05 -41.64
N ARG D 186 72.76 9.34 -42.51
CA ARG D 186 74.10 9.73 -42.94
C ARG D 186 74.15 10.50 -44.26
N GLY D 187 75.19 11.32 -44.43
CA GLY D 187 75.43 11.98 -45.70
C GLY D 187 74.97 13.42 -45.81
N GLY D 188 74.08 13.85 -44.91
CA GLY D 188 73.62 15.23 -44.92
C GLY D 188 72.39 15.47 -45.75
N ILE D 189 71.67 14.40 -46.07
CA ILE D 189 70.42 14.53 -46.81
C ILE D 189 69.41 15.44 -46.10
N GLY D 190 69.55 15.54 -44.78
CA GLY D 190 68.73 16.46 -44.01
C GLY D 190 69.07 17.91 -44.29
N ALA D 191 70.35 18.17 -44.57
CA ALA D 191 70.80 19.52 -44.90
C ALA D 191 70.26 19.98 -46.24
N VAL D 192 70.22 19.08 -47.21
CA VAL D 192 69.69 19.42 -48.52
C VAL D 192 68.19 19.72 -48.42
N MET D 193 67.49 18.90 -47.65
CA MET D 193 66.06 19.08 -47.43
C MET D 193 65.74 20.45 -46.82
N GLY D 194 66.47 20.82 -45.78
CA GLY D 194 66.33 22.13 -45.17
C GLY D 194 66.73 23.26 -46.10
N ASP D 195 67.78 23.03 -46.89
CA ASP D 195 68.25 24.03 -47.85
C ASP D 195 67.18 24.34 -48.90
N LYS D 196 66.37 23.33 -49.23
CA LYS D 196 65.28 23.52 -50.18
C LYS D 196 64.03 24.09 -49.50
N GLY D 197 64.10 24.35 -48.20
CA GLY D 197 62.99 24.93 -47.47
C GLY D 197 61.87 23.94 -47.18
N LEU D 198 62.23 22.67 -47.16
CA LEU D 198 61.26 21.60 -47.00
C LEU D 198 61.33 21.05 -45.58
N LYS D 199 60.27 21.27 -44.80
CA LYS D 199 60.25 20.91 -43.39
C LYS D 199 59.85 19.45 -43.16
N ALA D 200 58.95 18.95 -43.99
CA ALA D 200 58.46 17.57 -43.85
C ALA D 200 57.80 17.07 -45.13
N VAL D 201 57.68 15.75 -45.25
CA VAL D 201 56.91 15.14 -46.34
C VAL D 201 55.87 14.22 -45.73
N VAL D 202 54.60 14.60 -45.85
CA VAL D 202 53.50 13.87 -45.23
C VAL D 202 52.75 13.02 -46.23
N VAL D 203 52.58 11.73 -45.96
CA VAL D 203 51.87 10.88 -46.91
C VAL D 203 50.79 9.96 -46.30
N ARG D 204 49.62 9.93 -46.94
CA ARG D 204 48.55 8.98 -46.61
C ARG D 204 48.14 8.22 -47.86
N GLY D 205 48.10 6.89 -47.78
CA GLY D 205 47.71 6.06 -48.91
C GLY D 205 46.67 5.00 -48.56
N THR D 206 45.69 4.82 -49.45
CA THR D 206 44.66 3.80 -49.27
C THR D 206 44.30 3.08 -50.58
N LYS D 207 45.20 3.09 -51.57
CA LYS D 207 44.97 2.33 -52.81
C LYS D 207 45.50 0.90 -52.69
N ASP D 208 45.05 0.03 -53.59
CA ASP D 208 45.57 -1.34 -53.65
C ASP D 208 46.94 -1.36 -54.33
N LEU D 209 47.82 -2.25 -53.88
CA LEU D 209 49.07 -2.51 -54.60
C LEU D 209 49.13 -3.95 -55.07
N CYS D 210 49.26 -4.13 -56.39
CA CYS D 210 49.16 -5.46 -57.01
C CYS D 210 50.50 -6.19 -57.22
N VAL D 211 50.41 -7.52 -57.28
CA VAL D 211 51.55 -8.35 -57.67
C VAL D 211 51.14 -9.19 -58.88
N ALA D 212 52.12 -9.62 -59.67
CA ALA D 212 51.86 -10.31 -60.92
C ALA D 212 51.37 -11.74 -60.72
N LYS D 213 52.08 -12.51 -59.91
CA LYS D 213 51.74 -13.91 -59.68
C LYS D 213 51.35 -14.13 -58.23
N PRO D 214 50.05 -14.00 -57.92
CA PRO D 214 49.53 -13.99 -56.55
C PRO D 214 49.90 -15.23 -55.72
N GLU D 215 49.45 -16.38 -56.18
CA GLU D 215 49.65 -17.63 -55.46
C GLU D 215 51.13 -17.96 -55.24
N GLU D 216 51.97 -17.62 -56.22
CA GLU D 216 53.39 -17.91 -56.15
C GLU D 216 54.11 -16.93 -55.24
N TYR D 217 53.66 -15.68 -55.24
CA TYR D 217 54.28 -14.67 -54.39
C TYR D 217 54.00 -14.93 -52.91
N ILE D 218 52.77 -15.28 -52.57
CA ILE D 218 52.43 -15.53 -51.17
C ILE D 218 53.09 -16.82 -50.70
N GLY D 219 53.35 -17.74 -51.63
CA GLY D 219 54.09 -18.94 -51.31
C GLY D 219 55.53 -18.66 -50.90
N LEU D 220 56.16 -17.70 -51.57
CA LEU D 220 57.52 -17.33 -51.25
C LEU D 220 57.58 -16.65 -49.89
N CYS D 221 56.55 -15.87 -49.58
CA CYS D 221 56.48 -15.17 -48.30
C CYS D 221 56.37 -16.15 -47.14
N ASN D 222 55.54 -17.18 -47.33
CA ASN D 222 55.38 -18.21 -46.33
C ASN D 222 56.69 -18.94 -46.09
N GLU D 223 57.42 -19.14 -47.17
CA GLU D 223 58.72 -19.78 -47.13
C GLU D 223 59.69 -18.96 -46.29
N VAL D 224 59.64 -17.64 -46.44
CA VAL D 224 60.47 -16.75 -45.66
C VAL D 224 60.09 -16.77 -44.18
N LEU D 225 58.79 -16.72 -43.88
CA LEU D 225 58.33 -16.74 -42.49
C LEU D 225 58.71 -18.04 -41.80
N ASP D 226 58.62 -19.15 -42.51
CA ASP D 226 59.05 -20.43 -41.96
C ASP D 226 60.54 -20.43 -41.67
N TYR D 227 61.34 -19.79 -42.52
CA TYR D 227 62.77 -19.78 -42.30
C TYR D 227 63.13 -18.90 -41.12
N ILE D 228 62.36 -17.84 -40.93
CA ILE D 228 62.58 -16.93 -39.81
C ILE D 228 62.33 -17.65 -38.49
N LYS D 229 61.28 -18.47 -38.44
CA LYS D 229 60.99 -19.26 -37.26
C LYS D 229 62.15 -20.21 -36.95
N HIS D 230 62.52 -21.01 -37.95
CA HIS D 230 63.59 -21.99 -37.81
C HIS D 230 64.87 -21.34 -37.33
N ARG D 231 65.15 -20.17 -37.88
CA ARG D 231 66.36 -19.43 -37.56
C ARG D 231 66.38 -18.93 -36.11
N GLU D 232 65.22 -18.55 -35.58
CA GLU D 232 65.16 -18.05 -34.21
C GLU D 232 65.26 -19.19 -33.19
N GLU D 233 64.94 -20.40 -33.63
CA GLU D 233 65.09 -21.59 -32.79
C GLU D 233 66.51 -22.14 -32.92
N ASN D 234 67.20 -21.74 -33.98
CA ASN D 234 68.56 -22.22 -34.26
C ASN D 234 69.51 -21.09 -34.58
N PRO D 235 69.94 -20.34 -33.55
CA PRO D 235 70.89 -19.25 -33.79
C PRO D 235 72.26 -19.81 -34.18
N ILE D 236 73.13 -18.96 -34.73
CA ILE D 236 74.48 -19.39 -35.10
C ILE D 236 75.26 -19.87 -33.87
N PRO D 237 75.64 -21.14 -33.86
CA PRO D 237 76.31 -21.76 -32.70
C PRO D 237 77.64 -21.11 -32.34
N ASP D 238 77.95 -21.05 -31.05
CA ASP D 238 79.26 -20.66 -30.54
C ASP D 238 79.70 -19.25 -30.95
N VAL D 239 78.74 -18.40 -31.29
CA VAL D 239 79.04 -17.03 -31.68
C VAL D 239 78.33 -16.09 -30.71
N MET D 240 78.99 -14.99 -30.35
CA MET D 240 78.40 -13.98 -29.48
C MET D 240 77.01 -13.57 -29.97
N PRO D 241 76.05 -13.38 -29.03
CA PRO D 241 74.61 -13.23 -29.28
C PRO D 241 74.24 -12.25 -30.40
N ILE D 242 74.83 -11.07 -30.40
CA ILE D 242 74.47 -10.04 -31.39
C ILE D 242 74.82 -10.41 -32.83
N LEU D 243 75.46 -11.55 -33.03
CA LEU D 243 75.79 -12.00 -34.36
C LEU D 243 75.00 -13.25 -34.73
N ALA D 244 74.31 -13.81 -33.74
CA ALA D 244 73.72 -15.14 -33.87
C ALA D 244 72.34 -15.15 -34.53
N GLY D 245 71.68 -14.00 -34.59
CA GLY D 245 70.30 -13.96 -35.06
C GLY D 245 70.02 -12.99 -36.19
N LEU D 246 68.78 -13.01 -36.66
CA LEU D 246 68.33 -12.10 -37.71
C LEU D 246 68.06 -10.69 -37.17
N GLY D 247 67.87 -9.75 -38.08
CA GLY D 247 67.60 -8.37 -37.71
C GLY D 247 68.81 -7.45 -37.82
N SER D 248 68.57 -6.17 -37.58
CA SER D 248 69.65 -5.21 -37.34
C SER D 248 70.34 -5.61 -36.04
N PRO D 249 71.55 -5.08 -35.79
CA PRO D 249 72.23 -5.45 -34.52
C PRO D 249 71.31 -5.24 -33.31
N GLN D 250 70.96 -6.33 -32.65
CA GLN D 250 69.96 -6.32 -31.59
C GLN D 250 70.46 -5.67 -30.30
N GLU D 251 70.89 -4.42 -30.40
CA GLU D 251 71.44 -3.71 -29.25
C GLU D 251 70.39 -3.36 -28.18
N MET D 252 69.14 -3.26 -28.58
CA MET D 252 68.09 -2.84 -27.64
C MET D 252 67.66 -4.01 -26.72
N LYS D 253 67.88 -5.23 -27.19
CA LYS D 253 67.61 -6.41 -26.39
C LYS D 253 68.75 -6.68 -25.43
N VAL D 254 68.89 -7.93 -24.99
CA VAL D 254 69.83 -8.27 -23.91
C VAL D 254 71.31 -8.12 -24.27
N HIS D 255 72.06 -9.20 -24.11
CA HIS D 255 73.50 -9.29 -24.39
C HIS D 255 74.36 -8.45 -23.44
N ASP D 256 75.51 -9.01 -23.07
CA ASP D 256 76.50 -8.30 -22.27
C ASP D 256 77.36 -7.45 -23.21
N GLU D 257 77.50 -6.17 -22.87
CA GLU D 257 78.23 -5.23 -23.72
C GLU D 257 79.75 -5.35 -23.59
N LYS D 258 80.25 -6.56 -23.33
CA LYS D 258 81.67 -6.72 -23.08
C LYS D 258 82.51 -6.50 -24.35
N TRP D 259 82.15 -7.16 -25.44
CA TRP D 259 82.91 -7.02 -26.67
C TRP D 259 82.87 -5.58 -27.16
N HIS D 260 81.67 -5.01 -27.19
CA HIS D 260 81.46 -3.68 -27.75
C HIS D 260 82.25 -2.59 -27.01
N THR D 261 82.11 -2.54 -25.69
CA THR D 261 82.73 -1.47 -24.92
C THR D 261 84.24 -1.66 -24.76
N GLU D 262 84.76 -2.83 -25.12
CA GLU D 262 86.18 -3.12 -24.96
C GLU D 262 86.92 -3.22 -26.29
N ASN D 263 86.20 -3.02 -27.39
CA ASN D 263 86.80 -3.06 -28.72
C ASN D 263 86.59 -1.76 -29.50
N PHE D 264 85.40 -1.17 -29.38
CA PHE D 264 85.17 0.17 -29.90
C PHE D 264 86.13 1.13 -29.23
N ASN D 265 86.37 2.26 -29.88
CA ASN D 265 87.24 3.27 -29.33
C ASN D 265 86.46 4.45 -28.76
N TRP D 266 86.72 4.74 -27.49
CA TRP D 266 86.05 5.83 -26.80
C TRP D 266 86.62 7.19 -27.21
N GLY D 267 85.84 8.24 -26.94
CA GLY D 267 86.21 9.59 -27.31
C GLY D 267 86.17 9.76 -28.81
N ASN D 268 87.09 10.55 -29.34
CA ASN D 268 87.20 10.78 -30.77
C ASN D 268 87.82 9.57 -31.46
N ALA D 269 87.11 8.45 -31.43
CA ALA D 269 87.62 7.17 -31.91
C ALA D 269 89.07 6.95 -31.45
N ARG D 270 89.32 7.26 -30.19
CA ARG D 270 90.67 7.35 -29.66
C ARG D 270 91.05 6.21 -28.73
N THR D 271 90.50 6.24 -27.52
CA THR D 271 90.91 5.35 -26.44
C THR D 271 90.27 3.97 -26.50
N ARG D 272 91.08 2.94 -26.26
CA ARG D 272 90.59 1.58 -26.12
C ARG D 272 90.70 1.15 -24.66
N ARG D 273 89.56 0.80 -24.07
CA ARG D 273 89.50 0.45 -22.66
C ARG D 273 89.39 -1.06 -22.51
N LYS D 274 90.52 -1.71 -22.23
CA LYS D 274 90.62 -3.16 -22.26
C LYS D 274 89.77 -3.86 -21.22
N ASP D 275 89.75 -3.33 -20.00
CA ASP D 275 89.01 -3.97 -18.91
C ASP D 275 87.95 -3.05 -18.33
N PHE D 276 87.12 -2.48 -19.20
CA PHE D 276 86.10 -1.52 -18.77
C PHE D 276 84.87 -2.21 -18.21
N TRP D 277 84.44 -3.27 -18.88
CA TRP D 277 83.20 -3.96 -18.53
C TRP D 277 83.30 -4.74 -17.22
N THR D 278 83.25 -4.01 -16.10
CA THR D 278 83.30 -4.62 -14.78
C THR D 278 81.89 -5.04 -14.34
N ASP D 279 81.81 -5.70 -13.19
CA ASP D 279 80.53 -6.13 -12.64
C ASP D 279 79.67 -4.94 -12.23
N GLU D 280 80.31 -3.88 -11.74
CA GLU D 280 79.61 -2.67 -11.31
C GLU D 280 78.98 -1.95 -12.50
N VAL D 281 79.75 -1.85 -13.59
CA VAL D 281 79.28 -1.19 -14.80
C VAL D 281 78.14 -1.99 -15.46
N SER D 282 78.27 -3.31 -15.45
CA SER D 282 77.29 -4.18 -16.09
C SER D 282 75.91 -4.06 -15.45
N HIS D 283 75.88 -4.01 -14.12
CA HIS D 283 74.63 -3.88 -13.41
C HIS D 283 74.05 -2.47 -13.54
N ALA D 284 74.93 -1.47 -13.56
CA ALA D 284 74.50 -0.08 -13.68
C ALA D 284 73.81 0.17 -15.02
N TRP D 285 74.35 -0.38 -16.10
CA TRP D 285 73.77 -0.22 -17.42
C TRP D 285 72.49 -1.03 -17.57
N GLU D 286 72.51 -2.23 -17.00
CA GLU D 286 71.34 -3.11 -17.02
C GLU D 286 70.15 -2.42 -16.34
N LYS D 287 70.42 -1.75 -15.23
CA LYS D 287 69.39 -1.06 -14.46
C LYS D 287 68.83 0.15 -15.21
N THR D 288 69.71 0.92 -15.82
CA THR D 288 69.33 2.07 -16.62
C THR D 288 68.43 1.67 -17.79
N MET D 289 68.79 0.55 -18.42
CA MET D 289 68.12 0.08 -19.63
C MET D 289 66.77 -0.56 -19.33
N ASP D 290 66.67 -1.28 -18.22
CA ASP D 290 65.40 -1.89 -17.82
C ASP D 290 64.37 -0.82 -17.51
N LYS D 291 64.86 0.30 -17.00
CA LYS D 291 64.01 1.42 -16.59
C LYS D 291 63.56 2.25 -17.80
N ALA D 292 64.43 2.35 -18.80
CA ALA D 292 64.20 3.26 -19.92
C ALA D 292 63.52 2.59 -21.10
N ARG D 293 63.73 1.29 -21.28
CA ARG D 293 63.15 0.59 -22.42
C ARG D 293 61.66 0.30 -22.16
N THR D 294 60.81 0.94 -22.96
CA THR D 294 59.37 0.83 -22.79
C THR D 294 58.81 -0.36 -23.56
N ARG D 295 59.19 -0.48 -24.84
CA ARG D 295 58.73 -1.60 -25.65
C ARG D 295 59.63 -1.82 -26.85
N LEU D 296 59.80 -3.08 -27.23
CA LEU D 296 60.50 -3.44 -28.46
C LEU D 296 59.50 -3.44 -29.59
N ILE D 297 59.74 -2.65 -30.62
CA ILE D 297 58.75 -2.46 -31.69
C ILE D 297 59.35 -2.69 -33.08
N SER D 298 58.50 -3.08 -34.03
CA SER D 298 58.94 -3.43 -35.37
C SER D 298 58.72 -2.37 -36.44
N CYS D 299 59.48 -2.48 -37.54
CA CYS D 299 59.13 -1.76 -38.76
C CYS D 299 57.91 -2.43 -39.40
N TYR D 300 57.41 -1.87 -40.51
CA TYR D 300 56.24 -2.42 -41.19
C TYR D 300 56.43 -3.87 -41.61
N ASN D 301 55.46 -4.72 -41.26
CA ASN D 301 55.41 -6.11 -41.70
C ASN D 301 56.68 -6.91 -41.36
N CYS D 302 57.14 -6.80 -40.11
CA CYS D 302 58.30 -7.55 -39.63
C CYS D 302 58.16 -7.98 -38.17
N PRO D 303 58.52 -9.24 -37.87
CA PRO D 303 58.40 -9.71 -36.50
C PRO D 303 59.65 -9.51 -35.64
N MET D 304 60.72 -8.94 -36.20
CA MET D 304 62.00 -8.91 -35.50
C MET D 304 62.12 -7.87 -34.39
N LYS D 305 61.23 -6.87 -34.38
CA LYS D 305 61.20 -5.77 -33.40
C LYS D 305 62.57 -5.33 -32.88
N CYS D 306 63.39 -4.81 -33.79
CA CYS D 306 64.74 -4.35 -33.48
C CYS D 306 64.77 -3.06 -32.66
N GLY D 307 63.81 -2.18 -32.92
CA GLY D 307 63.78 -0.88 -32.28
C GLY D 307 63.23 -0.92 -30.87
N ALA D 308 63.44 0.15 -30.12
CA ALA D 308 62.84 0.28 -28.81
C ALA D 308 62.46 1.73 -28.50
N THR D 309 61.26 1.91 -27.95
CA THR D 309 60.87 3.20 -27.42
C THR D 309 61.64 3.46 -26.12
N ILE D 310 62.17 4.67 -25.99
CA ILE D 310 62.97 5.01 -24.83
C ILE D 310 62.35 6.15 -24.05
N SER D 311 62.18 5.94 -22.75
CA SER D 311 61.58 6.97 -21.92
C SER D 311 62.45 7.30 -20.71
N MET D 312 63.18 8.39 -20.81
CA MET D 312 63.98 8.90 -19.68
C MET D 312 63.13 9.87 -18.88
N GLU D 313 63.38 9.94 -17.58
CA GLU D 313 62.58 10.77 -16.68
C GLU D 313 62.65 12.25 -17.05
N GLY D 314 61.48 12.83 -17.30
CA GLY D 314 61.38 14.25 -17.61
C GLY D 314 61.66 14.58 -19.06
N LEU D 315 61.71 13.57 -19.91
CA LEU D 315 61.98 13.77 -21.33
C LEU D 315 60.90 13.14 -22.19
N PRO D 316 60.64 13.73 -23.36
CA PRO D 316 59.73 13.11 -24.34
C PRO D 316 60.26 11.75 -24.80
N THR D 317 59.36 10.84 -25.10
CA THR D 317 59.73 9.53 -25.59
C THR D 317 60.32 9.62 -26.99
N TYR D 318 61.31 8.80 -27.28
CA TYR D 318 61.82 8.67 -28.65
C TYR D 318 62.11 7.20 -28.94
N MET D 319 62.53 6.90 -30.17
CA MET D 319 62.86 5.54 -30.56
C MET D 319 64.35 5.36 -30.95
N MET D 320 64.94 4.28 -30.46
CA MET D 320 66.35 4.03 -30.68
C MET D 320 66.56 2.60 -31.19
N LYS D 321 67.54 2.46 -32.09
CA LYS D 321 67.98 1.13 -32.49
C LYS D 321 69.49 1.12 -32.74
N CYS D 322 70.06 -0.07 -32.67
CA CYS D 322 71.44 -0.29 -33.09
C CYS D 322 72.45 0.57 -32.31
N PHE D 323 73.53 0.97 -32.98
CA PHE D 323 74.73 1.49 -32.30
C PHE D 323 74.63 2.91 -31.76
N THR D 324 73.55 3.61 -32.10
CA THR D 324 73.27 4.93 -31.52
C THR D 324 73.32 4.87 -29.98
N LYS D 325 72.95 3.71 -29.45
CA LYS D 325 72.96 3.46 -28.01
C LYS D 325 74.36 3.64 -27.38
N LEU D 326 75.40 3.42 -28.17
CA LEU D 326 76.77 3.44 -27.62
C LEU D 326 77.57 4.68 -27.99
N THR D 327 77.30 5.26 -29.15
CA THR D 327 78.17 6.31 -29.71
C THR D 327 78.27 7.56 -28.83
N TYR D 328 77.13 8.08 -28.36
CA TYR D 328 77.18 9.28 -27.52
C TYR D 328 77.89 8.99 -26.20
N THR D 329 77.55 7.87 -25.58
CA THR D 329 78.19 7.44 -24.35
C THR D 329 79.71 7.34 -24.51
N MET D 330 80.15 6.64 -25.55
CA MET D 330 81.56 6.37 -25.71
C MET D 330 82.36 7.62 -26.08
N ALA D 331 81.76 8.49 -26.89
CA ALA D 331 82.45 9.72 -27.32
C ALA D 331 82.73 10.64 -26.15
N ALA D 332 81.91 10.53 -25.10
CA ALA D 332 82.00 11.43 -23.96
C ALA D 332 82.58 10.77 -22.72
N TYR D 333 83.05 9.53 -22.87
CA TYR D 333 83.58 8.74 -21.75
C TYR D 333 82.62 8.70 -20.57
N SER D 334 81.34 8.52 -20.84
CA SER D 334 80.33 8.57 -19.79
C SER D 334 79.58 7.25 -19.64
N ASP D 335 78.40 7.30 -19.04
CA ASP D 335 77.61 6.08 -18.82
C ASP D 335 76.39 6.03 -19.75
N LEU D 336 75.62 4.95 -19.66
CA LEU D 336 74.50 4.73 -20.56
C LEU D 336 73.37 5.72 -20.31
N ASP D 337 73.21 6.15 -19.06
CA ASP D 337 72.18 7.12 -18.72
C ASP D 337 72.36 8.42 -19.50
N PHE D 338 73.56 8.97 -19.47
CA PHE D 338 73.88 10.17 -20.23
C PHE D 338 73.62 9.98 -21.71
N GLY D 339 74.06 8.85 -22.26
CA GLY D 339 73.91 8.58 -23.68
C GLY D 339 72.46 8.62 -24.13
N LEU D 340 71.59 7.97 -23.36
CA LEU D 340 70.17 7.91 -23.67
C LEU D 340 69.49 9.28 -23.57
N ARG D 341 70.02 10.14 -22.71
CA ARG D 341 69.44 11.46 -22.52
C ARG D 341 69.80 12.41 -23.63
N ILE D 342 71.06 12.38 -24.07
CA ILE D 342 71.53 13.30 -25.10
C ILE D 342 71.08 12.83 -26.49
N ALA D 343 70.95 11.52 -26.68
CA ALA D 343 70.46 11.01 -27.95
C ALA D 343 69.01 11.42 -28.20
N GLN D 344 68.28 11.69 -27.12
CA GLN D 344 66.91 12.19 -27.24
C GLN D 344 66.93 13.58 -27.88
N LYS D 345 67.77 14.47 -27.35
CA LYS D 345 67.96 15.80 -27.94
C LYS D 345 68.42 15.70 -29.40
N ALA D 346 69.36 14.79 -29.67
CA ALA D 346 69.95 14.68 -31.00
C ALA D 346 68.96 14.15 -32.04
N THR D 347 68.11 13.21 -31.62
CA THR D 347 67.05 12.73 -32.51
C THR D 347 66.04 13.82 -32.89
N GLU D 348 65.65 14.66 -31.92
CA GLU D 348 64.69 15.71 -32.23
C GLU D 348 65.30 16.78 -33.12
N TYR D 349 66.57 17.12 -32.85
CA TYR D 349 67.33 18.02 -33.71
C TYR D 349 67.52 17.44 -35.11
N GLY D 350 67.61 16.12 -35.20
CA GLY D 350 67.86 15.46 -36.46
C GLY D 350 69.34 15.44 -36.83
N LEU D 351 70.14 14.78 -36.00
CA LEU D 351 71.59 14.66 -36.24
C LEU D 351 72.03 13.22 -36.39
N ASP D 352 72.92 12.97 -37.33
CA ASP D 352 73.53 11.66 -37.47
C ASP D 352 74.29 11.23 -36.21
N GLY D 353 73.87 10.13 -35.61
CA GLY D 353 74.47 9.62 -34.39
C GLY D 353 75.85 9.00 -34.53
N PHE D 354 76.36 8.92 -35.76
CA PHE D 354 77.74 8.49 -35.95
C PHE D 354 78.69 9.69 -35.97
N SER D 355 78.36 10.68 -36.78
CA SER D 355 79.23 11.84 -36.95
C SER D 355 79.21 12.79 -35.77
N ALA D 356 78.00 13.12 -35.30
CA ALA D 356 77.83 14.16 -34.28
C ALA D 356 78.66 13.91 -33.00
N PRO D 357 78.59 12.68 -32.44
CA PRO D 357 79.42 12.55 -31.23
C PRO D 357 80.92 12.60 -31.51
N GLN D 358 81.35 12.17 -32.70
CA GLN D 358 82.77 12.23 -33.03
C GLN D 358 83.21 13.67 -33.25
N VAL D 359 82.32 14.48 -33.83
CA VAL D 359 82.62 15.89 -34.04
C VAL D 359 82.85 16.59 -32.70
N MET D 360 81.97 16.31 -31.74
CA MET D 360 82.09 16.93 -30.42
C MET D 360 83.34 16.47 -29.67
N ALA D 361 83.62 15.17 -29.73
CA ALA D 361 84.81 14.63 -29.10
C ALA D 361 86.06 15.16 -29.80
N PHE D 362 85.94 15.41 -31.10
CA PHE D 362 87.00 16.02 -31.88
C PHE D 362 87.29 17.43 -31.38
N ALA D 363 86.22 18.18 -31.15
CA ALA D 363 86.34 19.57 -30.71
C ALA D 363 87.05 19.68 -29.36
N PHE D 364 86.72 18.76 -28.46
CA PHE D 364 87.29 18.82 -27.12
C PHE D 364 88.74 18.37 -27.10
N GLU D 365 89.14 17.59 -28.08
CA GLU D 365 90.55 17.22 -28.19
C GLU D 365 91.35 18.45 -28.59
N LEU D 366 90.79 19.26 -29.48
CA LEU D 366 91.46 20.48 -29.92
C LEU D 366 91.58 21.48 -28.77
N LEU D 367 90.55 21.55 -27.94
CA LEU D 367 90.55 22.41 -26.78
C LEU D 367 91.57 21.93 -25.75
N GLU D 368 91.74 20.61 -25.68
CA GLU D 368 92.69 19.98 -24.78
C GLU D 368 94.13 20.29 -25.21
N LYS D 369 94.40 20.06 -26.49
CA LYS D 369 95.73 20.27 -27.06
C LYS D 369 96.13 21.74 -27.04
N GLY D 370 95.17 22.63 -27.24
CA GLY D 370 95.43 24.06 -27.23
C GLY D 370 95.15 24.70 -28.57
N ILE D 371 94.88 23.87 -29.58
CA ILE D 371 94.55 24.34 -30.91
C ILE D 371 93.28 25.21 -30.87
N LEU D 372 92.33 24.83 -30.03
CA LEU D 372 91.20 25.70 -29.74
C LEU D 372 91.37 26.27 -28.34
N LYS D 373 90.90 27.49 -28.15
CA LYS D 373 91.01 28.15 -26.85
C LYS D 373 89.64 28.22 -26.17
N ASP D 374 89.63 28.60 -24.90
CA ASP D 374 88.37 28.75 -24.17
C ASP D 374 87.58 29.94 -24.70
N SER D 375 88.28 30.84 -25.37
CA SER D 375 87.65 31.97 -26.03
C SER D 375 86.64 31.50 -27.08
N ASP D 376 86.92 30.35 -27.67
CA ASP D 376 86.06 29.79 -28.70
C ASP D 376 84.77 29.21 -28.12
N PHE D 377 84.79 28.92 -26.82
CA PHE D 377 83.63 28.33 -26.14
C PHE D 377 83.11 29.22 -25.03
N PRO D 378 82.48 30.35 -25.39
CA PRO D 378 81.96 31.24 -24.34
C PRO D 378 80.79 30.60 -23.59
N GLY D 379 80.88 30.58 -22.26
CA GLY D 379 79.82 30.03 -21.45
C GLY D 379 79.93 28.52 -21.32
N LEU D 380 81.16 28.02 -21.47
CA LEU D 380 81.40 26.59 -21.39
C LEU D 380 81.29 26.10 -19.95
N PRO D 381 80.33 25.22 -19.68
CA PRO D 381 80.16 24.66 -18.33
C PRO D 381 81.37 23.82 -17.93
N GLU D 382 81.48 23.51 -16.64
CA GLU D 382 82.67 22.83 -16.13
C GLU D 382 82.54 21.31 -16.18
N GLY D 383 81.33 20.81 -16.02
CA GLY D 383 81.09 19.38 -16.05
C GLY D 383 81.19 18.78 -17.44
N ASN D 384 81.72 17.57 -17.54
CA ASN D 384 81.90 16.89 -18.81
C ASN D 384 80.60 16.66 -19.57
N GLU D 385 79.61 16.09 -18.90
CA GLU D 385 78.31 15.83 -19.51
C GLU D 385 77.65 17.13 -19.99
N GLU D 386 77.73 18.15 -19.16
CA GLU D 386 77.13 19.44 -19.46
C GLU D 386 77.76 20.07 -20.69
N ARG D 387 79.05 19.84 -20.87
CA ARG D 387 79.78 20.41 -22.01
C ARG D 387 79.27 19.86 -23.34
N PHE D 388 78.96 18.58 -23.37
CA PHE D 388 78.39 17.96 -24.58
C PHE D 388 77.01 18.52 -24.91
N PHE D 389 76.19 18.77 -23.89
CA PHE D 389 74.89 19.36 -24.12
C PHE D 389 75.06 20.78 -24.65
N TYR D 390 76.06 21.48 -24.11
CA TYR D 390 76.38 22.84 -24.50
C TYR D 390 76.79 22.91 -25.97
N LEU D 391 77.73 22.05 -26.34
CA LEU D 391 78.26 22.06 -27.69
C LEU D 391 77.21 21.64 -28.71
N LEU D 392 76.39 20.67 -28.35
CA LEU D 392 75.33 20.19 -29.22
C LEU D 392 74.42 21.32 -29.67
N ASP D 393 74.07 22.19 -28.74
CA ASP D 393 73.21 23.33 -29.04
C ASP D 393 73.91 24.36 -29.91
N LYS D 394 75.21 24.55 -29.69
CA LYS D 394 75.98 25.49 -30.51
C LYS D 394 76.03 25.01 -31.96
N ILE D 395 76.20 23.69 -32.14
CA ILE D 395 76.29 23.11 -33.47
C ILE D 395 74.99 23.23 -34.27
N VAL D 396 73.86 22.86 -33.68
CA VAL D 396 72.59 22.86 -34.43
C VAL D 396 72.11 24.28 -34.70
N ASN D 397 72.67 25.24 -33.99
CA ASN D 397 72.33 26.64 -34.23
C ASN D 397 73.36 27.33 -35.12
N ARG D 398 74.42 26.60 -35.46
CA ARG D 398 75.57 27.18 -36.18
C ARG D 398 76.02 28.46 -35.48
N ASP D 399 76.14 28.39 -34.17
CA ASP D 399 76.48 29.56 -33.36
C ASP D 399 77.96 29.57 -33.00
N GLY D 400 78.68 30.57 -33.50
CA GLY D 400 80.10 30.70 -33.21
C GLY D 400 80.88 29.49 -33.70
N ILE D 401 81.56 28.83 -32.76
CA ILE D 401 82.35 27.65 -33.10
C ILE D 401 81.46 26.54 -33.68
N GLY D 402 80.18 26.57 -33.33
CA GLY D 402 79.22 25.63 -33.85
C GLY D 402 79.08 25.71 -35.37
N ASP D 403 79.23 26.92 -35.92
CA ASP D 403 79.13 27.11 -37.36
C ASP D 403 80.24 26.36 -38.11
N ILE D 404 81.42 26.31 -37.51
CA ILE D 404 82.53 25.56 -38.09
C ILE D 404 82.33 24.06 -37.87
N LEU D 405 82.01 23.67 -36.64
CA LEU D 405 81.84 22.27 -36.30
C LEU D 405 80.66 21.63 -37.03
N ALA D 406 79.71 22.44 -37.46
CA ALA D 406 78.54 21.94 -38.17
C ALA D 406 78.90 21.41 -39.55
N ASN D 407 80.15 21.61 -39.96
CA ASN D 407 80.60 21.18 -41.27
C ASN D 407 81.24 19.79 -41.25
N GLY D 408 81.40 19.23 -40.05
CA GLY D 408 82.03 17.93 -39.91
C GLY D 408 83.53 18.04 -39.68
N THR D 409 84.15 16.97 -39.17
CA THR D 409 85.56 17.00 -38.76
C THR D 409 86.51 17.42 -39.87
N TYR D 410 86.31 16.89 -41.07
CA TYR D 410 87.18 17.20 -42.19
C TYR D 410 87.22 18.68 -42.50
N TRP D 411 86.06 19.27 -42.80
CA TRP D 411 86.02 20.67 -43.20
C TRP D 411 86.32 21.59 -42.01
N ALA D 412 85.94 21.16 -40.82
CA ALA D 412 86.23 21.96 -39.63
C ALA D 412 87.75 22.07 -39.39
N ALA D 413 88.46 20.96 -39.49
CA ALA D 413 89.91 20.95 -39.31
C ALA D 413 90.58 21.82 -40.35
N GLN D 414 90.12 21.69 -41.59
CA GLN D 414 90.67 22.44 -42.71
C GLN D 414 90.51 23.94 -42.52
N GLU D 415 89.45 24.35 -41.83
CA GLU D 415 89.19 25.75 -41.56
C GLU D 415 89.92 26.24 -40.32
N ILE D 416 90.06 25.36 -39.34
CA ILE D 416 90.71 25.72 -38.08
C ILE D 416 92.22 25.84 -38.25
N GLY D 417 92.81 24.91 -38.99
CA GLY D 417 94.25 24.89 -39.19
C GLY D 417 95.01 24.56 -37.91
N ASN D 418 96.23 25.09 -37.80
CA ASN D 418 97.10 24.84 -36.65
C ASN D 418 97.30 23.35 -36.36
N GLY D 419 97.24 22.53 -37.41
CA GLY D 419 97.44 21.11 -37.27
C GLY D 419 96.22 20.39 -36.71
N ALA D 420 95.04 20.97 -36.92
CA ALA D 420 93.81 20.32 -36.52
C ALA D 420 93.48 19.16 -37.45
N GLU D 421 94.09 19.16 -38.63
CA GLU D 421 93.87 18.10 -39.60
C GLU D 421 94.33 16.75 -39.08
N ASP D 422 95.32 16.76 -38.19
CA ASP D 422 95.83 15.53 -37.60
C ASP D 422 94.78 14.84 -36.73
N TYR D 423 93.84 15.61 -36.21
CA TYR D 423 92.85 15.07 -35.28
C TYR D 423 91.58 14.59 -35.99
N ALA D 424 91.40 14.99 -37.25
CA ALA D 424 90.40 14.36 -38.11
C ALA D 424 90.97 13.06 -38.69
N HIS D 425 91.27 12.12 -37.81
CA HIS D 425 91.98 10.90 -38.18
C HIS D 425 91.05 9.72 -38.49
N ASN D 426 89.75 9.96 -38.58
CA ASN D 426 88.84 8.84 -38.78
C ASN D 426 87.91 9.02 -39.97
N ASN D 427 88.37 9.75 -40.97
CA ASN D 427 87.55 9.98 -42.16
C ASN D 427 87.93 9.13 -43.34
N ILE D 428 86.93 8.75 -44.14
CA ILE D 428 87.17 8.24 -45.49
C ILE D 428 86.31 9.09 -46.42
N LYS D 429 86.93 9.71 -47.41
CA LYS D 429 86.22 10.58 -48.34
C LYS D 429 85.46 11.67 -47.60
N LYS D 430 86.13 12.24 -46.59
CA LYS D 430 85.60 13.31 -45.74
C LYS D 430 84.41 12.89 -44.87
N HIS D 431 84.19 11.59 -44.72
CA HIS D 431 83.03 11.07 -44.00
C HIS D 431 83.44 10.26 -42.76
N GLU D 432 83.00 10.68 -41.58
CA GLU D 432 83.39 10.01 -40.34
C GLU D 432 83.05 8.52 -40.36
N GLN D 433 83.97 7.70 -39.88
CA GLN D 433 83.76 6.26 -39.84
C GLN D 433 83.29 5.76 -38.47
N LEU D 434 82.80 4.52 -38.45
CA LEU D 434 82.52 3.82 -37.21
C LEU D 434 83.79 3.80 -36.33
N PRO D 435 83.65 4.15 -35.04
CA PRO D 435 84.81 4.26 -34.13
C PRO D 435 85.40 2.90 -33.76
N LEU D 436 86.15 2.31 -34.68
CA LEU D 436 86.79 1.02 -34.48
C LEU D 436 88.22 1.04 -35.04
N LYS D 437 89.20 0.86 -34.16
CA LYS D 437 90.61 0.81 -34.58
C LYS D 437 91.23 -0.52 -34.19
N LEU D 438 91.34 -1.44 -35.14
CA LEU D 438 91.80 -2.78 -34.80
C LEU D 438 93.33 -2.90 -34.92
N SER D 439 93.83 -4.10 -34.65
CA SER D 439 95.27 -4.30 -34.56
C SER D 439 95.88 -4.85 -35.85
N MET D 440 95.42 -6.02 -36.28
CA MET D 440 95.93 -6.67 -37.48
C MET D 440 95.08 -6.33 -38.70
N LEU D 441 95.73 -6.16 -39.84
CA LEU D 441 95.04 -5.83 -41.08
C LEU D 441 94.05 -6.91 -41.49
N ASN D 442 92.82 -6.48 -41.73
CA ASN D 442 91.79 -7.37 -42.26
C ASN D 442 91.62 -7.10 -43.75
N PRO D 443 92.08 -8.03 -44.59
CA PRO D 443 92.05 -7.82 -46.05
C PRO D 443 90.62 -7.66 -46.59
N ILE D 444 89.67 -8.37 -46.01
CA ILE D 444 88.28 -8.28 -46.46
C ILE D 444 87.70 -6.90 -46.14
N TYR D 445 88.00 -6.40 -44.95
CA TYR D 445 87.47 -5.11 -44.52
C TYR D 445 88.23 -3.96 -45.10
N TYR D 446 89.50 -4.19 -45.45
CA TYR D 446 90.29 -3.18 -46.13
C TYR D 446 89.60 -2.77 -47.43
N LEU D 447 89.22 -3.77 -48.22
CA LEU D 447 88.55 -3.52 -49.49
C LEU D 447 87.24 -2.78 -49.31
N MET D 448 86.47 -3.19 -48.30
CA MET D 448 85.15 -2.61 -48.09
C MET D 448 85.23 -1.14 -47.67
N TYR D 449 86.08 -0.83 -46.70
CA TYR D 449 86.33 0.56 -46.33
C TYR D 449 86.70 1.43 -47.53
N CYS D 450 87.63 0.93 -48.36
CA CYS D 450 88.13 1.68 -49.52
C CYS D 450 87.09 1.98 -50.61
N THR D 451 86.25 1.00 -50.97
CA THR D 451 85.45 1.12 -52.18
C THR D 451 83.92 1.32 -51.98
N GLY D 452 83.42 1.05 -50.78
CA GLY D 452 81.99 1.13 -50.52
C GLY D 452 81.41 2.52 -50.77
N GLU D 453 80.46 2.62 -51.69
CA GLU D 453 79.93 3.94 -52.04
C GLU D 453 79.05 4.55 -50.93
N LYS D 454 78.58 3.74 -49.98
CA LYS D 454 77.88 4.27 -48.81
C LYS D 454 78.87 4.94 -47.86
N ILE D 455 80.15 4.56 -47.96
CA ILE D 455 81.24 5.04 -47.10
C ILE D 455 80.92 4.76 -45.63
N ASN D 456 80.24 3.64 -45.40
CA ASN D 456 79.93 3.17 -44.06
C ASN D 456 80.08 1.66 -43.99
N ILE D 457 80.98 1.19 -43.11
CA ILE D 457 81.35 -0.21 -43.08
C ILE D 457 80.23 -1.17 -42.69
N THR D 458 79.28 -0.70 -41.88
CA THR D 458 78.25 -1.61 -41.37
C THR D 458 77.16 -1.83 -42.41
N GLN D 459 77.24 -1.07 -43.49
CA GLN D 459 76.26 -1.17 -44.57
C GLN D 459 76.89 -1.73 -45.86
N ILE D 460 77.86 -2.62 -45.70
CA ILE D 460 78.45 -3.34 -46.83
C ILE D 460 78.86 -4.75 -46.40
N GLU D 461 79.05 -4.95 -45.10
CA GLU D 461 79.37 -6.27 -44.56
C GLU D 461 78.14 -7.14 -44.36
N GLY D 462 78.34 -8.44 -44.11
CA GLY D 462 77.24 -9.28 -43.67
C GLY D 462 77.27 -10.77 -43.94
N GLN D 463 77.28 -11.14 -45.22
CA GLN D 463 77.02 -12.50 -45.64
C GLN D 463 78.12 -13.51 -45.28
N PHE D 464 79.35 -13.03 -45.23
CA PHE D 464 80.46 -13.88 -44.84
C PHE D 464 80.82 -13.61 -43.38
N PRO D 465 81.09 -14.67 -42.62
CA PRO D 465 81.49 -14.55 -41.21
C PRO D 465 82.67 -13.61 -40.99
N GLN D 466 82.62 -12.80 -39.94
CA GLN D 466 83.66 -11.83 -39.63
C GLN D 466 84.92 -12.52 -39.11
N ALA D 467 84.71 -13.60 -38.38
CA ALA D 467 85.81 -14.33 -37.76
C ALA D 467 85.67 -15.82 -38.04
N PRO D 468 86.80 -16.56 -38.05
CA PRO D 468 86.74 -18.00 -38.28
C PRO D 468 86.50 -18.77 -36.99
N TYR D 469 86.02 -20.00 -37.11
CA TYR D 469 85.89 -20.90 -35.96
C TYR D 469 87.25 -21.52 -35.63
N PRO D 470 87.54 -21.69 -34.33
CA PRO D 470 88.72 -22.44 -33.90
C PRO D 470 88.70 -23.87 -34.39
N LYS D 471 87.74 -24.66 -33.93
CA LYS D 471 87.67 -26.07 -34.30
C LYS D 471 87.11 -26.24 -35.71
N LEU D 472 87.61 -27.24 -36.42
CA LEU D 472 87.15 -27.55 -37.77
C LEU D 472 85.72 -28.05 -37.77
N GLU D 473 85.34 -28.77 -36.71
CA GLU D 473 84.01 -29.32 -36.56
C GLU D 473 82.95 -28.22 -36.63
N GLN D 474 83.26 -27.07 -36.06
CA GLN D 474 82.35 -25.94 -36.07
C GLN D 474 82.11 -25.40 -37.47
N ARG D 475 83.16 -25.47 -38.30
CA ARG D 475 83.07 -24.97 -39.66
C ARG D 475 82.31 -25.92 -40.55
N GLU D 476 82.56 -27.21 -40.35
CA GLU D 476 81.89 -28.25 -41.12
C GLU D 476 80.39 -28.20 -40.86
N ALA D 477 80.03 -27.91 -39.62
CA ALA D 477 78.63 -27.85 -39.22
C ALA D 477 77.95 -26.63 -39.81
N PHE D 478 78.68 -25.52 -39.86
CA PHE D 478 78.13 -24.28 -40.36
C PHE D 478 77.82 -24.36 -41.86
N VAL D 479 78.79 -24.81 -42.65
CA VAL D 479 78.67 -24.80 -44.11
C VAL D 479 77.67 -25.84 -44.61
N GLU D 480 77.33 -26.79 -43.75
CA GLU D 480 76.43 -27.90 -44.10
C GLU D 480 75.13 -27.43 -44.75
N ASP D 481 74.47 -26.47 -44.11
CA ASP D 481 73.19 -25.95 -44.62
C ASP D 481 73.30 -24.48 -45.02
N TRP D 482 74.46 -24.09 -45.54
CA TRP D 482 74.68 -22.71 -45.95
C TRP D 482 74.21 -22.50 -47.40
N ILE D 483 72.89 -22.58 -47.59
CA ILE D 483 72.28 -22.51 -48.90
C ILE D 483 72.35 -21.14 -49.57
N GLN D 484 72.68 -20.12 -48.79
CA GLN D 484 72.67 -18.75 -49.30
C GLN D 484 73.87 -18.42 -50.20
N VAL D 485 74.87 -19.29 -50.21
CA VAL D 485 76.08 -19.01 -50.98
C VAL D 485 75.84 -19.15 -52.48
N PRO D 486 76.36 -18.21 -53.28
CA PRO D 486 76.24 -18.26 -54.74
C PRO D 486 77.03 -19.44 -55.33
N ASP D 487 78.17 -19.75 -54.72
CA ASP D 487 79.04 -20.83 -55.20
C ASP D 487 79.47 -21.72 -54.03
N GLU D 488 79.74 -22.98 -54.30
CA GLU D 488 80.20 -23.91 -53.28
C GLU D 488 81.62 -23.61 -52.78
N LYS D 489 82.31 -22.70 -53.48
CA LYS D 489 83.68 -22.34 -53.12
C LYS D 489 83.72 -21.50 -51.84
N PHE D 490 82.64 -20.80 -51.52
CA PHE D 490 82.59 -19.98 -50.33
C PHE D 490 82.59 -20.84 -49.07
N LYS D 491 82.03 -22.04 -49.19
CA LYS D 491 82.08 -23.00 -48.09
C LYS D 491 83.51 -23.45 -47.85
N LYS D 492 84.20 -23.78 -48.94
CA LYS D 492 85.55 -24.32 -48.87
C LYS D 492 86.53 -23.29 -48.31
N ILE D 493 86.26 -22.02 -48.58
CA ILE D 493 87.10 -20.96 -48.03
C ILE D 493 86.96 -20.91 -46.52
N PHE D 494 85.73 -20.94 -46.03
CA PHE D 494 85.47 -20.82 -44.60
C PHE D 494 85.96 -22.05 -43.83
N LEU D 495 86.02 -23.19 -44.50
CA LEU D 495 86.57 -24.40 -43.90
C LEU D 495 88.07 -24.26 -43.65
N GLU D 496 88.79 -23.71 -44.62
CA GLU D 496 90.23 -23.52 -44.52
C GLU D 496 90.62 -22.42 -43.54
N TRP D 497 89.77 -21.40 -43.43
CA TRP D 497 90.07 -20.20 -42.65
C TRP D 497 90.26 -20.53 -41.18
N GLU D 498 91.34 -20.04 -40.60
CA GLU D 498 91.67 -20.31 -39.20
C GLU D 498 92.04 -19.04 -38.46
N PRO D 499 91.87 -19.03 -37.13
CA PRO D 499 92.17 -17.81 -36.38
C PRO D 499 93.67 -17.57 -36.22
N ARG D 500 94.43 -18.64 -36.08
CA ARG D 500 95.88 -18.54 -35.98
C ARG D 500 96.57 -19.45 -36.98
N GLY D 501 97.81 -19.13 -37.33
CA GLY D 501 98.59 -20.01 -38.17
C GLY D 501 98.66 -19.60 -39.63
N GLU D 502 99.19 -20.50 -40.45
CA GLU D 502 99.42 -20.24 -41.87
C GLU D 502 98.16 -19.87 -42.63
N LYS D 503 97.02 -20.36 -42.16
CA LYS D 503 95.78 -20.09 -42.86
C LYS D 503 94.97 -19.01 -42.14
N SER D 504 95.65 -17.96 -41.71
CA SER D 504 94.98 -16.84 -41.05
C SER D 504 95.27 -15.51 -41.75
N MET D 505 94.57 -14.47 -41.33
CA MET D 505 94.71 -13.13 -41.88
C MET D 505 96.05 -12.55 -41.48
N PRO D 506 96.60 -11.63 -42.29
CA PRO D 506 96.08 -11.08 -43.54
C PRO D 506 96.38 -11.91 -44.80
N ASN D 507 97.24 -12.93 -44.67
CA ASN D 507 97.64 -13.73 -45.82
C ASN D 507 96.57 -14.71 -46.31
N PHE D 508 95.62 -15.05 -45.44
CA PHE D 508 94.50 -15.91 -45.81
C PHE D 508 93.19 -15.36 -45.22
N PRO D 509 92.10 -15.37 -46.00
CA PRO D 509 91.94 -15.86 -47.38
C PRO D 509 92.80 -15.10 -48.39
N THR D 510 93.11 -15.74 -49.52
CA THR D 510 93.97 -15.13 -50.53
C THR D 510 93.34 -13.89 -51.13
N VAL D 511 94.13 -13.15 -51.92
CA VAL D 511 93.65 -11.93 -52.55
C VAL D 511 92.41 -12.20 -53.39
N ASP D 512 92.44 -13.29 -54.16
CA ASP D 512 91.31 -13.63 -55.01
C ASP D 512 90.08 -14.04 -54.21
N MET D 513 90.30 -14.72 -53.09
CA MET D 513 89.19 -15.11 -52.22
C MET D 513 88.54 -13.87 -51.60
N CYS D 514 89.35 -12.92 -51.17
CA CYS D 514 88.86 -11.69 -50.56
C CYS D 514 88.04 -10.87 -51.56
N CYS D 515 88.46 -10.86 -52.81
CA CYS D 515 87.73 -10.12 -53.83
C CYS D 515 86.35 -10.73 -54.11
N ASP D 516 86.26 -12.06 -54.10
CA ASP D 516 84.98 -12.74 -54.33
C ASP D 516 84.02 -12.57 -53.15
N ILE D 517 84.57 -12.49 -51.95
CA ILE D 517 83.78 -12.37 -50.73
C ILE D 517 83.19 -10.97 -50.61
N VAL D 518 84.02 -9.95 -50.83
CA VAL D 518 83.56 -8.57 -50.75
C VAL D 518 82.55 -8.30 -51.86
N ASP D 519 82.77 -8.88 -53.02
CA ASP D 519 81.84 -8.72 -54.13
C ASP D 519 80.46 -9.29 -53.81
N TRP D 520 80.43 -10.46 -53.18
CA TRP D 520 79.17 -11.09 -52.81
C TRP D 520 78.43 -10.24 -51.76
N GLN D 521 79.15 -9.87 -50.70
CA GLN D 521 78.55 -9.09 -49.63
C GLN D 521 77.98 -7.77 -50.15
N GLU D 522 78.76 -7.05 -50.97
CA GLU D 522 78.33 -5.78 -51.53
C GLU D 522 77.10 -5.95 -52.42
N MET D 523 77.11 -7.00 -53.24
CA MET D 523 75.99 -7.28 -54.13
C MET D 523 74.66 -7.41 -53.38
N MET D 524 74.65 -8.15 -52.28
CA MET D 524 73.39 -8.37 -51.54
C MET D 524 72.83 -7.04 -51.01
N HIS D 525 73.72 -6.13 -50.60
CA HIS D 525 73.28 -4.83 -50.12
C HIS D 525 72.62 -4.02 -51.24
N TYR D 526 73.22 -4.02 -52.43
CA TYR D 526 72.66 -3.24 -53.53
C TYR D 526 71.33 -3.80 -54.02
N ILE D 527 71.15 -5.10 -53.88
CA ILE D 527 69.86 -5.69 -54.22
C ILE D 527 68.79 -5.26 -53.20
N ASP D 528 69.16 -5.27 -51.92
CA ASP D 528 68.26 -4.84 -50.86
C ASP D 528 67.81 -3.39 -51.04
N ASP D 529 68.75 -2.53 -51.43
CA ASP D 529 68.48 -1.10 -51.52
C ASP D 529 67.77 -0.76 -52.81
N ALA D 530 67.54 -1.75 -53.66
CA ALA D 530 66.74 -1.53 -54.86
C ALA D 530 65.32 -2.05 -54.62
N LEU D 531 65.24 -3.17 -53.90
CA LEU D 531 63.99 -3.84 -53.64
C LEU D 531 63.23 -3.26 -52.45
N GLY D 532 63.96 -2.55 -51.59
CA GLY D 532 63.37 -1.95 -50.40
C GLY D 532 63.41 -2.89 -49.23
N GLN D 533 64.01 -4.07 -49.43
CA GLN D 533 64.10 -5.08 -48.40
C GLN D 533 65.04 -4.66 -47.27
N CYS D 534 64.61 -4.81 -46.04
CA CYS D 534 65.48 -4.49 -44.91
C CYS D 534 66.67 -5.44 -44.91
N ALA D 535 67.86 -4.89 -44.68
CA ALA D 535 69.07 -5.69 -44.65
C ALA D 535 69.08 -6.64 -43.45
N GLY D 536 68.22 -6.36 -42.46
CA GLY D 536 68.12 -7.17 -41.25
C GLY D 536 67.65 -8.59 -41.53
N LEU D 537 67.08 -8.78 -42.71
CA LEU D 537 66.54 -10.08 -43.10
C LEU D 537 67.21 -10.56 -44.37
N SER D 538 68.22 -9.81 -44.79
CA SER D 538 68.91 -10.14 -46.02
C SER D 538 70.43 -9.95 -45.89
N SER D 539 70.96 -8.88 -46.45
CA SER D 539 72.40 -8.73 -46.61
C SER D 539 73.18 -8.68 -45.29
N PHE D 540 72.55 -8.28 -44.19
CA PHE D 540 73.32 -8.05 -42.98
C PHE D 540 73.63 -9.30 -42.11
N PRO D 541 72.62 -10.15 -41.78
CA PRO D 541 72.92 -11.25 -40.86
C PRO D 541 73.40 -12.51 -41.55
N LEU D 542 74.04 -13.40 -40.80
CA LEU D 542 74.45 -14.70 -41.32
C LEU D 542 73.22 -15.55 -41.62
N LYS D 543 73.27 -16.28 -42.74
CA LYS D 543 72.19 -17.16 -43.17
C LYS D 543 70.80 -16.52 -43.10
N PRO D 544 70.55 -15.50 -43.93
CA PRO D 544 69.27 -14.79 -43.97
C PRO D 544 68.20 -15.56 -44.75
N PRO D 545 66.92 -15.20 -44.57
CA PRO D 545 65.83 -15.83 -45.32
C PRO D 545 65.75 -15.35 -46.77
N TYR D 546 66.25 -14.15 -47.05
CA TYR D 546 66.38 -13.67 -48.43
C TYR D 546 67.80 -13.87 -48.90
N HIS D 547 67.97 -14.42 -50.11
CA HIS D 547 69.30 -14.66 -50.66
C HIS D 547 69.29 -14.71 -52.21
N ILE D 548 70.47 -14.93 -52.81
CA ILE D 548 70.64 -14.81 -54.24
C ILE D 548 69.82 -15.83 -55.02
N HIS D 549 69.37 -16.89 -54.34
CA HIS D 549 68.64 -17.96 -55.02
C HIS D 549 67.13 -17.76 -55.05
N ASN D 550 66.56 -17.13 -54.03
CA ASN D 550 65.10 -16.97 -54.02
C ASN D 550 64.68 -15.54 -54.39
N TYR D 551 65.60 -14.60 -54.29
CA TYR D 551 65.34 -13.22 -54.70
C TYR D 551 64.79 -13.07 -56.14
N PRO D 552 65.40 -13.77 -57.13
CA PRO D 552 64.82 -13.65 -58.48
C PRO D 552 63.38 -14.14 -58.56
N LYS D 553 63.03 -15.13 -57.75
CA LYS D 553 61.66 -15.63 -57.70
C LYS D 553 60.69 -14.54 -57.23
N PHE D 554 61.11 -13.78 -56.21
CA PHE D 554 60.30 -12.68 -55.70
C PHE D 554 60.07 -11.62 -56.76
N ILE D 555 61.15 -11.21 -57.41
CA ILE D 555 61.09 -10.20 -58.45
C ILE D 555 60.16 -10.61 -59.58
N ALA D 556 60.31 -11.85 -60.04
CA ALA D 556 59.51 -12.35 -61.15
C ALA D 556 58.04 -12.45 -60.78
N ALA D 557 57.74 -12.99 -59.60
CA ALA D 557 56.35 -13.17 -59.18
C ALA D 557 55.72 -11.86 -58.71
N GLY D 558 56.54 -10.97 -58.16
CA GLY D 558 56.06 -9.68 -57.70
C GLY D 558 55.88 -8.65 -58.81
N ALA D 559 56.96 -8.40 -59.57
CA ALA D 559 56.97 -7.34 -60.57
C ALA D 559 56.53 -7.82 -61.96
N GLY D 560 56.55 -9.13 -62.18
CA GLY D 560 56.13 -9.68 -63.44
C GLY D 560 57.10 -9.45 -64.57
N ILE D 561 58.39 -9.53 -64.25
CA ILE D 561 59.43 -9.39 -65.25
C ILE D 561 60.35 -10.60 -65.17
N GLU D 562 60.99 -10.94 -66.29
CA GLU D 562 61.88 -12.08 -66.33
C GLU D 562 63.09 -11.82 -65.44
N MET D 563 63.43 -12.79 -64.59
CA MET D 563 64.55 -12.63 -63.68
C MET D 563 65.06 -13.98 -63.20
N ASP D 564 66.38 -14.17 -63.27
CA ASP D 564 67.03 -15.34 -62.71
C ASP D 564 68.25 -14.92 -61.94
N THR D 565 68.98 -15.90 -61.40
CA THR D 565 70.17 -15.61 -60.59
C THR D 565 71.21 -14.80 -61.36
N GLU D 566 71.51 -15.20 -62.58
CA GLU D 566 72.52 -14.50 -63.39
C GLU D 566 72.09 -13.09 -63.80
N LYS D 567 70.85 -12.95 -64.27
CA LYS D 567 70.34 -11.64 -64.67
C LYS D 567 70.27 -10.69 -63.47
N LEU D 568 70.03 -11.24 -62.29
CA LEU D 568 69.99 -10.44 -61.07
C LEU D 568 71.37 -9.96 -60.66
N LYS D 569 72.35 -10.87 -60.71
CA LYS D 569 73.75 -10.52 -60.45
C LYS D 569 74.21 -9.39 -61.39
N LYS D 570 73.81 -9.48 -62.65
CA LYS D 570 74.19 -8.46 -63.63
C LYS D 570 73.48 -7.14 -63.38
N ALA D 571 72.19 -7.19 -63.07
CA ALA D 571 71.44 -5.99 -62.72
C ALA D 571 72.09 -5.25 -61.56
N ALA D 572 72.43 -5.99 -60.51
CA ALA D 572 73.08 -5.42 -59.34
C ALA D 572 74.38 -4.73 -59.74
N LYS D 573 75.14 -5.37 -60.61
CA LYS D 573 76.41 -4.84 -61.08
C LYS D 573 76.18 -3.59 -61.91
N ARG D 574 75.13 -3.61 -62.72
CA ARG D 574 74.82 -2.50 -63.62
C ARG D 574 74.69 -1.17 -62.86
N TYR D 575 73.84 -1.10 -61.84
CA TYR D 575 73.67 0.20 -61.19
C TYR D 575 74.69 0.43 -60.09
N ARG D 576 75.34 -0.62 -59.61
CA ARG D 576 76.48 -0.41 -58.71
C ARG D 576 77.65 0.27 -59.45
N THR D 577 77.84 -0.02 -60.72
CA THR D 577 78.92 0.65 -61.44
C THR D 577 78.42 2.02 -61.91
N LEU D 578 77.11 2.15 -62.07
CA LEU D 578 76.52 3.44 -62.42
C LEU D 578 76.73 4.45 -61.29
N VAL D 579 76.56 3.99 -60.05
CA VAL D 579 76.83 4.83 -58.88
C VAL D 579 78.31 5.16 -58.85
N ARG D 580 79.14 4.17 -59.12
CA ARG D 580 80.56 4.39 -59.25
C ARG D 580 80.85 5.46 -60.28
N ALA D 581 80.18 5.35 -61.43
CA ALA D 581 80.36 6.29 -62.53
C ALA D 581 80.00 7.72 -62.14
N PHE D 582 78.98 7.86 -61.31
CA PHE D 582 78.52 9.17 -60.87
C PHE D 582 79.59 9.84 -60.02
N ASN D 583 80.16 9.08 -59.10
CA ASN D 583 81.21 9.60 -58.23
C ASN D 583 82.50 9.90 -58.99
N ILE D 584 82.78 9.13 -60.03
CA ILE D 584 83.93 9.41 -60.88
C ILE D 584 83.76 10.77 -61.55
N ARG D 585 82.56 11.03 -62.05
CA ARG D 585 82.28 12.26 -62.77
C ARG D 585 82.34 13.45 -61.83
N ARG D 586 82.20 13.20 -60.54
CA ARG D 586 82.34 14.26 -59.54
C ARG D 586 83.76 14.33 -58.95
N GLY D 587 84.71 13.61 -59.55
CA GLY D 587 86.10 13.80 -59.21
C GLY D 587 86.78 12.74 -58.35
N MET D 588 86.06 11.68 -58.00
CA MET D 588 86.63 10.61 -57.20
C MET D 588 87.66 9.80 -57.99
N ARG D 589 88.80 9.50 -57.38
CA ARG D 589 89.82 8.67 -58.02
C ARG D 589 90.38 7.64 -57.03
N ARG D 590 91.32 6.82 -57.48
CA ARG D 590 91.91 5.77 -56.65
C ARG D 590 92.55 6.34 -55.37
N VAL D 591 93.01 7.58 -55.45
CA VAL D 591 93.65 8.24 -54.31
C VAL D 591 92.73 8.41 -53.11
N ASP D 592 91.44 8.62 -53.36
CA ASP D 592 90.48 8.85 -52.29
C ASP D 592 90.07 7.55 -51.60
N GLU D 593 90.38 6.43 -52.25
CA GLU D 593 89.99 5.12 -51.78
C GLU D 593 91.03 4.54 -50.83
N GLN D 594 91.29 5.26 -49.74
CA GLN D 594 92.20 4.79 -48.70
C GLN D 594 91.52 4.87 -47.34
N PRO D 595 91.80 3.90 -46.46
CA PRO D 595 91.30 3.97 -45.08
C PRO D 595 92.13 4.97 -44.27
N PRO D 596 91.67 5.36 -43.08
CA PRO D 596 92.47 6.23 -42.20
C PRO D 596 93.84 5.63 -41.91
N ALA D 597 94.84 6.47 -41.70
CA ALA D 597 96.23 5.99 -41.53
C ALA D 597 96.38 5.07 -40.33
N ASN D 598 95.72 5.42 -39.22
CA ASN D 598 95.83 4.64 -38.00
C ASN D 598 94.74 3.59 -37.83
N HIS D 599 94.09 3.20 -38.93
CA HIS D 599 92.98 2.28 -38.83
C HIS D 599 93.39 0.89 -38.36
N TRP D 600 94.58 0.47 -38.75
CA TRP D 600 95.18 -0.75 -38.22
C TRP D 600 96.59 -0.43 -37.74
N LYS D 601 97.09 -1.21 -36.79
CA LYS D 601 98.44 -1.03 -36.28
C LYS D 601 99.45 -1.82 -37.11
N ASN D 602 98.97 -2.82 -37.83
CA ASN D 602 99.79 -3.67 -38.68
C ASN D 602 99.41 -3.53 -40.15
N ARG D 603 100.15 -2.70 -40.88
CA ARG D 603 99.86 -2.45 -42.29
C ARG D 603 100.83 -3.19 -43.23
N PHE D 604 100.35 -3.47 -44.44
CA PHE D 604 101.11 -4.21 -45.43
C PHE D 604 100.88 -3.61 -46.81
N PRO D 605 101.65 -2.57 -47.16
CA PRO D 605 101.51 -1.79 -48.40
C PRO D 605 101.47 -2.65 -49.67
N GLU D 606 102.34 -3.65 -49.79
CA GLU D 606 102.37 -4.47 -51.00
C GLU D 606 101.15 -5.38 -51.09
N LEU D 607 100.72 -5.91 -49.95
CA LEU D 607 99.50 -6.71 -49.90
C LEU D 607 98.26 -5.86 -50.16
N GLU D 608 98.23 -4.64 -49.63
CA GLU D 608 97.07 -3.77 -49.80
C GLU D 608 96.92 -3.32 -51.25
N LYS D 609 98.06 -3.12 -51.91
CA LYS D 609 98.09 -2.71 -53.30
C LYS D 609 97.53 -3.80 -54.20
N GLU D 610 97.98 -5.03 -53.97
CA GLU D 610 97.52 -6.17 -54.75
C GLU D 610 96.03 -6.42 -54.53
N LEU D 611 95.55 -6.20 -53.30
CA LEU D 611 94.14 -6.36 -53.00
C LEU D 611 93.30 -5.43 -53.88
N LEU D 612 93.62 -4.14 -53.82
CA LEU D 612 92.83 -3.15 -54.54
C LEU D 612 92.97 -3.33 -56.04
N ASP D 613 94.18 -3.67 -56.49
CA ASP D 613 94.44 -3.98 -57.90
C ASP D 613 93.55 -5.12 -58.40
N SER D 614 93.51 -6.22 -57.67
CA SER D 614 92.70 -7.37 -58.06
C SER D 614 91.21 -7.09 -57.99
N TYR D 615 90.79 -6.29 -57.01
CA TYR D 615 89.38 -5.98 -56.86
C TYR D 615 88.88 -5.13 -58.04
N TYR D 616 89.64 -4.11 -58.40
CA TYR D 616 89.33 -3.28 -59.58
C TYR D 616 89.16 -4.12 -60.85
N LYS D 617 90.06 -5.08 -61.05
CA LYS D 617 89.98 -5.95 -62.22
C LYS D 617 88.71 -6.80 -62.21
N LEU D 618 88.38 -7.35 -61.04
CA LEU D 618 87.16 -8.15 -60.89
C LEU D 618 85.92 -7.30 -61.14
N LYS D 619 85.93 -6.06 -60.67
CA LYS D 619 84.84 -5.13 -60.91
C LYS D 619 84.75 -4.69 -62.37
N GLY D 620 85.86 -4.77 -63.10
CA GLY D 620 85.89 -4.32 -64.48
C GLY D 620 86.30 -2.86 -64.64
N TRP D 621 87.02 -2.35 -63.65
CA TRP D 621 87.50 -0.97 -63.64
C TRP D 621 89.00 -0.96 -63.96
N ASN D 622 89.54 0.18 -64.37
CA ASN D 622 90.98 0.26 -64.57
C ASN D 622 91.71 0.52 -63.25
N ASP D 623 93.00 0.82 -63.35
CA ASP D 623 93.85 0.92 -62.16
C ASP D 623 93.65 2.23 -61.40
N ASP D 624 92.89 3.14 -61.98
CA ASP D 624 92.57 4.38 -61.29
C ASP D 624 91.15 4.35 -60.71
N GLY D 625 90.50 3.19 -60.78
CA GLY D 625 89.19 3.01 -60.18
C GLY D 625 88.02 3.39 -61.08
N ILE D 626 88.29 3.53 -62.38
CA ILE D 626 87.29 3.96 -63.34
C ILE D 626 86.80 2.79 -64.18
N PRO D 627 85.48 2.61 -64.26
CA PRO D 627 84.89 1.57 -65.12
C PRO D 627 85.35 1.72 -66.56
N THR D 628 85.87 0.64 -67.14
CA THR D 628 86.42 0.71 -68.49
C THR D 628 85.29 0.73 -69.51
N LYS D 629 85.63 1.19 -70.72
CA LYS D 629 84.68 1.26 -71.82
C LYS D 629 84.05 -0.10 -72.10
N GLU D 630 84.88 -1.13 -72.10
CA GLU D 630 84.45 -2.49 -72.40
C GLU D 630 83.39 -3.00 -71.43
N THR D 631 83.65 -2.85 -70.14
CA THR D 631 82.74 -3.34 -69.13
C THR D 631 81.47 -2.48 -69.08
N LEU D 632 81.59 -1.20 -69.44
CA LEU D 632 80.41 -0.33 -69.51
C LEU D 632 79.47 -0.76 -70.64
N ASP D 633 80.03 -1.01 -71.81
CA ASP D 633 79.25 -1.45 -72.96
C ASP D 633 78.56 -2.77 -72.65
N ASP D 634 79.26 -3.66 -71.96
CA ASP D 634 78.72 -4.98 -71.63
C ASP D 634 77.52 -4.88 -70.68
N LEU D 635 77.53 -3.88 -69.82
CA LEU D 635 76.46 -3.72 -68.83
C LEU D 635 75.28 -2.95 -69.40
N GLY D 636 75.42 -2.45 -70.62
CA GLY D 636 74.38 -1.63 -71.22
C GLY D 636 74.55 -0.17 -70.83
N LEU D 637 75.73 0.16 -70.32
CA LEU D 637 76.02 1.54 -69.90
C LEU D 637 76.88 2.25 -70.93
N GLY D 638 76.55 2.05 -72.21
CA GLY D 638 77.27 2.66 -73.30
C GLY D 638 77.26 4.17 -73.27
N TYR D 639 76.13 4.75 -72.85
CA TYR D 639 76.01 6.21 -72.76
C TYR D 639 76.95 6.77 -71.70
N VAL D 640 77.27 5.93 -70.71
CA VAL D 640 78.22 6.32 -69.68
C VAL D 640 79.61 6.41 -70.26
N GLY D 641 79.99 5.39 -71.02
CA GLY D 641 81.30 5.33 -71.64
C GLY D 641 81.55 6.50 -72.56
N ASP D 642 80.56 6.85 -73.37
CA ASP D 642 80.68 7.95 -74.32
C ASP D 642 80.97 9.26 -73.61
N GLU D 643 80.28 9.51 -72.51
CA GLU D 643 80.47 10.76 -71.77
C GLU D 643 81.87 10.81 -71.15
N PHE D 644 82.38 9.67 -70.71
CA PHE D 644 83.70 9.61 -70.11
C PHE D 644 84.77 9.98 -71.14
N ILE D 645 84.61 9.48 -72.35
CA ILE D 645 85.54 9.78 -73.43
C ILE D 645 85.44 11.25 -73.82
N LYS D 646 84.22 11.75 -73.92
CA LYS D 646 83.97 13.15 -74.24
C LYS D 646 84.49 14.09 -73.15
N ARG D 647 84.43 13.64 -71.90
CA ARG D 647 84.93 14.44 -70.78
C ARG D 647 86.41 14.18 -70.52
N GLY D 648 87.01 13.29 -71.30
CA GLY D 648 88.42 12.98 -71.15
C GLY D 648 88.73 12.13 -69.91
N ILE D 649 87.70 11.51 -69.34
CA ILE D 649 87.85 10.62 -68.19
C ILE D 649 88.39 9.27 -68.64
N LEU D 650 88.07 8.88 -69.87
CA LEU D 650 88.64 7.70 -70.51
C LEU D 650 89.24 8.05 -71.87
N SER D 651 90.31 7.35 -72.24
CA SER D 651 90.93 7.53 -73.55
C SER D 651 90.17 6.77 -74.63
N ALA D 652 90.02 7.39 -75.80
CA ALA D 652 89.32 6.77 -76.91
C ALA D 652 90.12 5.61 -77.50
N LYS E 6 20.35 -26.97 -28.64
CA LYS E 6 20.58 -26.85 -27.20
C LYS E 6 21.88 -26.12 -26.91
N LYS E 7 22.89 -26.36 -27.74
CA LYS E 7 24.21 -25.78 -27.53
C LYS E 7 24.85 -25.28 -28.84
N ARG E 8 25.37 -24.05 -28.81
CA ARG E 8 26.08 -23.47 -29.96
C ARG E 8 27.47 -23.00 -29.55
N ILE E 9 28.35 -22.81 -30.53
CA ILE E 9 29.73 -22.43 -30.26
C ILE E 9 30.00 -20.94 -30.51
N VAL E 10 30.72 -20.33 -29.56
CA VAL E 10 31.21 -18.97 -29.75
C VAL E 10 32.73 -19.04 -29.80
N LYS E 11 33.31 -18.12 -30.57
CA LYS E 11 34.74 -18.09 -30.80
C LYS E 11 35.30 -16.76 -30.31
N THR E 12 36.29 -16.82 -29.44
CA THR E 12 36.88 -15.60 -28.89
C THR E 12 38.27 -15.34 -29.47
N ILE E 13 38.49 -14.15 -30.00
CA ILE E 13 39.86 -13.75 -30.36
C ILE E 13 40.51 -13.13 -29.14
N ASN E 14 41.59 -13.76 -28.70
CA ASN E 14 42.35 -13.28 -27.55
C ASN E 14 43.49 -12.41 -28.01
N ILE E 15 43.43 -11.14 -27.64
CA ILE E 15 44.42 -10.19 -28.05
C ILE E 15 45.28 -9.79 -26.87
N ASP E 16 46.58 -10.10 -26.96
CA ASP E 16 47.53 -9.68 -25.95
C ASP E 16 48.24 -8.43 -26.45
N ALA E 17 47.57 -7.29 -26.25
CA ALA E 17 48.09 -6.00 -26.70
C ALA E 17 49.47 -5.71 -26.15
N ASP E 18 49.80 -6.33 -25.02
CA ASP E 18 51.10 -6.18 -24.39
C ASP E 18 52.23 -6.85 -25.18
N LYS E 19 51.87 -7.84 -25.99
CA LYS E 19 52.83 -8.53 -26.84
C LYS E 19 52.98 -7.87 -28.20
N CYS E 20 51.99 -7.08 -28.60
CA CYS E 20 51.99 -6.51 -29.94
C CYS E 20 53.17 -5.57 -30.16
N ASN E 21 53.79 -5.66 -31.33
CA ASN E 21 54.88 -4.74 -31.64
C ASN E 21 54.50 -3.69 -32.68
N GLY E 22 53.26 -3.76 -33.17
CA GLY E 22 52.73 -2.75 -34.07
C GLY E 22 53.20 -2.87 -35.50
N CYS E 23 53.75 -4.04 -35.85
CA CYS E 23 54.27 -4.30 -37.19
C CYS E 23 53.20 -4.18 -38.29
N ARG E 24 51.94 -4.35 -37.88
CA ARG E 24 50.79 -4.24 -38.79
C ARG E 24 50.75 -5.33 -39.87
N ALA E 25 51.41 -6.47 -39.61
CA ALA E 25 51.44 -7.59 -40.55
C ALA E 25 50.06 -8.25 -40.71
N CYS E 26 49.35 -8.41 -39.60
CA CYS E 26 47.96 -8.85 -39.62
C CYS E 26 47.14 -8.08 -40.66
N GLU E 27 47.30 -6.75 -40.64
CA GLU E 27 46.58 -5.88 -41.58
C GLU E 27 46.89 -6.24 -43.02
N VAL E 28 48.17 -6.53 -43.27
CA VAL E 28 48.66 -6.89 -44.60
C VAL E 28 48.07 -8.18 -45.13
N ILE E 29 48.16 -9.23 -44.32
CA ILE E 29 47.77 -10.55 -44.78
C ILE E 29 46.26 -10.68 -44.89
N CYS E 30 45.50 -10.00 -44.02
CA CYS E 30 44.03 -10.08 -44.08
C CYS E 30 43.51 -9.41 -45.33
N SER E 31 44.04 -8.21 -45.63
CA SER E 31 43.64 -7.52 -46.85
C SER E 31 44.04 -8.34 -48.07
N ALA E 32 45.24 -8.90 -48.03
CA ALA E 32 45.75 -9.69 -49.15
C ALA E 32 44.88 -10.91 -49.38
N PHE E 33 44.49 -11.60 -48.31
CA PHE E 33 43.63 -12.76 -48.46
C PHE E 33 42.24 -12.35 -48.90
N HIS E 34 41.64 -11.41 -48.17
CA HIS E 34 40.29 -10.96 -48.47
C HIS E 34 40.26 -10.14 -49.80
N ALA E 35 41.27 -10.33 -50.65
CA ALA E 35 41.38 -9.63 -51.95
C ALA E 35 40.91 -10.50 -53.11
N MET E 36 40.55 -9.87 -54.22
CA MET E 36 39.93 -10.60 -55.33
C MET E 36 40.64 -10.36 -56.65
N PRO E 37 41.25 -11.41 -57.22
CA PRO E 37 41.36 -12.77 -56.68
C PRO E 37 42.36 -12.84 -55.53
N PRO E 38 42.23 -13.82 -54.64
CA PRO E 38 43.06 -13.93 -53.42
C PRO E 38 44.55 -13.61 -53.61
N TYR E 39 45.05 -12.70 -52.77
CA TYR E 39 46.47 -12.27 -52.75
C TYR E 39 46.90 -11.43 -53.95
N SER E 40 46.00 -11.17 -54.90
CA SER E 40 46.36 -10.38 -56.07
C SER E 40 46.79 -8.95 -55.72
N SER E 41 46.45 -8.51 -54.52
CA SER E 41 46.82 -7.18 -54.04
C SER E 41 46.68 -7.12 -52.53
N ASN E 42 47.16 -6.03 -51.93
CA ASN E 42 46.86 -5.79 -50.53
C ASN E 42 46.65 -4.30 -50.28
N ASN E 43 46.15 -3.99 -49.09
CA ASN E 43 45.57 -2.68 -48.81
C ASN E 43 45.06 -2.65 -47.38
N PRO E 44 45.90 -2.16 -46.45
CA PRO E 44 45.54 -2.07 -45.02
C PRO E 44 44.17 -1.43 -44.75
N ALA E 45 43.77 -0.48 -45.58
CA ALA E 45 42.45 0.15 -45.41
C ALA E 45 41.31 -0.85 -45.65
N ARG E 46 41.60 -1.98 -46.28
CA ARG E 46 40.59 -3.01 -46.51
C ARG E 46 40.68 -4.15 -45.49
N SER E 47 41.58 -4.01 -44.52
CA SER E 47 41.79 -5.05 -43.52
C SER E 47 40.66 -5.09 -42.48
N ARG E 48 40.29 -6.29 -42.07
CA ARG E 48 39.21 -6.47 -41.11
C ARG E 48 39.77 -6.48 -39.70
N VAL E 49 41.10 -6.34 -39.63
CA VAL E 49 41.80 -6.09 -38.39
C VAL E 49 42.66 -4.86 -38.60
N ARG E 50 42.56 -3.90 -37.69
CA ARG E 50 43.25 -2.62 -37.79
C ARG E 50 43.92 -2.31 -36.46
N VAL E 51 45.21 -2.01 -36.49
CA VAL E 51 45.93 -1.76 -35.25
C VAL E 51 45.82 -0.30 -34.81
N VAL E 52 45.38 -0.07 -33.58
CA VAL E 52 45.48 1.27 -33.00
C VAL E 52 46.89 1.48 -32.53
N ARG E 53 47.62 2.36 -33.19
CA ARG E 53 49.06 2.45 -32.99
C ARG E 53 49.54 3.86 -32.66
N ASP E 54 49.83 4.12 -31.40
CA ASP E 54 50.58 5.32 -31.04
C ASP E 54 51.80 4.91 -30.21
N PRO E 55 52.97 4.88 -30.85
CA PRO E 55 54.21 4.44 -30.21
C PRO E 55 54.64 5.37 -29.07
N LEU E 56 54.39 6.67 -29.23
CA LEU E 56 54.75 7.64 -28.21
C LEU E 56 53.93 7.49 -26.93
N ARG E 57 52.72 6.97 -27.07
CA ARG E 57 51.83 6.75 -25.94
C ARG E 57 51.88 5.33 -25.39
N ASP E 58 52.74 4.49 -25.99
CA ASP E 58 52.87 3.07 -25.69
C ASP E 58 51.56 2.31 -25.96
N ILE E 59 50.82 2.75 -26.98
CA ILE E 59 49.55 2.14 -27.32
C ILE E 59 49.65 1.30 -28.58
N TYR E 60 49.32 0.02 -28.46
CA TYR E 60 49.29 -0.91 -29.59
C TYR E 60 48.14 -1.85 -29.36
N VAL E 61 47.07 -1.65 -30.11
CA VAL E 61 45.78 -2.30 -29.86
C VAL E 61 45.12 -2.76 -31.15
N PRO E 62 45.27 -4.04 -31.50
CA PRO E 62 44.58 -4.67 -32.62
C PRO E 62 43.07 -4.64 -32.46
N LEU E 63 42.37 -4.03 -33.40
CA LEU E 63 40.92 -3.95 -33.40
C LEU E 63 40.34 -4.76 -34.55
N TYR E 64 39.32 -5.55 -34.25
CA TYR E 64 38.65 -6.36 -35.26
C TYR E 64 37.31 -5.74 -35.71
N ALA E 65 36.99 -5.92 -36.98
CA ALA E 65 35.74 -5.44 -37.58
C ALA E 65 34.55 -6.09 -36.90
N GLY E 66 33.64 -5.27 -36.39
CA GLY E 66 32.46 -5.76 -35.71
C GLY E 66 31.21 -5.66 -36.55
N GLU E 67 30.19 -5.02 -36.02
CA GLU E 67 28.92 -4.96 -36.71
C GLU E 67 28.72 -3.65 -37.47
N TYR E 68 27.70 -3.64 -38.33
CA TYR E 68 27.35 -2.42 -39.06
C TYR E 68 26.28 -1.60 -38.32
N THR E 69 26.57 -0.32 -38.13
CA THR E 69 25.60 0.61 -37.58
C THR E 69 25.33 1.75 -38.58
N GLU E 70 24.08 2.17 -38.67
CA GLU E 70 23.65 3.18 -39.65
C GLU E 70 23.80 4.61 -39.12
N SER E 71 24.01 4.75 -37.82
CA SER E 71 24.07 6.08 -37.22
C SER E 71 25.15 6.11 -36.16
N GLU E 72 25.73 7.30 -35.95
CA GLU E 72 26.73 7.50 -34.92
C GLU E 72 26.04 7.52 -33.56
N CYS E 73 26.83 7.42 -32.51
CA CYS E 73 26.29 7.56 -31.16
C CYS E 73 26.04 9.03 -30.86
N ILE E 74 25.04 9.30 -30.02
CA ILE E 74 24.80 10.67 -29.56
C ILE E 74 26.03 11.23 -28.84
N GLY E 75 26.70 10.38 -28.06
CA GLY E 75 27.95 10.76 -27.43
C GLY E 75 29.04 9.77 -27.77
N ARG E 76 30.22 10.28 -28.13
CA ARG E 76 31.38 9.43 -28.35
C ARG E 76 32.15 9.24 -27.06
N ASP E 77 32.82 8.11 -26.88
CA ASP E 77 33.50 7.83 -25.60
C ASP E 77 35.04 7.83 -25.71
N LYS E 78 35.69 8.33 -24.66
CA LYS E 78 37.13 8.54 -24.65
C LYS E 78 37.70 8.10 -23.31
N PHE E 79 38.48 7.03 -23.31
CA PHE E 79 38.98 6.47 -22.06
C PHE E 79 40.35 6.98 -21.66
N ILE E 80 40.56 7.07 -20.35
CA ILE E 80 41.90 7.12 -19.77
C ILE E 80 42.04 5.91 -18.87
N ILE E 81 42.94 5.00 -19.23
CA ILE E 81 43.11 3.77 -18.46
C ILE E 81 44.57 3.50 -18.10
N ASP E 82 44.82 3.39 -16.79
CA ASP E 82 46.16 3.09 -16.28
C ASP E 82 47.20 4.06 -16.84
N GLY E 83 46.80 5.32 -16.98
CA GLY E 83 47.70 6.37 -17.40
C GLY E 83 47.66 6.70 -18.88
N LYS E 84 47.14 5.77 -19.69
CA LYS E 84 47.15 5.96 -21.14
C LYS E 84 45.90 6.67 -21.63
N GLU E 85 46.08 7.68 -22.47
CA GLU E 85 44.95 8.42 -22.99
C GLU E 85 44.57 7.92 -24.38
N TYR E 86 43.60 7.02 -24.43
CA TYR E 86 43.22 6.37 -25.69
C TYR E 86 42.43 7.31 -26.58
N ASP E 87 42.21 6.89 -27.82
CA ASP E 87 41.49 7.72 -28.78
C ASP E 87 39.98 7.61 -28.57
N GLU E 88 39.27 8.66 -28.96
CA GLU E 88 37.81 8.66 -29.08
C GLU E 88 37.30 7.46 -29.88
N CYS E 89 36.41 6.65 -29.32
CA CYS E 89 35.97 5.42 -29.97
C CYS E 89 37.18 4.47 -30.21
N GLY E 90 38.11 4.50 -29.27
CA GLY E 90 39.33 3.72 -29.35
C GLY E 90 39.14 2.22 -29.48
N PHE E 91 38.15 1.69 -28.77
CA PHE E 91 37.92 0.24 -28.72
C PHE E 91 36.65 -0.21 -29.44
N CYS E 92 36.02 0.67 -30.20
CA CYS E 92 34.83 0.30 -30.96
C CYS E 92 35.14 -0.51 -32.22
N ARG E 93 34.48 -1.66 -32.36
CA ARG E 93 34.60 -2.52 -33.53
C ARG E 93 33.64 -2.16 -34.68
N ALA E 94 32.84 -1.11 -34.50
CA ALA E 94 31.71 -0.88 -35.41
C ALA E 94 32.12 -0.35 -36.79
N SER E 95 31.40 -0.81 -37.81
CA SER E 95 31.42 -0.15 -39.09
C SER E 95 30.39 0.98 -39.00
N CYS E 96 30.89 2.17 -38.65
CA CYS E 96 30.09 3.33 -38.24
C CYS E 96 30.36 4.54 -39.16
N PRO E 97 29.32 5.35 -39.41
CA PRO E 97 29.44 6.50 -40.33
C PRO E 97 30.44 7.59 -39.90
N SER E 98 30.93 7.54 -38.67
CA SER E 98 31.86 8.55 -38.14
C SER E 98 33.34 8.38 -38.59
N ARG E 99 33.67 7.25 -39.21
CA ARG E 99 35.07 6.98 -39.51
C ARG E 99 35.17 6.03 -40.68
N ASP E 100 36.41 5.79 -41.11
CA ASP E 100 36.67 4.95 -42.27
C ASP E 100 37.09 3.53 -41.92
N LEU E 101 37.46 3.30 -40.66
CA LEU E 101 37.75 1.95 -40.19
C LEU E 101 36.69 0.96 -40.62
N PHE E 102 37.11 -0.23 -41.04
CA PHE E 102 36.19 -1.32 -41.33
C PHE E 102 35.16 -0.93 -42.41
N ARG E 103 35.56 -0.02 -43.28
CA ARG E 103 34.75 0.36 -44.44
C ARG E 103 35.64 0.51 -45.68
N GLU E 104 35.16 0.04 -46.83
CA GLU E 104 35.90 0.15 -48.09
C GLU E 104 36.38 1.58 -48.34
N PRO E 105 37.69 1.74 -48.63
CA PRO E 105 38.30 3.05 -48.84
C PRO E 105 37.74 3.75 -50.08
N ASP E 106 37.30 2.98 -51.07
CA ASP E 106 36.70 3.56 -52.25
C ASP E 106 35.19 3.79 -52.04
N SER E 107 34.41 2.71 -52.02
CA SER E 107 32.95 2.84 -51.93
C SER E 107 32.46 3.30 -50.57
N GLY E 108 32.82 2.56 -49.52
CA GLY E 108 32.41 2.93 -48.17
C GLY E 108 31.57 1.85 -47.54
N LEU E 109 31.40 0.75 -48.27
CA LEU E 109 30.69 -0.42 -47.78
C LEU E 109 31.34 -0.96 -46.52
N PRO E 110 30.55 -1.50 -45.59
CA PRO E 110 31.10 -2.06 -44.36
C PRO E 110 31.99 -3.28 -44.61
N LEU E 111 32.90 -3.56 -43.68
CA LEU E 111 33.71 -4.76 -43.71
C LEU E 111 33.50 -5.58 -42.45
N LYS E 112 33.41 -6.91 -42.58
CA LYS E 112 33.29 -7.74 -41.39
C LYS E 112 34.31 -8.87 -41.36
N CYS E 113 34.85 -9.14 -40.18
CA CYS E 113 35.69 -10.30 -39.98
C CYS E 113 34.83 -11.55 -39.94
N ASP E 114 35.18 -12.55 -40.76
CA ASP E 114 34.44 -13.82 -40.76
C ASP E 114 35.31 -14.95 -40.25
N LEU E 115 36.44 -14.57 -39.63
CA LEU E 115 37.43 -15.51 -39.13
C LEU E 115 37.96 -16.40 -40.26
N CYS E 116 38.02 -15.84 -41.46
CA CYS E 116 38.50 -16.55 -42.65
C CYS E 116 37.76 -17.85 -42.87
N ASP E 117 36.45 -17.75 -42.92
CA ASP E 117 35.57 -18.89 -43.08
C ASP E 117 35.96 -19.79 -44.25
N GLY E 118 36.50 -20.97 -43.93
CA GLY E 118 36.91 -21.92 -44.95
C GLY E 118 38.40 -22.20 -44.96
N GLU E 119 39.17 -21.40 -44.23
CA GLU E 119 40.62 -21.62 -44.11
C GLU E 119 40.93 -22.46 -42.89
N PRO E 120 42.06 -23.18 -42.90
CA PRO E 120 42.43 -24.02 -41.76
C PRO E 120 42.81 -23.20 -40.52
N GLU E 121 43.00 -21.89 -40.70
CA GLU E 121 43.52 -21.04 -39.64
C GLU E 121 43.32 -19.56 -39.98
N PRO E 122 43.00 -18.74 -38.97
CA PRO E 122 42.98 -17.29 -39.19
C PRO E 122 44.35 -16.78 -39.67
N LEU E 123 44.37 -16.10 -40.81
CA LEU E 123 45.62 -15.62 -41.40
C LEU E 123 46.26 -14.51 -40.57
N CYS E 124 45.45 -13.69 -39.91
CA CYS E 124 45.98 -12.66 -39.02
C CYS E 124 46.80 -13.34 -37.92
N VAL E 125 46.24 -14.42 -37.36
CA VAL E 125 46.89 -15.20 -36.34
C VAL E 125 48.15 -15.90 -36.87
N LYS E 126 48.08 -16.38 -38.10
CA LYS E 126 49.17 -17.18 -38.66
C LYS E 126 50.42 -16.34 -38.94
N TRP E 127 50.21 -15.05 -39.18
CA TRP E 127 51.29 -14.16 -39.57
C TRP E 127 51.80 -13.33 -38.40
N CYS E 128 51.14 -13.44 -37.26
CA CYS E 128 51.61 -12.74 -36.08
C CYS E 128 52.60 -13.63 -35.32
N LEU E 129 53.86 -13.60 -35.75
CA LEU E 129 54.87 -14.54 -35.26
C LEU E 129 55.21 -14.37 -33.77
N VAL E 130 55.03 -13.18 -33.22
CA VAL E 130 55.22 -12.98 -31.78
C VAL E 130 54.06 -13.60 -30.98
N GLY E 131 52.97 -13.92 -31.65
CA GLY E 131 51.86 -14.62 -31.03
C GLY E 131 50.92 -13.80 -30.16
N ALA E 132 50.54 -12.63 -30.63
CA ALA E 132 49.67 -11.75 -29.84
C ALA E 132 48.20 -12.10 -30.08
N LEU E 133 47.95 -12.96 -31.06
CA LEU E 133 46.61 -13.26 -31.51
C LEU E 133 46.32 -14.75 -31.47
N SER E 134 45.18 -15.13 -30.93
CA SER E 134 44.72 -16.51 -31.02
C SER E 134 43.20 -16.60 -30.95
N VAL E 135 42.67 -17.73 -31.38
CA VAL E 135 41.23 -17.95 -31.33
C VAL E 135 40.89 -19.20 -30.53
N THR E 136 39.86 -19.09 -29.71
CA THR E 136 39.44 -20.19 -28.87
C THR E 136 37.92 -20.35 -28.96
N GLU E 137 37.43 -21.56 -28.68
CA GLU E 137 36.02 -21.86 -28.81
C GLU E 137 35.46 -22.48 -27.55
N ARG E 138 34.15 -22.34 -27.37
CA ARG E 138 33.45 -22.93 -26.25
C ARG E 138 31.99 -23.15 -26.60
N GLU E 139 31.36 -24.12 -25.94
CA GLU E 139 29.95 -24.38 -26.13
C GLU E 139 29.11 -23.57 -25.14
N VAL E 140 28.13 -22.84 -25.64
CA VAL E 140 27.22 -22.08 -24.79
C VAL E 140 25.79 -22.60 -24.94
N GLU E 141 24.87 -22.05 -24.14
CA GLU E 141 23.47 -22.44 -24.25
C GLU E 141 22.77 -21.65 -25.35
N GLU E 142 22.34 -22.35 -26.40
CA GLU E 142 21.63 -21.73 -27.51
C GLU E 142 20.41 -20.98 -27.01
N PRO E 143 20.13 -19.81 -27.61
CA PRO E 143 19.01 -18.94 -27.24
C PRO E 143 17.69 -19.69 -27.06
N ASP E 144 16.88 -19.28 -26.09
CA ASP E 144 15.60 -19.94 -25.81
C ASP E 144 14.42 -19.13 -26.36
N LYS E 148 9.31 -17.56 -24.76
CA LYS E 148 10.02 -16.29 -24.69
C LYS E 148 9.15 -15.14 -25.22
N ARG E 149 7.89 -15.44 -25.54
CA ARG E 149 7.00 -14.45 -26.16
C ARG E 149 6.26 -13.58 -25.14
N THR E 150 6.56 -13.76 -23.86
CA THR E 150 6.05 -12.85 -22.84
C THR E 150 6.99 -11.65 -22.74
N GLU E 151 8.21 -11.84 -23.22
CA GLU E 151 9.17 -10.74 -23.32
C GLU E 151 8.67 -9.70 -24.30
N MET E 152 8.08 -10.16 -25.40
CA MET E 152 7.55 -9.26 -26.43
C MET E 152 6.49 -8.34 -25.89
N GLU E 153 5.54 -8.91 -25.16
CA GLU E 153 4.40 -8.18 -24.63
C GLU E 153 4.79 -7.17 -23.55
N ILE E 154 5.76 -7.55 -22.72
CA ILE E 154 6.30 -6.64 -21.70
C ILE E 154 6.97 -5.40 -22.32
N GLY E 155 7.65 -5.61 -23.45
CA GLY E 155 8.33 -4.52 -24.14
C GLY E 155 7.38 -3.58 -24.87
N LEU E 156 6.31 -4.14 -25.43
CA LEU E 156 5.30 -3.35 -26.10
C LEU E 156 4.52 -2.46 -25.10
N GLU E 157 4.36 -2.93 -23.87
CA GLU E 157 3.72 -2.12 -22.83
C GLU E 157 4.66 -1.02 -22.33
N SER E 158 5.95 -1.30 -22.36
CA SER E 158 6.95 -0.31 -21.99
C SER E 158 6.96 0.85 -22.99
N LEU E 159 6.88 0.51 -24.27
CA LEU E 159 6.84 1.50 -25.34
C LEU E 159 5.57 2.34 -25.29
N ILE E 160 4.46 1.74 -24.85
CA ILE E 160 3.18 2.44 -24.73
C ILE E 160 3.22 3.48 -23.61
N SER E 161 3.84 3.13 -22.48
CA SER E 161 3.95 4.02 -21.34
C SER E 161 4.87 5.21 -21.58
N ARG E 162 5.76 5.11 -22.56
CA ARG E 162 6.77 6.14 -22.79
C ARG E 162 6.37 7.10 -23.91
N PHE E 163 5.70 6.57 -24.92
CA PHE E 163 5.43 7.32 -26.14
C PHE E 163 3.94 7.42 -26.48
N GLY E 164 3.11 6.68 -25.75
CA GLY E 164 1.66 6.79 -25.93
C GLY E 164 1.05 5.59 -26.63
N ALA E 165 -0.14 5.22 -26.19
CA ALA E 165 -0.84 4.07 -26.75
C ALA E 165 -1.20 4.28 -28.22
N ASP E 166 -1.46 5.53 -28.60
CA ASP E 166 -1.86 5.85 -29.96
C ASP E 166 -0.67 6.07 -30.90
N VAL E 167 0.49 6.39 -30.32
CA VAL E 167 1.71 6.59 -31.11
C VAL E 167 2.33 5.26 -31.57
N VAL E 168 2.43 4.30 -30.66
CA VAL E 168 2.92 2.96 -30.98
C VAL E 168 2.03 2.27 -32.03
N ALA E 169 0.73 2.45 -31.89
CA ALA E 169 -0.25 1.82 -32.78
C ALA E 169 -0.10 2.28 -34.23
N ASP E 170 -0.05 3.58 -34.45
CA ASP E 170 0.03 4.13 -35.80
C ASP E 170 1.46 4.10 -36.35
N THR E 171 2.40 3.56 -35.56
CA THR E 171 3.77 3.35 -36.01
C THR E 171 3.93 1.93 -36.54
N VAL E 172 3.27 0.99 -35.87
CA VAL E 172 3.24 -0.41 -36.30
C VAL E 172 2.72 -0.54 -37.74
N GLU E 173 1.78 0.32 -38.10
CA GLU E 173 1.35 0.42 -39.50
C GLU E 173 2.44 1.08 -40.36
N GLN E 174 3.59 0.43 -40.44
CA GLN E 174 4.74 0.90 -41.22
C GLN E 174 5.82 -0.18 -41.30
N LYS F 7 29.19 22.48 -40.75
CA LYS F 7 29.82 22.43 -39.43
C LYS F 7 28.83 22.03 -38.31
N ARG F 8 28.88 20.76 -37.91
CA ARG F 8 28.02 20.24 -36.85
C ARG F 8 28.74 20.12 -35.50
N ILE F 9 28.03 19.59 -34.50
CA ILE F 9 28.60 19.38 -33.18
C ILE F 9 28.62 17.90 -32.78
N VAL F 10 29.81 17.41 -32.41
CA VAL F 10 29.93 16.07 -31.85
C VAL F 10 30.31 16.21 -30.38
N LYS F 11 29.79 15.31 -29.57
CA LYS F 11 29.99 15.35 -28.13
C LYS F 11 30.81 14.15 -27.70
N THR F 12 31.78 14.40 -26.82
CA THR F 12 32.60 13.32 -26.29
C THR F 12 32.32 13.08 -24.80
N ILE F 13 32.22 11.82 -24.41
CA ILE F 13 32.17 11.45 -23.00
C ILE F 13 33.56 11.06 -22.48
N ASN F 14 34.12 11.89 -21.61
CA ASN F 14 35.46 11.66 -21.10
C ASN F 14 35.42 10.82 -19.85
N ILE F 15 35.86 9.58 -19.98
CA ILE F 15 35.88 8.65 -18.88
C ILE F 15 37.29 8.39 -18.33
N ASP F 16 37.61 9.04 -17.22
CA ASP F 16 38.84 8.78 -16.48
C ASP F 16 38.66 7.60 -15.51
N ALA F 17 38.86 6.38 -16.01
CA ALA F 17 38.64 5.18 -15.21
C ALA F 17 39.72 4.95 -14.16
N ASP F 18 40.73 5.81 -14.13
CA ASP F 18 41.72 5.78 -13.05
C ASP F 18 41.16 6.45 -11.80
N LYS F 19 40.15 7.30 -12.01
CA LYS F 19 39.54 8.05 -10.92
C LYS F 19 38.30 7.36 -10.37
N CYS F 20 37.78 6.38 -11.11
CA CYS F 20 36.57 5.68 -10.68
C CYS F 20 36.80 4.91 -9.40
N ASN F 21 35.81 4.93 -8.51
CA ASN F 21 35.89 4.21 -7.24
C ASN F 21 34.91 3.03 -7.20
N GLY F 22 34.15 2.87 -8.29
CA GLY F 22 33.25 1.75 -8.45
C GLY F 22 31.94 1.79 -7.66
N CYS F 23 31.53 2.99 -7.22
CA CYS F 23 30.35 3.16 -6.37
C CYS F 23 29.01 2.90 -7.08
N ARG F 24 29.00 3.07 -8.39
CA ARG F 24 27.84 2.87 -9.25
C ARG F 24 26.73 3.88 -8.99
N ALA F 25 27.10 5.06 -8.48
CA ALA F 25 26.13 6.15 -8.33
C ALA F 25 25.55 6.46 -9.69
N CYS F 26 26.41 6.38 -10.71
CA CYS F 26 26.01 6.62 -12.08
C CYS F 26 24.94 5.63 -12.54
N GLU F 27 24.95 4.42 -12.01
CA GLU F 27 23.95 3.43 -12.42
C GLU F 27 22.62 3.74 -11.74
N VAL F 28 22.70 4.18 -10.49
CA VAL F 28 21.51 4.51 -9.74
C VAL F 28 20.76 5.67 -10.39
N ILE F 29 21.43 6.81 -10.57
CA ILE F 29 20.74 8.02 -11.04
C ILE F 29 20.17 7.89 -12.47
N CYS F 30 20.94 7.30 -13.39
CA CYS F 30 20.45 7.08 -14.75
C CYS F 30 19.17 6.27 -14.81
N SER F 31 19.15 5.15 -14.10
CA SER F 31 18.00 4.25 -14.11
C SER F 31 16.81 4.90 -13.37
N ALA F 32 17.12 5.63 -12.30
CA ALA F 32 16.08 6.37 -11.59
C ALA F 32 15.37 7.33 -12.55
N PHE F 33 16.12 8.30 -13.05
CA PHE F 33 15.61 9.24 -14.04
C PHE F 33 14.84 8.64 -15.22
N HIS F 34 15.18 7.41 -15.62
CA HIS F 34 14.54 6.85 -16.81
C HIS F 34 13.37 5.96 -16.46
N ALA F 35 13.04 5.90 -15.18
CA ALA F 35 11.84 5.19 -14.76
C ALA F 35 10.59 5.92 -15.27
N MET F 36 9.46 5.22 -15.37
CA MET F 36 8.23 5.85 -15.80
C MET F 36 7.16 5.76 -14.71
N PRO F 37 6.85 6.89 -14.03
CA PRO F 37 7.40 8.24 -14.19
C PRO F 37 8.82 8.36 -13.69
N PRO F 38 9.54 9.42 -14.10
CA PRO F 38 10.90 9.65 -13.61
C PRO F 38 11.00 9.49 -12.10
N TYR F 39 12.11 8.90 -11.65
CA TYR F 39 12.45 8.74 -10.25
C TYR F 39 11.49 7.85 -9.45
N SER F 40 10.51 7.23 -10.12
CA SER F 40 9.50 6.43 -9.40
C SER F 40 10.09 5.11 -8.92
N SER F 41 11.22 4.73 -9.51
CA SER F 41 12.01 3.59 -9.06
C SER F 41 13.41 3.72 -9.63
N ASN F 42 14.29 2.79 -9.27
CA ASN F 42 15.56 2.67 -9.97
C ASN F 42 15.93 1.19 -10.08
N ASN F 43 16.83 0.90 -11.00
CA ASN F 43 17.24 -0.47 -11.29
C ASN F 43 18.54 -0.46 -12.14
N PRO F 44 19.68 -0.68 -11.49
CA PRO F 44 20.98 -0.63 -12.19
C PRO F 44 20.99 -1.42 -13.52
N ALA F 45 20.19 -2.48 -13.60
CA ALA F 45 20.11 -3.31 -14.80
C ALA F 45 19.52 -2.62 -16.02
N ARG F 46 18.92 -1.45 -15.84
CA ARG F 46 18.37 -0.74 -17.00
C ARG F 46 19.05 0.62 -17.18
N SER F 47 20.07 0.88 -16.37
CA SER F 47 20.95 2.04 -16.58
C SER F 47 21.62 2.01 -17.95
N ARG F 48 21.81 3.19 -18.52
CA ARG F 48 22.38 3.33 -19.84
C ARG F 48 23.90 3.48 -19.72
N VAL F 49 24.37 3.54 -18.47
CA VAL F 49 25.79 3.45 -18.17
C VAL F 49 26.00 2.28 -17.19
N ARG F 50 26.96 1.43 -17.49
CA ARG F 50 27.17 0.23 -16.69
C ARG F 50 28.65 0.02 -16.40
N VAL F 51 29.00 0.02 -15.12
CA VAL F 51 30.39 -0.04 -14.71
C VAL F 51 30.93 -1.46 -14.73
N VAL F 52 32.04 -1.69 -15.42
CA VAL F 52 32.74 -2.96 -15.30
C VAL F 52 33.61 -2.86 -14.04
N ARG F 53 33.42 -3.76 -13.09
CA ARG F 53 34.02 -3.61 -11.76
C ARG F 53 34.57 -4.92 -11.21
N ASP F 54 35.88 -4.97 -10.99
CA ASP F 54 36.49 -6.14 -10.35
C ASP F 54 37.64 -5.70 -9.45
N PRO F 55 37.32 -5.39 -8.18
CA PRO F 55 38.25 -4.82 -7.19
C PRO F 55 39.53 -5.62 -6.97
N LEU F 56 39.45 -6.94 -7.06
CA LEU F 56 40.63 -7.77 -6.91
C LEU F 56 41.62 -7.55 -8.05
N ARG F 57 41.10 -7.32 -9.25
CA ARG F 57 41.97 -7.06 -10.40
C ARG F 57 42.10 -5.57 -10.71
N ASP F 58 41.61 -4.74 -9.80
CA ASP F 58 41.66 -3.29 -9.95
C ASP F 58 41.08 -2.79 -11.27
N ILE F 59 40.00 -3.43 -11.74
CA ILE F 59 39.34 -2.96 -12.95
C ILE F 59 38.03 -2.22 -12.62
N TYR F 60 37.99 -0.96 -13.03
CA TYR F 60 36.81 -0.12 -12.89
C TYR F 60 36.60 0.66 -14.19
N VAL F 61 35.78 0.11 -15.09
CA VAL F 61 35.49 0.81 -16.34
C VAL F 61 33.99 1.10 -16.53
N PRO F 62 33.62 2.40 -16.54
CA PRO F 62 32.24 2.81 -16.88
C PRO F 62 31.99 2.71 -18.38
N LEU F 63 30.91 2.03 -18.77
CA LEU F 63 30.61 1.77 -20.17
C LEU F 63 29.23 2.32 -20.56
N TYR F 64 29.18 3.15 -21.61
CA TYR F 64 27.93 3.78 -22.05
C TYR F 64 27.27 3.04 -23.19
N ALA F 65 25.95 2.83 -23.08
CA ALA F 65 25.20 2.15 -24.12
C ALA F 65 25.40 2.86 -25.45
N GLY F 66 25.45 2.08 -26.53
CA GLY F 66 25.67 2.69 -27.81
C GLY F 66 24.57 2.47 -28.79
N GLU F 67 24.90 1.80 -29.88
CA GLU F 67 23.93 1.57 -30.93
CA GLU F 67 24.00 1.55 -30.99
C GLU F 67 23.48 0.12 -30.97
N TYR F 68 22.28 -0.08 -31.49
CA TYR F 68 21.66 -1.39 -31.52
C TYR F 68 22.25 -2.26 -32.62
N THR F 69 22.54 -3.50 -32.30
CA THR F 69 22.86 -4.48 -33.32
C THR F 69 21.91 -5.65 -33.14
N GLU F 70 21.36 -6.16 -34.24
CA GLU F 70 20.46 -7.30 -34.17
C GLU F 70 21.22 -8.61 -34.23
N SER F 71 22.43 -8.57 -34.77
CA SER F 71 23.25 -9.76 -34.86
C SER F 71 24.48 -9.67 -33.97
N GLU F 72 24.97 -10.83 -33.56
CA GLU F 72 26.25 -10.93 -32.88
C GLU F 72 27.38 -10.88 -33.89
N CYS F 73 28.59 -10.60 -33.43
CA CYS F 73 29.77 -10.71 -34.28
C CYS F 73 30.13 -12.18 -34.47
N ILE F 74 30.81 -12.50 -35.57
CA ILE F 74 31.24 -13.85 -35.88
C ILE F 74 32.29 -14.34 -34.87
N GLY F 75 33.13 -13.41 -34.41
CA GLY F 75 34.06 -13.72 -33.35
C GLY F 75 34.06 -12.61 -32.33
N ARG F 76 34.14 -12.97 -31.06
CA ARG F 76 34.17 -12.00 -29.97
C ARG F 76 35.60 -11.74 -29.52
N ASP F 77 35.84 -10.61 -28.87
CA ASP F 77 37.21 -10.22 -28.53
C ASP F 77 37.46 -10.06 -27.03
N LYS F 78 38.67 -10.43 -26.61
CA LYS F 78 39.06 -10.39 -25.22
C LYS F 78 40.48 -9.83 -25.11
N PHE F 79 40.64 -8.75 -24.35
CA PHE F 79 41.90 -8.00 -24.29
C PHE F 79 42.71 -8.19 -23.02
N ILE F 80 44.00 -8.44 -23.17
CA ILE F 80 44.95 -8.24 -22.09
C ILE F 80 45.72 -6.96 -22.35
N ILE F 81 45.46 -5.93 -21.56
CA ILE F 81 46.13 -4.65 -21.77
C ILE F 81 46.80 -4.17 -20.49
N ASP F 82 48.10 -3.86 -20.60
CA ASP F 82 48.90 -3.40 -19.47
C ASP F 82 48.75 -4.28 -18.22
N GLY F 83 48.83 -5.60 -18.41
CA GLY F 83 48.74 -6.54 -17.31
C GLY F 83 47.34 -6.83 -16.76
N LYS F 84 46.31 -6.34 -17.42
CA LYS F 84 44.96 -6.60 -16.96
C LYS F 84 44.20 -7.43 -17.98
N GLU F 85 43.51 -8.46 -17.49
CA GLU F 85 42.71 -9.33 -18.33
C GLU F 85 41.24 -8.92 -18.28
N TYR F 86 40.83 -8.13 -19.26
CA TYR F 86 39.46 -7.65 -19.35
C TYR F 86 38.53 -8.75 -19.87
N ASP F 87 37.22 -8.50 -19.83
CA ASP F 87 36.23 -9.48 -20.28
C ASP F 87 36.05 -9.50 -21.78
N GLU F 88 35.66 -10.66 -22.30
CA GLU F 88 35.03 -10.80 -23.62
C GLU F 88 34.05 -9.65 -23.86
N CYS F 89 34.14 -8.99 -25.03
CA CYS F 89 33.39 -7.79 -25.37
C CYS F 89 33.41 -6.68 -24.31
N GLY F 90 34.37 -6.75 -23.40
CA GLY F 90 34.42 -5.83 -22.27
C GLY F 90 34.53 -4.34 -22.55
N PHE F 91 34.62 -3.95 -23.81
CA PHE F 91 34.64 -2.53 -24.17
C PHE F 91 33.53 -2.18 -25.16
N CYS F 92 32.76 -3.18 -25.55
CA CYS F 92 31.78 -2.97 -26.59
C CYS F 92 30.52 -2.24 -26.07
N ARG F 93 30.14 -1.14 -26.72
CA ARG F 93 28.99 -0.35 -26.29
C ARG F 93 27.67 -0.88 -26.86
N ALA F 94 27.77 -1.88 -27.71
CA ALA F 94 26.63 -2.34 -28.50
C ALA F 94 25.51 -2.87 -27.64
N SER F 95 24.28 -2.59 -28.05
CA SER F 95 23.11 -3.23 -27.46
C SER F 95 22.90 -4.51 -28.25
N CYS F 96 23.36 -5.62 -27.67
CA CYS F 96 23.64 -6.81 -28.45
C CYS F 96 22.94 -7.99 -27.82
N PRO F 97 22.49 -8.94 -28.66
CA PRO F 97 21.79 -10.14 -28.21
C PRO F 97 22.71 -11.16 -27.57
N SER F 98 23.94 -10.80 -27.28
CA SER F 98 24.86 -11.76 -26.71
C SER F 98 25.00 -11.58 -25.19
N ARG F 99 24.45 -10.50 -24.67
CA ARG F 99 24.52 -10.28 -23.24
C ARG F 99 23.40 -9.38 -22.77
N ASP F 100 23.36 -9.14 -21.46
CA ASP F 100 22.24 -8.43 -20.87
C ASP F 100 22.51 -6.94 -20.73
N LEU F 101 23.78 -6.53 -20.87
CA LEU F 101 24.12 -5.11 -20.81
C LEU F 101 23.31 -4.33 -21.83
N PHE F 102 22.83 -3.16 -21.43
CA PHE F 102 22.19 -2.23 -22.36
C PHE F 102 20.96 -2.84 -23.01
N ARG F 103 20.33 -3.79 -22.32
CA ARG F 103 19.06 -4.36 -22.71
C ARG F 103 18.13 -4.48 -21.50
N GLU F 104 16.85 -4.18 -21.68
CA GLU F 104 15.90 -4.26 -20.57
C GLU F 104 15.83 -5.70 -20.08
N PRO F 105 15.94 -5.88 -18.76
CA PRO F 105 16.05 -7.23 -18.18
C PRO F 105 14.76 -8.03 -18.27
N ASP F 106 13.61 -7.39 -18.49
CA ASP F 106 12.34 -8.09 -18.60
C ASP F 106 11.86 -8.29 -20.05
N SER F 107 12.30 -7.44 -20.96
CA SER F 107 11.82 -7.46 -22.33
C SER F 107 12.94 -7.70 -23.35
N GLY F 108 14.11 -7.14 -23.08
CA GLY F 108 15.23 -7.28 -24.01
C GLY F 108 15.35 -6.08 -24.93
N LEU F 109 14.50 -5.10 -24.72
CA LEU F 109 14.51 -3.88 -25.52
C LEU F 109 15.85 -3.17 -25.42
N PRO F 110 16.30 -2.60 -26.53
CA PRO F 110 17.54 -1.81 -26.62
C PRO F 110 17.52 -0.60 -25.70
N LEU F 111 18.63 -0.38 -24.99
CA LEU F 111 18.83 0.87 -24.27
C LEU F 111 19.83 1.70 -25.04
N LYS F 112 19.80 3.00 -24.83
CA LYS F 112 20.64 3.90 -25.59
C LYS F 112 20.84 5.17 -24.80
N CYS F 113 22.09 5.61 -24.71
CA CYS F 113 22.37 6.86 -24.01
C CYS F 113 22.08 8.05 -24.91
N ASP F 114 21.42 9.08 -24.38
CA ASP F 114 21.13 10.27 -25.17
C ASP F 114 21.63 11.52 -24.48
N LEU F 115 22.55 11.35 -23.54
CA LEU F 115 23.13 12.47 -22.81
C LEU F 115 22.03 13.25 -22.11
N CYS F 116 21.10 12.53 -21.50
CA CYS F 116 19.96 13.12 -20.79
C CYS F 116 19.38 14.27 -21.59
N ASP F 117 19.04 13.98 -22.84
CA ASP F 117 18.50 14.98 -23.74
C ASP F 117 17.36 15.76 -23.09
N GLY F 118 17.41 17.08 -23.21
CA GLY F 118 16.38 17.95 -22.67
C GLY F 118 16.63 18.40 -21.24
N GLU F 119 17.56 17.76 -20.56
CA GLU F 119 17.87 18.12 -19.19
C GLU F 119 19.00 19.13 -19.15
N PRO F 120 19.16 19.83 -18.01
CA PRO F 120 20.28 20.76 -17.85
C PRO F 120 21.62 20.11 -18.15
N GLU F 121 21.89 18.97 -17.51
CA GLU F 121 23.17 18.29 -17.62
C GLU F 121 23.01 16.78 -17.41
N PRO F 122 23.92 15.98 -18.00
CA PRO F 122 23.89 14.54 -17.77
C PRO F 122 23.99 14.21 -16.30
N LEU F 123 23.15 13.29 -15.84
CA LEU F 123 22.95 13.07 -14.41
C LEU F 123 24.05 12.20 -13.84
N CYS F 124 24.50 11.23 -14.64
CA CYS F 124 25.64 10.44 -14.25
C CYS F 124 26.83 11.36 -13.95
N VAL F 125 27.10 12.33 -14.83
CA VAL F 125 28.19 13.27 -14.58
C VAL F 125 27.92 14.09 -13.32
N LYS F 126 26.68 14.54 -13.17
CA LYS F 126 26.25 15.31 -12.01
C LYS F 126 26.46 14.53 -10.72
N TRP F 127 26.14 13.25 -10.74
CA TRP F 127 26.27 12.46 -9.51
C TRP F 127 27.66 11.88 -9.28
N CYS F 128 28.52 11.85 -10.30
CA CYS F 128 29.86 11.33 -10.05
C CYS F 128 30.70 12.38 -9.33
N LEU F 129 30.62 12.37 -8.00
CA LEU F 129 31.20 13.45 -7.21
C LEU F 129 32.72 13.51 -7.29
N VAL F 130 33.39 12.36 -7.42
CA VAL F 130 34.84 12.37 -7.54
C VAL F 130 35.29 12.90 -8.90
N GLY F 131 34.35 13.11 -9.80
CA GLY F 131 34.66 13.70 -11.10
C GLY F 131 35.45 12.79 -12.04
N ALA F 132 35.04 11.53 -12.13
CA ALA F 132 35.59 10.59 -13.09
C ALA F 132 34.99 10.82 -14.48
N LEU F 133 33.76 11.36 -14.54
CA LEU F 133 33.07 11.53 -15.81
C LEU F 133 32.91 12.99 -16.20
N SER F 134 32.86 13.25 -17.50
CA SER F 134 32.59 14.59 -18.02
C SER F 134 32.17 14.51 -19.47
N VAL F 135 31.53 15.56 -19.96
CA VAL F 135 31.20 15.61 -21.37
C VAL F 135 31.57 16.98 -21.95
N THR F 136 32.27 16.94 -23.07
CA THR F 136 32.72 18.15 -23.79
C THR F 136 32.24 18.06 -25.22
N GLU F 137 32.21 19.21 -25.89
CA GLU F 137 31.78 19.21 -27.29
C GLU F 137 32.74 19.99 -28.18
N ARG F 138 32.69 19.70 -29.48
CA ARG F 138 33.52 20.40 -30.44
C ARG F 138 32.77 20.46 -31.76
N GLU F 139 33.23 21.33 -32.66
CA GLU F 139 32.61 21.45 -33.99
C GLU F 139 33.49 20.77 -35.04
N VAL F 140 32.82 20.19 -36.04
CA VAL F 140 33.52 19.47 -37.11
C VAL F 140 32.96 19.85 -38.48
N GLU F 141 33.82 19.87 -39.49
CA GLU F 141 33.39 20.21 -40.84
C GLU F 141 32.64 19.05 -41.47
N GLU F 142 33.04 17.83 -41.08
CA GLU F 142 32.51 16.59 -41.65
C GLU F 142 30.99 16.53 -41.57
N PRO F 143 30.35 16.22 -42.70
CA PRO F 143 28.89 16.04 -42.77
C PRO F 143 28.41 14.92 -41.84
N ASP F 144 27.20 15.05 -41.29
CA ASP F 144 26.61 14.00 -40.47
C ASP F 144 25.79 13.05 -41.34
N GLU F 145 26.28 11.84 -41.52
CA GLU F 145 25.64 10.88 -42.42
C GLU F 145 24.78 9.84 -41.69
N SER F 146 24.46 10.11 -40.43
CA SER F 146 23.66 9.18 -39.63
C SER F 146 22.23 9.07 -40.14
N VAL F 147 21.72 7.84 -40.20
CA VAL F 147 20.31 7.61 -40.42
C VAL F 147 19.60 7.80 -39.08
N LYS F 148 19.17 9.03 -38.80
CA LYS F 148 18.59 9.34 -37.51
C LYS F 148 17.24 8.66 -37.33
N ARG F 149 17.22 7.66 -36.46
CA ARG F 149 16.02 6.87 -36.23
C ARG F 149 15.53 7.10 -34.79
N THR F 150 14.20 7.20 -34.62
CA THR F 150 13.62 7.48 -33.30
C THR F 150 13.74 6.25 -32.40
N GLU F 151 13.84 6.50 -31.10
CA GLU F 151 14.01 5.44 -30.11
C GLU F 151 12.83 4.46 -30.13
N MET F 152 11.64 4.98 -30.42
CA MET F 152 10.45 4.14 -30.51
C MET F 152 10.55 3.24 -31.72
N GLU F 153 11.10 3.78 -32.81
CA GLU F 153 11.23 3.05 -34.06
C GLU F 153 12.32 1.98 -34.00
N ILE F 154 13.40 2.26 -33.27
CA ILE F 154 14.45 1.27 -33.07
C ILE F 154 13.91 0.15 -32.19
N GLY F 155 13.21 0.54 -31.12
CA GLY F 155 12.55 -0.40 -30.25
C GLY F 155 11.52 -1.29 -30.93
N LEU F 156 10.61 -0.70 -31.69
CA LEU F 156 9.58 -1.45 -32.39
C LEU F 156 10.20 -2.43 -33.40
N GLU F 157 11.22 -1.96 -34.12
CA GLU F 157 11.87 -2.79 -35.14
C GLU F 157 12.67 -3.93 -34.52
N SER F 158 13.31 -3.69 -33.38
CA SER F 158 14.01 -4.76 -32.68
C SER F 158 13.03 -5.88 -32.27
N LEU F 159 11.82 -5.51 -31.87
CA LEU F 159 10.79 -6.49 -31.54
C LEU F 159 10.26 -7.20 -32.79
N ILE F 160 10.06 -6.45 -33.87
CA ILE F 160 9.57 -7.01 -35.13
C ILE F 160 10.60 -7.98 -35.70
N SER F 161 11.88 -7.69 -35.47
CA SER F 161 12.97 -8.54 -35.89
C SER F 161 13.03 -9.84 -35.07
N ARG F 162 12.58 -9.76 -33.82
CA ARG F 162 12.64 -10.90 -32.91
C ARG F 162 11.40 -11.79 -32.98
N PHE F 163 10.23 -11.18 -33.19
CA PHE F 163 8.97 -11.89 -33.02
C PHE F 163 8.08 -11.90 -34.27
N GLY F 164 8.43 -11.12 -35.29
CA GLY F 164 7.69 -11.11 -36.54
C GLY F 164 6.70 -9.97 -36.64
N ALA F 165 6.58 -9.40 -37.84
CA ALA F 165 5.74 -8.22 -38.05
C ALA F 165 4.28 -8.46 -37.66
N ASP F 166 3.73 -9.61 -38.07
CA ASP F 166 2.32 -9.92 -37.82
C ASP F 166 2.02 -10.16 -36.34
N VAL F 167 2.88 -10.92 -35.66
CA VAL F 167 2.73 -11.19 -34.23
C VAL F 167 2.75 -9.92 -33.39
N VAL F 168 3.64 -8.98 -33.74
CA VAL F 168 3.75 -7.72 -33.02
C VAL F 168 2.57 -6.80 -33.33
N ALA F 169 2.15 -6.76 -34.59
CA ALA F 169 1.02 -5.92 -35.01
C ALA F 169 -0.27 -6.33 -34.32
N ASP F 170 -0.47 -7.63 -34.21
CA ASP F 170 -1.68 -8.18 -33.60
C ASP F 170 -1.73 -7.93 -32.10
N THR F 171 -0.61 -8.14 -31.44
CA THR F 171 -0.50 -7.86 -30.02
C THR F 171 -0.81 -6.39 -29.71
N VAL F 172 -0.27 -5.49 -30.53
CA VAL F 172 -0.51 -4.06 -30.39
C VAL F 172 -2.01 -3.72 -30.51
N GLU F 173 -2.71 -4.43 -31.38
CA GLU F 173 -4.15 -4.24 -31.54
C GLU F 173 -4.90 -4.66 -30.26
N GLN F 174 -4.47 -5.76 -29.67
CA GLN F 174 -5.10 -6.28 -28.46
C GLN F 174 -4.60 -5.59 -27.18
N LEU F 175 -3.96 -4.43 -27.35
CA LEU F 175 -3.43 -3.68 -26.21
C LEU F 175 -3.83 -2.21 -26.29
N THR F 176 -4.51 -1.84 -27.38
CA THR F 176 -4.88 -0.44 -27.61
C THR F 176 -6.30 -0.30 -28.13
N LYS G 7 -41.38 35.21 9.56
CA LYS G 7 -41.46 33.76 9.34
C LYS G 7 -40.08 33.14 9.12
N ARG G 8 -40.00 31.81 9.19
CA ARG G 8 -38.77 31.08 8.91
C ARG G 8 -39.04 29.62 8.57
N ILE G 9 -38.05 28.95 7.98
CA ILE G 9 -38.20 27.58 7.53
C ILE G 9 -37.76 26.53 8.55
N VAL G 10 -38.61 25.53 8.77
CA VAL G 10 -38.31 24.42 9.66
C VAL G 10 -38.35 23.11 8.88
N LYS G 11 -37.33 22.27 9.05
CA LYS G 11 -37.23 21.04 8.28
C LYS G 11 -37.51 19.83 9.16
N THR G 12 -38.13 18.81 8.55
CA THR G 12 -38.59 17.67 9.30
C THR G 12 -38.22 16.35 8.65
N ILE G 13 -37.60 15.46 9.41
CA ILE G 13 -37.28 14.13 8.91
C ILE G 13 -38.46 13.18 9.21
N ASN G 14 -39.07 12.68 8.15
CA ASN G 14 -40.24 11.84 8.29
C ASN G 14 -39.86 10.38 8.21
N ILE G 15 -39.98 9.68 9.34
CA ILE G 15 -39.49 8.34 9.41
C ILE G 15 -40.62 7.31 9.57
N ASP G 16 -41.00 6.67 8.47
CA ASP G 16 -41.93 5.56 8.56
C ASP G 16 -41.21 4.30 8.99
N ALA G 17 -41.20 4.03 10.30
CA ALA G 17 -40.50 2.88 10.84
C ALA G 17 -41.19 1.58 10.48
N ASP G 18 -42.42 1.66 10.00
CA ASP G 18 -43.11 0.46 9.53
C ASP G 18 -42.55 -0.01 8.18
N LYS G 19 -41.86 0.88 7.47
CA LYS G 19 -41.30 0.52 6.16
C LYS G 19 -39.81 0.07 6.19
N CYS G 20 -39.16 0.24 7.34
CA CYS G 20 -37.75 -0.06 7.48
C CYS G 20 -37.50 -1.55 7.40
N ASN G 21 -36.61 -1.95 6.49
CA ASN G 21 -36.22 -3.35 6.33
C ASN G 21 -34.97 -3.67 7.14
N GLY G 22 -34.47 -2.68 7.88
CA GLY G 22 -33.28 -2.81 8.70
C GLY G 22 -31.95 -3.05 7.96
N CYS G 23 -31.81 -2.58 6.72
CA CYS G 23 -30.61 -2.87 5.94
C CYS G 23 -29.37 -2.09 6.40
N ARG G 24 -29.60 -0.92 7.01
CA ARG G 24 -28.55 0.01 7.46
C ARG G 24 -27.81 0.68 6.29
N ALA G 25 -28.46 0.79 5.14
CA ALA G 25 -27.80 1.45 4.01
C ALA G 25 -27.69 2.94 4.32
N CYS G 26 -28.66 3.44 5.11
CA CYS G 26 -28.56 4.80 5.61
C CYS G 26 -27.22 5.01 6.35
N GLU G 27 -26.84 4.02 7.17
CA GLU G 27 -25.63 4.12 7.96
C GLU G 27 -24.38 4.11 7.08
N VAL G 28 -24.41 3.30 6.01
CA VAL G 28 -23.28 3.19 5.09
C VAL G 28 -22.98 4.49 4.36
N ILE G 29 -24.01 5.10 3.75
CA ILE G 29 -23.79 6.23 2.86
C ILE G 29 -23.45 7.50 3.65
N CYS G 30 -24.10 7.68 4.80
CA CYS G 30 -23.80 8.83 5.67
C CYS G 30 -22.35 8.82 6.14
N SER G 31 -21.89 7.70 6.67
CA SER G 31 -20.50 7.62 7.16
C SER G 31 -19.48 7.73 6.02
N ALA G 32 -19.82 7.23 4.83
CA ALA G 32 -18.92 7.29 3.68
C ALA G 32 -18.72 8.73 3.22
N PHE G 33 -19.83 9.46 3.17
CA PHE G 33 -19.82 10.86 2.77
C PHE G 33 -19.04 11.72 3.75
N HIS G 34 -19.04 11.33 5.01
CA HIS G 34 -18.37 12.14 6.04
C HIS G 34 -16.92 11.71 6.27
N ALA G 35 -16.47 10.72 5.52
CA ALA G 35 -15.08 10.34 5.53
C ALA G 35 -14.23 11.47 4.94
N MET G 36 -12.95 11.51 5.29
CA MET G 36 -12.04 12.54 4.74
C MET G 36 -10.92 11.92 3.91
N PRO G 37 -10.98 12.10 2.59
CA PRO G 37 -12.02 12.78 1.80
C PRO G 37 -13.33 12.00 1.70
N PRO G 38 -14.38 12.65 1.21
CA PRO G 38 -15.66 11.96 0.94
C PRO G 38 -15.51 10.64 0.18
N TYR G 39 -16.17 9.62 0.71
CA TYR G 39 -16.29 8.29 0.12
C TYR G 39 -15.00 7.45 0.18
N SER G 40 -13.95 7.96 0.84
CA SER G 40 -12.68 7.23 0.90
C SER G 40 -12.74 6.03 1.87
N SER G 41 -13.65 6.09 2.84
CA SER G 41 -13.96 4.91 3.64
C SER G 41 -15.34 5.04 4.24
N ASN G 42 -15.77 4.01 4.95
CA ASN G 42 -17.07 4.03 5.60
C ASN G 42 -17.05 3.20 6.86
N ASN G 43 -17.94 3.57 7.79
CA ASN G 43 -17.93 3.02 9.13
C ASN G 43 -19.22 3.39 9.88
N PRO G 44 -20.17 2.46 9.96
CA PRO G 44 -21.50 2.78 10.51
C PRO G 44 -21.44 3.46 11.89
N ALA G 45 -20.37 3.23 12.64
CA ALA G 45 -20.26 3.83 13.97
C ALA G 45 -20.02 5.35 13.91
N ARG G 46 -19.74 5.90 12.73
CA ARG G 46 -19.61 7.36 12.61
C ARG G 46 -20.85 7.96 11.94
N SER G 47 -21.81 7.10 11.57
CA SER G 47 -23.01 7.58 10.90
C SER G 47 -23.84 8.45 11.82
N ARG G 48 -24.40 9.53 11.27
CA ARG G 48 -25.16 10.48 12.06
C ARG G 48 -26.61 10.01 12.11
N VAL G 49 -26.91 8.96 11.34
CA VAL G 49 -28.14 8.22 11.54
C VAL G 49 -27.80 6.78 11.91
N ARG G 50 -28.45 6.29 12.97
CA ARG G 50 -28.21 4.96 13.50
C ARG G 50 -29.53 4.20 13.66
N VAL G 51 -29.60 2.99 13.12
CA VAL G 51 -30.84 2.22 13.24
C VAL G 51 -30.85 1.42 14.54
N VAL G 52 -31.89 1.62 15.35
CA VAL G 52 -32.15 0.74 16.49
C VAL G 52 -32.78 -0.51 15.91
N ARG G 53 -32.11 -1.64 16.03
CA ARG G 53 -32.50 -2.83 15.28
C ARG G 53 -32.64 -4.02 16.22
N ASP G 54 -33.72 -4.77 16.07
CA ASP G 54 -33.92 -6.00 16.84
C ASP G 54 -35.01 -6.82 16.18
N PRO G 55 -34.62 -7.70 15.25
CA PRO G 55 -35.53 -8.51 14.45
C PRO G 55 -36.47 -9.38 15.30
N LEU G 56 -35.96 -9.97 16.37
CA LEU G 56 -36.77 -10.88 17.17
C LEU G 56 -37.91 -10.15 17.85
N ARG G 57 -37.81 -8.85 17.95
CA ARG G 57 -38.83 -8.04 18.59
C ARG G 57 -39.52 -7.12 17.59
N ASP G 58 -39.19 -7.27 16.31
CA ASP G 58 -39.75 -6.43 15.26
C ASP G 58 -39.52 -4.95 15.53
N ILE G 59 -38.38 -4.62 16.10
CA ILE G 59 -38.01 -3.22 16.28
C ILE G 59 -36.96 -2.75 15.24
N TYR G 60 -37.34 -1.76 14.43
CA TYR G 60 -36.43 -1.15 13.45
C TYR G 60 -36.64 0.35 13.43
N VAL G 61 -35.81 1.09 14.18
CA VAL G 61 -36.06 2.53 14.36
C VAL G 61 -34.86 3.41 13.99
N PRO G 62 -34.90 4.01 12.80
CA PRO G 62 -33.87 4.97 12.39
C PRO G 62 -33.86 6.19 13.30
N LEU G 63 -32.67 6.58 13.75
CA LEU G 63 -32.52 7.58 14.81
C LEU G 63 -31.42 8.59 14.45
N TYR G 64 -31.81 9.83 14.15
CA TYR G 64 -30.87 10.87 13.72
C TYR G 64 -30.17 11.60 14.87
N ALA G 65 -28.87 11.84 14.71
CA ALA G 65 -28.09 12.57 15.69
C ALA G 65 -28.70 13.94 15.94
N GLY G 66 -28.77 14.33 17.21
CA GLY G 66 -29.32 15.63 17.56
C GLY G 66 -28.33 16.62 18.13
N GLU G 67 -28.67 17.15 19.28
CA GLU G 67 -27.85 18.16 19.92
CA GLU G 67 -27.88 18.17 19.95
C GLU G 67 -26.95 17.56 20.99
N TYR G 68 -25.96 18.32 21.38
CA TYR G 68 -24.93 17.86 22.30
C TYR G 68 -25.26 18.19 23.73
N THR G 69 -24.98 17.26 24.62
CA THR G 69 -25.10 17.53 26.04
C THR G 69 -23.87 16.96 26.75
N GLU G 70 -23.25 17.76 27.61
CA GLU G 70 -22.00 17.33 28.24
C GLU G 70 -22.23 16.45 29.48
N SER G 71 -23.49 16.22 29.83
CA SER G 71 -23.83 15.38 30.97
C SER G 71 -25.05 14.50 30.71
N GLU G 72 -25.12 13.37 31.41
CA GLU G 72 -26.27 12.48 31.37
C GLU G 72 -27.44 13.11 32.10
N CYS G 73 -28.63 12.54 31.90
CA CYS G 73 -29.79 12.91 32.71
C CYS G 73 -29.72 12.25 34.07
N ILE G 74 -30.32 12.89 35.07
CA ILE G 74 -30.37 12.33 36.42
C ILE G 74 -31.04 10.94 36.45
N GLY G 75 -32.02 10.74 35.58
CA GLY G 75 -32.64 9.43 35.42
C GLY G 75 -32.95 9.12 33.96
N ARG G 76 -32.71 7.88 33.55
CA ARG G 76 -32.92 7.48 32.16
C ARG G 76 -34.29 6.83 31.96
N ASP G 77 -34.94 7.13 30.85
CA ASP G 77 -36.25 6.58 30.56
C ASP G 77 -36.15 5.34 29.67
N LYS G 78 -37.18 4.49 29.76
CA LYS G 78 -37.21 3.23 29.02
C LYS G 78 -38.67 2.85 28.77
N PHE G 79 -39.10 2.95 27.52
CA PHE G 79 -40.51 2.76 27.17
C PHE G 79 -40.88 1.33 26.86
N ILE G 80 -42.11 0.97 27.24
CA ILE G 80 -42.83 -0.08 26.57
C ILE G 80 -43.97 0.60 25.83
N ILE G 81 -44.02 0.45 24.51
CA ILE G 81 -45.12 1.01 23.74
C ILE G 81 -45.68 -0.02 22.76
N ASP G 82 -47.00 -0.21 22.84
CA ASP G 82 -47.74 -1.18 22.04
C ASP G 82 -47.13 -2.58 22.12
N GLY G 83 -46.81 -3.02 23.34
CA GLY G 83 -46.29 -4.36 23.56
C GLY G 83 -44.83 -4.55 23.21
N LYS G 84 -44.21 -3.51 22.69
CA LYS G 84 -42.80 -3.57 22.37
C LYS G 84 -42.01 -2.92 23.48
N GLU G 85 -41.03 -3.66 24.01
CA GLU G 85 -40.10 -3.13 25.00
C GLU G 85 -38.86 -2.53 24.33
N TYR G 86 -38.77 -1.20 24.35
CA TYR G 86 -37.66 -0.49 23.74
C TYR G 86 -36.46 -0.34 24.66
N ASP G 87 -35.32 0.04 24.10
CA ASP G 87 -34.08 0.16 24.83
C ASP G 87 -34.06 1.39 25.72
N GLU G 88 -33.23 1.35 26.74
CA GLU G 88 -32.95 2.54 27.55
C GLU G 88 -32.53 3.69 26.63
N CYS G 89 -33.17 4.85 26.81
CA CYS G 89 -32.92 6.02 25.97
C CYS G 89 -33.14 5.79 24.46
N GLY G 90 -33.88 4.76 24.11
CA GLY G 90 -34.00 4.33 22.72
C GLY G 90 -34.51 5.32 21.70
N PHE G 91 -34.95 6.49 22.14
CA PHE G 91 -35.47 7.48 21.21
C PHE G 91 -34.69 8.80 21.32
N CYS G 92 -33.77 8.90 22.26
CA CYS G 92 -33.04 10.15 22.47
C CYS G 92 -32.06 10.39 21.30
N ARG G 93 -32.01 11.63 20.81
CA ARG G 93 -31.13 11.97 19.70
C ARG G 93 -29.82 12.59 20.19
N ALA G 94 -29.76 12.89 21.48
CA ALA G 94 -28.62 13.61 22.04
C ALA G 94 -27.30 12.90 21.76
N SER G 95 -26.26 13.69 21.64
CA SER G 95 -24.91 13.18 21.67
C SER G 95 -24.51 13.17 23.13
N CYS G 96 -24.49 12.00 23.74
CA CYS G 96 -24.44 11.92 25.20
C CYS G 96 -23.31 11.01 25.68
N PRO G 97 -22.63 11.40 26.77
CA PRO G 97 -21.57 10.57 27.36
C PRO G 97 -22.06 9.24 27.93
N SER G 98 -23.35 8.96 27.80
CA SER G 98 -23.92 7.74 28.37
C SER G 98 -23.78 6.55 27.43
N ARG G 99 -23.60 6.81 26.14
CA ARG G 99 -23.53 5.73 25.15
C ARG G 99 -22.64 6.07 23.94
N ASP G 100 -22.46 5.10 23.05
CA ASP G 100 -21.60 5.27 21.89
C ASP G 100 -22.26 6.07 20.78
N LEU G 101 -23.58 5.91 20.63
CA LEU G 101 -24.32 6.50 19.53
C LEU G 101 -24.02 7.98 19.36
N PHE G 102 -23.76 8.38 18.12
CA PHE G 102 -23.61 9.79 17.76
C PHE G 102 -22.38 10.42 18.42
N ARG G 103 -21.43 9.57 18.79
CA ARG G 103 -20.11 10.05 19.19
CA ARG G 103 -20.10 10.03 19.21
C ARG G 103 -19.05 9.20 18.49
N GLU G 104 -18.01 9.86 17.99
CA GLU G 104 -16.91 9.19 17.28
C GLU G 104 -16.33 8.05 18.11
N PRO G 105 -16.27 6.85 17.53
CA PRO G 105 -15.88 5.62 18.25
C PRO G 105 -14.39 5.55 18.60
N ASP G 106 -13.59 6.50 18.11
CA ASP G 106 -12.16 6.48 18.41
C ASP G 106 -11.68 7.72 19.18
N SER G 107 -12.61 8.61 19.54
CA SER G 107 -12.24 9.87 20.17
C SER G 107 -13.37 10.44 21.04
N GLY G 108 -14.60 10.09 20.72
CA GLY G 108 -15.73 10.51 21.52
C GLY G 108 -16.30 11.86 21.13
N LEU G 109 -15.76 12.46 20.07
CA LEU G 109 -16.29 13.73 19.59
C LEU G 109 -17.76 13.63 19.18
N PRO G 110 -18.55 14.66 19.50
CA PRO G 110 -19.97 14.66 19.15
C PRO G 110 -20.18 14.65 17.64
N LEU G 111 -21.27 14.00 17.21
CA LEU G 111 -21.69 14.00 15.83
C LEU G 111 -23.07 14.63 15.75
N LYS G 112 -23.42 15.12 14.57
CA LYS G 112 -24.65 15.89 14.40
C LYS G 112 -25.08 15.89 12.95
N CYS G 113 -26.30 15.45 12.68
CA CYS G 113 -26.87 15.52 11.35
C CYS G 113 -26.99 16.98 10.91
N ASP G 114 -26.74 17.27 9.63
CA ASP G 114 -26.95 18.62 9.13
C ASP G 114 -27.68 18.59 7.79
N LEU G 115 -28.43 17.51 7.57
CA LEU G 115 -29.20 17.32 6.34
C LEU G 115 -28.29 17.46 5.11
N CYS G 116 -27.10 16.85 5.20
CA CYS G 116 -26.13 16.87 4.11
C CYS G 116 -25.95 18.27 3.53
N ASP G 117 -25.59 19.22 4.38
CA ASP G 117 -25.46 20.60 3.93
C ASP G 117 -24.42 20.71 2.81
N GLY G 118 -24.76 21.45 1.76
CA GLY G 118 -23.90 21.58 0.61
C GLY G 118 -24.25 20.56 -0.47
N GLU G 119 -24.94 19.49 -0.09
CA GLU G 119 -25.39 18.47 -1.04
C GLU G 119 -26.78 18.81 -1.60
N PRO G 120 -27.05 18.37 -2.84
CA PRO G 120 -28.37 18.51 -3.46
C PRO G 120 -29.49 17.88 -2.63
N GLU G 121 -29.19 16.84 -1.85
CA GLU G 121 -30.20 16.17 -1.02
C GLU G 121 -29.60 15.30 0.08
N PRO G 122 -30.35 15.05 1.16
CA PRO G 122 -29.87 14.12 2.20
C PRO G 122 -29.57 12.74 1.59
N LEU G 123 -28.38 12.23 1.85
CA LEU G 123 -27.91 11.00 1.19
C LEU G 123 -28.58 9.73 1.72
N CYS G 124 -28.89 9.71 3.02
CA CYS G 124 -29.60 8.58 3.60
C CYS G 124 -30.95 8.38 2.93
N VAL G 125 -31.71 9.47 2.84
CA VAL G 125 -33.00 9.49 2.15
C VAL G 125 -32.83 8.99 0.72
N LYS G 126 -31.78 9.46 0.05
CA LYS G 126 -31.49 9.09 -1.34
C LYS G 126 -31.25 7.58 -1.46
N TRP G 127 -30.60 7.00 -0.47
CA TRP G 127 -30.18 5.59 -0.52
C TRP G 127 -31.18 4.61 0.09
N CYS G 128 -32.24 5.13 0.73
CA CYS G 128 -33.32 4.29 1.22
C CYS G 128 -34.32 3.99 0.10
N LEU G 129 -34.01 3.01 -0.74
CA LEU G 129 -34.88 2.73 -1.88
C LEU G 129 -36.32 2.32 -1.51
N VAL G 130 -36.56 1.84 -0.29
CA VAL G 130 -37.93 1.42 0.02
C VAL G 130 -38.75 2.60 0.52
N GLY G 131 -38.14 3.78 0.56
CA GLY G 131 -38.81 4.99 0.96
C GLY G 131 -39.28 5.04 2.41
N ALA G 132 -38.43 4.60 3.33
CA ALA G 132 -38.74 4.70 4.76
C ALA G 132 -38.54 6.15 5.21
N LEU G 133 -37.74 6.89 4.45
CA LEU G 133 -37.30 8.22 4.85
C LEU G 133 -37.69 9.30 3.87
N SER G 134 -37.97 10.49 4.40
CA SER G 134 -38.22 11.67 3.60
C SER G 134 -37.99 12.89 4.48
N VAL G 135 -37.71 14.03 3.86
CA VAL G 135 -37.57 15.25 4.62
C VAL G 135 -38.36 16.36 3.93
N THR G 136 -39.09 17.13 4.72
CA THR G 136 -39.98 18.16 4.21
C THR G 136 -39.78 19.47 4.96
N GLU G 137 -40.26 20.57 4.39
CA GLU G 137 -40.11 21.85 5.06
C GLU G 137 -41.44 22.59 5.15
N ARG G 138 -41.50 23.59 6.02
CA ARG G 138 -42.68 24.43 6.17
C ARG G 138 -42.27 25.73 6.83
N GLU G 139 -43.13 26.75 6.70
CA GLU G 139 -42.87 28.02 7.36
C GLU G 139 -43.50 28.04 8.73
N VAL G 140 -42.93 28.83 9.63
CA VAL G 140 -43.46 28.97 10.98
C VAL G 140 -43.33 30.42 11.44
N GLU G 141 -44.26 30.84 12.28
CA GLU G 141 -44.33 32.23 12.71
C GLU G 141 -43.31 32.53 13.81
N GLU G 142 -43.04 31.54 14.65
CA GLU G 142 -42.12 31.70 15.77
C GLU G 142 -40.67 31.86 15.32
N PRO G 143 -39.96 32.84 15.90
CA PRO G 143 -38.55 33.10 15.57
C PRO G 143 -37.60 32.00 16.01
N ASP G 144 -36.46 31.89 15.35
CA ASP G 144 -35.45 30.91 15.70
C ASP G 144 -34.50 31.48 16.74
N GLU G 145 -34.69 31.09 18.00
CA GLU G 145 -33.89 31.65 19.09
C GLU G 145 -32.73 30.74 19.49
N SER G 146 -32.22 29.99 18.51
CA SER G 146 -31.10 29.09 18.73
C SER G 146 -29.78 29.84 18.80
N VAL G 147 -29.00 29.59 19.84
CA VAL G 147 -27.62 30.07 19.91
C VAL G 147 -26.74 29.13 19.09
N LYS G 148 -26.54 29.46 17.82
CA LYS G 148 -26.01 28.49 16.88
C LYS G 148 -24.48 28.43 16.84
N ARG G 149 -23.90 27.49 17.57
CA ARG G 149 -22.46 27.21 17.54
C ARG G 149 -22.09 26.48 16.26
N THR G 150 -20.83 26.63 15.84
CA THR G 150 -20.31 25.85 14.73
C THR G 150 -19.89 24.45 15.21
N GLU G 151 -19.91 23.50 14.29
CA GLU G 151 -19.50 22.12 14.59
C GLU G 151 -18.10 22.13 15.21
N MET G 152 -17.27 23.05 14.74
CA MET G 152 -15.94 23.26 15.27
C MET G 152 -15.95 23.61 16.76
N GLU G 153 -16.72 24.63 17.10
CA GLU G 153 -16.82 25.11 18.47
C GLU G 153 -17.28 24.01 19.42
N ILE G 154 -18.30 23.25 19.01
CA ILE G 154 -18.88 22.23 19.87
C ILE G 154 -17.90 21.10 20.13
N GLY G 155 -17.15 20.72 19.09
CA GLY G 155 -16.16 19.67 19.21
C GLY G 155 -15.04 19.99 20.19
N LEU G 156 -14.56 21.22 20.17
CA LEU G 156 -13.50 21.64 21.09
C LEU G 156 -14.01 21.80 22.53
N GLU G 157 -15.28 22.18 22.67
CA GLU G 157 -15.88 22.38 23.99
C GLU G 157 -15.99 21.09 24.78
N SER G 158 -16.40 20.02 24.10
CA SER G 158 -16.46 18.71 24.71
C SER G 158 -15.06 18.31 25.17
N LEU G 159 -14.06 18.56 24.35
CA LEU G 159 -12.69 18.24 24.70
C LEU G 159 -12.24 19.04 25.92
N ILE G 160 -12.47 20.34 25.91
CA ILE G 160 -12.14 21.18 27.05
C ILE G 160 -12.84 20.72 28.33
N SER G 161 -14.14 20.42 28.23
CA SER G 161 -14.88 19.95 29.38
C SER G 161 -14.80 18.42 29.51
N ARG G 162 -13.63 17.87 29.21
CA ARG G 162 -13.37 16.44 29.41
C ARG G 162 -11.93 16.21 29.85
N PHE G 163 -11.01 17.01 29.33
CA PHE G 163 -9.59 16.84 29.60
C PHE G 163 -8.95 18.09 30.20
N GLY G 164 -9.78 19.07 30.55
CA GLY G 164 -9.28 20.30 31.13
C GLY G 164 -8.86 21.30 30.08
N ALA G 165 -9.14 22.57 30.32
CA ALA G 165 -8.91 23.61 29.31
C ALA G 165 -7.46 23.73 28.90
N ASP G 166 -6.56 23.68 29.88
CA ASP G 166 -5.14 23.93 29.64
C ASP G 166 -4.41 22.74 29.02
N VAL G 167 -4.97 21.55 29.16
CA VAL G 167 -4.37 20.36 28.57
C VAL G 167 -4.58 20.35 27.06
N VAL G 168 -5.80 20.67 26.64
CA VAL G 168 -6.16 20.66 25.23
C VAL G 168 -5.32 21.66 24.42
N ALA G 169 -5.16 22.86 24.96
CA ALA G 169 -4.44 23.92 24.26
C ALA G 169 -2.97 23.56 24.03
N ASP G 170 -2.34 22.97 25.03
CA ASP G 170 -0.93 22.64 24.97
C ASP G 170 -0.65 21.48 24.01
N THR G 171 -1.71 20.88 23.50
CA THR G 171 -1.57 19.81 22.53
C THR G 171 -1.69 20.37 21.11
N VAL G 172 -2.58 21.34 20.94
CA VAL G 172 -2.78 21.99 19.65
C VAL G 172 -1.51 22.73 19.22
N GLU G 173 -0.75 23.19 20.20
CA GLU G 173 0.54 23.83 19.95
C GLU G 173 1.49 22.84 19.27
N GLN G 174 1.43 21.58 19.69
CA GLN G 174 2.21 20.54 19.04
C GLN G 174 1.54 20.10 17.74
N LEU G 175 1.47 21.03 16.79
CA LEU G 175 0.87 20.76 15.47
C LEU G 175 1.27 21.81 14.44
N LYS H 6 -13.92 1.13 39.00
CA LYS H 6 -14.89 2.20 39.28
C LYS H 6 -16.31 1.73 39.01
N LYS H 7 -17.26 2.23 39.79
CA LYS H 7 -18.66 1.85 39.65
C LYS H 7 -19.60 2.87 40.27
N ARG H 8 -20.58 3.32 39.49
CA ARG H 8 -21.61 4.23 39.99
C ARG H 8 -22.99 3.67 39.71
N ILE H 9 -24.03 4.37 40.18
CA ILE H 9 -25.39 3.84 40.10
C ILE H 9 -26.22 4.60 39.06
N VAL H 10 -26.79 3.84 38.13
CA VAL H 10 -27.65 4.41 37.09
C VAL H 10 -29.12 4.17 37.40
N LYS H 11 -29.88 5.26 37.46
CA LYS H 11 -31.31 5.19 37.74
C LYS H 11 -32.12 5.20 36.45
N THR H 12 -33.20 4.43 36.41
CA THR H 12 -34.02 4.29 35.21
C THR H 12 -35.52 4.41 35.47
N ILE H 13 -36.12 5.42 34.84
CA ILE H 13 -37.56 5.64 34.85
C ILE H 13 -38.26 4.70 33.89
N ASN H 14 -39.07 3.77 34.40
CA ASN H 14 -39.72 2.81 33.54
C ASN H 14 -41.15 3.23 33.23
N ILE H 15 -41.40 3.54 31.95
CA ILE H 15 -42.69 4.05 31.51
C ILE H 15 -43.42 3.02 30.66
N ASP H 16 -44.47 2.44 31.24
CA ASP H 16 -45.33 1.50 30.54
C ASP H 16 -46.52 2.27 29.94
N ALA H 17 -46.32 2.80 28.74
CA ALA H 17 -47.30 3.68 28.11
C ALA H 17 -48.58 2.92 27.73
N ASP H 18 -48.51 1.60 27.68
CA ASP H 18 -49.73 0.83 27.43
C ASP H 18 -50.66 0.84 28.65
N LYS H 19 -50.15 1.31 29.78
CA LYS H 19 -50.90 1.32 31.04
C LYS H 19 -51.38 2.73 31.42
N CYS H 20 -50.88 3.74 30.73
CA CYS H 20 -51.24 5.11 31.02
C CYS H 20 -52.67 5.37 30.53
N ASN H 21 -53.45 6.09 31.34
CA ASN H 21 -54.82 6.40 30.97
C ASN H 21 -54.97 7.88 30.65
N GLY H 22 -53.83 8.55 30.53
CA GLY H 22 -53.78 9.96 30.21
C GLY H 22 -54.51 10.84 31.20
N CYS H 23 -54.29 10.61 32.49
CA CYS H 23 -54.99 11.39 33.51
C CYS H 23 -54.23 12.65 33.91
N ARG H 24 -52.92 12.68 33.62
CA ARG H 24 -52.04 13.82 33.94
C ARG H 24 -51.94 14.15 35.44
N ALA H 25 -52.29 13.20 36.29
CA ALA H 25 -52.06 13.34 37.74
C ALA H 25 -50.56 13.56 38.05
N CYS H 26 -49.70 12.94 37.24
CA CYS H 26 -48.27 13.13 37.38
C CYS H 26 -47.89 14.60 37.19
N GLU H 27 -48.48 15.24 36.17
CA GLU H 27 -48.22 16.67 35.92
C GLU H 27 -48.63 17.49 37.12
N VAL H 28 -49.75 17.10 37.75
CA VAL H 28 -50.27 17.85 38.87
C VAL H 28 -49.34 17.83 40.09
N ILE H 29 -48.94 16.63 40.49
CA ILE H 29 -48.22 16.50 41.76
C ILE H 29 -46.81 17.08 41.64
N CYS H 30 -46.13 16.79 40.53
CA CYS H 30 -44.77 17.29 40.29
C CYS H 30 -44.76 18.82 40.40
N SER H 31 -45.58 19.47 39.58
CA SER H 31 -45.66 20.93 39.61
C SER H 31 -46.07 21.44 41.00
N ALA H 32 -46.94 20.70 41.68
CA ALA H 32 -47.38 21.08 43.01
C ALA H 32 -46.23 20.94 44.00
N PHE H 33 -45.54 19.80 43.95
CA PHE H 33 -44.39 19.59 44.83
C PHE H 33 -43.32 20.65 44.67
N HIS H 34 -43.06 21.09 43.44
CA HIS H 34 -41.97 22.05 43.18
C HIS H 34 -42.41 23.50 43.31
N ALA H 35 -43.59 23.74 43.86
CA ALA H 35 -44.03 25.12 44.09
C ALA H 35 -43.25 25.71 45.23
N MET H 36 -43.26 27.04 45.33
CA MET H 36 -42.58 27.72 46.43
C MET H 36 -43.59 28.51 47.23
N PRO H 37 -43.93 28.03 48.44
CA PRO H 37 -43.47 26.81 49.12
C PRO H 37 -44.12 25.56 48.54
N PRO H 38 -43.62 24.36 48.90
CA PRO H 38 -44.18 23.16 48.27
C PRO H 38 -45.68 23.02 48.44
N TYR H 39 -46.36 22.55 47.39
CA TYR H 39 -47.80 22.26 47.37
C TYR H 39 -48.69 23.49 47.41
N SER H 40 -48.10 24.67 47.61
CA SER H 40 -48.86 25.92 47.72
C SER H 40 -49.66 26.27 46.46
N SER H 41 -49.35 25.60 45.36
CA SER H 41 -50.08 25.77 44.11
C SER H 41 -49.66 24.68 43.14
N ASN H 42 -50.27 24.65 41.97
CA ASN H 42 -49.83 23.70 40.94
C ASN H 42 -50.08 24.28 39.55
N ASN H 43 -49.46 23.66 38.54
CA ASN H 43 -49.43 24.21 37.18
C ASN H 43 -48.73 23.23 36.24
N PRO H 44 -49.50 22.48 35.45
CA PRO H 44 -49.00 21.42 34.58
C PRO H 44 -47.93 21.89 33.59
N ALA H 45 -47.87 23.19 33.32
CA ALA H 45 -46.83 23.72 32.44
C ALA H 45 -45.49 23.82 33.16
N ARG H 46 -45.51 23.65 34.48
CA ARG H 46 -44.27 23.66 35.26
C ARG H 46 -43.84 22.22 35.63
N SER H 47 -44.58 21.23 35.16
CA SER H 47 -44.27 19.85 35.50
C SER H 47 -43.07 19.31 34.73
N ARG H 48 -42.18 18.65 35.45
CA ARG H 48 -41.01 18.01 34.84
C ARG H 48 -41.40 16.70 34.17
N VAL H 49 -42.66 16.27 34.37
CA VAL H 49 -43.17 15.19 33.54
C VAL H 49 -44.35 15.69 32.74
N ARG H 50 -44.37 15.40 31.44
CA ARG H 50 -45.42 15.88 30.55
C ARG H 50 -45.95 14.76 29.66
N VAL H 51 -47.28 14.63 29.59
CA VAL H 51 -47.92 13.53 28.87
C VAL H 51 -48.30 13.92 27.45
N VAL H 52 -47.79 13.18 26.47
CA VAL H 52 -48.22 13.35 25.10
C VAL H 52 -49.57 12.67 24.95
N ARG H 53 -50.61 13.47 24.80
CA ARG H 53 -51.97 12.93 24.89
C ARG H 53 -52.78 13.22 23.64
N ASP H 54 -52.91 12.23 22.76
CA ASP H 54 -53.97 12.28 21.76
C ASP H 54 -54.80 11.01 21.77
N PRO H 55 -55.99 11.07 22.37
CA PRO H 55 -56.91 9.94 22.56
C PRO H 55 -57.39 9.33 21.25
N LEU H 56 -57.77 10.18 20.31
CA LEU H 56 -58.24 9.75 18.99
C LEU H 56 -57.21 8.89 18.23
N ARG H 57 -55.93 9.13 18.48
CA ARG H 57 -54.86 8.34 17.87
C ARG H 57 -54.34 7.23 18.80
N ASP H 58 -54.96 7.13 19.97
CA ASP H 58 -54.57 6.16 20.99
C ASP H 58 -53.12 6.38 21.45
N ILE H 59 -52.70 7.63 21.51
CA ILE H 59 -51.35 7.95 21.94
C ILE H 59 -51.35 8.52 23.34
N TYR H 60 -50.57 7.90 24.22
CA TYR H 60 -50.43 8.36 25.60
C TYR H 60 -49.03 8.04 26.06
N VAL H 61 -48.16 9.05 26.05
CA VAL H 61 -46.76 8.84 26.33
C VAL H 61 -46.23 9.84 27.34
N PRO H 62 -46.01 9.38 28.58
CA PRO H 62 -45.34 10.20 29.59
C PRO H 62 -43.88 10.48 29.20
N LEU H 63 -43.42 11.68 29.53
CA LEU H 63 -42.19 12.21 28.97
C LEU H 63 -41.54 13.09 30.02
N TYR H 64 -40.31 12.76 30.39
CA TYR H 64 -39.66 13.46 31.49
C TYR H 64 -38.68 14.53 31.01
N ALA H 65 -38.55 15.59 31.80
CA ALA H 65 -37.56 16.62 31.55
C ALA H 65 -36.15 16.00 31.43
N GLY H 66 -35.40 16.47 30.44
CA GLY H 66 -34.06 15.96 30.19
C GLY H 66 -33.02 17.05 30.30
N GLU H 67 -32.03 17.02 29.42
CA GLU H 67 -30.97 18.03 29.49
C GLU H 67 -31.33 19.30 28.73
N TYR H 68 -30.70 20.40 29.13
CA TYR H 68 -30.90 21.69 28.46
C TYR H 68 -30.05 21.83 27.20
N THR H 69 -30.70 22.18 26.09
CA THR H 69 -29.98 22.52 24.87
C THR H 69 -30.21 23.98 24.49
N GLU H 70 -29.21 24.57 23.85
CA GLU H 70 -29.19 25.99 23.54
C GLU H 70 -29.61 26.27 22.10
N SER H 71 -29.83 25.22 21.32
CA SER H 71 -30.23 25.39 19.93
C SER H 71 -31.10 24.22 19.47
N GLU H 72 -31.94 24.48 18.48
CA GLU H 72 -32.78 23.44 17.92
C GLU H 72 -31.97 22.60 16.96
N CYS H 73 -32.44 21.40 16.67
CA CYS H 73 -31.78 20.59 15.65
C CYS H 73 -31.97 21.21 14.27
N ILE H 74 -31.07 20.86 13.35
CA ILE H 74 -31.17 21.36 11.98
C ILE H 74 -32.40 20.71 11.34
N GLY H 75 -32.68 19.48 11.72
CA GLY H 75 -33.91 18.82 11.32
C GLY H 75 -34.65 18.17 12.48
N ARG H 76 -35.94 18.45 12.58
CA ARG H 76 -36.79 17.80 13.56
C ARG H 76 -37.24 16.46 13.03
N ASP H 77 -37.53 15.51 13.91
CA ASP H 77 -37.89 14.17 13.46
C ASP H 77 -39.33 13.82 13.81
N LYS H 78 -39.94 12.94 13.02
CA LYS H 78 -41.36 12.65 13.15
C LYS H 78 -41.64 11.20 12.75
N PHE H 79 -41.92 10.39 13.77
CA PHE H 79 -42.06 8.96 13.59
C PHE H 79 -43.48 8.48 13.25
N ILE H 80 -43.54 7.46 12.41
CA ILE H 80 -44.70 6.60 12.31
C ILE H 80 -44.29 5.22 12.79
N ILE H 81 -44.84 4.76 13.91
CA ILE H 81 -44.46 3.46 14.45
C ILE H 81 -45.68 2.60 14.75
N ASP H 82 -45.74 1.44 14.08
CA ASP H 82 -46.85 0.52 14.27
C ASP H 82 -48.19 1.19 14.04
N GLY H 83 -48.28 1.98 12.97
CA GLY H 83 -49.50 2.67 12.62
C GLY H 83 -49.72 4.01 13.29
N LYS H 84 -49.16 4.21 14.49
CA LYS H 84 -49.33 5.47 15.21
C LYS H 84 -48.47 6.57 14.58
N GLU H 85 -49.10 7.63 14.09
CA GLU H 85 -48.39 8.81 13.61
C GLU H 85 -48.06 9.76 14.75
N TYR H 86 -46.83 9.73 15.24
CA TYR H 86 -46.51 10.57 16.40
C TYR H 86 -46.21 12.01 15.99
N ASP H 87 -46.07 12.88 16.99
CA ASP H 87 -45.81 14.28 16.74
C ASP H 87 -44.34 14.51 16.41
N GLU H 88 -44.09 15.63 15.76
CA GLU H 88 -42.76 16.15 15.54
C GLU H 88 -42.05 16.37 16.87
N CYS H 89 -40.85 15.82 17.03
CA CYS H 89 -40.07 15.95 18.26
C CYS H 89 -40.84 15.30 19.42
N GLY H 90 -41.68 14.33 19.06
CA GLY H 90 -42.59 13.68 19.98
C GLY H 90 -42.01 12.94 21.18
N PHE H 91 -40.77 12.44 21.05
CA PHE H 91 -40.15 11.72 22.15
C PHE H 91 -38.98 12.46 22.81
N CYS H 92 -38.76 13.72 22.46
CA CYS H 92 -37.59 14.43 22.98
C CYS H 92 -37.73 14.97 24.41
N ARG H 93 -36.79 14.59 25.27
CA ARG H 93 -36.74 15.06 26.65
C ARG H 93 -36.15 16.44 26.80
N ALA H 94 -35.47 16.93 25.77
CA ALA H 94 -34.67 18.14 25.91
C ALA H 94 -35.49 19.38 26.27
N SER H 95 -34.89 20.26 27.06
CA SER H 95 -35.42 21.59 27.30
C SER H 95 -34.87 22.52 26.21
N CYS H 96 -35.68 22.74 25.18
CA CYS H 96 -35.23 23.23 23.87
C CYS H 96 -35.94 24.52 23.48
N PRO H 97 -35.25 25.42 22.77
CA PRO H 97 -35.90 26.68 22.43
C PRO H 97 -37.07 26.54 21.45
N SER H 98 -37.21 25.38 20.83
CA SER H 98 -38.22 25.19 19.79
C SER H 98 -39.66 25.12 20.32
N ARG H 99 -39.82 25.07 21.64
CA ARG H 99 -41.10 24.68 22.23
C ARG H 99 -41.17 25.01 23.73
N ASP H 100 -42.34 24.79 24.31
CA ASP H 100 -42.60 25.21 25.69
C ASP H 100 -42.33 24.12 26.73
N LEU H 101 -42.46 22.85 26.35
CA LEU H 101 -42.24 21.76 27.28
C LEU H 101 -40.96 21.93 28.10
N PHE H 102 -41.06 21.62 29.40
CA PHE H 102 -39.92 21.59 30.30
C PHE H 102 -39.27 22.97 30.45
N ARG H 103 -40.08 24.00 30.31
CA ARG H 103 -39.61 25.37 30.47
C ARG H 103 -40.68 26.22 31.13
N GLU H 104 -40.27 27.08 32.06
CA GLU H 104 -41.19 27.98 32.74
C GLU H 104 -42.04 28.73 31.73
N PRO H 105 -43.37 28.73 31.94
CA PRO H 105 -44.33 29.34 31.02
C PRO H 105 -44.30 30.85 31.06
N ASP H 106 -43.55 31.43 32.01
CA ASP H 106 -43.45 32.88 32.12
C ASP H 106 -42.02 33.40 31.95
N SER H 107 -41.04 32.51 32.02
CA SER H 107 -39.64 32.95 32.01
C SER H 107 -38.74 32.09 31.13
N GLY H 108 -39.28 31.00 30.60
CA GLY H 108 -38.54 30.18 29.65
C GLY H 108 -37.35 29.42 30.22
N LEU H 109 -37.05 29.62 31.49
CA LEU H 109 -35.96 28.92 32.15
C LEU H 109 -36.21 27.41 32.15
N PRO H 110 -35.17 26.62 31.83
CA PRO H 110 -35.32 25.17 31.67
C PRO H 110 -35.76 24.48 32.96
N LEU H 111 -36.42 23.33 32.81
CA LEU H 111 -36.83 22.52 33.94
C LEU H 111 -36.20 21.13 33.86
N LYS H 112 -35.75 20.60 34.99
CA LYS H 112 -35.09 19.30 35.03
C LYS H 112 -35.70 18.35 36.06
N CYS H 113 -36.01 17.12 35.66
CA CYS H 113 -36.41 16.11 36.64
C CYS H 113 -35.20 15.65 37.45
N ASP H 114 -35.32 15.74 38.77
CA ASP H 114 -34.22 15.34 39.65
C ASP H 114 -34.57 14.09 40.46
N LEU H 115 -35.55 13.35 39.98
CA LEU H 115 -36.08 12.19 40.67
C LEU H 115 -36.44 12.51 42.12
N CYS H 116 -37.03 13.70 42.33
CA CYS H 116 -37.46 14.17 43.65
C CYS H 116 -36.40 13.92 44.70
N ASP H 117 -35.18 14.37 44.43
CA ASP H 117 -34.06 14.13 45.33
C ASP H 117 -34.39 14.63 46.72
N GLY H 118 -34.29 13.74 47.70
CA GLY H 118 -34.60 14.08 49.07
C GLY H 118 -35.91 13.49 49.55
N GLU H 119 -36.83 13.26 48.62
CA GLU H 119 -38.10 12.61 48.93
C GLU H 119 -37.97 11.10 48.90
N PRO H 120 -38.71 10.40 49.79
CA PRO H 120 -38.65 8.94 49.93
C PRO H 120 -38.89 8.19 48.62
N GLU H 121 -39.73 8.74 47.75
CA GLU H 121 -40.02 8.16 46.45
C GLU H 121 -40.47 9.25 45.47
N PRO H 122 -40.21 9.05 44.16
CA PRO H 122 -40.67 10.00 43.16
C PRO H 122 -42.20 10.15 43.22
N LEU H 123 -42.68 11.39 43.27
CA LEU H 123 -44.10 11.65 43.53
C LEU H 123 -45.00 11.28 42.36
N CYS H 124 -44.52 11.49 41.14
CA CYS H 124 -45.25 11.05 39.95
C CYS H 124 -45.58 9.56 40.05
N VAL H 125 -44.63 8.78 40.55
CA VAL H 125 -44.83 7.35 40.72
C VAL H 125 -45.88 7.07 41.79
N LYS H 126 -45.79 7.85 42.87
CA LYS H 126 -46.68 7.71 44.02
C LYS H 126 -48.14 7.92 43.63
N TRP H 127 -48.39 8.93 42.79
CA TRP H 127 -49.75 9.31 42.41
C TRP H 127 -50.28 8.54 41.20
N CYS H 128 -49.38 8.01 40.38
CA CYS H 128 -49.84 7.22 39.23
C CYS H 128 -50.38 5.87 39.71
N LEU H 129 -51.65 5.84 40.11
CA LEU H 129 -52.18 4.67 40.80
C LEU H 129 -52.33 3.41 39.92
N VAL H 130 -52.33 3.57 38.60
CA VAL H 130 -52.45 2.39 37.75
C VAL H 130 -51.10 1.69 37.55
N GLY H 131 -50.02 2.31 38.03
CA GLY H 131 -48.70 1.71 38.01
C GLY H 131 -47.97 1.79 36.67
N ALA H 132 -48.08 2.91 35.99
CA ALA H 132 -47.44 3.06 34.69
C ALA H 132 -45.98 3.50 34.86
N LEU H 133 -45.63 3.91 36.08
CA LEU H 133 -44.32 4.51 36.32
C LEU H 133 -43.53 3.82 37.43
N SER H 134 -42.23 3.64 37.22
CA SER H 134 -41.36 3.14 38.27
C SER H 134 -39.91 3.51 38.01
N VAL H 135 -39.13 3.63 39.07
CA VAL H 135 -37.70 3.86 38.94
C VAL H 135 -36.92 2.68 39.52
N THR H 136 -35.78 2.38 38.91
CA THR H 136 -35.00 1.22 39.33
C THR H 136 -33.52 1.56 39.21
N GLU H 137 -32.67 0.78 39.89
CA GLU H 137 -31.25 1.10 39.94
C GLU H 137 -30.36 -0.03 39.45
N ARG H 138 -29.14 0.31 39.06
CA ARG H 138 -28.12 -0.68 38.71
C ARG H 138 -26.72 -0.08 38.70
N GLU H 139 -25.72 -0.92 38.99
CA GLU H 139 -24.33 -0.47 38.95
C GLU H 139 -23.76 -0.50 37.54
N VAL H 140 -22.92 0.47 37.22
CA VAL H 140 -22.24 0.51 35.94
C VAL H 140 -20.73 0.67 36.17
N GLU H 141 -19.96 0.92 35.11
CA GLU H 141 -18.51 1.02 35.26
C GLU H 141 -17.93 2.26 34.57
N THR H 150 -6.89 9.20 26.61
CA THR H 150 -6.00 9.74 25.59
C THR H 150 -6.69 9.88 24.24
N GLU H 151 -8.00 9.69 24.22
CA GLU H 151 -8.80 9.80 23.01
C GLU H 151 -8.78 11.23 22.44
N MET H 152 -8.34 12.17 23.28
CA MET H 152 -8.29 13.58 22.89
C MET H 152 -7.29 13.84 21.79
N GLU H 153 -6.23 13.05 21.74
CA GLU H 153 -5.22 13.22 20.71
C GLU H 153 -5.85 12.90 19.35
N ILE H 154 -6.57 11.79 19.29
CA ILE H 154 -7.25 11.36 18.07
C ILE H 154 -8.29 12.38 17.62
N GLY H 155 -9.08 12.86 18.56
CA GLY H 155 -10.10 13.86 18.29
C GLY H 155 -9.57 15.17 17.71
N LEU H 156 -8.43 15.63 18.25
CA LEU H 156 -7.82 16.87 17.78
C LEU H 156 -7.30 16.72 16.34
N GLU H 157 -6.65 15.60 16.08
CA GLU H 157 -6.23 15.24 14.71
C GLU H 157 -7.38 15.34 13.71
N SER H 158 -8.53 14.80 14.05
CA SER H 158 -9.63 14.77 13.11
C SER H 158 -10.18 16.17 12.91
N LEU H 159 -10.13 16.97 13.96
CA LEU H 159 -10.60 18.35 13.90
C LEU H 159 -9.70 19.18 13.01
N ILE H 160 -8.40 19.03 13.22
CA ILE H 160 -7.41 19.71 12.39
C ILE H 160 -7.63 19.35 10.92
N SER H 161 -7.82 18.06 10.65
CA SER H 161 -7.88 17.57 9.29
C SER H 161 -9.24 17.78 8.64
N ARG H 162 -10.08 18.60 9.29
CA ARG H 162 -11.40 18.91 8.76
C ARG H 162 -11.65 20.43 8.73
N PHE H 163 -11.08 21.14 9.70
CA PHE H 163 -11.32 22.58 9.82
C PHE H 163 -10.05 23.41 9.62
N GLY H 164 -9.05 22.81 8.98
CA GLY H 164 -7.80 23.52 8.71
C GLY H 164 -6.93 23.61 9.95
N ALA H 165 -5.63 23.78 9.73
CA ALA H 165 -4.67 23.80 10.82
C ALA H 165 -4.85 25.03 11.71
N ASP H 166 -4.71 26.22 11.10
CA ASP H 166 -4.70 27.47 11.85
C ASP H 166 -6.02 27.77 12.56
N VAL H 167 -7.13 27.31 11.99
CA VAL H 167 -8.45 27.65 12.54
C VAL H 167 -8.71 26.97 13.88
N VAL H 168 -8.04 25.85 14.15
CA VAL H 168 -8.19 25.14 15.42
C VAL H 168 -7.60 25.95 16.58
N ALA H 169 -6.39 26.47 16.39
CA ALA H 169 -5.73 27.26 17.42
C ALA H 169 -6.48 28.56 17.70
N ASP H 170 -6.92 29.24 16.64
CA ASP H 170 -7.61 30.51 16.76
C ASP H 170 -8.94 30.35 17.49
N THR H 171 -9.51 29.15 17.44
CA THR H 171 -10.75 28.86 18.14
C THR H 171 -10.47 28.45 19.58
N VAL H 172 -9.31 27.84 19.79
CA VAL H 172 -8.89 27.43 21.13
C VAL H 172 -8.77 28.63 22.06
N GLU H 173 -8.49 29.80 21.49
CA GLU H 173 -8.47 31.04 22.26
C GLU H 173 -9.89 31.55 22.48
N GLN H 174 -10.65 30.86 23.33
CA GLN H 174 -12.01 31.25 23.67
C GLN H 174 -12.54 30.36 24.80
UNK UNX I . 35.26 3.37 13.71
FE1 SF4 J . 31.13 3.05 2.75
FE2 SF4 J . 30.45 5.54 1.83
FE3 SF4 J . 32.60 5.35 3.40
FE4 SF4 J . 30.13 4.97 4.46
S1 SF4 J . 30.94 6.94 3.59
S2 SF4 J . 31.97 3.63 4.79
S3 SF4 J . 29.02 3.95 2.71
S4 SF4 J . 32.37 4.37 1.32
N1 MTE K . 26.73 2.24 9.80
C2 MTE K . 25.79 2.17 10.77
N2 MTE K . 24.41 2.36 10.45
N3 MTE K . 26.12 1.90 12.10
C4 MTE K . 27.45 1.71 12.39
O4 MTE K . 27.78 1.48 13.55
N5 MTE K . 29.85 1.61 11.56
C6 MTE K . 30.79 2.30 10.70
C7 MTE K . 30.45 1.95 9.28
N8 MTE K . 29.03 2.12 9.03
C9 MTE K . 28.47 1.80 11.30
C10 MTE K . 28.07 2.05 10.09
C1' MTE K . 32.32 2.07 10.89
S1' MTE K . 33.15 2.85 12.25
C2' MTE K . 33.04 1.18 9.91
S2' MTE K . 34.77 0.83 9.98
C3' MTE K . 32.26 0.55 8.77
O3' MTE K . 30.89 0.65 9.04
C4' MTE K . 32.67 -0.87 8.52
O4' MTE K . 31.95 -1.32 7.44
P MTE K . 31.92 -2.83 7.01
O1P MTE K . 33.32 -3.47 7.14
O2P MTE K . 31.44 -2.92 5.60
O3P MTE K . 30.93 -3.56 7.90
N1 MTE L . 36.77 -7.13 11.41
C2 MTE L . 36.92 -7.62 10.15
N2 MTE L . 36.97 -9.04 9.96
N3 MTE L . 37.04 -6.79 9.03
C4 MTE L . 36.98 -5.43 9.29
O4 MTE L . 37.08 -4.62 8.38
N5 MTE L . 36.77 -3.54 10.88
C6 MTE L . 36.59 -2.91 12.16
C7 MTE L . 36.49 -3.86 13.33
N8 MTE L . 36.54 -5.28 12.98
C9 MTE L . 36.81 -4.93 10.67
C10 MTE L . 36.72 -5.76 11.65
C1' MTE L . 35.49 -1.97 12.08
S1' MTE L . 35.53 -0.82 10.79
C2' MTE L . 34.49 -1.91 12.85
S2' MTE L . 33.28 -0.68 12.52
C3' MTE L . 34.31 -2.88 13.96
O3' MTE L . 35.51 -3.53 14.27
C4' MTE L . 33.27 -3.84 13.46
O4' MTE L . 31.97 -3.57 13.88
P MTE L . 30.73 -4.11 13.05
O1P MTE L . 30.68 -3.35 11.70
O2P MTE L . 29.46 -3.84 13.80
O3P MTE L . 30.82 -5.61 12.79
W W M . 35.35 1.18 12.58
MG MG N . 30.81 -3.86 9.84
ZN ZN O . 45.53 7.19 12.26
UNK UNX P . -32.91 -21.73 -4.15
FE1 SF4 Q . -30.10 -10.33 1.15
FE2 SF4 Q . -30.42 -8.46 -0.97
FE3 SF4 Q . -32.03 -10.62 -0.72
FE4 SF4 Q . -29.44 -10.93 -1.41
S1 SF4 Q . -31.05 -9.86 -2.66
S2 SF4 Q . -30.62 -12.27 0.08
S3 SF4 Q . -28.46 -9.31 -0.15
S4 SF4 Q . -31.88 -8.90 0.79
N1 MTE R . -24.73 -15.04 -2.70
C2 MTE R . -23.59 -15.63 -3.16
N2 MTE R . -22.43 -14.80 -3.30
N3 MTE R . -23.54 -16.98 -3.48
C4 MTE R . -24.70 -17.70 -3.32
O4 MTE R . -24.74 -18.90 -3.57
N5 MTE R . -27.12 -17.77 -2.66
C6 MTE R . -28.34 -17.02 -2.81
C7 MTE R . -28.29 -15.87 -1.87
N8 MTE R . -27.07 -15.10 -2.07
C9 MTE R . -25.92 -17.03 -2.82
C10 MTE R . -25.90 -15.77 -2.54
C1' MTE R . -29.46 -17.83 -2.48
S1' MTE R . -30.08 -18.88 -3.71
C2' MTE R . -30.01 -17.81 -1.23
S2' MTE R . -31.36 -18.79 -0.73
C3' MTE R . -29.49 -16.91 -0.15
O3' MTE R . -28.28 -16.40 -0.58
C4' MTE R . -29.47 -17.66 1.17
O4' MTE R . -29.16 -16.74 2.16
P MTE R . -28.33 -17.19 3.40
O1P MTE R . -27.97 -15.99 4.25
O2P MTE R . -29.23 -18.17 4.20
O3P MTE R . -27.04 -17.90 2.99
N1 MTE S . -31.05 -24.51 5.54
C2 MTE S . -31.32 -23.67 6.55
N2 MTE S . -31.27 -24.18 7.89
N3 MTE S . -31.67 -22.33 6.35
C4 MTE S . -31.71 -21.90 5.04
O4 MTE S . -31.99 -20.74 4.79
N5 MTE S . -31.42 -22.41 2.62
C6 MTE S . -31.67 -23.39 1.59
C7 MTE S . -30.76 -24.54 1.80
N8 MTE S . -30.78 -25.01 3.17
C9 MTE S . -31.40 -22.85 3.96
C10 MTE S . -31.09 -24.08 4.23
C1' MTE S . -31.41 -22.82 0.30
S1' MTE S . -32.78 -22.04 -0.49
C2' MTE S . -30.16 -22.85 -0.28
S2' MTE S . -29.82 -22.11 -1.85
C3' MTE S . -29.03 -23.51 0.45
O3' MTE S . -29.49 -24.02 1.66
C4' MTE S . -27.95 -22.48 0.68
O4' MTE S . -26.70 -23.06 0.57
P MTE S . -25.55 -22.65 1.54
O1P MTE S . -24.48 -21.89 0.78
O2P MTE S . -26.09 -21.77 2.69
O3P MTE S . -24.92 -23.93 2.10
W W T . -31.92 -20.41 -2.46
MG MG U . -26.76 -19.92 2.75
ZN ZN V . -43.54 -20.59 -4.45
UNK UNX W . -75.78 6.68 35.84
FE1 SF4 X . -63.87 10.61 35.21
FE2 SF4 X . -62.68 9.54 37.42
FE3 SF4 X . -64.76 8.22 36.20
FE4 SF4 X . -65.30 10.45 37.53
S1 SF4 X . -64.48 8.52 38.46
S2 SF4 X . -66.08 9.95 35.43
S3 SF4 X . -63.37 11.70 37.16
S4 SF4 X . -62.67 8.66 35.30
N1 MTE Y . -70.10 14.56 38.76
C2 MTE Y . -70.91 15.53 39.28
N2 MTE Y . -70.32 16.52 40.11
N3 MTE Y . -72.28 15.58 39.02
C4 MTE Y . -72.79 14.57 38.21
O4 MTE Y . -73.98 14.53 37.94
N5 MTE Y . -72.43 12.52 36.84
C6 MTE Y . -71.74 11.26 36.82
C7 MTE Y . -70.29 11.53 36.54
N8 MTE Y . -69.75 12.56 37.43
C9 MTE Y . -71.90 13.54 37.67
C10 MTE Y . -70.63 13.56 37.94
C1' MTE Y . -72.21 10.25 35.77
S1' MTE Y . -73.58 9.18 36.07
C2' MTE Y . -71.54 10.17 34.54
S2' MTE Y . -72.00 9.04 33.27
C3' MTE Y . -70.36 11.06 34.25
O3' MTE Y . -70.24 12.03 35.24
C4' MTE Y . -70.56 11.61 32.88
O4' MTE Y . -69.43 12.31 32.51
P MTE Y . -69.56 13.51 31.54
O1P MTE Y . -68.21 14.17 31.50
O2P MTE Y . -69.99 13.01 30.14
O3P MTE Y . -70.59 14.52 32.06
N1 MTE Z . -75.44 11.91 26.16
C2 MTE Z . -74.27 11.94 25.48
N2 MTE Z . -74.29 12.47 24.17
N3 MTE Z . -73.08 11.47 26.03
C4 MTE Z . -73.12 10.96 27.32
O4 MTE Z . -72.11 10.55 27.85
N5 MTE Z . -74.54 10.42 29.35
C6 MTE Z . -75.83 9.88 29.78
C7 MTE Z . -76.86 10.91 29.49
N8 MTE Z . -76.77 11.38 28.12
C9 MTE Z . -74.43 10.94 28.03
C10 MTE Z . -75.50 11.39 27.46
C1' MTE Z . -75.75 9.69 31.22
S1' MTE Z . -75.25 8.14 31.86
C2' MTE Z . -75.97 10.71 32.08
S2' MTE Z . -75.78 10.49 33.80
C3' MTE Z . -76.39 12.05 31.58
O3' MTE Z . -76.55 12.06 30.20
C4' MTE Z . -75.40 13.08 32.01
O4' MTE Z . -76.05 14.26 32.36
P MTE Z . -75.47 15.67 32.08
O1P MTE Z . -75.10 16.29 33.39
O2P MTE Z . -74.20 15.57 31.19
O3P MTE Z . -76.55 16.47 31.37
W W AA . -74.44 8.22 34.05
MG MG BA . -72.57 14.56 31.28
ZN ZN CA . -74.19 -3.33 32.07
UNK UNX DA . 75.08 -1.82 -38.16
FE1 SF4 EA . 62.83 -3.23 -38.85
FE2 SF4 EA . 62.43 -5.84 -39.12
FE3 SF4 EA . 64.51 -4.97 -37.60
FE4 SF4 EA . 64.63 -4.72 -40.28
S1 SF4 EA . 64.59 -6.68 -39.10
S2 SF4 EA . 65.15 -3.09 -38.77
S3 SF4 EA . 62.42 -4.34 -40.84
S4 SF4 EA . 62.26 -4.66 -37.15
N1 MTE FA . 68.32 -1.93 -45.02
C2 MTE FA . 68.83 -1.58 -46.22
N2 MTE FA . 68.11 -1.97 -47.39
N3 MTE FA . 70.04 -0.87 -46.32
C4 MTE FA . 70.68 -0.53 -45.14
O4 MTE FA . 71.74 0.08 -45.16
N5 MTE FA . 70.74 -0.58 -42.63
C6 MTE FA . 70.44 -1.42 -41.50
C7 MTE FA . 68.95 -1.64 -41.37
N8 MTE FA . 68.34 -1.99 -42.62
C9 MTE FA . 70.10 -0.92 -43.86
C10 MTE FA . 68.96 -1.58 -43.85
C1' MTE FA . 70.95 -0.94 -40.12
S1' MTE FA . 72.65 -1.19 -39.73
C2' MTE FA . 70.06 -0.33 -39.22
S2' MTE FA . 70.52 0.24 -37.63
C3' MTE FA . 68.62 -0.11 -39.61
O3' MTE FA . 68.37 -0.44 -40.94
C4' MTE FA . 68.30 1.35 -39.38
O4' MTE FA . 66.98 1.59 -39.74
P MTE FA . 66.48 3.03 -40.07
O1P MTE FA . 66.81 3.98 -38.89
O2P MTE FA . 64.98 2.96 -40.29
O3P MTE FA . 67.13 3.52 -41.37
N1 MTE GA . 71.69 8.59 -36.62
C2 MTE GA . 70.46 8.82 -36.07
N2 MTE GA . 70.12 10.17 -35.73
N3 MTE GA . 69.55 7.80 -35.81
C4 MTE GA . 69.93 6.52 -36.15
O4 MTE GA . 69.17 5.58 -35.96
N5 MTE GA . 71.70 4.99 -37.12
C6 MTE GA . 73.13 4.70 -37.06
C7 MTE GA . 73.74 5.72 -37.94
N8 MTE GA . 73.38 7.06 -37.54
C9 MTE GA . 71.26 6.30 -36.76
C10 MTE GA . 72.07 7.29 -36.96
C1' MTE GA . 73.37 3.27 -37.59
S1' MTE GA . 73.48 1.90 -36.46
C2' MTE GA . 73.44 3.13 -39.01
S2' MTE GA . 73.65 1.59 -39.87
C3' MTE GA . 73.34 4.37 -39.91
O3' MTE GA . 73.19 5.60 -39.23
C4' MTE GA . 72.33 4.16 -41.00
O4' MTE GA . 72.56 5.12 -41.95
P MTE GA . 71.53 5.68 -42.97
O1P MTE GA . 72.12 6.98 -43.53
O2P MTE GA . 70.18 6.00 -42.26
O3P MTE GA . 71.30 4.68 -44.11
W W HA . 73.18 0.06 -37.86
MG MG IA . 69.06 4.73 -41.32
ZN ZN JA . 76.16 -3.95 -27.35
FE1 SF4 KA . 49.38 -7.39 -35.71
FE2 SF4 KA . 50.88 -9.23 -34.33
FE3 SF4 KA . 50.39 -6.74 -33.39
FE4 SF4 KA . 52.15 -7.26 -35.54
S1 SF4 KA . 52.42 -7.84 -33.34
S2 SF4 KA . 50.61 -5.52 -35.30
S3 SF4 KA . 50.91 -8.89 -36.60
S4 SF4 KA . 48.83 -8.38 -33.72
FE1 SF4 LA . 42.01 -12.11 -39.42
FE2 SF4 LA . 39.35 -11.76 -39.41
FE3 SF4 LA . 40.44 -13.65 -40.99
FE4 SF4 LA . 40.79 -11.04 -41.63
S1 SF4 LA . 38.77 -12.16 -41.57
S2 SF4 LA . 42.42 -12.65 -41.60
S3 SF4 LA . 40.94 -10.09 -39.55
S4 SF4 LA . 40.45 -13.65 -38.69
FE1 SF4 MA . 30.40 5.17 -33.97
FE2 SF4 MA . 31.50 3.25 -32.39
FE3 SF4 MA . 29.55 4.87 -31.42
FE4 SF4 MA . 32.11 5.77 -31.96
S1 SF4 MA . 31.48 4.26 -30.33
S2 SF4 MA . 30.13 6.83 -32.44
S3 SF4 MA . 32.62 4.60 -33.87
S4 SF4 MA . 29.31 3.34 -33.12
FE1 SF4 NA . 31.86 7.94 -11.05
FE2 SF4 NA . 30.10 5.89 -11.58
FE3 SF4 NA . 31.09 6.00 -9.14
FE4 SF4 NA . 32.83 5.51 -11.16
S1 SF4 NA . 31.08 4.14 -10.46
S2 SF4 NA . 33.18 6.95 -9.44
S3 SF4 NA . 31.85 6.62 -12.90
S4 SF4 NA . 29.77 7.59 -10.12
FE1 SF4 OA . 22.00 10.48 -19.13
FE2 SF4 OA . 22.09 7.91 -18.56
FE3 SF4 OA . 24.41 9.38 -18.29
FE4 SF4 OA . 23.55 8.93 -20.70
S1 SF4 OA . 24.24 7.32 -19.23
S2 SF4 OA . 24.14 10.97 -19.91
S3 SF4 OA . 21.23 8.82 -20.47
S4 SF4 OA . 22.44 9.56 -17.05
FE1 SF4 PA . 30.41 -7.90 -31.11
FE2 SF4 PA . 28.06 -8.17 -29.70
FE3 SF4 PA . 29.65 -6.12 -29.24
FE4 SF4 PA . 30.57 -8.58 -28.57
S1 SF4 PA . 28.73 -7.50 -27.62
S2 SF4 PA . 31.79 -6.91 -29.58
S3 SF4 PA . 29.62 -9.83 -30.19
S4 SF4 PA . 28.54 -6.51 -31.20
FE1 SF4 QA . -34.26 2.80 4.85
FE2 SF4 QA . -34.38 1.49 7.14
FE3 SF4 QA . -32.00 2.80 6.33
FE4 SF4 QA . -32.71 0.53 5.22
S1 SF4 QA . -32.19 0.80 7.43
S2 SF4 QA . -32.11 2.42 4.09
S3 SF4 QA . -35.01 0.64 5.12
S4 SF4 QA . -34.03 3.72 6.92
FE1 SF4 RA . -28.04 13.74 8.10
FE2 SF4 RA . -26.11 11.85 7.38
FE3 SF4 RA . -26.98 13.54 5.61
FE4 SF4 RA . -28.75 11.67 6.57
S1 SF4 RA . -26.86 11.25 5.32
S2 SF4 RA . -29.22 13.87 6.16
S3 SF4 RA . -27.96 11.53 8.72
S4 SF4 RA . -25.83 14.13 7.51
FE1 SF4 SA . -30.54 11.12 26.07
FE2 SF4 SA . -30.39 9.14 27.96
FE3 SF4 SA . -30.60 11.67 28.75
FE4 SF4 SA . -28.33 10.88 27.52
S1 SF4 SA . -29.12 10.13 29.58
S2 SF4 SA . -29.46 12.82 27.11
S3 SF4 SA . -29.09 9.32 26.04
S4 SF4 SA . -32.19 10.51 27.56
FE1 SF4 TA . -49.50 10.12 34.37
FE2 SF4 TA . -49.99 7.64 35.34
FE3 SF4 TA . -50.22 8.16 32.76
FE4 SF4 TA . -52.04 9.20 34.62
S1 SF4 TA . -51.78 6.99 34.05
S2 SF4 TA . -51.13 10.26 32.77
S3 SF4 TA . -50.59 9.61 36.34
S4 SF4 TA . -48.27 8.23 33.93
FE1 SF4 UA . -41.30 15.51 38.98
FE2 SF4 UA . -39.21 13.96 38.23
FE3 SF4 UA . -41.60 12.84 38.94
FE4 SF4 UA . -40.05 13.98 40.83
S1 SF4 UA . -39.50 12.12 39.60
S2 SF4 UA . -42.32 14.23 40.60
S3 SF4 UA . -39.13 15.74 39.68
S4 SF4 UA . -41.22 14.19 37.12
FE1 SF4 VA . -34.12 18.60 18.45
FE2 SF4 VA . -35.26 20.51 19.94
FE3 SF4 VA . -35.47 17.90 20.68
FE4 SF4 VA . -36.87 18.71 18.60
S1 SF4 VA . -37.14 19.48 20.74
S2 SF4 VA . -35.56 16.83 18.65
S3 SF4 VA . -35.50 20.29 17.66
S4 SF4 VA . -33.54 19.15 20.60
#